data_7VYH
#
_entry.id   7VYH
#
_cell.length_a   1.00
_cell.length_b   1.00
_cell.length_c   1.00
_cell.angle_alpha   90.00
_cell.angle_beta   90.00
_cell.angle_gamma   90.00
#
_symmetry.space_group_name_H-M   'P 1'
#
loop_
_entity.id
_entity.type
_entity.pdbx_description
1 polymer 'NADH dehydrogenase [ubiquinone] flavoprotein 1, mitochondrial'
2 polymer 'NADH dehydrogenase [ubiquinone] iron-sulfur protein 8, mitochondrial'
3 polymer 'NADH dehydrogenase [ubiquinone] iron-sulfur protein 7, mitochondrial'
4 polymer 'NADH dehydrogenase [ubiquinone] 1 alpha subcomplex subunit 6'
5 polymer 'NADH dehydrogenase [ubiquinone] 1 alpha subcomplex subunit 2'
6 polymer 'Acyl carrier protein'
7 polymer 'NADH dehydrogenase [ubiquinone] 1 alpha subcomplex subunit 5'
8 polymer 'NADH dehydrogenase [ubiquinone] 1 alpha subcomplex subunit 7'
9 polymer 'NADH dehydrogenase ubiquinone 1 alpha subcomplex subunit 9, mitochondrial'
10 polymer 'NADH dehydrogenase [ubiquinone] flavoprotein 3, mitochondrial'
11 polymer 'NADH dehydrogenase [ubiquinone] iron-sulfur protein 4, mitochondrial'
12 polymer 'NADH-ubiquinone oxidoreductase 75 kDa subunit, mitochondrial'
13 polymer 'NADH dehydrogenase [ubiquinone] 1 alpha subcomplex subunit 12'
14 polymer 'NADH dehydrogenase [ubiquinone] flavoprotein 2, mitochondrial'
15 polymer 'NADH dehydrogenase [ubiquinone] iron-sulfur protein 3, mitochondrial'
16 polymer 'NADH dehydrogenase [ubiquinone] iron-sulfur protein 2, mitochondrial'
17 polymer 'NADH dehydrogenase [ubiquinone] iron-sulfur protein 6, mitochondrial'
18 polymer 'NADH dehydrogenase [ubiquinone] 1 alpha subcomplex subunit 13'
19 non-polymer 'IRON/SULFUR CLUSTER'
20 non-polymer 'FLAVIN MONONUCLEOTIDE'
21 non-polymer 1,2-dioleoyl-sn-glycero-3-phosphoethanolamine
22 non-polymer (9R,11S)-9-({[(1S)-1-HYDROXYHEXADECYL]OXY}METHYL)-2,2-DIMETHYL-5,7,10-TRIOXA-2LAMBDA~5~-AZA-6LAMBDA~5~-PHOSPHAOCTACOSANE-6,6,11-TRIOL
23 non-polymer 'S-[2-({N-[(2R)-2-hydroxy-3,3-dimethyl-4-(phosphonooxy)butanoyl]-beta-alanyl}amino)ethyl] dodecanethioate'
24 non-polymer 'NADPH DIHYDRO-NICOTINAMIDE-ADENINE-DINUCLEOTIDE PHOSPHATE'
25 non-polymer 'FE2/S2 (INORGANIC) CLUSTER'
26 non-polymer 'MAGNESIUM ION'
27 non-polymer CARDIOLIPIN
28 non-polymer 'ZINC ION'
#
loop_
_entity_poly.entity_id
_entity_poly.type
_entity_poly.pdbx_seq_one_letter_code
_entity_poly.pdbx_strand_id
1 'polypeptide(L)'
;KKTSFGSLKDEDRIFTNLYGRHDWRLKGAQSRGDWYKTKEILLKGPDWILGEVKTSGLRGRGGAGFPTGLKWSFMNKPSD
GRPKYLVVNADEGEPGTCKDREIIRHDPHKLVEGCLVGGRAMGARAAYIYIRGEFYNEASNLQVAIREAYEAGLIGKNAC
GSGYDFDVFVVRGAGAYICGEETALIESIEGKQGKPRLKPPFPADVGVFGCPTTVANVETVAVSPTICRRGGAWFASFGR
ERNSGTKLFNISGHVNHPCTVEEEMSVPLKELIEKHAGGVIGGWDNLLAVIPGGSSTPLIPKSVCETVLMDFDALVQAQT
GLGTAAVIVMDRSTDIVKAIARLIEFYKHESCGQCTPCREGVDWMNKVMARFVKGDARPAEIDSLWEISKQIEGHTICAL
GDGAAWPVQGLIRHFRPELEERMQQFALQHQ
;
A
2 'polypeptide(L)'
;TYKFVNMREPSMDMKSVTDRAAQTLLWTELVRGLGMTLSYLFREPATINYPFEKGPLSPRFRGEHALRRYPSGEERCIAC
KLCEAVCPAQAITIEAEPRADGSRRTTRYDIDMTKCIYCGFCQEACPVDAIVEGPNFEFSTETHEELLYNKEKLLNNGDK
WEAEIAANIQADYLYR
;
B
3 'polypeptide(L)'
;SRGEYVVAKLDDLVNWARRSSLWPMTFGLACCAVEMMHMAAPRYDMDRFGVVFRASPRQSDVMIVAGTLTNKMAPALRKV
YDQMPEPRYVVSMGSCANGGGYYHYSYSVVRGCDRIVPVDIYVPGCPPTAEALLYGILQLQRKIKREKRLRIWYRR
;
C
4 'polypeptide(L)'
;GTSVKPIFSRDMNEAKRRVRELYRAWYREVPNTVHLFQLDISVKQGRDKVREMFMKNAHVTDPRVVDLLVIKGKMELEET
INVWKQRTHIMRFFHETEAPRPTDFLSKFYVGHDP
;
E
5 'polypeptide(L)'
;LGLREIRIHLCQRSPGSQGVRDFIEKRYVELKKANPDLPILIRECSDVQPKLWARYAFGQEKNVSLNNFSADQVTRTLEN
VLSGKA
;
F
6 'polypeptide(L)'
;SDAPPLTLEAIKDRVLYVLKLYDKIDPEKLSVNSHFMKDLGLDSLDQVEIIMAMEDEFGFEIPDIDAEKLMCPQEIVDYI
ADKKDVYE
;
G
7 'polypeptide(L)'
;LKKTTGLVGLAVCETPHERLKILYTKILDVLGQIPKNAAYRKYTEQITNEKLGMVKAEPDVKKLEEQLQGGQIEEVILQA
ENELSLARKMLRWKPWEPLVEEPPANQWKWPI
;
H
8 'polypeptide(L)'
;ASATRVIQLLRNWASGRDLQAKLQLRYQEISKRTQPPPKLPVGPSHKLSNNYYCTRDGRREAMPPSIVMSSQKVLASGKP
AESSAVAETEKKAVTPAPPIKRWELSKDQPYL
;
I
9 'polypeptide(L)'
;LHHALIPHGKGGRSSVSGIVATVFGATGFLGRYVVNHLGRMGSQVIVPYRCEPYDTMHLRPMGDLGQIIFMEWNGKDKDS
IRKVVEHSNVVINLVGREWETKNFDFEDVFVKIPHAIAQVSKEAGVEKLIHISHLNADIKSPSRYLRSKAVGEKEVRAAF
PEATIIKPSDIFGREDRFLNYFASMRWFGGVPLISLGKETVKQPVYIVDVSKGIINAIKDPDAKGKTFAFVGPNRYLLFD
LVQYIFAVAYRPFLPYPLPHFAYRWVGRLFEVSPFEPWTTRDKVERVHMSDMTLPHLPGLEDLGIQATPLELKAIEVLRR
HRTYRWLTSEMEDVKPAKTVN
;
J
10 'polypeptide(L)' DNSTYRNLQHHEYSTYTFLDLNVELSKFRMPQPSSGRQSPRH K
11 'polypeptide(L)'
;QLIAVDEKLDITTLTGVPEEHIKTRKVRIFVPARNNMQSGVNNTKKWKMEFDTRERWENPLMGWSSTADPLSNLVLTFST
KEDAVAFAEKNGWSFDVEERKVPKPKSKSYGANFSWNKRTRVSTK
;
L
12 'polypeptide(L)'
;SNLIEVFVDGQSVMVEPGTTVLQACEKVGMQIPRFCYHERLSVAGNCRMCLVEIEKAPKVVAACAMPVMKGWNILTNSEK
SKKAREGVMEFLLANHPLDCPICDQGGECDLQDQSMMFGSDRSRFLEGKRAVEDKNIGPLVKTIMTRCIQCTRCIRFASE
IAGVDDLGTTGRGNDMQVGTYIEKMFMSELSGNIIDICPVGALTSKPYAFTARPWETRKTESIDVMDAVGSNIVVSTRTG
EVMRILPRMHEDINEEWISDKTRFAYDGLKRQRLTQPMIRNEKGLLTYTTWEDALSRVAGMLQSFQGNDVAAIAGGLVDA
EALVALKDLLNRVDSDSLCTEEVFPTAGAGTDLRSNYLLNTTIAGVEEADVILLVGTNPRFEAPLFNARIRKSWLHNDLK
VALIGSPVDLTYRYDHLGDSPKILQDIASGNHPFSQILKEAKKPMVVLGSSALQRSDGTAILAAVSNIAQNIRLSSGVTG
DWKVMNILHRIASQVAALDLGYKPGVEAIRKNPPKVLFLLGADGGCITRQDLPKDCFIIYQGHHGDVGAPMADVILPGAA
YTEKSATYVNTEGRAQQTKVAVTPPGLAREDWKIIRALSEIAGMTLPYDTLDQVRSRLEEVSPNLVRYDDVEGANYFQQA
NELSKLVNQQLLADPLVPPQLTIKDFYMTDSISRASQTMAKCVKAVTEGI
;
M
13 'polypeptide(L)'
;ELVQVLRRGLQQVSGHGGLRGYLRVLFRANDVRVGTLVGEDKYGNKYYEDNKQFFGRHRWVIYTTEMNGRDTFWDVDGSM
VPPEWHRWLHCMTDDPPTTKPPTARKYIWTNHKFNVSGTPQQYVPYSTTRKKIQEWVPPSTPYK
;
N
14 'polypeptide(L)'
;GAGGALFVHRDTPENNPDTPFDFTPENYKRIEAIVKNYPEGHKAAAVLPVLDLAQRQNGWLPISAMNKVAEILQVPPMRV
YEVATFYTMYNRKPVGKYHIQVCTTTPCMLRNSDSILEAIQKKLGIKVGETTPDKLFTLIEVECLGACVNAPMVQINDNY
YEDLTPKDIEEIIDELKAGKIPKPGPRSGRFSCEPAGGLTSLTEPPKGPGFGVQAGL
;
O
15 'polypeptide(L)'
;TRPTIRPRNDVVHKQLSAFGQYVAEILPKYVQQVQVSCFNELEIFIHPDGVIPVLTFLRDHTNAQFKSLADLTAVDVPTR
QNRFEIVYNLLSLRFNSRIRVKTYTDELTPIESSVTVYKAANWYEREIWDMFGVFFANHPDLRRILTDYGFEGHPFRKDF
PLSGYVELRYDDEVKRVVAEPVELAQEFRKFDLNSPWEAFPAYRQPPE
;
P
16 'polypeptide(L)'
;NLTLNFGPQHPAAHGVLRLVMELSGEMVRKCDPHIGLLH(2MR)GTEKLIEYKTYLQALPYFDRLDYVSMMCNEQAYSLA
VEKLLNIQPPPRAQWIRVLFGEITRLLNHIMAVTTHALDIGAMTPFFWMFEEREKMFEFYERVSGARMHAAYIRPGGVHQ
DLPLGLLDDIYEFSKNFSFRIDELEEMLTNNRIWRNRTVDIGVVTAEDALNYGFSGVMLRGSGIQWDLRKTQPYDVYDQV
EFDVPIGSRGDCYDRYLCRVEEMRQSLRIISQCLNKMPPGEIKVDDAKVSPPKRAEMKTSMESLIHHFKLYTEGYQVPPG
ATYTAIEAPKGEFGVYLVSDGSSRPYRCKIKAPGFAHLAGLDKMSKGHMLADVVAIIGTQDIVFGEVDR
;
Q
17 'polypeptide(L)'
;GVRTSPTGEKVTHTGQAYDDGDYRRVRFSDRQKEVNENFAIDLIAEQPVSEVGSRVISCDGGGGALGHPRVYINLDKETK
TGTCGYCGLQFRQPHH
;
T
18 'polypeptide(L)' ASKVKQDMPPPGGYGPIDYKRNLPRRGLS W
#
loop_
_chem_comp.id
_chem_comp.type
_chem_comp.name
_chem_comp.formula
8Q1 non-polymer 'S-[2-({N-[(2R)-2-hydroxy-3,3-dimethyl-4-(phosphonooxy)butanoyl]-beta-alanyl}amino)ethyl] dodecanethioate' 'C23 H45 N2 O8 P S'
CDL non-polymer CARDIOLIPIN 'C81 H156 O17 P2 -2'
FES non-polymer 'FE2/S2 (INORGANIC) CLUSTER' 'Fe2 S2'
FMN non-polymer 'FLAVIN MONONUCLEOTIDE' 'C17 H21 N4 O9 P'
MG non-polymer 'MAGNESIUM ION' 'Mg 2'
NDP non-polymer 'NADPH DIHYDRO-NICOTINAMIDE-ADENINE-DINUCLEOTIDE PHOSPHATE' 'C21 H30 N7 O17 P3'
PEE non-polymer 1,2-dioleoyl-sn-glycero-3-phosphoethanolamine 'C41 H78 N O8 P'
PLX non-polymer (9R,11S)-9-({[(1S)-1-HYDROXYHEXADECYL]OXY}METHYL)-2,2-DIMETHYL-5,7,10-TRIOXA-2LAMBDA~5~-AZA-6LAMBDA~5~-PHOSPHAOCTACOSANE-6,6,11-TRIOL 'C42 H89 N O8 P 1'
SF4 non-polymer 'IRON/SULFUR CLUSTER' 'Fe4 S4'
ZN non-polymer 'ZINC ION' 'Zn 2'
#
# COMPACT_ATOMS: atom_id res chain seq x y z
N LYS A 1 -33.18 -49.08 45.31
CA LYS A 1 -33.68 -50.43 45.49
C LYS A 1 -34.71 -50.77 44.41
N LYS A 2 -35.60 -49.82 44.13
CA LYS A 2 -36.56 -50.00 43.06
C LYS A 2 -35.87 -49.96 41.70
N THR A 3 -36.25 -50.90 40.84
CA THR A 3 -35.66 -51.03 39.50
C THR A 3 -36.63 -50.72 38.38
N SER A 4 -37.94 -50.83 38.63
CA SER A 4 -38.95 -50.57 37.61
C SER A 4 -39.77 -49.34 38.00
N PHE A 5 -39.87 -48.39 37.08
CA PHE A 5 -40.63 -47.18 37.28
C PHE A 5 -41.71 -47.07 36.21
N GLY A 6 -42.78 -46.34 36.53
CA GLY A 6 -43.81 -46.10 35.55
C GLY A 6 -45.22 -46.43 35.99
N SER A 7 -45.40 -46.72 37.28
CA SER A 7 -46.72 -46.97 37.85
C SER A 7 -46.92 -45.98 38.99
N LEU A 8 -47.42 -44.79 38.65
CA LEU A 8 -47.64 -43.71 39.59
C LEU A 8 -49.09 -43.73 40.02
N LYS A 9 -49.33 -43.92 41.32
CA LYS A 9 -50.70 -43.98 41.82
C LYS A 9 -51.39 -42.63 41.69
N ASP A 10 -52.72 -42.67 41.55
CA ASP A 10 -53.49 -41.47 41.32
C ASP A 10 -53.37 -40.50 42.48
N GLU A 11 -53.38 -41.01 43.71
CA GLU A 11 -53.35 -40.14 44.88
C GLU A 11 -51.97 -39.55 45.15
N ASP A 12 -50.94 -40.05 44.48
CA ASP A 12 -49.57 -39.63 44.76
C ASP A 12 -49.05 -38.61 43.76
N ARG A 13 -49.91 -38.08 42.90
CA ARG A 13 -49.51 -37.09 41.92
C ARG A 13 -49.51 -35.69 42.54
N ILE A 14 -48.97 -34.73 41.79
CA ILE A 14 -48.87 -33.34 42.25
C ILE A 14 -50.03 -32.53 41.73
N PHE A 15 -50.13 -32.42 40.40
CA PHE A 15 -51.14 -31.57 39.75
C PHE A 15 -52.43 -32.37 39.61
N THR A 16 -53.21 -32.40 40.71
CA THR A 16 -54.45 -33.16 40.72
C THR A 16 -55.54 -32.51 39.88
N ASN A 17 -55.38 -31.24 39.51
CA ASN A 17 -56.34 -30.54 38.67
C ASN A 17 -55.78 -30.30 37.27
N LEU A 18 -55.03 -31.28 36.75
CA LEU A 18 -54.38 -31.12 35.46
C LEU A 18 -55.40 -30.96 34.34
N TYR A 19 -56.48 -31.74 34.38
CA TYR A 19 -57.45 -31.75 33.29
C TYR A 19 -58.60 -30.79 33.54
N GLY A 20 -58.56 -29.98 34.59
CA GLY A 20 -59.58 -28.98 34.80
C GLY A 20 -60.94 -29.51 35.15
N ARG A 21 -61.02 -30.72 35.70
CA ARG A 21 -62.31 -31.29 36.04
C ARG A 21 -62.83 -30.80 37.38
N HIS A 22 -62.01 -30.10 38.16
CA HIS A 22 -62.41 -29.52 39.42
C HIS A 22 -62.22 -28.01 39.40
N ASP A 23 -62.74 -27.36 40.44
CA ASP A 23 -62.66 -25.90 40.54
C ASP A 23 -61.21 -25.46 40.64
N TRP A 24 -60.84 -24.44 39.85
CA TRP A 24 -59.48 -23.93 39.81
C TRP A 24 -59.30 -22.69 40.66
N ARG A 25 -60.32 -22.27 41.40
CA ARG A 25 -60.25 -21.07 42.21
C ARG A 25 -59.74 -21.40 43.61
N LEU A 26 -59.85 -20.43 44.53
CA LEU A 26 -59.32 -20.62 45.87
C LEU A 26 -60.04 -21.73 46.61
N LYS A 27 -61.36 -21.82 46.45
CA LYS A 27 -62.13 -22.87 47.12
C LYS A 27 -61.67 -24.25 46.67
N GLY A 28 -61.49 -24.44 45.36
CA GLY A 28 -61.02 -25.72 44.86
C GLY A 28 -59.61 -26.03 45.32
N ALA A 29 -58.74 -25.02 45.35
CA ALA A 29 -57.38 -25.23 45.82
C ALA A 29 -57.36 -25.64 47.28
N GLN A 30 -58.20 -24.99 48.11
CA GLN A 30 -58.34 -25.42 49.50
C GLN A 30 -58.83 -26.85 49.60
N SER A 31 -59.76 -27.24 48.73
CA SER A 31 -60.27 -28.61 48.74
C SER A 31 -59.17 -29.62 48.38
N ARG A 32 -58.23 -29.22 47.54
CA ARG A 32 -57.20 -30.13 47.07
C ARG A 32 -55.89 -30.04 47.86
N GLY A 33 -55.84 -29.22 48.91
CA GLY A 33 -54.69 -29.15 49.77
C GLY A 33 -53.75 -27.98 49.53
N ASP A 34 -54.11 -27.07 48.64
CA ASP A 34 -53.27 -25.89 48.43
C ASP A 34 -53.50 -24.87 49.54
N TRP A 35 -52.49 -24.04 49.78
CA TRP A 35 -52.50 -23.03 50.84
C TRP A 35 -52.81 -23.66 52.20
N TYR A 36 -52.23 -24.82 52.48
CA TYR A 36 -52.41 -25.51 53.75
C TYR A 36 -51.08 -25.49 54.50
N LYS A 37 -51.10 -24.91 55.70
CA LYS A 37 -49.90 -24.77 56.54
C LYS A 37 -48.77 -24.05 55.82
N THR A 38 -49.13 -23.12 54.94
CA THR A 38 -48.12 -22.31 54.27
C THR A 38 -47.42 -21.38 55.24
N LYS A 39 -48.14 -20.88 56.24
CA LYS A 39 -47.55 -20.00 57.24
C LYS A 39 -46.43 -20.70 58.00
N GLU A 40 -46.64 -21.95 58.39
CA GLU A 40 -45.60 -22.69 59.10
C GLU A 40 -44.35 -22.85 58.23
N ILE A 41 -44.54 -23.18 56.95
CA ILE A 41 -43.41 -23.30 56.04
C ILE A 41 -42.67 -21.98 55.93
N LEU A 42 -43.41 -20.88 55.82
CA LEU A 42 -42.78 -19.57 55.73
C LEU A 42 -41.98 -19.25 56.99
N LEU A 43 -42.52 -19.61 58.16
CA LEU A 43 -41.83 -19.32 59.42
C LEU A 43 -40.64 -20.24 59.66
N LYS A 44 -40.62 -21.43 59.06
CA LYS A 44 -39.51 -22.35 59.31
C LYS A 44 -38.19 -21.88 58.71
N GLY A 45 -38.22 -20.85 57.86
CA GLY A 45 -37.00 -20.22 57.40
C GLY A 45 -36.60 -20.62 56.00
N PRO A 46 -35.76 -19.79 55.38
CA PRO A 46 -35.31 -20.09 54.01
C PRO A 46 -34.32 -21.24 53.96
N ASP A 47 -33.50 -21.38 55.02
CA ASP A 47 -32.50 -22.43 55.05
C ASP A 47 -33.15 -23.82 55.07
N TRP A 48 -34.22 -23.97 55.86
CA TRP A 48 -34.92 -25.26 55.90
C TRP A 48 -35.54 -25.58 54.55
N ILE A 49 -36.12 -24.59 53.88
CA ILE A 49 -36.73 -24.81 52.57
C ILE A 49 -35.68 -25.21 51.55
N LEU A 50 -34.53 -24.52 51.56
CA LEU A 50 -33.46 -24.87 50.63
C LEU A 50 -32.92 -26.27 50.92
N GLY A 51 -32.80 -26.62 52.21
CA GLY A 51 -32.38 -27.97 52.54
C GLY A 51 -33.36 -29.03 52.05
N GLU A 52 -34.66 -28.77 52.21
CA GLU A 52 -35.66 -29.71 51.71
C GLU A 52 -35.58 -29.86 50.20
N VAL A 53 -35.41 -28.75 49.49
CA VAL A 53 -35.30 -28.81 48.03
C VAL A 53 -34.04 -29.57 47.62
N LYS A 54 -32.92 -29.32 48.30
CA LYS A 54 -31.68 -30.00 47.97
C LYS A 54 -31.79 -31.50 48.21
N THR A 55 -32.36 -31.89 49.35
CA THR A 55 -32.54 -33.32 49.64
C THR A 55 -33.61 -33.95 48.75
N SER A 56 -34.46 -33.12 48.13
CA SER A 56 -35.49 -33.66 47.25
C SER A 56 -34.93 -34.14 45.92
N GLY A 57 -33.76 -33.65 45.51
CA GLY A 57 -33.20 -34.07 44.24
C GLY A 57 -33.89 -33.49 43.03
N LEU A 58 -34.64 -32.41 43.19
CA LEU A 58 -35.35 -31.81 42.07
C LEU A 58 -34.37 -31.20 41.07
N ARG A 59 -34.68 -31.33 39.79
CA ARG A 59 -33.91 -30.73 38.72
C ARG A 59 -34.82 -29.83 37.89
N GLY A 60 -34.21 -28.83 37.26
CA GLY A 60 -35.00 -27.85 36.53
C GLY A 60 -35.77 -28.48 35.39
N ARG A 61 -37.05 -28.09 35.29
CA ARG A 61 -37.94 -28.61 34.27
C ARG A 61 -38.03 -27.72 33.03
N GLY A 62 -37.23 -26.65 32.96
CA GLY A 62 -37.24 -25.81 31.78
C GLY A 62 -36.58 -26.48 30.59
N GLY A 63 -35.65 -27.41 30.85
CA GLY A 63 -34.96 -28.09 29.79
C GLY A 63 -33.47 -28.23 30.06
N ALA A 64 -32.91 -27.27 30.79
CA ALA A 64 -31.49 -27.33 31.13
C ALA A 64 -31.19 -28.49 32.07
N GLY A 65 -32.08 -28.75 33.03
CA GLY A 65 -31.91 -29.87 33.93
C GLY A 65 -31.00 -29.62 35.11
N PHE A 66 -30.66 -28.38 35.39
CA PHE A 66 -29.77 -28.08 36.50
C PHE A 66 -30.50 -28.27 37.83
N PRO A 67 -29.84 -28.80 38.86
CA PRO A 67 -30.48 -28.94 40.18
C PRO A 67 -30.90 -27.60 40.74
N THR A 68 -32.19 -27.49 41.06
CA THR A 68 -32.75 -26.21 41.48
C THR A 68 -32.27 -25.78 42.87
N GLY A 69 -31.97 -26.75 43.74
CA GLY A 69 -31.50 -26.40 45.07
C GLY A 69 -30.20 -25.62 45.04
N LEU A 70 -29.28 -26.01 44.15
CA LEU A 70 -28.03 -25.28 44.01
C LEU A 70 -28.26 -23.85 43.52
N LYS A 71 -29.15 -23.67 42.55
CA LYS A 71 -29.44 -22.33 42.05
C LYS A 71 -30.01 -21.45 43.15
N TRP A 72 -30.98 -21.97 43.89
CA TRP A 72 -31.60 -21.18 44.94
C TRP A 72 -30.61 -20.89 46.07
N SER A 73 -29.71 -21.83 46.38
CA SER A 73 -28.65 -21.56 47.34
C SER A 73 -27.72 -20.46 46.86
N PHE A 74 -27.37 -20.46 45.57
CA PHE A 74 -26.58 -19.34 45.02
C PHE A 74 -27.34 -18.04 45.18
N MET A 75 -28.66 -18.08 45.07
CA MET A 75 -29.46 -16.88 45.28
C MET A 75 -29.52 -16.49 46.76
N ASN A 76 -29.22 -17.42 47.67
CA ASN A 76 -29.36 -17.21 49.12
C ASN A 76 -28.24 -16.38 49.74
N LYS A 77 -27.50 -15.59 48.97
CA LYS A 77 -26.48 -14.74 49.55
C LYS A 77 -27.11 -13.69 50.45
N PRO A 78 -26.36 -13.11 51.40
CA PRO A 78 -26.94 -12.08 52.27
C PRO A 78 -27.32 -10.81 51.51
N SER A 79 -27.89 -9.85 52.21
CA SER A 79 -28.38 -8.63 51.56
C SER A 79 -27.23 -7.80 51.00
N ASP A 80 -27.56 -7.03 49.97
CA ASP A 80 -26.62 -6.13 49.32
C ASP A 80 -27.05 -4.68 49.35
N GLY A 81 -28.35 -4.41 49.48
CA GLY A 81 -28.87 -3.07 49.37
C GLY A 81 -29.92 -3.00 48.28
N ARG A 82 -29.70 -3.71 47.19
CA ARG A 82 -30.65 -3.83 46.11
C ARG A 82 -31.73 -4.85 46.46
N PRO A 83 -32.94 -4.68 45.93
CA PRO A 83 -33.99 -5.68 46.14
C PRO A 83 -33.66 -6.97 45.39
N LYS A 84 -34.29 -8.05 45.82
CA LYS A 84 -34.12 -9.36 45.19
C LYS A 84 -35.45 -9.83 44.63
N TYR A 85 -35.41 -10.40 43.43
CA TYR A 85 -36.61 -10.77 42.70
C TYR A 85 -36.54 -12.24 42.28
N LEU A 86 -37.72 -12.84 42.18
CA LEU A 86 -37.89 -14.17 41.62
C LEU A 86 -38.71 -14.05 40.34
N VAL A 87 -38.25 -14.71 39.29
CA VAL A 87 -38.95 -14.69 38.01
C VAL A 87 -39.33 -16.12 37.64
N VAL A 88 -40.59 -16.29 37.24
CA VAL A 88 -41.12 -17.59 36.82
C VAL A 88 -41.27 -17.58 35.31
N ASN A 89 -40.70 -18.58 34.65
CA ASN A 89 -40.69 -18.65 33.20
C ASN A 89 -41.93 -19.40 32.73
N ALA A 90 -42.93 -18.64 32.26
CA ALA A 90 -44.14 -19.21 31.68
C ALA A 90 -44.22 -18.95 30.18
N ASP A 91 -43.08 -18.75 29.52
CA ASP A 91 -43.10 -18.41 28.10
C ASP A 91 -43.62 -19.57 27.27
N GLU A 92 -43.14 -20.79 27.53
CA GLU A 92 -43.70 -22.00 26.93
C GLU A 92 -43.63 -21.94 25.41
N GLY A 93 -42.42 -21.78 24.89
CA GLY A 93 -42.26 -21.55 23.46
C GLY A 93 -41.89 -22.78 22.68
N GLU A 94 -41.20 -23.72 23.32
CA GLU A 94 -40.58 -24.82 22.59
C GLU A 94 -41.66 -25.74 22.02
N PRO A 95 -41.61 -26.06 20.73
CA PRO A 95 -42.68 -26.84 20.10
C PRO A 95 -42.79 -28.24 20.71
N GLY A 96 -44.03 -28.71 20.80
CA GLY A 96 -44.31 -29.97 21.43
C GLY A 96 -44.61 -29.91 22.92
N THR A 97 -44.50 -28.73 23.53
CA THR A 97 -44.63 -28.57 24.98
C THR A 97 -45.96 -27.86 25.26
N CYS A 98 -46.75 -28.42 26.18
CA CYS A 98 -48.07 -27.90 26.52
C CYS A 98 -48.37 -27.96 28.01
N LYS A 99 -47.39 -28.35 28.83
CA LYS A 99 -47.66 -28.64 30.24
C LYS A 99 -47.73 -27.38 31.09
N ASP A 100 -46.84 -26.41 30.82
CA ASP A 100 -46.85 -25.17 31.61
C ASP A 100 -48.15 -24.42 31.41
N ARG A 101 -48.69 -24.41 30.20
CA ARG A 101 -49.96 -23.75 29.94
C ARG A 101 -51.10 -24.41 30.71
N GLU A 102 -51.13 -25.74 30.73
CA GLU A 102 -52.18 -26.43 31.46
C GLU A 102 -52.11 -26.15 32.95
N ILE A 103 -50.91 -26.21 33.54
CA ILE A 103 -50.82 -26.06 34.98
C ILE A 103 -51.02 -24.61 35.39
N ILE A 104 -50.95 -23.69 34.44
CA ILE A 104 -51.19 -22.29 34.78
C ILE A 104 -52.65 -21.92 34.53
N ARG A 105 -53.34 -22.65 33.66
CA ARG A 105 -54.73 -22.30 33.41
C ARG A 105 -55.69 -23.06 34.33
N HIS A 106 -55.38 -24.31 34.66
CA HIS A 106 -56.34 -25.12 35.40
C HIS A 106 -55.99 -25.32 36.86
N ASP A 107 -54.83 -24.86 37.32
CA ASP A 107 -54.43 -25.02 38.72
C ASP A 107 -53.42 -23.94 39.07
N PRO A 108 -53.84 -22.68 39.09
CA PRO A 108 -52.86 -21.58 39.26
C PRO A 108 -52.44 -21.37 40.70
N HIS A 109 -53.24 -21.80 41.67
CA HIS A 109 -52.94 -21.49 43.06
C HIS A 109 -51.70 -22.23 43.53
N LYS A 110 -51.42 -23.41 42.99
CA LYS A 110 -50.13 -24.04 43.27
C LYS A 110 -48.98 -23.19 42.76
N LEU A 111 -49.15 -22.57 41.59
CA LEU A 111 -48.12 -21.67 41.09
C LEU A 111 -47.93 -20.47 42.00
N VAL A 112 -49.03 -19.88 42.48
CA VAL A 112 -48.92 -18.71 43.36
C VAL A 112 -48.25 -19.08 44.68
N GLU A 113 -48.67 -20.20 45.27
CA GLU A 113 -48.05 -20.67 46.49
C GLU A 113 -46.57 -20.97 46.30
N GLY A 114 -46.21 -21.58 45.16
CA GLY A 114 -44.83 -21.86 44.89
C GLY A 114 -44.01 -20.58 44.72
N CYS A 115 -44.61 -19.57 44.11
CA CYS A 115 -43.95 -18.27 44.01
C CYS A 115 -43.68 -17.71 45.39
N LEU A 116 -44.66 -17.77 46.29
CA LEU A 116 -44.46 -17.26 47.64
C LEU A 116 -43.38 -18.04 48.39
N VAL A 117 -43.44 -19.37 48.32
CA VAL A 117 -42.47 -20.20 49.04
C VAL A 117 -41.07 -20.01 48.49
N GLY A 118 -40.94 -19.97 47.15
CA GLY A 118 -39.65 -19.72 46.55
C GLY A 118 -39.09 -18.36 46.92
N GLY A 119 -39.93 -17.32 46.90
CA GLY A 119 -39.47 -16.01 47.31
C GLY A 119 -39.01 -15.98 48.75
N ARG A 120 -39.73 -16.70 49.63
CA ARG A 120 -39.31 -16.77 51.03
C ARG A 120 -37.96 -17.45 51.15
N ALA A 121 -37.75 -18.55 50.42
CA ALA A 121 -36.48 -19.26 50.50
C ALA A 121 -35.34 -18.44 49.89
N MET A 122 -35.67 -17.63 48.90
CA MET A 122 -34.72 -16.86 48.10
C MET A 122 -34.48 -15.46 48.63
N GLY A 123 -35.23 -15.03 49.64
CA GLY A 123 -35.15 -13.67 50.10
C GLY A 123 -35.68 -12.67 49.09
N ALA A 124 -36.57 -13.11 48.20
CA ALA A 124 -37.06 -12.26 47.13
C ALA A 124 -38.15 -11.33 47.63
N ARG A 125 -38.09 -10.07 47.18
CA ARG A 125 -39.10 -9.10 47.56
C ARG A 125 -40.40 -9.31 46.79
N ALA A 126 -40.30 -9.64 45.51
CA ALA A 126 -41.47 -9.77 44.66
C ALA A 126 -41.20 -10.81 43.58
N ALA A 127 -42.29 -11.28 42.96
CA ALA A 127 -42.23 -12.28 41.91
C ALA A 127 -42.83 -11.71 40.63
N TYR A 128 -42.15 -11.92 39.51
CA TYR A 128 -42.65 -11.53 38.20
C TYR A 128 -42.90 -12.78 37.37
N ILE A 129 -44.11 -12.89 36.83
CA ILE A 129 -44.49 -14.01 35.98
C ILE A 129 -44.50 -13.52 34.55
N TYR A 130 -43.57 -14.03 33.74
CA TYR A 130 -43.51 -13.67 32.33
C TYR A 130 -44.27 -14.73 31.53
N ILE A 131 -45.52 -14.45 31.26
CA ILE A 131 -46.37 -15.39 30.53
C ILE A 131 -46.35 -15.05 29.05
N ARG A 132 -46.50 -16.07 28.23
CA ARG A 132 -46.58 -15.91 26.79
C ARG A 132 -47.73 -14.97 26.42
N GLY A 133 -47.46 -14.07 25.48
CA GLY A 133 -48.47 -13.10 25.09
C GLY A 133 -49.69 -13.74 24.47
N GLU A 134 -49.48 -14.79 23.68
CA GLU A 134 -50.60 -15.52 23.09
C GLU A 134 -51.49 -16.16 24.15
N PHE A 135 -50.92 -16.54 25.29
CA PHE A 135 -51.69 -17.08 26.41
C PHE A 135 -52.41 -15.92 27.09
N TYR A 136 -53.63 -15.63 26.63
CA TYR A 136 -54.37 -14.51 27.18
C TYR A 136 -55.41 -14.94 28.21
N ASN A 137 -56.23 -15.93 27.88
CA ASN A 137 -57.28 -16.37 28.79
C ASN A 137 -56.70 -16.96 30.07
N GLU A 138 -55.63 -17.75 29.94
CA GLU A 138 -55.00 -18.31 31.13
C GLU A 138 -54.14 -17.29 31.88
N ALA A 139 -53.62 -16.27 31.19
CA ALA A 139 -53.04 -15.15 31.92
C ALA A 139 -54.10 -14.46 32.78
N SER A 140 -55.30 -14.31 32.23
CA SER A 140 -56.41 -13.75 33.00
C SER A 140 -56.80 -14.65 34.15
N ASN A 141 -56.79 -15.97 33.94
CA ASN A 141 -57.08 -16.88 35.04
C ASN A 141 -56.06 -16.76 36.16
N LEU A 142 -54.77 -16.65 35.80
CA LEU A 142 -53.73 -16.46 36.80
C LEU A 142 -53.93 -15.14 37.53
N GLN A 143 -54.36 -14.10 36.81
CA GLN A 143 -54.62 -12.81 37.46
C GLN A 143 -55.79 -12.93 38.44
N VAL A 144 -56.83 -13.68 38.07
CA VAL A 144 -57.95 -13.90 38.99
C VAL A 144 -57.50 -14.67 40.22
N ALA A 145 -56.66 -15.68 40.04
CA ALA A 145 -56.11 -16.41 41.18
C ALA A 145 -55.31 -15.49 42.08
N ILE A 146 -54.52 -14.59 41.50
CA ILE A 146 -53.73 -13.65 42.29
C ILE A 146 -54.63 -12.69 43.04
N ARG A 147 -55.71 -12.23 42.41
CA ARG A 147 -56.65 -11.37 43.11
C ARG A 147 -57.31 -12.10 44.28
N GLU A 148 -57.69 -13.36 44.07
CA GLU A 148 -58.28 -14.14 45.16
C GLU A 148 -57.29 -14.33 46.29
N ALA A 149 -56.01 -14.57 45.97
CA ALA A 149 -54.99 -14.68 47.00
C ALA A 149 -54.79 -13.37 47.75
N TYR A 150 -54.80 -12.25 47.02
CA TYR A 150 -54.59 -10.95 47.65
C TYR A 150 -55.75 -10.61 48.58
N GLU A 151 -56.98 -10.88 48.16
CA GLU A 151 -58.13 -10.61 49.01
C GLU A 151 -58.10 -11.46 50.27
N ALA A 152 -57.71 -12.72 50.14
CA ALA A 152 -57.62 -13.62 51.29
C ALA A 152 -56.40 -13.33 52.16
N GLY A 153 -55.51 -12.44 51.72
CA GLY A 153 -54.30 -12.16 52.46
C GLY A 153 -53.21 -13.20 52.32
N LEU A 154 -53.29 -14.06 51.29
CA LEU A 154 -52.28 -15.09 51.10
C LEU A 154 -50.97 -14.54 50.54
N ILE A 155 -51.02 -13.41 49.84
CA ILE A 155 -49.83 -12.71 49.38
C ILE A 155 -50.04 -11.22 49.56
N GLY A 156 -48.95 -10.49 49.76
CA GLY A 156 -49.04 -9.06 49.97
C GLY A 156 -48.66 -8.62 51.38
N LYS A 157 -49.67 -8.18 52.15
CA LYS A 157 -49.42 -7.74 53.51
C LYS A 157 -49.21 -8.91 54.46
N ASN A 158 -47.94 -9.29 54.62
CA ASN A 158 -47.47 -10.34 55.53
C ASN A 158 -47.80 -11.72 54.98
N ALA A 159 -48.65 -11.78 53.97
CA ALA A 159 -48.90 -12.98 53.15
C ALA A 159 -49.49 -14.13 53.97
N CYS A 160 -49.48 -14.00 55.28
CA CYS A 160 -49.87 -15.02 56.24
C CYS A 160 -49.84 -14.35 57.62
N GLY A 161 -49.96 -15.15 58.67
CA GLY A 161 -49.51 -14.70 59.96
C GLY A 161 -48.02 -14.95 60.12
N SER A 162 -47.24 -14.57 59.10
CA SER A 162 -45.81 -14.85 59.06
C SER A 162 -44.94 -13.60 59.11
N GLY A 163 -45.47 -12.44 58.72
CA GLY A 163 -44.70 -11.23 58.76
C GLY A 163 -43.82 -10.97 57.57
N TYR A 164 -43.88 -11.81 56.54
CA TYR A 164 -43.03 -11.68 55.36
C TYR A 164 -43.85 -11.09 54.22
N ASP A 165 -43.34 -10.02 53.63
CA ASP A 165 -44.07 -9.29 52.59
C ASP A 165 -43.62 -9.77 51.21
N PHE A 166 -44.60 -10.07 50.34
CA PHE A 166 -44.31 -10.60 49.03
C PHE A 166 -45.39 -10.19 48.04
N ASP A 167 -44.97 -9.76 46.85
CA ASP A 167 -45.87 -9.36 45.78
C ASP A 167 -45.62 -10.25 44.56
N VAL A 168 -46.70 -10.51 43.82
CA VAL A 168 -46.65 -11.33 42.62
C VAL A 168 -47.18 -10.50 41.46
N PHE A 169 -46.37 -10.34 40.41
CA PHE A 169 -46.72 -9.56 39.24
C PHE A 169 -46.76 -10.46 38.01
N VAL A 170 -47.62 -10.10 37.06
CA VAL A 170 -47.77 -10.87 35.83
C VAL A 170 -47.40 -9.97 34.66
N VAL A 171 -46.49 -10.46 33.81
CA VAL A 171 -46.02 -9.72 32.65
C VAL A 171 -46.26 -10.58 31.42
N ARG A 172 -46.81 -9.97 30.38
CA ARG A 172 -47.13 -10.64 29.13
C ARG A 172 -46.12 -10.29 28.06
N GLY A 173 -45.62 -11.31 27.36
CA GLY A 173 -44.72 -11.10 26.25
C GLY A 173 -45.49 -10.78 24.98
N ALA A 174 -44.75 -10.82 23.86
CA ALA A 174 -45.39 -10.59 22.56
C ALA A 174 -44.65 -11.41 21.50
N GLY A 175 -45.14 -12.63 21.27
CA GLY A 175 -44.66 -13.44 20.17
C GLY A 175 -43.17 -13.50 19.97
N ALA A 176 -42.44 -14.10 20.91
CA ALA A 176 -41.00 -14.28 20.76
C ALA A 176 -40.59 -15.52 21.54
N TYR A 177 -40.14 -16.55 20.81
CA TYR A 177 -39.72 -17.78 21.46
C TYR A 177 -38.44 -17.60 22.25
N ILE A 178 -37.52 -16.76 21.77
CA ILE A 178 -36.26 -16.53 22.46
C ILE A 178 -36.48 -15.91 23.83
N CYS A 179 -37.62 -15.26 24.05
CA CYS A 179 -37.89 -14.65 25.34
C CYS A 179 -38.06 -15.68 26.45
N GLY A 180 -38.15 -16.96 26.13
CA GLY A 180 -38.14 -17.97 27.16
C GLY A 180 -36.79 -18.13 27.82
N GLU A 181 -35.73 -17.80 27.11
CA GLU A 181 -34.39 -17.86 27.69
C GLU A 181 -34.26 -16.85 28.83
N GLU A 182 -33.58 -17.25 29.90
CA GLU A 182 -33.64 -16.51 31.15
C GLU A 182 -33.12 -15.08 30.97
N THR A 183 -31.99 -14.92 30.30
CA THR A 183 -31.44 -13.57 30.10
C THR A 183 -32.29 -12.77 29.12
N ALA A 184 -32.76 -13.41 28.05
CA ALA A 184 -33.67 -12.73 27.13
C ALA A 184 -34.99 -12.40 27.82
N LEU A 185 -35.46 -13.27 28.70
CA LEU A 185 -36.66 -12.99 29.46
C LEU A 185 -36.48 -11.76 30.35
N ILE A 186 -35.33 -11.68 31.02
CA ILE A 186 -35.03 -10.52 31.85
C ILE A 186 -34.99 -9.26 30.99
N GLU A 187 -34.37 -9.35 29.81
CA GLU A 187 -34.32 -8.21 28.90
C GLU A 187 -35.72 -7.75 28.52
N SER A 188 -36.59 -8.70 28.19
CA SER A 188 -37.96 -8.35 27.82
C SER A 188 -38.72 -7.72 28.97
N ILE A 189 -38.52 -8.23 30.19
CA ILE A 189 -39.17 -7.63 31.35
C ILE A 189 -38.71 -6.19 31.53
N GLU A 190 -37.44 -5.93 31.26
CA GLU A 190 -36.86 -4.60 31.40
C GLU A 190 -37.26 -3.65 30.28
N GLY A 191 -38.23 -4.03 29.44
CA GLY A 191 -38.73 -3.13 28.41
C GLY A 191 -37.90 -3.03 27.17
N LYS A 192 -36.92 -3.92 26.99
CA LYS A 192 -36.08 -3.92 25.81
C LYS A 192 -36.41 -5.13 24.94
N GLN A 193 -35.83 -5.16 23.75
CA GLN A 193 -36.01 -6.30 22.86
C GLN A 193 -35.30 -7.53 23.44
N GLY A 194 -35.93 -8.68 23.26
CA GLY A 194 -35.53 -9.89 23.95
C GLY A 194 -34.29 -10.56 23.42
N LYS A 195 -33.12 -9.96 23.67
CA LYS A 195 -31.86 -10.52 23.25
C LYS A 195 -31.11 -11.04 24.46
N PRO A 196 -30.72 -12.32 24.48
CA PRO A 196 -29.99 -12.85 25.65
C PRO A 196 -28.67 -12.13 25.86
N ARG A 197 -28.31 -11.96 27.13
CA ARG A 197 -27.07 -11.30 27.52
C ARG A 197 -26.05 -12.33 27.99
N LEU A 198 -24.79 -11.96 27.89
CA LEU A 198 -23.70 -12.87 28.21
C LEU A 198 -23.61 -13.11 29.71
N LYS A 199 -22.94 -14.19 30.08
CA LYS A 199 -22.66 -14.52 31.46
C LYS A 199 -21.19 -14.91 31.60
N PRO A 200 -20.47 -14.38 32.60
CA PRO A 200 -20.88 -13.47 33.67
C PRO A 200 -21.17 -12.06 33.17
N PRO A 201 -21.99 -11.29 33.92
CA PRO A 201 -22.56 -11.63 35.22
C PRO A 201 -23.74 -12.58 35.14
N PHE A 202 -23.86 -13.47 36.14
CA PHE A 202 -24.98 -14.37 36.23
C PHE A 202 -26.16 -13.67 36.89
N PRO A 203 -27.38 -14.12 36.61
CA PRO A 203 -28.55 -13.42 37.17
C PRO A 203 -28.57 -13.37 38.69
N ALA A 204 -27.94 -14.34 39.36
CA ALA A 204 -27.91 -14.34 40.82
C ALA A 204 -27.14 -13.15 41.37
N ASP A 205 -26.32 -12.50 40.56
CA ASP A 205 -25.60 -11.29 40.94
C ASP A 205 -26.12 -10.04 40.26
N VAL A 206 -26.31 -10.07 38.95
CA VAL A 206 -26.90 -8.98 38.19
C VAL A 206 -28.01 -9.56 37.33
N GLY A 207 -29.25 -9.26 37.66
CA GLY A 207 -30.38 -9.84 36.96
C GLY A 207 -31.36 -8.80 36.44
N VAL A 208 -32.63 -8.94 36.82
CA VAL A 208 -33.64 -7.99 36.36
C VAL A 208 -33.46 -6.67 37.09
N PHE A 209 -33.54 -5.57 36.35
CA PHE A 209 -33.29 -4.23 36.84
C PHE A 209 -31.91 -4.07 37.45
N GLY A 210 -31.00 -5.00 37.16
CA GLY A 210 -29.68 -4.99 37.76
C GLY A 210 -29.60 -5.57 39.15
N CYS A 211 -30.68 -6.12 39.67
CA CYS A 211 -30.89 -6.68 40.99
C CYS A 211 -30.71 -8.19 40.97
N PRO A 212 -30.33 -8.80 42.09
CA PRO A 212 -30.19 -10.26 42.11
C PRO A 212 -31.50 -10.95 41.78
N THR A 213 -31.40 -11.99 40.95
CA THR A 213 -32.59 -12.62 40.38
C THR A 213 -32.26 -14.07 40.07
N THR A 214 -33.29 -14.91 40.10
CA THR A 214 -33.20 -16.27 39.57
C THR A 214 -34.46 -16.58 38.81
N VAL A 215 -34.31 -17.19 37.63
CA VAL A 215 -35.42 -17.55 36.76
C VAL A 215 -35.71 -19.03 36.94
N ALA A 216 -36.99 -19.36 37.10
CA ALA A 216 -37.41 -20.74 37.33
C ALA A 216 -38.58 -21.07 36.42
N ASN A 217 -38.73 -22.35 36.10
CA ASN A 217 -39.86 -22.79 35.31
C ASN A 217 -41.12 -22.83 36.16
N VAL A 218 -42.28 -22.85 35.49
CA VAL A 218 -43.55 -22.91 36.20
C VAL A 218 -43.66 -24.22 36.99
N GLU A 219 -43.24 -25.33 36.38
CA GLU A 219 -43.38 -26.62 37.04
C GLU A 219 -42.52 -26.70 38.29
N THR A 220 -41.30 -26.16 38.24
CA THR A 220 -40.41 -26.21 39.39
C THR A 220 -41.01 -25.48 40.58
N VAL A 221 -41.41 -24.23 40.39
CA VAL A 221 -41.99 -23.47 41.50
C VAL A 221 -43.32 -24.07 41.93
N ALA A 222 -44.08 -24.64 40.98
CA ALA A 222 -45.36 -25.24 41.32
C ALA A 222 -45.18 -26.46 42.21
N VAL A 223 -44.16 -27.27 41.97
CA VAL A 223 -43.94 -28.45 42.79
C VAL A 223 -43.17 -28.17 44.08
N SER A 224 -42.48 -27.02 44.16
CA SER A 224 -41.73 -26.73 45.38
C SER A 224 -42.57 -26.72 46.65
N PRO A 225 -43.75 -26.08 46.72
CA PRO A 225 -44.49 -26.10 48.00
C PRO A 225 -44.96 -27.49 48.38
N THR A 226 -45.36 -28.32 47.42
CA THR A 226 -45.77 -29.68 47.75
C THR A 226 -44.57 -30.51 48.21
N ILE A 227 -43.40 -30.27 47.63
CA ILE A 227 -42.19 -30.93 48.11
C ILE A 227 -41.92 -30.54 49.55
N CYS A 228 -42.03 -29.25 49.87
CA CYS A 228 -41.79 -28.81 51.24
C CYS A 228 -42.83 -29.40 52.19
N ARG A 229 -44.09 -29.48 51.75
CA ARG A 229 -45.15 -29.96 52.63
C ARG A 229 -45.04 -31.46 52.88
N ARG A 230 -44.69 -32.25 51.87
CA ARG A 230 -44.59 -33.69 52.02
C ARG A 230 -43.18 -34.18 52.28
N GLY A 231 -42.18 -33.31 52.17
CA GLY A 231 -40.82 -33.71 52.50
C GLY A 231 -40.01 -34.03 51.27
N GLY A 232 -38.70 -33.83 51.38
CA GLY A 232 -37.79 -34.12 50.29
C GLY A 232 -37.65 -35.59 49.97
N ALA A 233 -37.64 -36.43 51.01
CA ALA A 233 -37.44 -37.86 50.80
C ALA A 233 -38.59 -38.47 50.00
N TRP A 234 -39.81 -37.99 50.22
CA TRP A 234 -40.96 -38.52 49.47
C TRP A 234 -40.79 -38.27 47.98
N PHE A 235 -40.34 -37.07 47.60
CA PHE A 235 -40.06 -36.78 46.20
C PHE A 235 -38.88 -37.61 45.71
N ALA A 236 -37.86 -37.79 46.55
CA ALA A 236 -36.67 -38.53 46.16
C ALA A 236 -36.94 -40.02 45.99
N SER A 237 -38.07 -40.51 46.50
CA SER A 237 -38.41 -41.92 46.33
C SER A 237 -38.61 -42.27 44.86
N PHE A 238 -39.27 -41.38 44.10
CA PHE A 238 -39.54 -41.66 42.70
C PHE A 238 -38.29 -41.45 41.86
N GLY A 239 -38.25 -42.12 40.71
CA GLY A 239 -37.13 -41.99 39.80
C GLY A 239 -35.86 -42.61 40.37
N ARG A 240 -34.79 -42.48 39.59
CA ARG A 240 -33.49 -42.98 40.00
C ARG A 240 -32.75 -41.92 40.81
N GLU A 241 -31.58 -42.28 41.29
CA GLU A 241 -30.72 -41.29 41.94
C GLU A 241 -30.29 -40.25 40.92
N ARG A 242 -30.26 -38.99 41.37
CA ARG A 242 -29.97 -37.82 40.55
C ARG A 242 -31.02 -37.59 39.49
N ASN A 243 -32.10 -38.37 39.47
CA ASN A 243 -33.22 -38.20 38.55
C ASN A 243 -34.55 -38.34 39.26
N SER A 244 -34.61 -37.88 40.51
CA SER A 244 -35.77 -38.12 41.34
C SER A 244 -36.94 -37.21 40.95
N GLY A 245 -38.15 -37.69 41.22
CA GLY A 245 -39.35 -36.90 41.12
C GLY A 245 -40.33 -37.44 40.10
N THR A 246 -41.42 -36.70 39.93
CA THR A 246 -42.42 -36.97 38.91
C THR A 246 -42.36 -35.87 37.86
N LYS A 247 -42.76 -36.22 36.64
CA LYS A 247 -42.57 -35.32 35.52
C LYS A 247 -43.87 -35.23 34.71
N LEU A 248 -44.16 -34.05 34.21
CA LEU A 248 -45.27 -33.85 33.28
C LEU A 248 -44.81 -34.15 31.86
N PHE A 249 -45.57 -34.96 31.14
CA PHE A 249 -45.23 -35.37 29.79
C PHE A 249 -46.35 -34.95 28.84
N ASN A 250 -45.94 -34.41 27.70
CA ASN A 250 -46.84 -34.13 26.59
C ASN A 250 -46.51 -35.13 25.52
N ILE A 251 -47.52 -35.84 24.99
CA ILE A 251 -47.31 -36.79 23.91
C ILE A 251 -48.09 -36.28 22.70
N SER A 252 -47.39 -36.06 21.59
CA SER A 252 -47.98 -35.43 20.42
C SER A 252 -47.45 -36.10 19.17
N GLY A 253 -48.16 -35.85 18.06
CA GLY A 253 -47.78 -36.42 16.80
C GLY A 253 -48.68 -37.57 16.39
N HIS A 254 -48.08 -38.70 16.03
CA HIS A 254 -48.81 -39.84 15.51
C HIS A 254 -49.07 -40.83 16.64
N VAL A 255 -50.03 -40.49 17.49
CA VAL A 255 -50.52 -41.38 18.53
C VAL A 255 -52.05 -41.38 18.47
N ASN A 256 -52.65 -42.42 19.04
CA ASN A 256 -54.10 -42.54 19.03
C ASN A 256 -54.74 -41.50 19.94
N HIS A 257 -54.17 -41.28 21.12
CA HIS A 257 -54.71 -40.33 22.10
C HIS A 257 -53.59 -39.42 22.58
N PRO A 258 -53.33 -38.32 21.86
CA PRO A 258 -52.36 -37.34 22.38
C PRO A 258 -52.89 -36.68 23.64
N CYS A 259 -52.02 -36.56 24.64
CA CYS A 259 -52.46 -36.08 25.94
C CYS A 259 -51.27 -35.60 26.75
N THR A 260 -51.57 -34.93 27.85
CA THR A 260 -50.60 -34.58 28.88
C THR A 260 -50.90 -35.41 30.12
N VAL A 261 -49.84 -35.84 30.81
CA VAL A 261 -49.99 -36.76 31.92
C VAL A 261 -48.78 -36.63 32.85
N GLU A 262 -49.04 -36.72 34.15
CA GLU A 262 -47.97 -36.74 35.13
C GLU A 262 -47.59 -38.18 35.42
N GLU A 263 -46.30 -38.48 35.38
CA GLU A 263 -45.85 -39.85 35.50
C GLU A 263 -44.51 -39.89 36.22
N GLU A 264 -44.21 -41.04 36.83
CA GLU A 264 -42.93 -41.22 37.48
C GLU A 264 -41.79 -40.93 36.50
N MET A 265 -40.65 -40.52 37.04
CA MET A 265 -39.59 -39.97 36.21
C MET A 265 -39.09 -41.00 35.19
N SER A 266 -38.43 -42.05 35.66
CA SER A 266 -37.72 -42.96 34.77
C SER A 266 -38.64 -44.06 34.24
N VAL A 267 -39.78 -43.66 33.69
CA VAL A 267 -40.71 -44.57 33.04
C VAL A 267 -40.19 -44.88 31.64
N PRO A 268 -40.19 -46.14 31.21
CA PRO A 268 -39.79 -46.45 29.83
C PRO A 268 -40.68 -45.74 28.82
N LEU A 269 -40.07 -45.31 27.73
CA LEU A 269 -40.81 -44.57 26.71
C LEU A 269 -41.91 -45.42 26.09
N LYS A 270 -41.62 -46.70 25.84
CA LYS A 270 -42.59 -47.55 25.15
C LYS A 270 -43.86 -47.71 25.96
N GLU A 271 -43.74 -47.97 27.27
CA GLU A 271 -44.94 -48.16 28.07
C GLU A 271 -45.64 -46.83 28.31
N LEU A 272 -44.89 -45.72 28.28
CA LEU A 272 -45.50 -44.40 28.37
C LEU A 272 -46.39 -44.14 27.16
N ILE A 273 -45.91 -44.49 25.96
CA ILE A 273 -46.71 -44.30 24.76
C ILE A 273 -47.88 -45.28 24.73
N GLU A 274 -47.63 -46.54 25.07
CA GLU A 274 -48.67 -47.56 24.96
C GLU A 274 -49.74 -47.44 26.03
N LYS A 275 -49.43 -46.79 27.16
CA LYS A 275 -50.37 -46.71 28.27
C LYS A 275 -51.26 -45.47 28.18
N HIS A 276 -50.65 -44.28 28.17
CA HIS A 276 -51.38 -43.04 28.21
C HIS A 276 -51.72 -42.50 26.83
N ALA A 277 -50.85 -42.70 25.85
CA ALA A 277 -51.06 -42.14 24.52
C ALA A 277 -51.93 -43.02 23.62
N GLY A 278 -52.25 -44.23 24.04
CA GLY A 278 -53.02 -45.13 23.21
C GLY A 278 -52.20 -45.86 22.16
N GLY A 279 -50.89 -45.68 22.14
CA GLY A 279 -50.05 -46.37 21.19
C GLY A 279 -49.86 -45.60 19.90
N VAL A 280 -48.77 -45.90 19.21
CA VAL A 280 -48.50 -45.29 17.92
C VAL A 280 -49.60 -45.65 16.93
N ILE A 281 -49.89 -44.71 16.02
CA ILE A 281 -50.89 -44.99 15.01
C ILE A 281 -50.42 -46.13 14.12
N GLY A 282 -51.28 -47.14 13.98
CA GLY A 282 -50.94 -48.31 13.20
C GLY A 282 -50.06 -49.32 13.92
N GLY A 283 -49.92 -49.21 15.23
CA GLY A 283 -49.14 -50.15 16.01
C GLY A 283 -47.71 -49.70 16.24
N TRP A 284 -47.05 -50.40 17.17
CA TRP A 284 -45.68 -50.06 17.53
C TRP A 284 -44.71 -50.28 16.37
N ASP A 285 -44.95 -51.30 15.55
CA ASP A 285 -44.07 -51.54 14.41
C ASP A 285 -44.15 -50.42 13.39
N ASN A 286 -45.23 -49.64 13.40
CA ASN A 286 -45.34 -48.50 12.50
C ASN A 286 -44.46 -47.33 12.91
N LEU A 287 -43.93 -47.33 14.13
CA LEU A 287 -43.13 -46.22 14.61
C LEU A 287 -41.86 -46.07 13.78
N LEU A 288 -41.49 -44.83 13.48
CA LEU A 288 -40.27 -44.52 12.75
C LEU A 288 -39.27 -43.75 13.60
N ALA A 289 -39.71 -42.67 14.25
CA ALA A 289 -38.80 -41.89 15.06
C ALA A 289 -39.58 -41.20 16.18
N VAL A 290 -38.85 -40.77 17.21
CA VAL A 290 -39.43 -40.07 18.34
C VAL A 290 -38.45 -39.01 18.81
N ILE A 291 -38.98 -37.81 19.11
CA ILE A 291 -38.22 -36.73 19.72
C ILE A 291 -38.69 -36.66 21.18
N PRO A 292 -37.84 -37.02 22.14
CA PRO A 292 -38.34 -37.21 23.51
C PRO A 292 -38.52 -35.92 24.30
N GLY A 293 -37.80 -34.86 23.94
CA GLY A 293 -37.82 -33.66 24.75
C GLY A 293 -38.05 -32.35 24.04
N GLY A 294 -38.87 -32.34 22.99
CA GLY A 294 -39.13 -31.12 22.26
C GLY A 294 -38.11 -30.90 21.15
N SER A 295 -38.36 -29.84 20.39
CA SER A 295 -37.62 -29.60 19.16
C SER A 295 -36.12 -29.49 19.40
N SER A 296 -35.71 -29.05 20.59
CA SER A 296 -34.29 -28.87 20.85
C SER A 296 -33.56 -30.21 20.91
N THR A 297 -34.21 -31.24 21.45
CA THR A 297 -33.55 -32.53 21.60
C THR A 297 -33.44 -33.25 20.26
N PRO A 298 -32.33 -33.93 20.00
CA PRO A 298 -32.21 -34.71 18.76
C PRO A 298 -33.17 -35.89 18.76
N LEU A 299 -33.54 -36.33 17.56
CA LEU A 299 -34.43 -37.47 17.43
C LEU A 299 -33.68 -38.77 17.68
N ILE A 300 -34.45 -39.83 17.93
CA ILE A 300 -33.90 -41.18 18.07
C ILE A 300 -34.79 -42.15 17.30
N PRO A 301 -34.24 -43.23 16.75
CA PRO A 301 -35.06 -44.17 15.98
C PRO A 301 -35.77 -45.18 16.85
N LYS A 302 -36.46 -46.14 16.22
CA LYS A 302 -37.18 -47.16 16.97
C LYS A 302 -36.24 -48.07 17.75
N SER A 303 -35.06 -48.37 17.17
CA SER A 303 -34.20 -49.39 17.75
C SER A 303 -33.75 -49.01 19.16
N VAL A 304 -33.41 -47.74 19.38
CA VAL A 304 -32.97 -47.33 20.71
C VAL A 304 -34.14 -46.98 21.62
N CYS A 305 -35.25 -46.50 21.05
CA CYS A 305 -36.41 -46.16 21.88
C CYS A 305 -37.20 -47.38 22.29
N GLU A 306 -36.87 -48.56 21.78
CA GLU A 306 -37.49 -49.79 22.26
C GLU A 306 -37.27 -49.99 23.75
N THR A 307 -36.04 -49.77 24.21
CA THR A 307 -35.64 -50.08 25.59
C THR A 307 -34.88 -48.90 26.20
N VAL A 308 -35.44 -47.70 26.07
CA VAL A 308 -34.83 -46.51 26.65
C VAL A 308 -35.71 -46.01 27.79
N LEU A 309 -35.06 -45.48 28.83
CA LEU A 309 -35.74 -44.85 29.94
C LEU A 309 -35.92 -43.37 29.64
N MET A 310 -36.77 -42.70 30.43
CA MET A 310 -37.11 -41.31 30.20
C MET A 310 -36.67 -40.49 31.40
N ASP A 311 -35.41 -40.07 31.39
CA ASP A 311 -34.87 -39.14 32.38
C ASP A 311 -33.63 -38.50 31.77
N PHE A 312 -33.00 -37.59 32.51
CA PHE A 312 -31.88 -36.84 31.97
C PHE A 312 -30.74 -37.75 31.56
N ASP A 313 -30.30 -38.61 32.49
CA ASP A 313 -29.04 -39.32 32.29
C ASP A 313 -29.17 -40.43 31.25
N ALA A 314 -30.26 -41.19 31.30
CA ALA A 314 -30.42 -42.29 30.35
C ALA A 314 -30.63 -41.77 28.93
N LEU A 315 -31.24 -40.59 28.80
CA LEU A 315 -31.40 -40.00 27.48
C LEU A 315 -30.10 -39.37 26.98
N VAL A 316 -29.29 -38.82 27.89
CA VAL A 316 -27.95 -38.38 27.49
C VAL A 316 -27.13 -39.58 27.02
N GLN A 317 -27.31 -40.73 27.67
CA GLN A 317 -26.65 -41.95 27.20
C GLN A 317 -27.07 -42.29 25.77
N ALA A 318 -28.31 -41.96 25.39
CA ALA A 318 -28.78 -42.11 24.02
C ALA A 318 -28.45 -40.89 23.17
N GLN A 319 -27.51 -40.04 23.62
CA GLN A 319 -27.03 -38.89 22.87
C GLN A 319 -28.12 -37.86 22.58
N THR A 320 -29.17 -37.83 23.40
CA THR A 320 -30.27 -36.90 23.16
C THR A 320 -30.50 -35.92 24.30
N GLY A 321 -30.72 -36.41 25.51
CA GLY A 321 -31.10 -35.53 26.61
C GLY A 321 -32.60 -35.44 26.78
N LEU A 322 -33.05 -35.29 28.02
CA LEU A 322 -34.48 -35.25 28.30
C LEU A 322 -35.12 -33.97 27.81
N GLY A 323 -34.45 -32.84 27.99
CA GLY A 323 -35.03 -31.56 27.59
C GLY A 323 -36.23 -31.23 28.45
N THR A 324 -37.35 -30.91 27.79
CA THR A 324 -38.57 -30.49 28.46
C THR A 324 -39.61 -31.61 28.51
N ALA A 325 -39.21 -32.85 28.22
CA ALA A 325 -40.08 -34.02 28.27
C ALA A 325 -41.31 -33.85 27.37
N ALA A 326 -41.06 -33.40 26.15
CA ALA A 326 -42.10 -33.22 25.14
C ALA A 326 -41.89 -34.28 24.06
N VAL A 327 -42.68 -35.35 24.11
CA VAL A 327 -42.55 -36.47 23.20
C VAL A 327 -43.33 -36.16 21.93
N ILE A 328 -42.65 -36.19 20.79
CA ILE A 328 -43.26 -36.03 19.48
C ILE A 328 -42.92 -37.26 18.65
N VAL A 329 -43.92 -38.01 18.23
CA VAL A 329 -43.69 -39.28 17.57
C VAL A 329 -44.02 -39.17 16.08
N MET A 330 -43.34 -39.96 15.27
CA MET A 330 -43.54 -40.00 13.83
C MET A 330 -43.52 -41.45 13.37
N ASP A 331 -44.59 -41.87 12.68
CA ASP A 331 -44.67 -43.22 12.16
C ASP A 331 -43.93 -43.31 10.82
N ARG A 332 -44.03 -44.47 10.18
CA ARG A 332 -43.27 -44.73 8.96
C ARG A 332 -43.92 -44.13 7.72
N SER A 333 -45.06 -43.45 7.85
CA SER A 333 -45.77 -42.87 6.72
C SER A 333 -45.57 -41.36 6.61
N THR A 334 -44.40 -40.86 7.01
CA THR A 334 -44.16 -39.43 7.00
C THR A 334 -42.76 -39.15 6.48
N ASP A 335 -42.55 -37.91 6.07
CA ASP A 335 -41.26 -37.42 5.59
C ASP A 335 -40.52 -36.82 6.79
N ILE A 336 -39.56 -37.58 7.32
CA ILE A 336 -38.82 -37.11 8.48
C ILE A 336 -37.93 -35.92 8.12
N VAL A 337 -37.39 -35.92 6.90
CA VAL A 337 -36.59 -34.79 6.45
C VAL A 337 -37.43 -33.52 6.41
N LYS A 338 -38.68 -33.64 5.96
CA LYS A 338 -39.59 -32.49 5.95
C LYS A 338 -39.84 -31.98 7.36
N ALA A 339 -40.02 -32.87 8.33
CA ALA A 339 -40.26 -32.44 9.71
C ALA A 339 -39.04 -31.73 10.29
N ILE A 340 -37.85 -32.28 10.08
CA ILE A 340 -36.66 -31.63 10.61
C ILE A 340 -36.41 -30.30 9.92
N ALA A 341 -36.71 -30.23 8.62
CA ALA A 341 -36.59 -28.96 7.91
C ALA A 341 -37.58 -27.93 8.46
N ARG A 342 -38.79 -28.35 8.80
CA ARG A 342 -39.74 -27.44 9.43
C ARG A 342 -39.22 -26.94 10.77
N LEU A 343 -38.62 -27.83 11.56
CA LEU A 343 -38.05 -27.40 12.84
C LEU A 343 -36.93 -26.38 12.64
N ILE A 344 -36.07 -26.62 11.65
CA ILE A 344 -34.99 -25.69 11.39
C ILE A 344 -35.53 -24.36 10.88
N GLU A 345 -36.61 -24.39 10.10
CA GLU A 345 -37.25 -23.14 9.68
C GLU A 345 -37.83 -22.39 10.86
N PHE A 346 -38.42 -23.11 11.82
CA PHE A 346 -38.91 -22.48 13.03
C PHE A 346 -37.78 -21.80 13.79
N TYR A 347 -36.66 -22.50 13.93
CA TYR A 347 -35.52 -21.92 14.63
C TYR A 347 -34.96 -20.71 13.89
N LYS A 348 -35.01 -20.75 12.56
CA LYS A 348 -34.59 -19.59 11.78
C LYS A 348 -35.51 -18.41 12.01
N HIS A 349 -36.81 -18.67 12.12
CA HIS A 349 -37.77 -17.59 12.38
C HIS A 349 -37.63 -17.03 13.78
N GLU A 350 -37.24 -17.85 14.75
CA GLU A 350 -37.31 -17.45 16.15
C GLU A 350 -35.95 -17.10 16.77
N SER A 351 -34.90 -16.95 15.97
CA SER A 351 -33.64 -16.48 16.50
C SER A 351 -33.60 -14.96 16.51
N CYS A 352 -33.12 -14.38 17.61
CA CYS A 352 -33.07 -12.92 17.69
C CYS A 352 -32.05 -12.35 16.73
N GLY A 353 -30.94 -13.05 16.51
CA GLY A 353 -29.97 -12.66 15.51
C GLY A 353 -28.94 -11.65 15.94
N GLN A 354 -28.61 -11.58 17.24
CA GLN A 354 -27.61 -10.60 17.67
C GLN A 354 -26.20 -11.11 17.47
N CYS A 355 -25.97 -12.42 17.59
CA CYS A 355 -24.65 -12.99 17.43
C CYS A 355 -24.53 -13.67 16.07
N THR A 356 -23.35 -13.54 15.45
CA THR A 356 -23.18 -14.01 14.08
C THR A 356 -23.41 -15.52 13.90
N PRO A 357 -22.90 -16.42 14.77
CA PRO A 357 -23.07 -17.85 14.51
C PRO A 357 -24.54 -18.25 14.39
N CYS A 358 -25.35 -17.99 15.41
CA CYS A 358 -26.74 -18.41 15.36
C CYS A 358 -27.44 -17.81 14.14
N ARG A 359 -27.37 -16.49 13.98
CA ARG A 359 -28.08 -15.83 12.90
C ARG A 359 -27.69 -16.40 11.54
N GLU A 360 -26.41 -16.20 11.17
CA GLU A 360 -25.97 -16.58 9.82
C GLU A 360 -26.03 -18.08 9.61
N GLY A 361 -25.46 -18.85 10.54
CA GLY A 361 -25.41 -20.29 10.37
C GLY A 361 -26.77 -20.96 10.39
N VAL A 362 -27.70 -20.46 11.20
CA VAL A 362 -29.04 -21.05 11.23
C VAL A 362 -29.79 -20.73 9.94
N ASP A 363 -29.64 -19.53 9.40
CA ASP A 363 -30.22 -19.30 8.07
C ASP A 363 -29.60 -20.21 7.02
N TRP A 364 -28.28 -20.40 7.09
CA TRP A 364 -27.59 -21.30 6.18
C TRP A 364 -28.09 -22.72 6.30
N MET A 365 -28.25 -23.22 7.52
CA MET A 365 -28.77 -24.56 7.74
C MET A 365 -30.20 -24.70 7.25
N ASN A 366 -31.01 -23.66 7.45
CA ASN A 366 -32.37 -23.69 6.94
C ASN A 366 -32.38 -23.82 5.42
N LYS A 367 -31.52 -23.06 4.74
CA LYS A 367 -31.43 -23.17 3.28
C LYS A 367 -30.96 -24.55 2.85
N VAL A 368 -29.96 -25.11 3.55
CA VAL A 368 -29.44 -26.42 3.18
C VAL A 368 -30.50 -27.50 3.37
N MET A 369 -31.24 -27.45 4.48
CA MET A 369 -32.33 -28.41 4.68
C MET A 369 -33.44 -28.25 3.65
N ALA A 370 -33.81 -27.00 3.32
CA ALA A 370 -34.81 -26.81 2.27
C ALA A 370 -34.34 -27.43 0.97
N ARG A 371 -33.05 -27.33 0.68
CA ARG A 371 -32.52 -27.98 -0.52
C ARG A 371 -32.49 -29.50 -0.39
N PHE A 372 -32.25 -30.01 0.81
CA PHE A 372 -32.27 -31.47 1.00
C PHE A 372 -33.65 -32.05 0.81
N VAL A 373 -34.69 -31.32 1.21
CA VAL A 373 -36.05 -31.87 1.20
C VAL A 373 -36.42 -32.35 -0.19
N LYS A 374 -36.06 -31.59 -1.22
CA LYS A 374 -36.30 -32.02 -2.59
C LYS A 374 -35.12 -32.79 -3.18
N GLY A 375 -34.06 -33.03 -2.41
CA GLY A 375 -32.93 -33.79 -2.90
C GLY A 375 -32.05 -33.06 -3.88
N ASP A 376 -32.07 -31.73 -3.89
CA ASP A 376 -31.36 -30.93 -4.87
C ASP A 376 -29.85 -30.89 -4.65
N ALA A 377 -29.36 -31.37 -3.51
CA ALA A 377 -27.95 -31.29 -3.20
C ALA A 377 -27.24 -32.60 -3.58
N ARG A 378 -25.99 -32.74 -3.17
CA ARG A 378 -25.17 -33.92 -3.41
C ARG A 378 -24.64 -34.43 -2.09
N PRO A 379 -24.34 -35.74 -2.00
CA PRO A 379 -23.96 -36.31 -0.69
C PRO A 379 -22.75 -35.67 -0.05
N ALA A 380 -21.80 -35.16 -0.83
CA ALA A 380 -20.62 -34.51 -0.27
C ALA A 380 -20.98 -33.31 0.59
N GLU A 381 -22.16 -32.74 0.41
CA GLU A 381 -22.63 -31.63 1.23
C GLU A 381 -23.07 -32.06 2.62
N ILE A 382 -23.51 -33.31 2.79
CA ILE A 382 -24.04 -33.73 4.09
C ILE A 382 -23.01 -33.52 5.18
N ASP A 383 -21.79 -34.02 4.98
CA ASP A 383 -20.73 -33.80 5.95
C ASP A 383 -20.50 -32.31 6.16
N SER A 384 -20.50 -31.54 5.08
CA SER A 384 -20.38 -30.09 5.21
C SER A 384 -21.42 -29.54 6.17
N LEU A 385 -22.68 -29.94 6.00
CA LEU A 385 -23.73 -29.49 6.91
C LEU A 385 -23.38 -29.87 8.34
N TRP A 386 -22.92 -31.11 8.55
CA TRP A 386 -22.49 -31.52 9.87
C TRP A 386 -21.47 -30.52 10.43
N GLU A 387 -20.44 -30.21 9.63
CA GLU A 387 -19.43 -29.25 10.07
C GLU A 387 -20.07 -27.93 10.44
N ILE A 388 -21.01 -27.45 9.62
CA ILE A 388 -21.65 -26.17 9.92
C ILE A 388 -22.30 -26.21 11.28
N SER A 389 -22.97 -27.31 11.61
CA SER A 389 -23.61 -27.41 12.92
C SER A 389 -22.58 -27.29 14.03
N LYS A 390 -21.44 -27.95 13.86
CA LYS A 390 -20.42 -27.91 14.90
C LYS A 390 -19.84 -26.51 15.05
N GLN A 391 -19.97 -25.69 14.00
CA GLN A 391 -19.54 -24.30 14.12
C GLN A 391 -20.55 -23.47 14.89
N ILE A 392 -21.84 -23.80 14.78
CA ILE A 392 -22.86 -23.09 15.54
C ILE A 392 -22.85 -23.54 16.99
N GLU A 393 -22.73 -24.84 17.21
CA GLU A 393 -22.86 -25.40 18.54
C GLU A 393 -21.67 -25.01 19.42
N GLY A 394 -21.96 -24.39 20.55
CA GLY A 394 -20.95 -24.01 21.51
C GLY A 394 -20.27 -22.68 21.24
N HIS A 395 -20.58 -22.01 20.14
CA HIS A 395 -19.96 -20.74 19.81
C HIS A 395 -20.92 -19.56 19.93
N THR A 396 -22.20 -19.79 20.15
CA THR A 396 -23.19 -18.75 20.25
C THR A 396 -23.26 -18.22 21.68
N ILE A 397 -24.09 -17.20 21.89
CA ILE A 397 -24.27 -16.63 23.22
C ILE A 397 -25.15 -17.52 24.08
N CYS A 398 -26.35 -17.83 23.58
CA CYS A 398 -27.32 -18.64 24.31
C CYS A 398 -27.45 -20.01 23.66
N ALA A 399 -28.37 -20.81 24.19
CA ALA A 399 -28.51 -22.21 23.79
C ALA A 399 -29.48 -22.39 22.63
N LEU A 400 -30.01 -21.32 22.04
CA LEU A 400 -30.83 -21.48 20.85
C LEU A 400 -30.02 -22.01 19.68
N GLY A 401 -28.78 -21.57 19.54
CA GLY A 401 -27.92 -22.13 18.51
C GLY A 401 -27.66 -23.61 18.70
N ASP A 402 -27.45 -24.03 19.96
CA ASP A 402 -27.32 -25.45 20.25
C ASP A 402 -28.59 -26.20 19.92
N GLY A 403 -29.74 -25.63 20.27
CA GLY A 403 -31.02 -26.28 20.02
C GLY A 403 -31.41 -26.30 18.57
N ALA A 404 -30.77 -25.47 17.74
CA ALA A 404 -30.96 -25.56 16.30
C ALA A 404 -29.95 -26.48 15.64
N ALA A 405 -28.77 -26.62 16.24
CA ALA A 405 -27.76 -27.53 15.69
C ALA A 405 -28.09 -28.99 15.98
N TRP A 406 -28.63 -29.27 17.16
CA TRP A 406 -28.85 -30.67 17.55
C TRP A 406 -29.82 -31.43 16.65
N PRO A 407 -30.99 -30.89 16.28
CA PRO A 407 -31.89 -31.67 15.40
C PRO A 407 -31.26 -32.05 14.07
N VAL A 408 -30.48 -31.16 13.46
CA VAL A 408 -29.79 -31.50 12.22
C VAL A 408 -28.80 -32.63 12.47
N GLN A 409 -28.07 -32.56 13.58
CA GLN A 409 -27.09 -33.59 13.90
C GLN A 409 -27.76 -34.94 14.08
N GLY A 410 -28.89 -34.97 14.80
CA GLY A 410 -29.58 -36.22 15.00
C GLY A 410 -30.16 -36.78 13.71
N LEU A 411 -30.76 -35.92 12.89
CA LEU A 411 -31.31 -36.37 11.61
C LEU A 411 -30.21 -36.97 10.74
N ILE A 412 -29.08 -36.28 10.62
CA ILE A 412 -27.98 -36.80 9.80
C ILE A 412 -27.48 -38.12 10.36
N ARG A 413 -27.19 -38.14 11.67
CA ARG A 413 -26.59 -39.31 12.30
C ARG A 413 -27.47 -40.54 12.18
N HIS A 414 -28.79 -40.38 12.20
CA HIS A 414 -29.66 -41.55 12.22
C HIS A 414 -30.30 -41.87 10.88
N PHE A 415 -30.39 -40.92 9.94
CA PHE A 415 -30.97 -41.21 8.64
C PHE A 415 -30.17 -40.58 7.52
N ARG A 416 -28.84 -40.69 7.58
CA ARG A 416 -28.04 -40.42 6.38
C ARG A 416 -28.46 -41.25 5.17
N PRO A 417 -28.76 -42.55 5.29
CA PRO A 417 -29.23 -43.29 4.10
C PRO A 417 -30.47 -42.70 3.45
N GLU A 418 -31.40 -42.15 4.24
CA GLU A 418 -32.59 -41.55 3.66
C GLU A 418 -32.24 -40.34 2.80
N LEU A 419 -31.38 -39.47 3.31
CA LEU A 419 -30.93 -38.30 2.54
C LEU A 419 -30.20 -38.73 1.29
N GLU A 420 -29.31 -39.72 1.40
CA GLU A 420 -28.58 -40.18 0.23
C GLU A 420 -29.51 -40.77 -0.82
N GLU A 421 -30.49 -41.56 -0.40
CA GLU A 421 -31.45 -42.13 -1.34
C GLU A 421 -32.27 -41.04 -2.02
N ARG A 422 -32.69 -40.03 -1.26
CA ARG A 422 -33.45 -38.94 -1.87
C ARG A 422 -32.61 -38.18 -2.90
N MET A 423 -31.33 -37.95 -2.58
CA MET A 423 -30.44 -37.29 -3.53
C MET A 423 -30.27 -38.13 -4.80
N GLN A 424 -30.09 -39.44 -4.64
CA GLN A 424 -29.96 -40.30 -5.82
C GLN A 424 -31.22 -40.27 -6.66
N GLN A 425 -32.39 -40.30 -6.02
CA GLN A 425 -33.64 -40.26 -6.77
C GLN A 425 -33.78 -38.96 -7.53
N PHE A 426 -33.45 -37.83 -6.90
CA PHE A 426 -33.53 -36.54 -7.59
C PHE A 426 -32.58 -36.48 -8.77
N ALA A 427 -31.34 -36.95 -8.56
CA ALA A 427 -30.36 -36.92 -9.64
C ALA A 427 -30.79 -37.79 -10.81
N LEU A 428 -31.37 -38.96 -10.53
CA LEU A 428 -31.85 -39.83 -11.60
C LEU A 428 -33.02 -39.19 -12.34
N GLN A 429 -33.98 -38.60 -11.62
CA GLN A 429 -35.19 -38.16 -12.29
C GLN A 429 -34.95 -36.86 -13.06
N HIS A 430 -34.08 -35.99 -12.56
CA HIS A 430 -33.75 -34.77 -13.30
C HIS A 430 -32.65 -34.98 -14.35
N GLN A 431 -31.83 -36.02 -14.21
CA GLN A 431 -30.72 -36.29 -15.11
C GLN A 431 -29.80 -35.08 -15.25
N THR B 1 25.21 -40.28 -13.57
CA THR B 1 26.13 -40.78 -14.58
C THR B 1 26.78 -39.63 -15.34
N TYR B 2 27.86 -39.92 -16.07
CA TYR B 2 28.60 -38.89 -16.77
C TYR B 2 29.23 -39.48 -18.03
N LYS B 3 29.55 -38.61 -18.97
CA LYS B 3 30.15 -39.00 -20.24
C LYS B 3 31.49 -38.30 -20.41
N PHE B 4 32.34 -38.89 -21.24
CA PHE B 4 33.59 -38.28 -21.67
C PHE B 4 33.41 -37.77 -23.09
N VAL B 5 33.84 -36.53 -23.33
CA VAL B 5 33.63 -35.91 -24.64
C VAL B 5 34.84 -36.08 -25.53
N ASN B 6 36.04 -36.01 -24.95
CA ASN B 6 37.28 -35.94 -25.73
C ASN B 6 38.37 -36.84 -25.15
N MET B 7 38.03 -38.07 -24.79
CA MET B 7 39.07 -39.01 -24.40
C MET B 7 39.17 -40.17 -25.37
N ARG B 8 39.12 -39.86 -26.66
CA ARG B 8 39.29 -40.85 -27.71
C ARG B 8 40.74 -40.88 -28.16
N GLU B 9 41.35 -42.07 -28.11
CA GLU B 9 42.75 -42.23 -28.45
C GLU B 9 42.86 -42.63 -29.91
N PRO B 10 43.47 -41.81 -30.77
CA PRO B 10 43.62 -42.20 -32.17
C PRO B 10 44.55 -43.40 -32.32
N SER B 11 44.26 -44.22 -33.33
CA SER B 11 45.09 -45.39 -33.61
C SER B 11 46.39 -44.98 -34.28
N MET B 12 47.45 -45.71 -33.96
CA MET B 12 48.78 -45.38 -34.46
C MET B 12 49.30 -46.39 -35.48
N ASP B 13 48.41 -47.22 -36.04
CA ASP B 13 48.81 -48.11 -37.12
C ASP B 13 48.99 -47.31 -38.41
N MET B 14 49.55 -47.97 -39.42
CA MET B 14 49.87 -47.27 -40.65
C MET B 14 48.61 -46.83 -41.41
N LYS B 15 47.53 -47.61 -41.33
CA LYS B 15 46.33 -47.22 -42.06
C LYS B 15 45.69 -45.96 -41.49
N SER B 16 45.55 -45.88 -40.17
CA SER B 16 44.97 -44.69 -39.55
C SER B 16 45.87 -43.47 -39.75
N VAL B 17 47.18 -43.66 -39.63
CA VAL B 17 48.12 -42.56 -39.84
C VAL B 17 48.03 -42.06 -41.29
N THR B 18 47.93 -42.99 -42.24
CA THR B 18 47.78 -42.60 -43.64
C THR B 18 46.47 -41.89 -43.89
N ASP B 19 45.39 -42.34 -43.25
CA ASP B 19 44.10 -41.65 -43.39
C ASP B 19 44.19 -40.23 -42.85
N ARG B 20 44.83 -40.05 -41.69
CA ARG B 20 45.00 -38.72 -41.13
C ARG B 20 45.88 -37.85 -42.02
N ALA B 21 46.93 -38.43 -42.60
CA ALA B 21 47.79 -37.68 -43.51
C ALA B 21 47.04 -37.25 -44.76
N ALA B 22 46.21 -38.15 -45.31
CA ALA B 22 45.39 -37.80 -46.46
C ALA B 22 44.38 -36.72 -46.11
N GLN B 23 43.82 -36.77 -44.90
CA GLN B 23 42.91 -35.73 -44.44
C GLN B 23 43.61 -34.39 -44.35
N THR B 24 44.84 -34.39 -43.84
CA THR B 24 45.61 -33.15 -43.71
C THR B 24 45.98 -32.59 -45.09
N LEU B 25 46.42 -33.45 -46.00
CA LEU B 25 46.98 -32.99 -47.26
C LEU B 25 45.93 -32.73 -48.34
N LEU B 26 44.75 -33.35 -48.27
CA LEU B 26 43.74 -33.20 -49.29
C LEU B 26 42.51 -32.45 -48.81
N TRP B 27 42.45 -32.06 -47.54
CA TRP B 27 41.38 -31.23 -46.99
C TRP B 27 40.01 -31.89 -47.16
N THR B 28 39.87 -33.07 -46.57
CA THR B 28 38.60 -33.79 -46.70
C THR B 28 37.49 -33.16 -45.85
N GLU B 29 37.82 -32.77 -44.62
CA GLU B 29 36.78 -32.22 -43.73
C GLU B 29 36.32 -30.83 -44.18
N LEU B 30 37.22 -30.04 -44.77
CA LEU B 30 36.82 -28.75 -45.30
C LEU B 30 35.85 -28.92 -46.47
N VAL B 31 36.12 -29.90 -47.34
CA VAL B 31 35.21 -30.18 -48.45
C VAL B 31 33.89 -30.74 -47.90
N ARG B 32 33.94 -31.47 -46.81
CA ARG B 32 32.72 -31.96 -46.16
C ARG B 32 31.86 -30.79 -45.67
N GLY B 33 32.49 -29.79 -45.05
CA GLY B 33 31.74 -28.60 -44.67
C GLY B 33 31.20 -27.85 -45.87
N LEU B 34 31.97 -27.76 -46.94
CA LEU B 34 31.48 -27.15 -48.18
C LEU B 34 30.25 -27.89 -48.69
N GLY B 35 30.27 -29.22 -48.60
CA GLY B 35 29.13 -29.99 -49.03
C GLY B 35 27.90 -29.74 -48.17
N MET B 36 28.10 -29.58 -46.87
CA MET B 36 26.96 -29.27 -46.00
C MET B 36 26.34 -27.93 -46.35
N THR B 37 27.19 -26.92 -46.58
CA THR B 37 26.66 -25.61 -46.96
C THR B 37 25.97 -25.65 -48.31
N LEU B 38 26.54 -26.39 -49.27
CA LEU B 38 25.89 -26.55 -50.57
C LEU B 38 24.54 -27.22 -50.44
N SER B 39 24.44 -28.24 -49.59
CA SER B 39 23.16 -28.89 -49.36
C SER B 39 22.15 -27.91 -48.78
N TYR B 40 22.59 -27.06 -47.85
CA TYR B 40 21.66 -26.10 -47.28
C TYR B 40 21.25 -25.02 -48.28
N LEU B 41 22.06 -24.78 -49.32
CA LEU B 41 21.69 -23.77 -50.31
C LEU B 41 20.48 -24.20 -51.12
N PHE B 42 20.28 -25.51 -51.31
CA PHE B 42 19.27 -26.02 -52.23
C PHE B 42 17.95 -26.35 -51.54
N ARG B 43 17.70 -25.84 -50.35
CA ARG B 43 16.45 -26.07 -49.66
C ARG B 43 15.73 -24.74 -49.44
N GLU B 44 14.42 -24.83 -49.27
CA GLU B 44 13.60 -23.63 -49.22
C GLU B 44 13.96 -22.78 -48.00
N PRO B 45 14.07 -21.46 -48.16
CA PRO B 45 14.33 -20.59 -47.01
C PRO B 45 13.14 -20.52 -46.08
N ALA B 46 13.40 -20.01 -44.88
CA ALA B 46 12.39 -19.90 -43.83
C ALA B 46 11.81 -18.49 -43.74
N THR B 47 12.05 -17.64 -44.73
CA THR B 47 11.64 -16.25 -44.66
C THR B 47 10.18 -16.08 -45.07
N ILE B 48 9.49 -15.19 -44.36
CA ILE B 48 8.12 -14.80 -44.69
C ILE B 48 8.14 -13.40 -45.28
N ASN B 49 7.24 -13.15 -46.22
CA ASN B 49 7.25 -11.90 -46.97
C ASN B 49 6.43 -10.86 -46.21
N TYR B 50 7.04 -10.32 -45.16
CA TYR B 50 6.46 -9.22 -44.42
C TYR B 50 6.36 -7.99 -45.32
N PRO B 51 5.30 -7.17 -45.18
CA PRO B 51 4.16 -7.26 -44.27
C PRO B 51 2.96 -8.02 -44.82
N PHE B 52 3.19 -8.90 -45.79
CA PHE B 52 2.08 -9.63 -46.39
C PHE B 52 1.78 -10.92 -45.63
N GLU B 53 2.80 -11.64 -45.20
CA GLU B 53 2.64 -12.72 -44.23
C GLU B 53 3.07 -12.24 -42.84
N LYS B 54 2.41 -12.76 -41.82
CA LYS B 54 2.65 -12.38 -40.44
C LYS B 54 3.03 -13.61 -39.63
N GLY B 55 3.92 -13.40 -38.66
CA GLY B 55 4.33 -14.47 -37.77
C GLY B 55 3.20 -14.96 -36.91
N PRO B 56 3.18 -16.27 -36.64
CA PRO B 56 2.07 -16.84 -35.86
C PRO B 56 2.03 -16.31 -34.44
N LEU B 57 0.81 -16.11 -33.95
CA LEU B 57 0.57 -15.65 -32.59
C LEU B 57 -0.54 -16.49 -31.97
N SER B 58 -0.86 -16.20 -30.72
CA SER B 58 -1.80 -16.98 -29.94
C SER B 58 -2.75 -16.03 -29.21
N PRO B 59 -3.90 -16.54 -28.76
CA PRO B 59 -4.81 -15.68 -27.98
C PRO B 59 -4.18 -15.10 -26.72
N ARG B 60 -3.17 -15.75 -26.14
CA ARG B 60 -2.53 -15.24 -24.94
C ARG B 60 -1.58 -14.09 -25.23
N PHE B 61 -1.30 -13.79 -26.50
CA PHE B 61 -0.35 -12.74 -26.83
C PHE B 61 -0.82 -11.39 -26.30
N ARG B 62 0.12 -10.61 -25.79
CA ARG B 62 -0.18 -9.35 -25.15
C ARG B 62 0.63 -8.23 -25.79
N GLY B 63 -0.07 -7.30 -26.44
CA GLY B 63 0.55 -6.17 -27.10
C GLY B 63 0.08 -4.83 -26.58
N GLU B 64 -0.61 -4.07 -27.43
CA GLU B 64 -1.09 -2.75 -27.01
C GLU B 64 -2.30 -2.88 -26.09
N HIS B 65 -2.38 -1.96 -25.13
CA HIS B 65 -3.44 -1.99 -24.13
C HIS B 65 -4.74 -1.41 -24.67
N ALA B 66 -5.83 -1.75 -23.98
CA ALA B 66 -7.15 -1.25 -24.35
C ALA B 66 -8.04 -1.28 -23.10
N LEU B 67 -9.02 -0.38 -23.09
CA LEU B 67 -10.05 -0.33 -22.06
C LEU B 67 -11.37 -0.76 -22.67
N ARG B 68 -11.97 -1.81 -22.13
CA ARG B 68 -13.18 -2.38 -22.70
C ARG B 68 -14.42 -1.82 -22.02
N ARG B 69 -15.58 -2.20 -22.55
CA ARG B 69 -16.85 -1.75 -22.02
C ARG B 69 -17.88 -2.86 -22.18
N TYR B 70 -18.99 -2.72 -21.46
CA TYR B 70 -20.03 -3.72 -21.45
C TYR B 70 -20.80 -3.72 -22.76
N PRO B 71 -21.55 -4.79 -23.06
CA PRO B 71 -22.35 -4.80 -24.29
C PRO B 71 -23.32 -3.65 -24.40
N SER B 72 -23.79 -3.13 -23.26
CA SER B 72 -24.63 -1.93 -23.30
C SER B 72 -23.86 -0.73 -23.82
N GLY B 73 -22.53 -0.76 -23.74
CA GLY B 73 -21.70 0.35 -24.15
C GLY B 73 -21.17 1.20 -23.02
N GLU B 74 -21.27 0.75 -21.79
CA GLU B 74 -20.84 1.53 -20.63
C GLU B 74 -19.57 0.90 -20.05
N GLU B 75 -18.55 1.73 -19.82
CA GLU B 75 -17.21 1.22 -19.58
C GLU B 75 -17.14 0.35 -18.33
N ARG B 76 -16.34 -0.73 -18.42
CA ARG B 76 -16.24 -1.69 -17.35
C ARG B 76 -15.44 -1.18 -16.16
N CYS B 77 -14.54 -0.23 -16.36
CA CYS B 77 -13.65 0.20 -15.29
C CYS B 77 -14.43 0.87 -14.17
N ILE B 78 -14.18 0.41 -12.95
CA ILE B 78 -14.84 0.90 -11.74
C ILE B 78 -13.87 1.59 -10.79
N ALA B 79 -12.67 1.93 -11.27
CA ALA B 79 -11.69 2.69 -10.50
C ALA B 79 -11.31 1.98 -9.21
N CYS B 80 -11.21 0.65 -9.26
CA CYS B 80 -10.77 -0.09 -8.08
C CYS B 80 -9.29 0.09 -7.82
N LYS B 81 -8.51 0.47 -8.83
CA LYS B 81 -7.10 0.80 -8.72
C LYS B 81 -6.23 -0.40 -8.36
N LEU B 82 -6.68 -1.61 -8.69
CA LEU B 82 -5.85 -2.79 -8.49
C LEU B 82 -4.77 -2.90 -9.55
N CYS B 83 -5.09 -2.52 -10.79
CA CYS B 83 -4.09 -2.52 -11.86
C CYS B 83 -2.97 -1.53 -11.54
N GLU B 84 -3.32 -0.40 -10.96
CA GLU B 84 -2.33 0.59 -10.56
C GLU B 84 -1.43 0.06 -9.46
N ALA B 85 -2.01 -0.70 -8.52
CA ALA B 85 -1.24 -1.21 -7.39
C ALA B 85 -0.36 -2.38 -7.79
N VAL B 86 -0.79 -3.22 -8.73
CA VAL B 86 0.00 -4.39 -9.11
C VAL B 86 1.09 -4.06 -10.12
N CYS B 87 0.97 -2.94 -10.85
CA CYS B 87 1.90 -2.60 -11.92
C CYS B 87 3.34 -2.59 -11.44
N PRO B 88 4.17 -3.52 -11.91
CA PRO B 88 5.57 -3.56 -11.45
C PRO B 88 6.35 -2.31 -11.81
N ALA B 89 6.03 -1.65 -12.92
CA ALA B 89 6.80 -0.51 -13.40
C ALA B 89 6.19 0.83 -13.02
N GLN B 90 5.09 0.84 -12.26
CA GLN B 90 4.39 2.07 -11.88
C GLN B 90 4.01 2.89 -13.11
N ALA B 91 3.50 2.20 -14.13
CA ALA B 91 3.18 2.83 -15.41
C ALA B 91 1.73 3.25 -15.52
N ILE B 92 0.93 3.11 -14.47
CA ILE B 92 -0.50 3.44 -14.51
C ILE B 92 -0.77 4.53 -13.50
N THR B 93 -1.51 5.55 -13.92
CA THR B 93 -1.96 6.63 -13.06
C THR B 93 -3.47 6.75 -13.17
N ILE B 94 -4.15 6.72 -12.02
CA ILE B 94 -5.61 6.68 -11.98
C ILE B 94 -6.12 7.76 -11.04
N GLU B 95 -7.17 8.46 -11.46
CA GLU B 95 -7.93 9.36 -10.60
C GLU B 95 -9.42 9.15 -10.85
N ALA B 96 -10.19 9.14 -9.76
CA ALA B 96 -11.59 8.81 -9.81
C ALA B 96 -12.41 9.83 -9.05
N GLU B 97 -13.72 9.77 -9.25
CA GLU B 97 -14.69 10.59 -8.54
C GLU B 97 -16.09 10.07 -8.88
N PRO B 98 -17.09 10.36 -8.05
CA PRO B 98 -18.47 9.99 -8.41
C PRO B 98 -18.92 10.75 -9.64
N ARG B 99 -19.66 10.04 -10.51
CA ARG B 99 -20.13 10.64 -11.75
C ARG B 99 -21.43 11.40 -11.50
N ALA B 100 -22.06 11.87 -12.57
CA ALA B 100 -23.32 12.59 -12.43
C ALA B 100 -24.42 11.69 -11.87
N ASP B 101 -24.40 10.40 -12.22
CA ASP B 101 -25.34 9.44 -11.72
C ASP B 101 -24.83 8.70 -10.48
N GLY B 102 -23.69 9.10 -9.95
CA GLY B 102 -23.13 8.46 -8.78
C GLY B 102 -22.30 7.23 -9.04
N SER B 103 -22.01 6.93 -10.31
CA SER B 103 -21.21 5.76 -10.65
C SER B 103 -19.74 5.97 -10.28
N ARG B 104 -19.10 4.87 -9.89
CA ARG B 104 -17.69 4.88 -9.52
C ARG B 104 -16.86 4.73 -10.79
N ARG B 105 -16.42 5.85 -11.36
CA ARG B 105 -15.74 5.84 -12.63
C ARG B 105 -14.48 6.67 -12.55
N THR B 106 -13.54 6.38 -13.45
CA THR B 106 -12.27 7.08 -13.51
C THR B 106 -12.42 8.38 -14.28
N THR B 107 -11.86 9.46 -13.73
CA THR B 107 -11.72 10.70 -14.47
C THR B 107 -10.34 10.85 -15.09
N ARG B 108 -9.40 9.99 -14.73
CA ARG B 108 -8.07 9.99 -15.32
C ARG B 108 -7.53 8.58 -15.31
N TYR B 109 -7.08 8.09 -16.47
CA TYR B 109 -6.50 6.75 -16.55
C TYR B 109 -5.40 6.80 -17.62
N ASP B 110 -4.17 6.97 -17.17
CA ASP B 110 -3.02 7.07 -18.06
C ASP B 110 -2.12 5.86 -17.90
N ILE B 111 -1.61 5.38 -19.02
CA ILE B 111 -0.55 4.37 -19.03
C ILE B 111 0.62 4.94 -19.79
N ASP B 112 1.80 4.95 -19.16
CA ASP B 112 3.04 5.36 -19.81
C ASP B 112 3.61 4.14 -20.52
N MET B 113 3.46 4.10 -21.85
CA MET B 113 3.91 2.95 -22.61
C MET B 113 5.42 2.90 -22.78
N THR B 114 6.13 3.96 -22.40
CA THR B 114 7.58 3.92 -22.31
C THR B 114 8.07 3.40 -20.96
N LYS B 115 7.20 3.34 -19.96
CA LYS B 115 7.50 2.69 -18.70
C LYS B 115 6.97 1.27 -18.61
N CYS B 116 5.98 0.93 -19.45
CA CYS B 116 5.35 -0.37 -19.38
C CYS B 116 6.32 -1.47 -19.82
N ILE B 117 6.23 -2.61 -19.15
CA ILE B 117 7.02 -3.80 -19.47
C ILE B 117 6.18 -4.91 -20.06
N TYR B 118 4.89 -4.67 -20.28
CA TYR B 118 4.03 -5.59 -21.02
C TYR B 118 4.01 -6.97 -20.39
N CYS B 119 3.88 -7.00 -19.07
CA CYS B 119 3.84 -8.24 -18.30
C CYS B 119 2.44 -8.83 -18.19
N GLY B 120 1.40 -8.03 -18.38
CA GLY B 120 0.04 -8.51 -18.29
C GLY B 120 -0.52 -8.61 -16.89
N PHE B 121 0.19 -8.10 -15.89
CA PHE B 121 -0.31 -8.17 -14.52
C PHE B 121 -1.58 -7.36 -14.37
N CYS B 122 -1.68 -6.23 -15.08
CA CYS B 122 -2.84 -5.37 -14.97
C CYS B 122 -4.11 -6.06 -15.45
N GLN B 123 -4.01 -6.81 -16.54
CA GLN B 123 -5.20 -7.44 -17.10
C GLN B 123 -5.62 -8.68 -16.33
N GLU B 124 -4.77 -9.19 -15.45
CA GLU B 124 -5.12 -10.32 -14.62
C GLU B 124 -5.47 -9.93 -13.19
N ALA B 125 -5.09 -8.73 -12.76
CA ALA B 125 -5.58 -8.18 -11.51
C ALA B 125 -6.92 -7.49 -11.64
N CYS B 126 -7.39 -7.23 -12.85
CA CYS B 126 -8.66 -6.57 -13.04
C CYS B 126 -9.80 -7.53 -12.75
N PRO B 127 -10.73 -7.20 -11.85
CA PRO B 127 -11.86 -8.10 -11.59
C PRO B 127 -12.99 -8.01 -12.60
N VAL B 128 -13.03 -6.95 -13.42
CA VAL B 128 -14.16 -6.70 -14.31
C VAL B 128 -13.76 -6.74 -15.78
N ASP B 129 -12.55 -7.20 -16.08
CA ASP B 129 -12.06 -7.32 -17.46
C ASP B 129 -12.09 -5.99 -18.20
N ALA B 130 -11.76 -4.91 -17.49
CA ALA B 130 -11.80 -3.59 -18.10
C ALA B 130 -10.52 -3.28 -18.85
N ILE B 131 -9.38 -3.47 -18.19
CA ILE B 131 -8.08 -3.25 -18.83
C ILE B 131 -7.63 -4.57 -19.43
N VAL B 132 -7.31 -4.57 -20.71
CA VAL B 132 -6.76 -5.74 -21.37
C VAL B 132 -5.54 -5.31 -22.15
N GLU B 133 -4.69 -6.27 -22.47
CA GLU B 133 -3.50 -6.01 -23.25
C GLU B 133 -3.69 -6.76 -24.57
N GLY B 134 -4.17 -6.05 -25.58
CA GLY B 134 -4.66 -6.64 -26.79
C GLY B 134 -3.59 -7.19 -27.70
N PRO B 135 -4.00 -7.58 -28.90
CA PRO B 135 -3.08 -8.26 -29.83
C PRO B 135 -2.33 -7.34 -30.77
N ASN B 136 -2.53 -6.03 -30.69
CA ASN B 136 -1.83 -5.11 -31.57
C ASN B 136 -0.39 -4.96 -31.12
N PHE B 137 0.54 -5.01 -32.07
CA PHE B 137 1.95 -4.76 -31.79
C PHE B 137 2.60 -3.77 -32.75
N GLU B 138 1.89 -3.32 -33.79
CA GLU B 138 2.42 -2.38 -34.76
C GLU B 138 1.90 -0.99 -34.45
N PHE B 139 2.47 -0.38 -33.40
CA PHE B 139 2.09 0.98 -33.02
C PHE B 139 3.33 1.80 -32.70
N SER B 140 4.34 1.70 -33.56
CA SER B 140 5.55 2.51 -33.42
C SER B 140 5.25 3.97 -33.69
N THR B 141 6.00 4.84 -33.03
CA THR B 141 5.67 6.26 -32.99
C THR B 141 6.88 7.09 -33.38
N GLU B 142 6.61 8.27 -33.95
CA GLU B 142 7.66 9.21 -34.33
C GLU B 142 8.05 10.18 -33.22
N THR B 143 7.31 10.23 -32.12
CA THR B 143 7.65 11.10 -31.00
C THR B 143 7.39 10.38 -29.68
N HIS B 144 8.06 10.88 -28.64
CA HIS B 144 7.93 10.31 -27.31
C HIS B 144 6.57 10.60 -26.68
N GLU B 145 6.00 11.77 -26.99
CA GLU B 145 4.77 12.19 -26.34
C GLU B 145 3.60 11.28 -26.71
N GLU B 146 3.52 10.84 -27.97
CA GLU B 146 2.37 10.05 -28.39
C GLU B 146 2.37 8.64 -27.79
N LEU B 147 3.44 8.23 -27.12
CA LEU B 147 3.46 6.97 -26.41
C LEU B 147 3.01 7.11 -24.97
N LEU B 148 2.41 8.23 -24.60
CA LEU B 148 1.90 8.49 -23.27
C LEU B 148 0.38 8.51 -23.38
N TYR B 149 -0.24 7.37 -23.07
CA TYR B 149 -1.65 7.17 -23.32
C TYR B 149 -2.49 7.74 -22.19
N ASN B 150 -3.64 8.31 -22.54
CA ASN B 150 -4.62 8.77 -21.57
C ASN B 150 -5.91 7.95 -21.72
N LYS B 151 -6.94 8.32 -20.97
CA LYS B 151 -8.16 7.52 -20.96
C LYS B 151 -8.84 7.49 -22.31
N GLU B 152 -8.86 8.63 -23.02
CA GLU B 152 -9.50 8.68 -24.33
C GLU B 152 -8.79 7.76 -25.32
N LYS B 153 -7.46 7.76 -25.30
CA LYS B 153 -6.71 6.91 -26.22
C LYS B 153 -6.99 5.43 -25.97
N LEU B 154 -6.99 5.02 -24.71
CA LEU B 154 -7.25 3.62 -24.38
C LEU B 154 -8.68 3.23 -24.72
N LEU B 155 -9.64 4.14 -24.48
CA LEU B 155 -11.03 3.85 -24.83
C LEU B 155 -11.19 3.70 -26.34
N ASN B 156 -10.51 4.55 -27.12
CA ASN B 156 -10.53 4.40 -28.57
C ASN B 156 -9.89 3.09 -29.00
N ASN B 157 -8.80 2.70 -28.35
CA ASN B 157 -8.18 1.41 -28.66
C ASN B 157 -9.14 0.27 -28.40
N GLY B 158 -9.86 0.32 -27.28
CA GLY B 158 -10.83 -0.71 -26.99
C GLY B 158 -11.95 -0.76 -28.02
N ASP B 159 -12.49 0.40 -28.38
CA ASP B 159 -13.54 0.44 -29.40
C ASP B 159 -13.01 -0.06 -30.74
N LYS B 160 -11.73 0.16 -31.03
CA LYS B 160 -11.15 -0.22 -32.30
C LYS B 160 -10.88 -1.72 -32.38
N TRP B 161 -10.43 -2.33 -31.29
CA TRP B 161 -9.98 -3.72 -31.31
C TRP B 161 -10.93 -4.68 -30.59
N GLU B 162 -12.12 -4.20 -30.18
CA GLU B 162 -13.03 -5.01 -29.38
C GLU B 162 -13.35 -6.36 -30.02
N ALA B 163 -13.51 -6.41 -31.35
CA ALA B 163 -13.91 -7.65 -32.00
C ALA B 163 -12.95 -8.78 -31.66
N GLU B 164 -11.69 -8.64 -32.06
CA GLU B 164 -10.76 -9.72 -31.81
C GLU B 164 -10.30 -9.78 -30.35
N ILE B 165 -10.41 -8.68 -29.59
CA ILE B 165 -10.14 -8.76 -28.16
C ILE B 165 -11.13 -9.70 -27.49
N ALA B 166 -12.42 -9.54 -27.80
CA ALA B 166 -13.44 -10.41 -27.25
C ALA B 166 -13.28 -11.83 -27.75
N ALA B 167 -12.91 -12.00 -29.02
CA ALA B 167 -12.67 -13.34 -29.54
C ALA B 167 -11.54 -14.03 -28.79
N ASN B 168 -10.44 -13.31 -28.55
CA ASN B 168 -9.30 -13.90 -27.84
C ASN B 168 -9.66 -14.21 -26.39
N ILE B 169 -10.39 -13.31 -25.72
CA ILE B 169 -10.80 -13.58 -24.35
C ILE B 169 -11.71 -14.78 -24.29
N GLN B 170 -12.60 -14.93 -25.27
CA GLN B 170 -13.44 -16.12 -25.32
C GLN B 170 -12.60 -17.38 -25.52
N ALA B 171 -11.54 -17.28 -26.33
CA ALA B 171 -10.73 -18.46 -26.59
C ALA B 171 -9.87 -18.85 -25.40
N ASP B 172 -9.51 -17.89 -24.56
CA ASP B 172 -8.51 -18.15 -23.52
C ASP B 172 -9.02 -18.02 -22.09
N TYR B 173 -10.28 -17.63 -21.87
CA TYR B 173 -10.73 -17.34 -20.51
C TYR B 173 -10.93 -18.59 -19.66
N LEU B 174 -10.97 -19.77 -20.25
CA LEU B 174 -11.10 -20.98 -19.44
C LEU B 174 -9.80 -21.39 -18.78
N TYR B 175 -8.66 -20.91 -19.28
CA TYR B 175 -7.38 -21.14 -18.63
C TYR B 175 -7.09 -20.13 -17.52
N ARG B 176 -7.91 -19.08 -17.41
CA ARG B 176 -7.70 -18.05 -16.40
C ARG B 176 -8.56 -18.31 -15.17
N SER C 1 8.21 25.97 -62.66
CA SER C 1 7.85 25.30 -63.91
C SER C 1 8.64 24.00 -64.07
N ARG C 2 9.56 23.99 -65.03
CA ARG C 2 10.40 22.82 -65.23
C ARG C 2 11.39 22.64 -64.08
N GLY C 3 11.83 23.74 -63.47
CA GLY C 3 12.78 23.63 -62.38
C GLY C 3 12.23 22.88 -61.19
N GLU C 4 11.00 23.20 -60.77
CA GLU C 4 10.40 22.49 -59.66
C GLU C 4 10.15 21.02 -60.00
N TYR C 5 9.76 20.71 -61.24
CA TYR C 5 9.59 19.33 -61.64
C TYR C 5 10.89 18.55 -61.54
N VAL C 6 11.96 19.11 -62.10
CA VAL C 6 13.23 18.37 -62.11
C VAL C 6 13.79 18.24 -60.70
N VAL C 7 13.62 19.28 -59.87
CA VAL C 7 14.14 19.17 -58.52
C VAL C 7 13.33 18.16 -57.72
N ALA C 8 12.02 18.07 -57.95
CA ALA C 8 11.21 17.06 -57.28
C ALA C 8 11.61 15.65 -57.71
N LYS C 9 11.87 15.47 -59.00
CA LYS C 9 12.29 14.15 -59.47
C LYS C 9 13.63 13.75 -58.89
N LEU C 10 14.58 14.69 -58.84
CA LEU C 10 15.87 14.40 -58.23
C LEU C 10 15.72 14.08 -56.75
N ASP C 11 14.85 14.83 -56.06
CA ASP C 11 14.61 14.59 -54.64
C ASP C 11 14.03 13.20 -54.43
N ASP C 12 13.07 12.80 -55.27
CA ASP C 12 12.49 11.46 -55.16
C ASP C 12 13.53 10.39 -55.41
N LEU C 13 14.40 10.57 -56.41
CA LEU C 13 15.44 9.59 -56.68
C LEU C 13 16.42 9.47 -55.51
N VAL C 14 16.82 10.60 -54.94
CA VAL C 14 17.74 10.57 -53.82
C VAL C 14 17.09 9.89 -52.62
N ASN C 15 15.82 10.20 -52.35
CA ASN C 15 15.12 9.55 -51.25
C ASN C 15 15.02 8.05 -51.47
N TRP C 16 14.71 7.63 -52.69
CA TRP C 16 14.63 6.19 -52.98
C TRP C 16 15.97 5.51 -52.76
N ALA C 17 17.05 6.14 -53.21
CA ALA C 17 18.38 5.57 -53.00
C ALA C 17 18.70 5.49 -51.51
N ARG C 18 18.29 6.49 -50.73
CA ARG C 18 18.64 6.52 -49.32
C ARG C 18 17.85 5.48 -48.52
N ARG C 19 16.55 5.37 -48.77
CA ARG C 19 15.73 4.44 -48.01
C ARG C 19 15.82 3.01 -48.51
N SER C 20 16.31 2.78 -49.73
CA SER C 20 16.51 1.43 -50.20
C SER C 20 17.82 0.82 -49.75
N SER C 21 18.70 1.63 -49.14
CA SER C 21 19.98 1.15 -48.63
C SER C 21 20.17 1.79 -47.25
N LEU C 22 19.68 1.12 -46.22
CA LEU C 22 19.84 1.55 -44.84
C LEU C 22 20.81 0.62 -44.13
N TRP C 23 21.95 1.17 -43.71
CA TRP C 23 22.97 0.37 -43.04
C TRP C 23 22.94 0.69 -41.56
N PRO C 24 22.41 -0.19 -40.72
CA PRO C 24 22.29 0.14 -39.30
C PRO C 24 23.48 -0.32 -38.49
N MET C 25 23.77 0.42 -37.42
CA MET C 25 24.60 -0.09 -36.34
C MET C 25 23.74 -0.18 -35.09
N THR C 26 23.91 -1.26 -34.34
CA THR C 26 23.08 -1.54 -33.18
C THR C 26 23.93 -1.63 -31.94
N PHE C 27 23.54 -0.90 -30.89
CA PHE C 27 24.09 -1.13 -29.56
C PHE C 27 23.35 -2.29 -28.92
N GLY C 28 24.04 -3.42 -28.81
CA GLY C 28 23.51 -4.54 -28.07
C GLY C 28 23.62 -4.32 -26.58
N LEU C 29 22.90 -3.30 -26.08
CA LEU C 29 23.04 -2.94 -24.67
C LEU C 29 22.45 -4.01 -23.76
N ALA C 30 21.26 -4.49 -24.08
CA ALA C 30 20.53 -5.35 -23.16
C ALA C 30 19.68 -6.33 -23.97
N CYS C 31 18.66 -6.89 -23.32
CA CYS C 31 17.88 -7.99 -23.88
C CYS C 31 17.25 -7.64 -25.23
N CYS C 32 16.91 -6.37 -25.45
CA CYS C 32 16.25 -6.01 -26.70
C CYS C 32 17.10 -6.35 -27.92
N ALA C 33 18.43 -6.28 -27.77
CA ALA C 33 19.32 -6.67 -28.86
C ALA C 33 19.04 -8.08 -29.35
N VAL C 34 18.67 -8.99 -28.45
CA VAL C 34 18.34 -10.35 -28.86
C VAL C 34 17.25 -10.33 -29.91
N GLU C 35 16.18 -9.56 -29.68
CA GLU C 35 15.13 -9.49 -30.68
C GLU C 35 15.63 -8.84 -31.97
N MET C 36 16.57 -7.91 -31.86
CA MET C 36 17.24 -7.39 -33.05
C MET C 36 17.85 -8.53 -33.85
N MET C 37 18.55 -9.44 -33.16
CA MET C 37 19.18 -10.57 -33.84
C MET C 37 18.15 -11.53 -34.39
N HIS C 38 16.91 -11.47 -33.89
CA HIS C 38 15.85 -12.29 -34.46
C HIS C 38 15.22 -11.63 -35.68
N MET C 39 15.44 -10.33 -35.87
CA MET C 39 15.01 -9.70 -37.11
C MET C 39 15.98 -10.03 -38.23
N ALA C 40 17.25 -10.27 -37.90
CA ALA C 40 18.24 -10.69 -38.87
C ALA C 40 18.18 -12.18 -39.16
N ALA C 41 17.38 -12.94 -38.42
CA ALA C 41 17.26 -14.39 -38.53
C ALA C 41 16.67 -14.79 -39.88
N PRO C 42 16.72 -16.08 -40.25
CA PRO C 42 16.14 -16.47 -41.55
C PRO C 42 14.68 -16.13 -41.71
N ARG C 43 13.89 -16.17 -40.65
CA ARG C 43 12.44 -15.96 -40.79
C ARG C 43 12.13 -14.55 -41.25
N TYR C 44 12.87 -13.56 -40.77
CA TYR C 44 12.53 -12.17 -41.06
C TYR C 44 13.46 -11.54 -42.09
N ASP C 45 14.76 -11.84 -42.02
CA ASP C 45 15.72 -11.48 -43.06
C ASP C 45 15.72 -9.97 -43.31
N MET C 46 16.20 -9.24 -42.31
CA MET C 46 16.35 -7.80 -42.45
C MET C 46 17.21 -7.43 -43.66
N ASP C 47 17.96 -8.37 -44.21
CA ASP C 47 18.81 -8.09 -45.37
C ASP C 47 17.99 -7.94 -46.66
N ARG C 48 16.87 -8.65 -46.78
CA ARG C 48 16.10 -8.62 -48.01
C ARG C 48 15.45 -7.27 -48.28
N PHE C 49 15.38 -6.39 -47.29
CA PHE C 49 14.87 -5.04 -47.47
C PHE C 49 15.98 -4.07 -47.84
N GLY C 50 17.20 -4.54 -48.04
CA GLY C 50 18.34 -3.68 -48.23
C GLY C 50 19.01 -3.22 -46.96
N VAL C 51 18.64 -3.80 -45.82
CA VAL C 51 19.16 -3.39 -44.52
C VAL C 51 20.21 -4.42 -44.11
N VAL C 52 21.49 -4.06 -44.20
CA VAL C 52 22.57 -4.98 -43.94
C VAL C 52 22.64 -5.33 -42.46
N PHE C 53 23.41 -6.36 -42.12
CA PHE C 53 23.53 -6.85 -40.76
C PHE C 53 24.85 -6.36 -40.17
N ARG C 54 24.76 -5.58 -39.08
CA ARG C 54 25.92 -5.12 -38.33
C ARG C 54 26.91 -4.33 -39.21
N ALA C 55 26.46 -3.16 -39.65
CA ALA C 55 27.37 -2.25 -40.33
C ALA C 55 28.32 -1.59 -39.33
N SER C 56 29.41 -1.04 -39.85
CA SER C 56 30.41 -0.40 -39.01
C SER C 56 29.96 1.01 -38.63
N PRO C 57 30.45 1.54 -37.50
CA PRO C 57 30.10 2.91 -37.12
C PRO C 57 30.47 3.95 -38.15
N ARG C 58 31.49 3.70 -38.97
CA ARG C 58 31.96 4.72 -39.91
C ARG C 58 30.97 4.94 -41.04
N GLN C 59 30.33 3.88 -41.53
CA GLN C 59 29.43 3.96 -42.67
C GLN C 59 28.01 3.53 -42.31
N SER C 60 27.60 3.82 -41.07
CA SER C 60 26.24 3.53 -40.64
C SER C 60 25.30 4.66 -41.06
N ASP C 61 24.05 4.30 -41.32
CA ASP C 61 23.03 5.24 -41.74
C ASP C 61 22.00 5.50 -40.64
N VAL C 62 21.56 4.45 -39.95
CA VAL C 62 20.57 4.54 -38.90
C VAL C 62 21.14 3.90 -37.64
N MET C 63 20.80 4.48 -36.49
CA MET C 63 21.27 4.01 -35.20
C MET C 63 20.11 3.37 -34.43
N ILE C 64 20.30 2.13 -34.02
CA ILE C 64 19.29 1.41 -33.26
C ILE C 64 19.79 1.28 -31.83
N VAL C 65 19.10 1.92 -30.90
CA VAL C 65 19.42 1.82 -29.48
C VAL C 65 18.49 0.76 -28.91
N ALA C 66 19.03 -0.43 -28.68
CA ALA C 66 18.24 -1.59 -28.27
C ALA C 66 18.74 -2.06 -26.91
N GLY C 67 18.22 -1.47 -25.85
CA GLY C 67 18.61 -1.84 -24.52
C GLY C 67 18.56 -0.64 -23.60
N THR C 68 19.01 -0.86 -22.37
CA THR C 68 19.02 0.18 -21.35
C THR C 68 20.29 1.01 -21.46
N LEU C 69 20.13 2.33 -21.50
CA LEU C 69 21.25 3.24 -21.48
C LEU C 69 21.50 3.66 -20.02
N THR C 70 22.71 3.45 -19.54
CA THR C 70 23.03 3.79 -18.16
C THR C 70 23.84 5.08 -18.11
N ASN C 71 24.05 5.58 -16.89
CA ASN C 71 24.84 6.78 -16.71
C ASN C 71 26.30 6.54 -17.11
N LYS C 72 26.81 5.33 -16.84
CA LYS C 72 28.17 4.98 -17.24
C LYS C 72 28.32 4.82 -18.74
N MET C 73 27.22 4.70 -19.48
CA MET C 73 27.26 4.37 -20.90
C MET C 73 26.84 5.53 -21.80
N ALA C 74 26.14 6.53 -21.27
CA ALA C 74 25.65 7.62 -22.11
C ALA C 74 26.74 8.37 -22.86
N PRO C 75 27.86 8.76 -22.23
CA PRO C 75 28.90 9.47 -23.02
C PRO C 75 29.42 8.67 -24.19
N ALA C 76 29.58 7.35 -24.03
CA ALA C 76 30.03 6.52 -25.14
C ALA C 76 29.00 6.53 -26.27
N LEU C 77 27.72 6.45 -25.92
CA LEU C 77 26.67 6.50 -26.93
C LEU C 77 26.70 7.82 -27.70
N ARG C 78 26.84 8.94 -26.98
CA ARG C 78 26.88 10.23 -27.66
C ARG C 78 28.12 10.36 -28.53
N LYS C 79 29.26 9.86 -28.05
CA LYS C 79 30.48 9.90 -28.84
C LYS C 79 30.34 9.10 -30.12
N VAL C 80 29.71 7.93 -30.04
CA VAL C 80 29.50 7.12 -31.24
C VAL C 80 28.52 7.81 -32.18
N TYR C 81 27.49 8.45 -31.63
CA TYR C 81 26.51 9.16 -32.46
C TYR C 81 27.16 10.31 -33.21
N ASP C 82 28.08 11.03 -32.58
CA ASP C 82 28.72 12.17 -33.21
C ASP C 82 29.62 11.78 -34.37
N GLN C 83 30.10 10.54 -34.34
CA GLN C 83 30.96 9.94 -35.37
C GLN C 83 30.24 9.74 -36.71
N MET C 84 28.96 9.37 -36.66
CA MET C 84 28.20 9.09 -37.86
C MET C 84 28.14 10.24 -38.84
N PRO C 85 28.32 9.94 -40.13
CA PRO C 85 28.32 10.81 -41.29
C PRO C 85 26.95 11.35 -41.66
N GLU C 86 26.93 12.53 -42.29
CA GLU C 86 25.87 12.90 -43.22
C GLU C 86 24.51 12.86 -42.57
N PRO C 87 23.55 12.20 -43.23
CA PRO C 87 22.21 12.08 -42.68
C PRO C 87 22.14 10.83 -41.83
N ARG C 88 21.91 11.02 -40.53
CA ARG C 88 21.84 9.92 -39.60
C ARG C 88 20.51 9.89 -38.88
N TYR C 89 19.92 8.71 -38.78
CA TYR C 89 18.63 8.55 -38.13
C TYR C 89 18.75 7.60 -36.95
N VAL C 90 18.07 7.92 -35.86
CA VAL C 90 18.12 7.08 -34.67
C VAL C 90 16.78 6.43 -34.36
N VAL C 91 16.81 5.15 -34.03
CA VAL C 91 15.61 4.40 -33.67
C VAL C 91 15.78 3.91 -32.23
N SER C 92 14.82 4.24 -31.38
CA SER C 92 14.82 3.81 -29.99
C SER C 92 13.94 2.57 -29.86
N MET C 93 14.49 1.50 -29.32
CA MET C 93 13.82 0.21 -29.27
C MET C 93 13.57 -0.19 -27.81
N GLY C 94 12.32 -0.47 -27.49
CA GLY C 94 11.96 -0.98 -26.18
C GLY C 94 11.77 0.11 -25.15
N SER C 95 11.13 -0.28 -24.04
CA SER C 95 10.81 0.68 -22.98
C SER C 95 12.07 1.26 -22.37
N CYS C 96 13.10 0.44 -22.16
CA CYS C 96 14.31 0.91 -21.51
C CYS C 96 14.95 2.06 -22.26
N ALA C 97 15.06 1.94 -23.59
CA ALA C 97 15.61 3.02 -24.40
C ALA C 97 14.62 4.15 -24.59
N ASN C 98 13.32 3.84 -24.62
CA ASN C 98 12.32 4.87 -24.87
C ASN C 98 12.23 5.84 -23.70
N GLY C 99 11.91 5.34 -22.51
CA GLY C 99 11.73 6.22 -21.37
C GLY C 99 12.25 5.69 -20.07
N GLY C 100 13.24 4.82 -20.11
CA GLY C 100 13.78 4.18 -18.92
C GLY C 100 13.11 2.87 -18.58
N GLY C 101 11.80 2.79 -18.74
CA GLY C 101 11.11 1.51 -18.62
C GLY C 101 11.05 1.01 -17.19
N TYR C 102 11.49 -0.23 -17.00
CA TYR C 102 11.37 -0.92 -15.72
C TYR C 102 12.45 -0.50 -14.74
N TYR C 103 13.41 0.32 -15.18
CA TYR C 103 14.46 0.85 -14.33
C TYR C 103 14.40 2.37 -14.32
N HIS C 104 13.19 2.92 -14.48
CA HIS C 104 13.02 4.36 -14.60
C HIS C 104 13.48 5.09 -13.35
N TYR C 105 13.09 4.60 -12.18
CA TYR C 105 13.42 5.27 -10.91
C TYR C 105 14.71 4.70 -10.32
N SER C 106 15.77 4.69 -11.12
CA SER C 106 17.04 4.13 -10.70
C SER C 106 18.11 5.21 -10.74
N TYR C 107 19.07 5.10 -9.81
CA TYR C 107 20.13 6.09 -9.68
C TYR C 107 21.12 6.05 -10.84
N SER C 108 21.20 4.95 -11.57
CA SER C 108 22.26 4.74 -12.56
C SER C 108 21.71 4.53 -13.97
N VAL C 109 20.48 4.95 -14.25
CA VAL C 109 19.84 4.70 -15.52
C VAL C 109 19.43 6.03 -16.13
N VAL C 110 19.73 6.21 -17.41
CA VAL C 110 19.29 7.39 -18.14
C VAL C 110 17.84 7.18 -18.57
N ARG C 111 16.97 8.10 -18.15
CA ARG C 111 15.53 7.95 -18.33
C ARG C 111 15.15 8.30 -19.77
N GLY C 112 15.50 7.38 -20.68
CA GLY C 112 15.23 7.58 -22.09
C GLY C 112 16.45 8.04 -22.85
N CYS C 113 16.75 7.37 -23.97
CA CYS C 113 17.90 7.75 -24.77
C CYS C 113 17.71 9.08 -25.49
N ASP C 114 16.49 9.62 -25.50
CA ASP C 114 16.25 10.91 -26.13
C ASP C 114 16.76 12.08 -25.29
N ARG C 115 17.22 11.84 -24.06
CA ARG C 115 17.96 12.84 -23.33
C ARG C 115 19.35 13.06 -23.92
N ILE C 116 19.89 12.06 -24.62
CA ILE C 116 21.25 12.11 -25.13
C ILE C 116 21.27 12.42 -26.62
N VAL C 117 20.46 11.72 -27.41
CA VAL C 117 20.47 11.88 -28.86
C VAL C 117 19.06 12.10 -29.36
N PRO C 118 18.87 12.79 -30.48
CA PRO C 118 17.52 12.90 -31.05
C PRO C 118 17.08 11.58 -31.67
N VAL C 119 15.81 11.26 -31.46
CA VAL C 119 15.25 9.97 -31.86
C VAL C 119 14.20 10.22 -32.93
N ASP C 120 14.21 9.40 -33.98
CA ASP C 120 13.28 9.53 -35.10
C ASP C 120 12.08 8.62 -34.98
N ILE C 121 12.26 7.37 -34.55
CA ILE C 121 11.19 6.40 -34.42
C ILE C 121 11.30 5.75 -33.05
N TYR C 122 10.17 5.62 -32.36
CA TYR C 122 10.09 4.96 -31.05
C TYR C 122 9.37 3.63 -31.24
N VAL C 123 10.06 2.53 -30.95
CA VAL C 123 9.48 1.20 -31.05
C VAL C 123 9.10 0.75 -29.64
N PRO C 124 7.82 0.55 -29.34
CA PRO C 124 7.41 0.15 -28.00
C PRO C 124 7.35 -1.35 -27.81
N GLY C 125 7.65 -1.77 -26.59
CA GLY C 125 7.62 -3.18 -26.25
C GLY C 125 8.65 -3.49 -25.19
N CYS C 126 8.63 -4.74 -24.75
CA CYS C 126 9.54 -5.18 -23.70
C CYS C 126 9.72 -6.69 -23.73
N PRO C 127 10.41 -7.25 -24.73
CA PRO C 127 10.98 -6.56 -25.89
C PRO C 127 9.99 -6.43 -27.01
N PRO C 128 10.20 -5.45 -27.90
CA PRO C 128 9.44 -5.44 -29.15
C PRO C 128 9.75 -6.69 -29.96
N THR C 129 8.72 -7.31 -30.49
CA THR C 129 8.93 -8.48 -31.32
C THR C 129 9.64 -8.06 -32.60
N ALA C 130 10.32 -9.03 -33.23
CA ALA C 130 11.01 -8.75 -34.50
C ALA C 130 10.03 -8.22 -35.53
N GLU C 131 8.78 -8.66 -35.47
CA GLU C 131 7.70 -8.03 -36.24
C GLU C 131 7.62 -6.54 -35.96
N ALA C 132 7.62 -6.14 -34.69
CA ALA C 132 7.46 -4.73 -34.35
C ALA C 132 8.67 -3.91 -34.73
N LEU C 133 9.87 -4.45 -34.55
CA LEU C 133 11.07 -3.73 -34.97
C LEU C 133 11.12 -3.59 -36.48
N LEU C 134 10.71 -4.63 -37.22
CA LEU C 134 10.61 -4.51 -38.67
C LEU C 134 9.59 -3.46 -39.07
N TYR C 135 8.46 -3.41 -38.37
CA TYR C 135 7.47 -2.38 -38.64
C TYR C 135 8.04 -0.99 -38.41
N GLY C 136 8.82 -0.83 -37.34
CA GLY C 136 9.45 0.46 -37.08
C GLY C 136 10.47 0.85 -38.14
N ILE C 137 11.24 -0.12 -38.61
CA ILE C 137 12.19 0.17 -39.68
C ILE C 137 11.47 0.58 -40.95
N LEU C 138 10.39 -0.11 -41.29
CA LEU C 138 9.64 0.26 -42.49
C LEU C 138 8.97 1.62 -42.32
N GLN C 139 8.51 1.94 -41.11
CA GLN C 139 7.96 3.25 -40.84
C GLN C 139 9.01 4.35 -41.00
N LEU C 140 10.23 4.08 -40.56
CA LEU C 140 11.33 5.02 -40.80
C LEU C 140 11.59 5.17 -42.30
N GLN C 141 11.51 4.07 -43.04
CA GLN C 141 11.68 4.15 -44.49
C GLN C 141 10.63 5.04 -45.12
N ARG C 142 9.37 4.90 -44.69
CA ARG C 142 8.32 5.77 -45.20
C ARG C 142 8.55 7.22 -44.83
N LYS C 143 9.02 7.47 -43.60
CA LYS C 143 9.32 8.82 -43.17
C LYS C 143 10.44 9.44 -44.00
N ILE C 144 11.47 8.66 -44.32
CA ILE C 144 12.53 9.12 -45.21
C ILE C 144 11.97 9.41 -46.59
N LYS C 145 11.10 8.54 -47.09
CA LYS C 145 10.41 8.80 -48.35
C LYS C 145 9.65 10.12 -48.31
N ARG C 146 9.13 10.49 -47.14
CA ARG C 146 8.38 11.73 -47.03
C ARG C 146 9.23 12.98 -47.08
N GLU C 147 10.47 12.93 -46.61
CA GLU C 147 11.26 14.15 -46.47
C GLU C 147 11.65 14.70 -47.84
N LYS C 148 11.88 16.01 -47.88
CA LYS C 148 12.03 16.73 -49.14
C LYS C 148 13.03 17.87 -48.95
N ARG C 149 14.29 17.61 -49.29
CA ARG C 149 15.38 18.55 -49.07
C ARG C 149 15.61 19.46 -50.27
N LEU C 150 15.61 18.91 -51.48
CA LEU C 150 15.90 19.71 -52.66
C LEU C 150 14.78 20.70 -52.95
N ARG C 151 13.53 20.32 -52.69
CA ARG C 151 12.44 21.25 -52.94
C ARG C 151 12.51 22.43 -51.99
N ILE C 152 12.85 22.17 -50.72
CA ILE C 152 13.04 23.25 -49.75
C ILE C 152 14.20 24.14 -50.17
N TRP C 153 15.28 23.54 -50.66
CA TRP C 153 16.41 24.32 -51.13
C TRP C 153 16.04 25.21 -52.31
N TYR C 154 15.22 24.69 -53.24
CA TYR C 154 14.79 25.50 -54.36
C TYR C 154 13.90 26.64 -53.90
N ARG C 155 12.95 26.37 -53.01
CA ARG C 155 12.10 27.44 -52.48
C ARG C 155 12.82 28.31 -51.45
N ARG C 156 14.02 27.95 -51.02
CA ARG C 156 14.78 28.80 -50.12
C ARG C 156 15.41 29.98 -50.86
N GLY D 1 36.87 4.93 27.67
CA GLY D 1 37.34 3.95 26.72
C GLY D 1 37.36 4.46 25.29
N THR D 2 36.32 4.12 24.52
CA THR D 2 36.15 4.56 23.14
C THR D 2 37.38 4.21 22.30
N SER D 3 37.70 2.92 22.27
CA SER D 3 38.85 2.41 21.53
C SER D 3 38.39 1.68 20.27
N VAL D 4 39.00 2.02 19.14
CA VAL D 4 38.57 1.54 17.84
C VAL D 4 39.77 1.02 17.06
N LYS D 5 39.47 0.21 16.02
CA LYS D 5 40.44 -0.43 15.14
C LYS D 5 40.89 0.54 14.04
N PRO D 6 42.19 0.76 13.87
CA PRO D 6 42.67 1.72 12.88
C PRO D 6 42.55 1.19 11.46
N ILE D 7 42.69 2.10 10.51
CA ILE D 7 42.76 1.76 9.08
C ILE D 7 44.18 1.90 8.56
N PHE D 8 44.73 3.10 8.58
CA PHE D 8 46.12 3.33 8.21
C PHE D 8 46.89 4.13 9.25
N SER D 9 46.26 5.11 9.89
CA SER D 9 46.93 6.02 10.80
C SER D 9 46.46 5.78 12.23
N ARG D 10 47.32 6.16 13.18
CA ARG D 10 46.99 6.03 14.60
C ARG D 10 46.56 7.34 15.23
N ASP D 11 47.09 8.47 14.74
CA ASP D 11 46.71 9.79 15.26
C ASP D 11 46.64 10.75 14.08
N MET D 12 46.44 12.03 14.37
CA MET D 12 46.20 13.02 13.34
C MET D 12 47.44 13.38 12.54
N ASN D 13 48.64 13.21 13.10
CA ASN D 13 49.85 13.57 12.38
C ASN D 13 50.04 12.70 11.14
N GLU D 14 49.85 11.40 11.28
CA GLU D 14 50.01 10.49 10.14
C GLU D 14 48.93 10.75 9.09
N ALA D 15 47.71 11.03 9.52
CA ALA D 15 46.64 11.37 8.59
C ALA D 15 46.98 12.65 7.83
N LYS D 16 47.51 13.65 8.54
CA LYS D 16 47.92 14.89 7.88
C LYS D 16 49.03 14.64 6.87
N ARG D 17 49.96 13.75 7.21
CA ARG D 17 51.02 13.39 6.28
C ARG D 17 50.44 12.77 5.02
N ARG D 18 49.48 11.86 5.17
CA ARG D 18 48.86 11.24 4.01
C ARG D 18 48.08 12.25 3.18
N VAL D 19 47.42 13.20 3.85
CA VAL D 19 46.71 14.26 3.13
C VAL D 19 47.69 15.10 2.31
N ARG D 20 48.83 15.44 2.89
CA ARG D 20 49.85 16.19 2.17
C ARG D 20 50.38 15.40 0.97
N GLU D 21 50.59 14.10 1.15
CA GLU D 21 51.04 13.27 0.04
C GLU D 21 50.03 13.28 -1.10
N LEU D 22 48.75 13.10 -0.77
CA LEU D 22 47.70 13.10 -1.79
C LEU D 22 47.61 14.46 -2.48
N TYR D 23 47.75 15.54 -1.71
CA TYR D 23 47.70 16.88 -2.30
C TYR D 23 48.87 17.09 -3.26
N ARG D 24 50.06 16.63 -2.89
CA ARG D 24 51.21 16.72 -3.80
C ARG D 24 50.94 15.97 -5.09
N ALA D 25 50.40 14.75 -4.97
CA ALA D 25 50.13 13.95 -6.16
C ALA D 25 49.11 14.61 -7.08
N TRP D 26 48.03 15.13 -6.51
CA TRP D 26 47.02 15.81 -7.33
C TRP D 26 47.58 17.08 -7.97
N TYR D 27 48.40 17.83 -7.22
CA TYR D 27 48.99 19.04 -7.75
C TYR D 27 49.90 18.74 -8.94
N ARG D 28 50.72 17.69 -8.83
CA ARG D 28 51.55 17.31 -9.96
C ARG D 28 50.74 16.77 -11.13
N GLU D 29 49.61 16.12 -10.86
CA GLU D 29 48.81 15.59 -11.95
C GLU D 29 47.99 16.64 -12.70
N VAL D 30 47.64 17.76 -12.05
CA VAL D 30 46.70 18.70 -12.68
C VAL D 30 47.09 19.11 -14.10
N PRO D 31 48.32 19.57 -14.37
CA PRO D 31 48.59 20.04 -15.74
C PRO D 31 48.64 18.91 -16.76
N ASN D 32 49.13 17.73 -16.37
CA ASN D 32 49.11 16.59 -17.27
C ASN D 32 47.69 16.23 -17.67
N THR D 33 46.77 16.22 -16.70
CA THR D 33 45.37 15.98 -17.02
C THR D 33 44.81 17.07 -17.93
N VAL D 34 45.11 18.34 -17.63
CA VAL D 34 44.58 19.44 -18.42
C VAL D 34 45.02 19.31 -19.88
N HIS D 35 46.27 18.90 -20.11
CA HIS D 35 46.73 18.71 -21.47
C HIS D 35 46.12 17.45 -22.09
N LEU D 36 46.06 16.35 -21.34
CA LEU D 36 45.71 15.06 -21.93
C LEU D 36 44.25 15.01 -22.33
N PHE D 37 43.35 15.42 -21.44
CA PHE D 37 41.93 15.37 -21.78
C PHE D 37 41.51 16.53 -22.66
N GLN D 38 42.43 17.43 -23.02
CA GLN D 38 42.15 18.58 -23.87
C GLN D 38 41.06 19.45 -23.25
N LEU D 39 41.39 20.00 -22.09
CA LEU D 39 40.45 20.72 -21.24
C LEU D 39 40.24 22.12 -21.78
N ASP D 40 39.21 22.79 -21.26
CA ASP D 40 39.02 24.21 -21.53
C ASP D 40 39.43 25.09 -20.36
N ILE D 41 39.82 24.50 -19.24
CA ILE D 41 40.25 25.25 -18.07
C ILE D 41 41.76 25.46 -18.12
N SER D 42 42.25 26.38 -17.31
CA SER D 42 43.68 26.57 -17.14
C SER D 42 44.20 25.70 -15.99
N VAL D 43 45.52 25.60 -15.90
CA VAL D 43 46.13 24.82 -14.83
C VAL D 43 45.90 25.47 -13.48
N LYS D 44 45.93 26.81 -13.44
CA LYS D 44 45.64 27.51 -12.19
C LYS D 44 44.22 27.23 -11.72
N GLN D 45 43.27 27.23 -12.64
CA GLN D 45 41.88 26.94 -12.29
C GLN D 45 41.71 25.50 -11.81
N GLY D 46 42.40 24.55 -12.45
CA GLY D 46 42.32 23.17 -11.99
C GLY D 46 42.92 22.98 -10.61
N ARG D 47 44.06 23.62 -10.34
CA ARG D 47 44.64 23.51 -9.01
C ARG D 47 43.80 24.23 -7.96
N ASP D 48 43.14 25.33 -8.33
CA ASP D 48 42.19 25.95 -7.42
C ASP D 48 41.03 25.03 -7.11
N LYS D 49 40.54 24.29 -8.12
CA LYS D 49 39.48 23.32 -7.87
C LYS D 49 39.96 22.21 -6.93
N VAL D 50 41.19 21.75 -7.12
CA VAL D 50 41.75 20.73 -6.24
C VAL D 50 41.85 21.25 -4.81
N ARG D 51 42.30 22.51 -4.65
CA ARG D 51 42.37 23.12 -3.33
C ARG D 51 40.99 23.23 -2.70
N GLU D 52 39.97 23.58 -3.49
CA GLU D 52 38.62 23.68 -2.96
C GLU D 52 38.09 22.33 -2.52
N MET D 53 38.33 21.29 -3.32
CA MET D 53 37.90 19.94 -2.95
C MET D 53 38.61 19.46 -1.69
N PHE D 54 39.85 19.88 -1.48
CA PHE D 54 40.54 19.53 -0.23
C PHE D 54 39.96 20.32 0.95
N MET D 55 39.76 21.62 0.76
CA MET D 55 39.26 22.48 1.83
C MET D 55 37.83 22.15 2.23
N LYS D 56 37.07 21.48 1.35
CA LYS D 56 35.72 21.08 1.70
C LYS D 56 35.69 20.15 2.91
N ASN D 57 36.72 19.35 3.11
CA ASN D 57 36.78 18.39 4.20
C ASN D 57 37.73 18.84 5.32
N ALA D 58 37.93 20.14 5.46
CA ALA D 58 38.89 20.66 6.41
C ALA D 58 38.42 20.59 7.86
N HIS D 59 37.16 20.23 8.09
CA HIS D 59 36.59 20.22 9.42
C HIS D 59 36.56 18.84 10.06
N VAL D 60 37.20 17.85 9.45
CA VAL D 60 37.21 16.50 9.99
C VAL D 60 38.30 16.37 11.04
N THR D 61 37.96 15.75 12.17
CA THR D 61 38.90 15.58 13.28
C THR D 61 39.08 14.12 13.66
N ASP D 62 38.61 13.18 12.82
CA ASP D 62 38.73 11.76 13.09
C ASP D 62 39.77 11.18 12.14
N PRO D 63 40.86 10.61 12.65
CA PRO D 63 41.86 10.01 11.75
C PRO D 63 41.29 8.92 10.86
N ARG D 64 40.31 8.16 11.34
CA ARG D 64 39.70 7.13 10.52
C ARG D 64 38.95 7.73 9.34
N VAL D 65 38.15 8.76 9.61
CA VAL D 65 37.43 9.43 8.52
C VAL D 65 38.42 10.07 7.55
N VAL D 66 39.47 10.68 8.09
CA VAL D 66 40.44 11.39 7.24
C VAL D 66 41.16 10.40 6.32
N ASP D 67 41.61 9.27 6.86
CA ASP D 67 42.33 8.34 5.99
C ASP D 67 41.41 7.56 5.06
N LEU D 68 40.14 7.38 5.42
CA LEU D 68 39.18 6.83 4.46
C LEU D 68 38.93 7.81 3.31
N LEU D 69 38.84 9.11 3.64
CA LEU D 69 38.74 10.12 2.59
C LEU D 69 39.99 10.10 1.71
N VAL D 70 41.15 9.87 2.31
CA VAL D 70 42.39 9.79 1.54
C VAL D 70 42.38 8.58 0.61
N ILE D 71 41.88 7.45 1.10
CA ILE D 71 41.71 6.27 0.26
C ILE D 71 40.84 6.58 -0.94
N LYS D 72 39.69 7.21 -0.69
CA LYS D 72 38.83 7.61 -1.80
C LYS D 72 39.57 8.51 -2.77
N GLY D 73 40.26 9.53 -2.26
CA GLY D 73 40.95 10.47 -3.12
C GLY D 73 41.99 9.81 -4.00
N LYS D 74 42.76 8.87 -3.44
CA LYS D 74 43.63 8.08 -4.30
C LYS D 74 42.84 7.29 -5.33
N MET D 75 41.63 6.86 -5.01
CA MET D 75 40.83 6.13 -6.00
C MET D 75 40.48 7.02 -7.19
N GLU D 76 39.99 8.25 -6.95
CA GLU D 76 39.74 9.13 -8.09
C GLU D 76 41.02 9.55 -8.79
N LEU D 77 42.11 9.71 -8.05
CA LEU D 77 43.39 10.01 -8.71
C LEU D 77 43.80 8.90 -9.65
N GLU D 78 43.66 7.65 -9.21
CA GLU D 78 43.97 6.51 -10.05
C GLU D 78 43.04 6.45 -11.26
N GLU D 79 41.77 6.79 -11.06
CA GLU D 79 40.85 6.88 -12.20
C GLU D 79 41.32 7.91 -13.21
N THR D 80 41.86 9.03 -12.74
CA THR D 80 42.27 10.10 -13.64
C THR D 80 43.60 9.80 -14.34
N ILE D 81 44.53 9.13 -13.65
CA ILE D 81 45.82 8.81 -14.26
C ILE D 81 45.63 7.91 -15.48
N ASN D 82 44.83 6.86 -15.33
CA ASN D 82 44.72 5.82 -16.34
C ASN D 82 43.70 6.15 -17.42
N VAL D 83 43.11 7.34 -17.36
CA VAL D 83 42.18 7.84 -18.37
C VAL D 83 41.01 6.84 -18.44
N TRP D 84 40.60 6.36 -17.28
CA TRP D 84 39.42 5.52 -17.23
C TRP D 84 38.24 6.44 -17.50
N LYS D 85 38.34 7.65 -16.93
CA LYS D 85 37.35 8.71 -17.07
C LYS D 85 37.33 9.38 -18.42
N GLN D 86 36.14 9.80 -18.84
CA GLN D 86 35.97 10.55 -20.07
C GLN D 86 36.10 12.04 -19.75
N ARG D 87 35.99 12.88 -20.77
CA ARG D 87 36.09 14.33 -20.58
C ARG D 87 34.98 14.87 -19.68
N THR D 88 33.79 14.31 -19.80
CA THR D 88 32.63 14.72 -19.01
C THR D 88 32.83 14.57 -17.51
N HIS D 89 33.46 13.47 -17.10
CA HIS D 89 33.69 13.19 -15.69
C HIS D 89 34.56 14.23 -15.01
N ILE D 90 35.61 14.68 -15.70
CA ILE D 90 36.49 15.68 -15.12
C ILE D 90 35.74 16.97 -14.83
N MET D 91 34.89 17.37 -15.77
CA MET D 91 34.09 18.57 -15.63
C MET D 91 33.07 18.51 -14.48
N ARG D 92 32.45 17.35 -14.32
CA ARG D 92 31.48 17.16 -13.23
C ARG D 92 31.94 17.80 -11.93
N PHE D 93 33.21 18.19 -11.83
CA PHE D 93 33.72 18.90 -10.67
C PHE D 93 33.43 20.40 -10.71
N PHE D 94 33.03 20.95 -11.85
CA PHE D 94 32.93 22.38 -12.01
C PHE D 94 31.50 22.92 -12.10
N HIS D 95 30.52 22.07 -12.39
CA HIS D 95 29.11 22.46 -12.44
C HIS D 95 28.92 23.67 -13.37
N GLU D 96 29.53 23.58 -14.55
CA GLU D 96 29.51 24.69 -15.49
C GLU D 96 28.12 24.97 -16.06
N THR D 97 27.27 23.95 -16.14
CA THR D 97 25.97 24.07 -16.79
C THR D 97 24.84 24.38 -15.82
N GLU D 98 25.12 24.47 -14.52
CA GLU D 98 24.08 24.68 -13.53
C GLU D 98 23.87 26.16 -13.26
N ALA D 99 22.61 26.55 -13.10
CA ALA D 99 22.28 27.93 -12.80
C ALA D 99 22.75 28.28 -11.38
N PRO D 100 23.14 29.53 -11.13
CA PRO D 100 23.63 29.92 -9.80
C PRO D 100 22.48 30.04 -8.81
N ARG D 101 22.58 29.30 -7.71
CA ARG D 101 21.53 29.31 -6.70
C ARG D 101 21.83 30.40 -5.67
N PRO D 102 21.03 31.45 -5.58
CA PRO D 102 21.33 32.54 -4.63
C PRO D 102 21.10 32.08 -3.20
N THR D 103 21.78 32.79 -2.29
CA THR D 103 21.81 32.42 -0.88
C THR D 103 21.13 33.42 0.06
N ASP D 104 20.91 34.65 -0.38
CA ASP D 104 20.28 35.64 0.49
C ASP D 104 18.83 35.28 0.74
N PHE D 105 18.27 35.84 1.82
CA PHE D 105 16.90 35.50 2.19
C PHE D 105 15.89 35.99 1.16
N LEU D 106 16.08 37.19 0.64
CA LEU D 106 15.10 37.75 -0.29
C LEU D 106 15.04 36.95 -1.59
N SER D 107 16.19 36.53 -2.10
CA SER D 107 16.22 35.77 -3.35
C SER D 107 15.51 34.44 -3.18
N LYS D 108 15.81 33.71 -2.10
CA LYS D 108 15.15 32.44 -1.87
C LYS D 108 13.65 32.63 -1.62
N PHE D 109 13.28 33.73 -0.95
CA PHE D 109 11.88 34.03 -0.75
C PHE D 109 11.16 34.25 -2.08
N TYR D 110 11.81 34.94 -3.01
CA TYR D 110 11.17 35.22 -4.29
C TYR D 110 11.09 33.98 -5.17
N VAL D 111 12.16 33.18 -5.24
CA VAL D 111 12.23 32.13 -6.25
C VAL D 111 11.25 31.00 -5.95
N GLY D 112 11.15 30.57 -4.71
CA GLY D 112 10.32 29.41 -4.44
C GLY D 112 10.15 29.16 -2.96
N HIS D 113 9.47 28.05 -2.65
CA HIS D 113 9.17 27.66 -1.29
C HIS D 113 10.37 27.02 -0.58
N ASP D 114 11.45 26.75 -1.29
CA ASP D 114 12.59 26.04 -0.72
C ASP D 114 13.26 26.89 0.35
N PRO D 115 13.42 26.38 1.58
CA PRO D 115 14.16 27.08 2.63
C PRO D 115 15.66 27.08 2.38
N LEU E 1 13.96 55.14 25.36
CA LEU E 1 14.07 55.57 26.76
C LEU E 1 12.86 55.14 27.57
N GLY E 2 11.73 54.96 26.88
CA GLY E 2 10.51 54.55 27.54
C GLY E 2 10.36 53.05 27.66
N LEU E 3 10.19 52.57 28.89
CA LEU E 3 9.88 51.17 29.12
C LEU E 3 8.55 50.80 28.46
N ARG E 4 8.55 49.68 27.74
CA ARG E 4 7.34 49.16 27.14
C ARG E 4 6.80 47.94 27.86
N GLU E 5 7.64 46.96 28.17
CA GLU E 5 7.14 45.83 28.95
C GLU E 5 8.30 45.12 29.64
N ILE E 6 7.96 44.27 30.60
CA ILE E 6 8.93 43.43 31.28
C ILE E 6 8.37 42.02 31.40
N ARG E 7 9.27 41.04 31.25
CA ARG E 7 8.92 39.63 31.35
C ARG E 7 9.86 38.94 32.32
N ILE E 8 9.28 38.18 33.24
CA ILE E 8 10.04 37.40 34.22
C ILE E 8 9.87 35.93 33.89
N HIS E 9 10.96 35.28 33.50
CA HIS E 9 10.97 33.85 33.26
C HIS E 9 11.51 33.15 34.49
N LEU E 10 10.66 32.36 35.14
CA LEU E 10 11.04 31.65 36.36
C LEU E 10 10.70 30.18 36.20
N CYS E 11 11.42 29.32 36.90
CA CYS E 11 11.20 27.89 36.81
C CYS E 11 10.39 27.40 38.00
N GLN E 12 9.62 26.33 37.80
CA GLN E 12 8.63 25.93 38.80
C GLN E 12 9.27 25.20 39.98
N ARG E 13 10.17 24.26 39.71
CA ARG E 13 10.68 23.37 40.74
C ARG E 13 12.14 23.62 41.07
N SER E 14 12.86 24.40 40.25
CA SER E 14 14.26 24.65 40.50
C SER E 14 14.43 25.48 41.77
N PRO E 15 15.44 25.19 42.59
CA PRO E 15 15.65 26.00 43.80
C PRO E 15 16.21 27.37 43.50
N GLY E 16 16.98 27.51 42.42
CA GLY E 16 17.52 28.81 42.05
C GLY E 16 16.47 29.83 41.65
N SER E 17 15.24 29.39 41.38
CA SER E 17 14.13 30.28 41.11
C SER E 17 13.34 30.62 42.37
N GLN E 18 13.66 29.96 43.50
CA GLN E 18 12.82 30.07 44.69
C GLN E 18 12.59 31.51 45.09
N GLY E 19 13.66 32.29 45.23
CA GLY E 19 13.51 33.69 45.60
C GLY E 19 12.61 34.43 44.63
N VAL E 20 12.83 34.24 43.33
CA VAL E 20 11.96 34.87 42.35
C VAL E 20 10.51 34.46 42.60
N ARG E 21 10.28 33.17 42.83
CA ARG E 21 8.93 32.72 43.15
C ARG E 21 8.36 33.52 44.31
N ASP E 22 9.13 33.59 45.42
CA ASP E 22 8.66 34.31 46.58
C ASP E 22 8.24 35.72 46.21
N PHE E 23 9.04 36.39 45.37
CA PHE E 23 8.74 37.77 45.02
C PHE E 23 7.31 37.89 44.52
N ILE E 24 6.96 37.06 43.54
CA ILE E 24 5.60 37.06 43.03
C ILE E 24 4.64 36.89 44.20
N GLU E 25 4.73 35.74 44.87
CA GLU E 25 3.77 35.38 45.88
C GLU E 25 3.67 36.41 46.99
N LYS E 26 4.54 37.42 46.99
CA LYS E 26 4.52 38.39 48.08
C LYS E 26 4.27 39.82 47.60
N ARG E 27 4.78 40.20 46.43
CA ARG E 27 4.68 41.61 46.07
C ARG E 27 4.23 41.88 44.64
N TYR E 28 4.11 40.85 43.79
CA TYR E 28 3.70 41.10 42.42
C TYR E 28 2.43 41.96 42.35
N VAL E 29 1.39 41.58 43.10
CA VAL E 29 0.16 42.35 43.09
C VAL E 29 0.44 43.81 43.42
N GLU E 30 1.23 44.04 44.47
CA GLU E 30 1.53 45.41 44.85
C GLU E 30 2.23 46.16 43.73
N LEU E 31 3.12 45.50 42.99
CA LEU E 31 3.75 46.15 41.86
C LEU E 31 2.72 46.53 40.81
N LYS E 32 1.76 45.64 40.54
CA LYS E 32 0.68 45.99 39.63
C LYS E 32 -0.15 47.14 40.17
N LYS E 33 -0.21 47.30 41.49
CA LYS E 33 -0.87 48.47 42.06
C LYS E 33 -0.15 49.74 41.64
N ALA E 34 1.18 49.71 41.62
CA ALA E 34 1.93 50.91 41.23
C ALA E 34 1.91 51.13 39.73
N ASN E 35 1.74 50.06 38.95
CA ASN E 35 1.90 50.10 37.50
C ASN E 35 0.68 49.50 36.83
N PRO E 36 -0.44 50.23 36.78
CA PRO E 36 -1.67 49.67 36.23
C PRO E 36 -1.68 49.50 34.71
N ASP E 37 -0.78 50.15 33.98
CA ASP E 37 -0.76 50.06 32.54
C ASP E 37 0.48 49.39 31.97
N LEU E 38 1.41 48.95 32.81
CA LEU E 38 2.61 48.28 32.32
C LEU E 38 2.38 46.78 32.29
N PRO E 39 2.52 46.11 31.14
CA PRO E 39 2.30 44.66 31.10
C PRO E 39 3.47 43.92 31.73
N ILE E 40 3.18 43.17 32.78
CA ILE E 40 4.20 42.47 33.55
C ILE E 40 4.00 40.98 33.27
N LEU E 41 4.66 40.45 32.24
CA LEU E 41 4.46 39.06 31.89
C LEU E 41 5.30 38.17 32.78
N ILE E 42 4.74 37.03 33.19
CA ILE E 42 5.47 36.01 33.94
C ILE E 42 5.33 34.69 33.20
N ARG E 43 6.45 34.08 32.87
CA ARG E 43 6.49 32.86 32.08
C ARG E 43 7.37 31.82 32.75
N GLU E 44 7.32 30.60 32.22
CA GLU E 44 7.84 29.42 32.87
C GLU E 44 9.03 28.86 32.09
N CYS E 45 10.16 28.66 32.78
CA CYS E 45 11.33 28.06 32.18
C CYS E 45 11.43 26.58 32.60
N SER E 46 12.44 25.90 32.08
CA SER E 46 12.68 24.49 32.41
C SER E 46 14.17 24.23 32.25
N ASP E 47 14.86 24.06 33.39
CA ASP E 47 16.31 23.89 33.42
C ASP E 47 17.02 25.06 32.73
N VAL E 48 16.47 26.26 32.90
CA VAL E 48 17.06 27.48 32.38
C VAL E 48 17.11 28.49 33.53
N GLN E 49 18.17 29.29 33.56
CA GLN E 49 18.31 30.27 34.62
C GLN E 49 17.15 31.26 34.58
N PRO E 50 16.62 31.66 35.73
CA PRO E 50 15.56 32.68 35.73
C PRO E 50 16.10 34.00 35.18
N LYS E 51 15.27 34.69 34.42
CA LYS E 51 15.72 35.90 33.74
C LYS E 51 14.64 36.97 33.79
N LEU E 52 15.08 38.22 33.64
CA LEU E 52 14.20 39.36 33.52
C LEU E 52 14.53 40.09 32.24
N TRP E 53 13.53 40.25 31.38
CA TRP E 53 13.68 40.98 30.13
C TRP E 53 12.93 42.29 30.23
N ALA E 54 13.58 43.38 29.82
CA ALA E 54 12.94 44.68 29.68
C ALA E 54 12.96 45.04 28.20
N ARG E 55 11.78 45.28 27.64
CA ARG E 55 11.64 45.66 26.23
C ARG E 55 11.27 47.14 26.22
N TYR E 56 12.17 47.95 25.66
CA TYR E 56 12.05 49.39 25.62
C TYR E 56 11.37 49.83 24.32
N ALA E 57 11.41 51.13 24.04
CA ALA E 57 10.83 51.63 22.81
C ALA E 57 11.67 51.21 21.61
N PHE E 58 11.01 51.11 20.45
CA PHE E 58 11.64 50.71 19.18
C PHE E 58 12.29 49.34 19.27
N GLY E 59 11.74 48.46 20.10
CA GLY E 59 12.12 47.07 20.13
C GLY E 59 13.41 46.74 20.84
N GLN E 60 14.07 47.72 21.45
CA GLN E 60 15.32 47.44 22.13
C GLN E 60 15.06 46.66 23.41
N GLU E 61 15.82 45.57 23.59
CA GLU E 61 15.59 44.63 24.69
C GLU E 61 16.88 44.44 25.48
N LYS E 62 16.72 44.24 26.79
CA LYS E 62 17.85 44.01 27.67
C LYS E 62 17.45 43.00 28.75
N ASN E 63 18.27 41.97 28.93
CA ASN E 63 17.97 40.91 29.88
C ASN E 63 19.00 40.89 31.00
N VAL E 64 18.56 40.46 32.18
CA VAL E 64 19.42 40.33 33.35
C VAL E 64 19.07 39.02 34.06
N SER E 65 20.09 38.29 34.47
CA SER E 65 19.87 37.00 35.13
C SER E 65 19.38 37.20 36.56
N LEU E 66 18.56 36.26 37.03
CA LEU E 66 17.99 36.29 38.36
C LEU E 66 18.31 35.00 39.12
N ASN E 67 19.35 34.29 38.70
CA ASN E 67 19.66 33.01 39.30
C ASN E 67 20.13 33.20 40.73
N ASN E 68 19.54 32.44 41.65
CA ASN E 68 19.86 32.46 43.08
C ASN E 68 19.65 33.83 43.71
N PHE E 69 18.87 34.70 43.09
CA PHE E 69 18.56 35.99 43.68
C PHE E 69 17.56 35.83 44.82
N SER E 70 17.69 36.70 45.81
CA SER E 70 16.70 36.75 46.89
C SER E 70 15.52 37.62 46.48
N ALA E 71 14.45 37.55 47.27
CA ALA E 71 13.24 38.31 46.95
C ALA E 71 13.49 39.81 47.03
N ASP E 72 14.22 40.26 48.06
CA ASP E 72 14.53 41.68 48.16
C ASP E 72 15.46 42.11 47.03
N GLN E 73 16.35 41.21 46.61
CA GLN E 73 17.25 41.50 45.49
C GLN E 73 16.48 41.72 44.20
N VAL E 74 15.53 40.84 43.89
CA VAL E 74 14.75 41.03 42.67
C VAL E 74 13.82 42.23 42.81
N THR E 75 13.33 42.51 44.01
CA THR E 75 12.55 43.72 44.23
C THR E 75 13.36 44.96 43.85
N ARG E 76 14.61 45.02 44.33
CA ARG E 76 15.48 46.14 44.01
C ARG E 76 15.79 46.19 42.52
N THR E 77 16.01 45.03 41.90
CA THR E 77 16.31 45.00 40.47
C THR E 77 15.14 45.53 39.65
N LEU E 78 13.91 45.11 39.97
CA LEU E 78 12.74 45.61 39.26
C LEU E 78 12.54 47.10 39.51
N GLU E 79 12.80 47.57 40.73
CA GLU E 79 12.73 49.01 40.98
C GLU E 79 13.73 49.76 40.12
N ASN E 80 14.95 49.24 40.00
CA ASN E 80 15.96 49.89 39.18
C ASN E 80 15.53 49.94 37.71
N VAL E 81 14.99 48.84 37.20
CA VAL E 81 14.57 48.82 35.80
C VAL E 81 13.39 49.77 35.58
N LEU E 82 12.42 49.79 36.48
CA LEU E 82 11.25 50.63 36.31
C LEU E 82 11.61 52.11 36.41
N SER E 83 12.50 52.47 37.34
CA SER E 83 12.84 53.87 37.53
C SER E 83 13.80 54.40 36.47
N GLY E 84 14.42 53.52 35.69
CA GLY E 84 15.31 53.91 34.62
C GLY E 84 16.77 54.04 35.03
N LYS E 85 17.06 53.95 36.32
CA LYS E 85 18.44 54.03 36.77
C LYS E 85 19.19 52.74 36.46
N ALA E 86 20.49 52.88 36.23
CA ALA E 86 21.34 51.74 35.93
C ALA E 86 22.57 51.73 36.82
N SER F 1 83.21 22.42 -16.85
CA SER F 1 81.85 22.34 -16.34
C SER F 1 80.89 23.14 -17.23
N ASP F 2 79.61 22.75 -17.20
CA ASP F 2 78.62 23.45 -18.01
C ASP F 2 78.42 24.88 -17.53
N ALA F 3 78.40 25.09 -16.21
CA ALA F 3 78.22 26.39 -15.60
C ALA F 3 79.19 26.56 -14.45
N PRO F 4 79.41 27.79 -14.00
CA PRO F 4 80.29 27.98 -12.85
C PRO F 4 79.70 27.36 -11.61
N PRO F 5 80.54 26.97 -10.65
CA PRO F 5 80.02 26.31 -9.45
C PRO F 5 79.06 27.21 -8.69
N LEU F 6 78.04 26.60 -8.09
CA LEU F 6 77.02 27.35 -7.38
C LEU F 6 77.58 27.97 -6.10
N THR F 7 76.87 28.97 -5.60
CA THR F 7 77.27 29.67 -4.38
C THR F 7 76.02 29.95 -3.58
N LEU F 8 76.19 30.13 -2.26
CA LEU F 8 75.07 30.33 -1.37
C LEU F 8 74.26 31.57 -1.74
N GLU F 9 74.91 32.60 -2.26
CA GLU F 9 74.20 33.82 -2.65
C GLU F 9 73.28 33.54 -3.83
N ALA F 10 73.73 32.76 -4.81
CA ALA F 10 72.87 32.41 -5.94
C ALA F 10 71.72 31.52 -5.48
N ILE F 11 71.98 30.63 -4.52
CA ILE F 11 70.91 29.80 -3.96
C ILE F 11 69.85 30.67 -3.29
N LYS F 12 70.29 31.65 -2.50
CA LYS F 12 69.34 32.57 -1.87
C LYS F 12 68.59 33.37 -2.92
N ASP F 13 69.27 33.81 -3.96
CA ASP F 13 68.61 34.57 -5.02
C ASP F 13 67.54 33.75 -5.70
N ARG F 14 67.83 32.49 -6.03
CA ARG F 14 66.84 31.64 -6.66
C ARG F 14 65.66 31.35 -5.73
N VAL F 15 65.92 31.07 -4.46
CA VAL F 15 64.84 30.81 -3.52
C VAL F 15 63.95 32.04 -3.39
N LEU F 16 64.56 33.22 -3.27
CA LEU F 16 63.78 34.44 -3.14
C LEU F 16 62.99 34.74 -4.41
N TYR F 17 63.57 34.47 -5.58
CA TYR F 17 62.87 34.73 -6.83
C TYR F 17 61.65 33.82 -6.97
N VAL F 18 61.83 32.53 -6.72
CA VAL F 18 60.70 31.61 -6.84
C VAL F 18 59.67 31.89 -5.75
N LEU F 19 60.09 32.46 -4.61
CA LEU F 19 59.11 32.93 -3.64
C LEU F 19 58.39 34.19 -4.12
N LYS F 20 59.08 35.02 -4.90
CA LYS F 20 58.42 36.15 -5.57
C LYS F 20 57.32 35.66 -6.49
N LEU F 21 57.57 34.56 -7.20
CA LEU F 21 56.59 34.00 -8.11
C LEU F 21 55.27 33.65 -7.41
N TYR F 22 55.30 33.35 -6.12
CA TYR F 22 54.08 32.97 -5.41
C TYR F 22 53.17 34.18 -5.25
N ASP F 23 51.95 34.09 -5.80
CA ASP F 23 51.07 35.23 -5.85
C ASP F 23 50.45 35.57 -4.48
N LYS F 24 50.47 34.63 -3.54
CA LYS F 24 49.92 34.90 -2.21
C LYS F 24 50.88 35.67 -1.32
N ILE F 25 52.09 35.93 -1.78
CA ILE F 25 53.10 36.68 -1.03
C ILE F 25 53.36 37.98 -1.76
N ASP F 26 53.16 39.09 -1.06
CA ASP F 26 53.38 40.41 -1.65
C ASP F 26 54.87 40.77 -1.62
N PRO F 27 55.31 41.63 -2.55
CA PRO F 27 56.74 41.98 -2.62
C PRO F 27 57.28 42.67 -1.37
N GLU F 28 56.45 43.38 -0.62
CA GLU F 28 56.91 44.22 0.47
C GLU F 28 56.76 43.56 1.84
N LYS F 29 56.54 42.26 1.89
CA LYS F 29 56.42 41.55 3.15
C LYS F 29 57.40 40.38 3.28
N LEU F 30 57.98 39.94 2.17
CA LEU F 30 58.87 38.79 2.21
C LEU F 30 60.27 39.20 2.66
N SER F 31 60.85 38.40 3.54
CA SER F 31 62.22 38.58 3.99
C SER F 31 62.85 37.21 4.20
N VAL F 32 64.17 37.21 4.39
CA VAL F 32 64.90 35.95 4.50
C VAL F 32 64.47 35.18 5.75
N ASN F 33 64.31 35.85 6.87
CA ASN F 33 63.92 35.20 8.12
C ASN F 33 62.42 35.22 8.34
N SER F 34 61.64 35.72 7.38
CA SER F 34 60.20 35.77 7.52
C SER F 34 59.62 34.36 7.60
N HIS F 35 58.70 34.17 8.53
CA HIS F 35 58.08 32.87 8.78
C HIS F 35 56.76 32.78 8.05
N PHE F 36 56.49 31.63 7.43
CA PHE F 36 55.28 31.48 6.63
C PHE F 36 54.02 31.59 7.49
N MET F 37 54.05 31.02 8.70
CA MET F 37 52.81 30.88 9.46
C MET F 37 52.25 32.23 9.89
N LYS F 38 53.07 33.08 10.50
CA LYS F 38 52.58 34.34 11.03
C LYS F 38 53.08 35.57 10.29
N ASP F 39 54.34 35.56 9.83
CA ASP F 39 54.85 36.71 9.09
C ASP F 39 54.26 36.80 7.69
N LEU F 40 53.72 35.70 7.16
CA LEU F 40 53.13 35.67 5.83
C LEU F 40 51.71 35.14 5.80
N GLY F 41 51.24 34.46 6.83
CA GLY F 41 49.89 33.94 6.85
C GLY F 41 49.63 32.86 5.82
N LEU F 42 50.29 31.73 5.97
CA LEU F 42 50.15 30.61 5.05
C LEU F 42 49.83 29.34 5.84
N ASP F 43 49.19 28.39 5.16
CA ASP F 43 48.78 27.14 5.79
C ASP F 43 49.66 25.98 5.29
N SER F 44 49.29 24.77 5.70
CA SER F 44 50.08 23.60 5.37
C SER F 44 50.12 23.36 3.87
N LEU F 45 48.98 23.54 3.19
CA LEU F 45 48.94 23.28 1.75
C LEU F 45 49.76 24.31 0.98
N ASP F 46 49.74 25.57 1.40
CA ASP F 46 50.59 26.57 0.78
C ASP F 46 52.07 26.22 0.96
N GLN F 47 52.44 25.77 2.16
CA GLN F 47 53.82 25.38 2.40
C GLN F 47 54.20 24.18 1.53
N VAL F 48 53.26 23.27 1.30
CA VAL F 48 53.50 22.15 0.40
C VAL F 48 53.74 22.64 -1.03
N GLU F 49 52.93 23.60 -1.48
CA GLU F 49 53.16 24.20 -2.80
C GLU F 49 54.52 24.86 -2.88
N ILE F 50 54.92 25.56 -1.82
CA ILE F 50 56.22 26.24 -1.82
C ILE F 50 57.36 25.23 -1.92
N ILE F 51 57.27 24.14 -1.16
CA ILE F 51 58.32 23.12 -1.20
C ILE F 51 58.36 22.46 -2.58
N MET F 52 57.19 22.19 -3.16
CA MET F 52 57.15 21.63 -4.50
C MET F 52 57.79 22.58 -5.51
N ALA F 53 57.51 23.88 -5.38
CA ALA F 53 58.15 24.87 -6.25
C ALA F 53 59.66 24.85 -6.07
N MET F 54 60.12 24.77 -4.82
CA MET F 54 61.55 24.67 -4.54
C MET F 54 62.15 23.52 -5.33
N GLU F 55 61.54 22.34 -5.20
CA GLU F 55 62.16 21.13 -5.71
C GLU F 55 62.06 21.02 -7.23
N ASP F 56 61.02 21.59 -7.85
CA ASP F 56 61.05 21.58 -9.31
C ASP F 56 61.85 22.75 -9.86
N GLU F 57 62.22 23.72 -9.03
CA GLU F 57 63.14 24.75 -9.46
C GLU F 57 64.59 24.26 -9.45
N PHE F 58 65.02 23.64 -8.35
CA PHE F 58 66.41 23.21 -8.28
C PHE F 58 66.60 21.79 -8.81
N GLY F 59 65.56 20.96 -8.78
CA GLY F 59 65.61 19.66 -9.43
C GLY F 59 66.07 18.50 -8.57
N PHE F 60 65.44 18.29 -7.42
CA PHE F 60 65.72 17.11 -6.62
C PHE F 60 64.50 16.82 -5.73
N GLU F 61 64.20 15.55 -5.54
CA GLU F 61 63.04 15.17 -4.76
C GLU F 61 63.23 15.49 -3.28
N ILE F 62 62.21 16.10 -2.69
CA ILE F 62 62.23 16.43 -1.26
C ILE F 62 61.24 15.51 -0.55
N PRO F 63 61.70 14.61 0.31
CA PRO F 63 60.76 13.74 1.05
C PRO F 63 59.85 14.56 1.95
N ASP F 64 58.65 14.03 2.17
CA ASP F 64 57.66 14.73 3.00
C ASP F 64 58.08 14.81 4.46
N ILE F 65 58.92 13.89 4.93
CA ILE F 65 59.29 13.86 6.34
C ILE F 65 60.08 15.11 6.72
N ASP F 66 61.05 15.50 5.88
CA ASP F 66 61.86 16.67 6.14
C ASP F 66 61.40 17.90 5.36
N ALA F 67 60.32 17.80 4.59
CA ALA F 67 59.77 18.97 3.91
C ALA F 67 58.89 19.79 4.84
N GLU F 68 58.31 19.15 5.87
CA GLU F 68 57.44 19.83 6.80
C GLU F 68 58.19 20.79 7.71
N LYS F 69 59.45 20.52 8.03
CA LYS F 69 60.22 21.36 8.93
C LYS F 69 60.84 22.58 8.26
N LEU F 70 60.75 22.70 6.94
CA LEU F 70 61.23 23.89 6.26
C LEU F 70 60.24 25.03 6.44
N MET F 71 60.43 25.85 7.46
CA MET F 71 59.43 26.82 7.87
C MET F 71 59.72 28.24 7.44
N CYS F 72 60.98 28.60 7.21
CA CYS F 72 61.34 29.88 6.63
C CYS F 72 62.53 29.69 5.72
N PRO F 73 62.77 30.61 4.77
CA PRO F 73 63.75 30.33 3.71
C PRO F 73 65.16 30.06 4.22
N GLN F 74 65.50 30.42 5.45
CA GLN F 74 66.83 30.09 5.96
C GLN F 74 67.03 28.58 6.06
N GLU F 75 66.02 27.86 6.58
CA GLU F 75 66.09 26.40 6.56
C GLU F 75 66.06 25.85 5.14
N ILE F 76 65.32 26.48 4.23
CA ILE F 76 65.31 26.01 2.85
C ILE F 76 66.70 26.07 2.25
N VAL F 77 67.38 27.21 2.41
CA VAL F 77 68.71 27.36 1.81
C VAL F 77 69.72 26.47 2.53
N ASP F 78 69.62 26.36 3.85
CA ASP F 78 70.52 25.47 4.58
C ASP F 78 70.34 24.03 4.11
N TYR F 79 69.10 23.59 3.95
CA TYR F 79 68.82 22.22 3.53
C TYR F 79 69.32 21.96 2.12
N ILE F 80 69.08 22.90 1.20
CA ILE F 80 69.52 22.68 -0.18
C ILE F 80 71.05 22.73 -0.28
N ALA F 81 71.69 23.55 0.55
CA ALA F 81 73.15 23.58 0.56
C ALA F 81 73.71 22.28 1.12
N ASP F 82 73.11 21.76 2.20
CA ASP F 82 73.55 20.49 2.75
C ASP F 82 73.35 19.36 1.74
N LYS F 83 72.24 19.37 1.01
CA LYS F 83 72.00 18.36 -0.01
C LYS F 83 73.02 18.47 -1.14
N LYS F 84 73.31 19.69 -1.58
CA LYS F 84 74.26 19.91 -2.66
C LYS F 84 75.70 20.00 -2.17
N ASP F 85 75.93 19.99 -0.86
CA ASP F 85 77.27 20.09 -0.27
C ASP F 85 77.98 21.36 -0.74
N VAL F 86 77.39 22.50 -0.40
CA VAL F 86 77.97 23.79 -0.73
C VAL F 86 78.75 24.30 0.46
N TYR F 87 79.88 24.97 0.18
CA TYR F 87 80.74 25.49 1.23
C TYR F 87 80.43 26.95 1.54
N GLU F 88 80.52 27.82 0.55
CA GLU F 88 80.26 29.23 0.75
C GLU F 88 78.88 29.62 0.23
N LEU G 1 50.08 -49.19 -14.04
CA LEU G 1 49.51 -48.02 -13.38
C LEU G 1 48.65 -47.23 -14.35
N LYS G 2 47.80 -46.35 -13.83
CA LYS G 2 46.90 -45.57 -14.66
C LYS G 2 47.59 -44.30 -15.17
N LYS G 3 46.85 -43.54 -15.96
CA LYS G 3 47.31 -42.26 -16.49
C LYS G 3 46.11 -41.37 -16.68
N THR G 4 46.32 -40.05 -16.64
CA THR G 4 45.26 -39.07 -16.85
C THR G 4 44.13 -39.26 -15.83
N THR G 5 44.45 -38.93 -14.58
CA THR G 5 43.50 -38.97 -13.47
C THR G 5 42.13 -38.43 -13.85
N GLY G 6 42.09 -37.49 -14.80
CA GLY G 6 40.85 -36.89 -15.26
C GLY G 6 40.69 -35.46 -14.84
N LEU G 7 41.38 -35.02 -13.79
CA LEU G 7 41.36 -33.65 -13.33
C LEU G 7 42.51 -32.92 -14.00
N VAL G 8 42.25 -31.76 -14.58
CA VAL G 8 43.28 -31.00 -15.26
C VAL G 8 44.21 -30.38 -14.22
N GLY G 9 45.51 -30.55 -14.44
CA GLY G 9 46.52 -30.01 -13.54
C GLY G 9 46.91 -30.93 -12.40
N LEU G 10 46.28 -32.09 -12.27
CA LEU G 10 46.59 -33.04 -11.21
C LEU G 10 47.34 -34.20 -11.84
N ALA G 11 48.56 -34.44 -11.35
CA ALA G 11 49.42 -35.46 -11.94
C ALA G 11 49.20 -36.82 -11.27
N VAL G 12 49.60 -37.86 -11.98
CA VAL G 12 49.53 -39.23 -11.46
C VAL G 12 50.72 -39.44 -10.55
N CYS G 13 50.46 -39.89 -9.32
CA CYS G 13 51.50 -40.10 -8.33
C CYS G 13 51.86 -41.57 -8.27
N GLU G 14 53.02 -41.92 -8.82
CA GLU G 14 53.58 -43.25 -8.64
C GLU G 14 54.02 -43.41 -7.19
N THR G 15 53.81 -44.61 -6.65
CA THR G 15 54.11 -44.93 -5.26
C THR G 15 53.40 -43.96 -4.33
N PRO G 16 52.07 -43.99 -4.25
CA PRO G 16 51.36 -43.04 -3.37
C PRO G 16 51.34 -43.43 -1.91
N HIS G 17 51.59 -44.70 -1.58
CA HIS G 17 51.55 -45.13 -0.18
C HIS G 17 52.64 -44.45 0.64
N GLU G 18 53.84 -44.36 0.09
CA GLU G 18 54.95 -43.71 0.81
C GLU G 18 54.65 -42.23 1.01
N ARG G 19 54.14 -41.57 -0.02
CA ARG G 19 53.79 -40.16 0.10
C ARG G 19 52.72 -39.95 1.17
N LEU G 20 51.70 -40.81 1.18
CA LEU G 20 50.66 -40.71 2.20
C LEU G 20 51.23 -40.90 3.60
N LYS G 21 52.11 -41.90 3.77
CA LYS G 21 52.68 -42.14 5.09
C LYS G 21 53.50 -40.96 5.57
N ILE G 22 54.33 -40.39 4.69
CA ILE G 22 55.13 -39.23 5.08
C ILE G 22 54.23 -38.05 5.44
N LEU G 23 53.19 -37.81 4.64
CA LEU G 23 52.32 -36.67 4.92
C LEU G 23 51.57 -36.85 6.24
N TYR G 24 51.10 -38.06 6.53
CA TYR G 24 50.39 -38.28 7.78
C TYR G 24 51.32 -38.17 8.98
N THR G 25 52.57 -38.65 8.84
CA THR G 25 53.53 -38.47 9.93
C THR G 25 53.84 -36.99 10.16
N LYS G 26 53.97 -36.22 9.08
CA LYS G 26 54.18 -34.78 9.24
C LYS G 26 52.99 -34.12 9.93
N ILE G 27 51.78 -34.53 9.55
CA ILE G 27 50.58 -33.95 10.17
C ILE G 27 50.56 -34.25 11.66
N LEU G 28 50.87 -35.50 12.04
CA LEU G 28 50.89 -35.84 13.46
C LEU G 28 51.98 -35.09 14.20
N ASP G 29 53.15 -34.92 13.57
CA ASP G 29 54.24 -34.19 14.21
C ASP G 29 53.81 -32.74 14.48
N VAL G 30 53.15 -32.11 13.50
CA VAL G 30 52.70 -30.73 13.71
C VAL G 30 51.59 -30.68 14.76
N LEU G 31 50.70 -31.67 14.76
CA LEU G 31 49.65 -31.70 15.77
C LEU G 31 50.20 -31.88 17.17
N GLY G 32 51.39 -32.47 17.29
CA GLY G 32 51.99 -32.66 18.60
C GLY G 32 52.20 -31.38 19.37
N GLN G 33 52.50 -30.28 18.67
CA GLN G 33 52.78 -29.01 19.32
C GLN G 33 51.52 -28.25 19.73
N ILE G 34 50.34 -28.71 19.34
CA ILE G 34 49.09 -28.09 19.76
C ILE G 34 48.77 -28.55 21.18
N PRO G 35 48.15 -27.71 22.01
CA PRO G 35 47.77 -28.15 23.36
C PRO G 35 46.86 -29.38 23.33
N LYS G 36 47.01 -30.22 24.35
CA LYS G 36 46.33 -31.51 24.36
C LYS G 36 44.81 -31.35 24.38
N ASN G 37 44.31 -30.40 25.17
CA ASN G 37 42.87 -30.25 25.33
C ASN G 37 42.20 -29.49 24.18
N ALA G 38 42.98 -28.99 23.22
CA ALA G 38 42.39 -28.34 22.06
C ALA G 38 41.58 -29.33 21.23
N ALA G 39 40.37 -28.93 20.85
CA ALA G 39 39.50 -29.82 20.09
C ALA G 39 40.06 -30.12 18.71
N TYR G 40 40.67 -29.12 18.06
CA TYR G 40 41.25 -29.36 16.75
C TYR G 40 42.30 -30.45 16.79
N ARG G 41 43.14 -30.44 17.83
CA ARG G 41 44.18 -31.45 17.95
C ARG G 41 43.59 -32.85 18.02
N LYS G 42 42.64 -33.06 18.93
CA LYS G 42 42.11 -34.42 19.09
C LYS G 42 41.36 -34.88 17.85
N TYR G 43 40.57 -34.00 17.24
CA TYR G 43 39.83 -34.39 16.05
C TYR G 43 40.76 -34.76 14.91
N THR G 44 41.78 -33.92 14.66
CA THR G 44 42.69 -34.20 13.56
C THR G 44 43.58 -35.40 13.86
N GLU G 45 43.93 -35.60 15.13
CA GLU G 45 44.64 -36.80 15.52
C GLU G 45 43.84 -38.05 15.20
N GLN G 46 42.55 -38.03 15.54
CA GLN G 46 41.69 -39.18 15.25
C GLN G 46 41.60 -39.43 13.75
N ILE G 47 41.40 -38.36 12.98
CA ILE G 47 41.27 -38.50 11.53
C ILE G 47 42.55 -39.08 10.92
N THR G 48 43.69 -38.50 11.29
CA THR G 48 44.96 -38.92 10.70
C THR G 48 45.32 -40.33 11.12
N ASN G 49 45.04 -40.70 12.37
CA ASN G 49 45.28 -42.07 12.80
C ASN G 49 44.42 -43.05 12.01
N GLU G 50 43.14 -42.72 11.80
CA GLU G 50 42.27 -43.60 11.03
C GLU G 50 42.79 -43.77 9.61
N LYS G 51 43.17 -42.67 8.97
CA LYS G 51 43.63 -42.74 7.58
C LYS G 51 44.96 -43.47 7.46
N LEU G 52 45.86 -43.26 8.42
CA LEU G 52 47.15 -43.96 8.41
C LEU G 52 46.95 -45.46 8.64
N GLY G 53 46.02 -45.82 9.53
CA GLY G 53 45.71 -47.22 9.70
C GLY G 53 45.14 -47.85 8.44
N MET G 54 44.28 -47.12 7.73
CA MET G 54 43.72 -47.65 6.50
C MET G 54 44.78 -47.79 5.41
N VAL G 55 45.73 -46.85 5.34
CA VAL G 55 46.71 -46.91 4.26
C VAL G 55 47.80 -47.94 4.58
N LYS G 56 48.09 -48.19 5.85
CA LYS G 56 49.05 -49.23 6.18
C LYS G 56 48.44 -50.63 6.04
N ALA G 57 47.11 -50.73 6.04
CA ALA G 57 46.44 -52.01 6.00
C ALA G 57 45.98 -52.42 4.60
N GLU G 58 46.35 -51.67 3.57
CA GLU G 58 45.91 -52.03 2.22
C GLU G 58 47.00 -51.73 1.20
N PRO G 59 47.72 -52.75 0.72
CA PRO G 59 48.75 -52.50 -0.30
C PRO G 59 48.20 -52.08 -1.64
N ASP G 60 46.93 -52.38 -1.93
CA ASP G 60 46.32 -52.01 -3.19
C ASP G 60 46.01 -50.51 -3.21
N VAL G 61 45.79 -49.99 -4.42
CA VAL G 61 45.42 -48.59 -4.60
C VAL G 61 43.93 -48.44 -4.93
N LYS G 62 43.35 -49.40 -5.65
CA LYS G 62 41.94 -49.33 -5.96
C LYS G 62 41.09 -49.59 -4.73
N LYS G 63 41.40 -50.66 -3.99
CA LYS G 63 40.68 -50.95 -2.75
C LYS G 63 40.91 -49.86 -1.71
N LEU G 64 42.12 -49.30 -1.69
CA LEU G 64 42.38 -48.18 -0.80
C LEU G 64 41.55 -46.96 -1.17
N GLU G 65 41.37 -46.72 -2.48
CA GLU G 65 40.50 -45.64 -2.91
C GLU G 65 39.07 -45.89 -2.44
N GLU G 66 38.59 -47.13 -2.56
CA GLU G 66 37.23 -47.45 -2.14
C GLU G 66 37.07 -47.27 -0.63
N GLN G 67 38.06 -47.69 0.15
CA GLN G 67 37.94 -47.61 1.61
C GLN G 67 38.08 -46.19 2.12
N LEU G 68 39.03 -45.41 1.58
CA LEU G 68 39.30 -44.07 2.07
C LEU G 68 38.15 -43.10 1.82
N GLN G 69 37.22 -43.44 0.93
CA GLN G 69 36.05 -42.62 0.61
C GLN G 69 36.42 -41.22 0.14
N GLY G 70 37.56 -41.07 -0.53
CA GLY G 70 37.89 -39.83 -1.17
C GLY G 70 38.02 -39.98 -2.68
N GLY G 71 38.47 -41.16 -3.11
CA GLY G 71 38.63 -41.45 -4.53
C GLY G 71 39.79 -40.68 -5.14
N GLN G 72 40.44 -41.25 -6.15
CA GLN G 72 41.53 -40.56 -6.85
C GLN G 72 42.63 -40.16 -5.85
N ILE G 73 43.34 -41.19 -5.39
CA ILE G 73 44.32 -41.09 -4.30
C ILE G 73 45.15 -39.81 -4.39
N GLU G 74 45.46 -39.36 -5.61
CA GLU G 74 46.15 -38.08 -5.77
C GLU G 74 45.41 -36.95 -5.08
N GLU G 75 44.08 -36.97 -5.13
CA GLU G 75 43.31 -36.01 -4.34
C GLU G 75 43.50 -36.23 -2.84
N VAL G 76 43.75 -37.47 -2.41
CA VAL G 76 44.03 -37.70 -0.99
C VAL G 76 45.36 -37.09 -0.59
N ILE G 77 46.38 -37.20 -1.43
CA ILE G 77 47.64 -36.50 -1.15
C ILE G 77 47.42 -35.00 -1.12
N LEU G 78 46.64 -34.47 -2.07
CA LEU G 78 46.39 -33.03 -2.08
C LEU G 78 45.69 -32.57 -0.80
N GLN G 79 44.69 -33.33 -0.35
CA GLN G 79 44.00 -32.98 0.88
C GLN G 79 44.90 -33.14 2.09
N ALA G 80 45.83 -34.10 2.08
CA ALA G 80 46.78 -34.23 3.16
C ALA G 80 47.71 -33.02 3.23
N GLU G 81 48.17 -32.54 2.07
CA GLU G 81 48.98 -31.32 2.06
C GLU G 81 48.19 -30.14 2.61
N ASN G 82 46.92 -30.03 2.20
CA ASN G 82 46.09 -28.93 2.68
C ASN G 82 45.90 -29.01 4.19
N GLU G 83 45.68 -30.21 4.72
CA GLU G 83 45.51 -30.39 6.16
C GLU G 83 46.79 -30.05 6.91
N LEU G 84 47.95 -30.42 6.35
CA LEU G 84 49.22 -30.07 6.98
C LEU G 84 49.42 -28.56 7.05
N SER G 85 49.13 -27.87 5.94
CA SER G 85 49.25 -26.42 5.94
C SER G 85 48.28 -25.79 6.94
N LEU G 86 47.06 -26.31 7.01
CA LEU G 86 46.09 -25.80 7.98
C LEU G 86 46.58 -26.04 9.40
N ALA G 87 47.20 -27.19 9.66
CA ALA G 87 47.70 -27.46 11.00
C ALA G 87 48.77 -26.46 11.41
N ARG G 88 49.70 -26.18 10.50
CA ARG G 88 50.72 -25.17 10.81
C ARG G 88 50.08 -23.80 11.03
N LYS G 89 49.12 -23.43 10.18
CA LYS G 89 48.47 -22.12 10.30
C LYS G 89 47.72 -22.00 11.63
N MET G 90 47.03 -23.06 12.05
CA MET G 90 46.27 -23.00 13.29
C MET G 90 47.17 -23.07 14.51
N LEU G 91 48.33 -23.72 14.38
CA LEU G 91 49.31 -23.61 15.46
C LEU G 91 49.78 -22.18 15.61
N ARG G 92 49.90 -21.46 14.49
CA ARG G 92 50.22 -20.04 14.57
C ARG G 92 49.07 -19.23 15.15
N TRP G 93 47.83 -19.56 14.77
CA TRP G 93 46.67 -18.74 15.11
C TRP G 93 46.25 -18.92 16.57
N LYS G 94 46.36 -20.15 17.09
CA LYS G 94 45.91 -20.51 18.43
C LYS G 94 44.42 -20.21 18.58
N PRO G 95 43.55 -20.92 17.86
CA PRO G 95 42.10 -20.63 17.94
C PRO G 95 41.37 -21.35 19.05
N TRP G 96 42.07 -22.09 19.91
CA TRP G 96 41.45 -22.78 21.03
C TRP G 96 41.18 -21.87 22.23
N GLU G 97 41.64 -20.62 22.18
CA GLU G 97 41.45 -19.70 23.28
C GLU G 97 39.99 -19.27 23.37
N PRO G 98 39.57 -18.74 24.51
CA PRO G 98 38.18 -18.28 24.64
C PRO G 98 37.83 -17.19 23.63
N LEU G 99 36.54 -16.85 23.59
CA LEU G 99 36.04 -15.91 22.60
C LEU G 99 36.70 -14.55 22.76
N VAL G 100 36.96 -13.89 21.63
CA VAL G 100 37.59 -12.57 21.66
C VAL G 100 36.71 -11.58 22.42
N GLU G 101 35.44 -11.49 22.05
CA GLU G 101 34.46 -10.70 22.77
C GLU G 101 33.09 -11.00 22.21
N GLU G 102 32.07 -10.84 23.06
CA GLU G 102 30.71 -11.05 22.65
C GLU G 102 30.24 -9.94 21.72
N PRO G 103 29.29 -10.22 20.84
CA PRO G 103 28.74 -9.17 19.98
C PRO G 103 27.87 -8.22 20.79
N PRO G 104 27.54 -7.06 20.24
CA PRO G 104 26.62 -6.15 20.93
C PRO G 104 25.27 -6.81 21.17
N ALA G 105 24.42 -6.10 21.91
CA ALA G 105 23.24 -6.70 22.50
C ALA G 105 22.33 -7.35 21.45
N ASN G 106 21.98 -6.62 20.41
CA ASN G 106 21.06 -7.10 19.39
C ASN G 106 21.73 -7.21 18.03
N GLN G 107 22.97 -7.73 18.03
CA GLN G 107 23.73 -7.83 16.79
C GLN G 107 23.09 -8.80 15.81
N TRP G 108 22.60 -9.95 16.30
CA TRP G 108 22.05 -10.98 15.44
C TRP G 108 20.55 -11.15 15.59
N LYS G 109 19.86 -10.13 16.09
CA LYS G 109 18.42 -10.17 16.28
C LYS G 109 17.73 -9.88 14.96
N TRP G 110 17.01 -10.88 14.42
CA TRP G 110 16.21 -10.71 13.23
C TRP G 110 14.80 -11.21 13.49
N PRO G 111 13.76 -10.48 13.03
CA PRO G 111 13.77 -9.23 12.27
C PRO G 111 14.23 -8.01 13.07
N ILE G 112 14.54 -6.94 12.34
CA ILE G 112 15.08 -5.69 12.87
C ILE G 112 16.20 -5.96 13.88
N ALA H 1 7.83 -30.31 -48.59
CA ALA H 1 8.60 -29.50 -49.52
C ALA H 1 8.34 -29.91 -50.95
N SER H 2 8.08 -28.94 -51.82
CA SER H 2 7.78 -29.20 -53.22
C SER H 2 9.05 -29.05 -54.06
N ALA H 3 10.02 -29.91 -53.76
CA ALA H 3 11.30 -29.91 -54.45
C ALA H 3 11.39 -31.11 -55.38
N THR H 4 11.97 -30.88 -56.55
CA THR H 4 12.10 -31.93 -57.55
C THR H 4 13.01 -33.04 -57.05
N ARG H 5 12.80 -34.25 -57.59
CA ARG H 5 13.54 -35.41 -57.11
C ARG H 5 15.04 -35.24 -57.31
N VAL H 6 15.46 -34.63 -58.41
CA VAL H 6 16.89 -34.44 -58.65
C VAL H 6 17.49 -33.51 -57.62
N ILE H 7 16.77 -32.44 -57.26
CA ILE H 7 17.28 -31.50 -56.25
C ILE H 7 17.33 -32.17 -54.88
N GLN H 8 16.33 -33.01 -54.57
CA GLN H 8 16.35 -33.75 -53.32
C GLN H 8 17.54 -34.70 -53.28
N LEU H 9 17.82 -35.38 -54.39
CA LEU H 9 18.98 -36.27 -54.43
C LEU H 9 20.28 -35.49 -54.26
N LEU H 10 20.39 -34.33 -54.90
CA LEU H 10 21.59 -33.52 -54.80
C LEU H 10 21.80 -33.04 -53.35
N ARG H 11 20.75 -32.54 -52.72
CA ARG H 11 20.88 -32.05 -51.35
C ARG H 11 21.18 -33.18 -50.38
N ASN H 12 20.56 -34.35 -50.57
CA ASN H 12 20.82 -35.49 -49.69
C ASN H 12 22.25 -35.99 -49.84
N TRP H 13 22.77 -36.03 -51.08
CA TRP H 13 24.15 -36.45 -51.27
C TRP H 13 25.12 -35.43 -50.68
N ALA H 14 24.85 -34.14 -50.87
CA ALA H 14 25.75 -33.12 -50.35
C ALA H 14 25.78 -33.15 -48.82
N SER H 15 24.62 -33.28 -48.18
CA SER H 15 24.59 -33.34 -46.72
C SER H 15 25.02 -34.71 -46.22
N GLY H 16 24.72 -35.77 -46.98
CA GLY H 16 25.01 -37.12 -46.56
C GLY H 16 23.91 -37.80 -45.77
N ARG H 17 22.76 -37.14 -45.58
CA ARG H 17 21.67 -37.69 -44.80
C ARG H 17 20.35 -37.37 -45.52
N ASP H 18 19.30 -38.11 -45.17
CA ASP H 18 18.01 -37.98 -45.83
C ASP H 18 17.28 -36.78 -45.24
N LEU H 19 17.20 -35.69 -46.02
CA LEU H 19 16.62 -34.45 -45.52
C LEU H 19 15.09 -34.50 -45.51
N GLN H 20 14.48 -35.21 -46.46
CA GLN H 20 13.02 -35.19 -46.60
C GLN H 20 12.32 -35.88 -45.43
N ALA H 21 13.02 -36.76 -44.72
CA ALA H 21 12.41 -37.44 -43.58
C ALA H 21 12.07 -36.47 -42.46
N LYS H 22 12.96 -35.52 -42.19
CA LYS H 22 12.83 -34.58 -41.08
C LYS H 22 13.18 -33.19 -41.60
N LEU H 23 12.17 -32.47 -42.05
CA LEU H 23 12.33 -31.13 -42.59
C LEU H 23 12.23 -30.08 -41.48
N GLN H 24 12.97 -28.99 -41.66
CA GLN H 24 13.01 -27.92 -40.67
C GLN H 24 11.97 -26.84 -40.91
N LEU H 25 11.15 -26.98 -41.95
CA LEU H 25 10.02 -26.10 -42.20
C LEU H 25 8.75 -26.82 -41.78
N ARG H 26 7.88 -26.12 -41.05
CA ARG H 26 6.70 -26.75 -40.48
C ARG H 26 5.57 -26.78 -41.49
N TYR H 27 4.84 -27.90 -41.51
CA TYR H 27 3.78 -28.11 -42.49
C TYR H 27 2.49 -28.52 -41.80
N GLN H 28 1.52 -29.03 -42.57
CA GLN H 28 0.21 -29.40 -42.04
C GLN H 28 0.27 -30.38 -40.88
N GLU H 29 1.44 -30.94 -40.59
CA GLU H 29 1.61 -31.89 -39.49
C GLU H 29 1.55 -31.23 -38.11
N ILE H 30 1.49 -29.90 -38.04
CA ILE H 30 1.38 -29.21 -36.75
C ILE H 30 -0.07 -29.21 -36.27
N SER H 31 -0.27 -28.84 -35.01
CA SER H 31 -1.60 -28.84 -34.41
C SER H 31 -2.41 -27.63 -34.87
N LYS H 32 -3.74 -27.80 -34.84
CA LYS H 32 -4.64 -26.77 -35.33
C LYS H 32 -4.67 -25.57 -34.39
N ARG H 33 -4.81 -24.39 -34.98
CA ARG H 33 -4.77 -23.15 -34.21
C ARG H 33 -6.05 -22.89 -33.43
N THR H 34 -7.15 -23.56 -33.75
CA THR H 34 -8.38 -23.47 -32.98
C THR H 34 -8.63 -24.82 -32.31
N GLN H 35 -8.82 -24.79 -30.99
CA GLN H 35 -8.85 -25.99 -30.18
C GLN H 35 -10.14 -26.07 -29.38
N PRO H 36 -10.53 -27.26 -28.93
CA PRO H 36 -11.72 -27.39 -28.08
C PRO H 36 -11.51 -26.72 -26.73
N PRO H 37 -12.58 -26.39 -26.02
CA PRO H 37 -12.45 -25.85 -24.68
C PRO H 37 -11.83 -26.85 -23.72
N PRO H 38 -11.01 -26.39 -22.77
CA PRO H 38 -10.47 -27.29 -21.74
C PRO H 38 -11.37 -27.40 -20.53
N LYS H 39 -10.95 -28.16 -19.52
CA LYS H 39 -11.70 -28.31 -18.27
C LYS H 39 -10.87 -28.01 -17.03
N LEU H 40 -9.57 -28.31 -17.03
CA LEU H 40 -8.64 -27.86 -15.99
C LEU H 40 -9.07 -28.24 -14.58
N PRO H 41 -8.80 -29.48 -14.17
CA PRO H 41 -9.31 -29.95 -12.87
C PRO H 41 -8.88 -29.07 -11.71
N VAL H 42 -9.64 -29.16 -10.62
CA VAL H 42 -9.42 -28.39 -9.41
C VAL H 42 -8.31 -29.02 -8.57
N GLY H 43 -7.84 -28.29 -7.55
CA GLY H 43 -6.78 -28.76 -6.70
C GLY H 43 -7.25 -29.77 -5.67
N PRO H 44 -6.33 -30.19 -4.79
CA PRO H 44 -6.69 -31.20 -3.79
C PRO H 44 -7.44 -30.66 -2.60
N SER H 45 -7.35 -29.36 -2.32
CA SER H 45 -8.02 -28.76 -1.18
C SER H 45 -9.35 -28.13 -1.54
N HIS H 46 -10.00 -28.60 -2.62
CA HIS H 46 -11.32 -28.13 -3.01
C HIS H 46 -12.43 -28.96 -2.38
N LYS H 47 -12.19 -29.54 -1.22
CA LYS H 47 -13.19 -30.34 -0.52
C LYS H 47 -14.23 -29.44 0.13
N LEU H 48 -15.37 -30.04 0.48
CA LEU H 48 -16.43 -29.33 1.18
C LEU H 48 -16.42 -29.59 2.69
N SER H 49 -15.64 -30.56 3.16
CA SER H 49 -15.60 -30.90 4.57
C SER H 49 -14.23 -31.49 4.90
N ASN H 50 -13.90 -31.47 6.20
CA ASN H 50 -12.60 -31.93 6.67
C ASN H 50 -11.47 -31.17 5.96
N ASN H 51 -11.72 -29.88 5.74
CA ASN H 51 -10.84 -29.03 4.94
C ASN H 51 -10.53 -27.74 5.68
N TYR H 52 -10.40 -27.82 7.00
CA TYR H 52 -10.08 -26.63 7.77
C TYR H 52 -8.71 -26.11 7.40
N TYR H 53 -8.60 -24.79 7.30
CA TYR H 53 -7.39 -24.19 6.77
C TYR H 53 -6.21 -24.32 7.74
N CYS H 54 -6.48 -24.40 9.04
CA CYS H 54 -5.40 -24.51 10.01
C CYS H 54 -4.61 -25.80 9.84
N THR H 55 -5.17 -26.79 9.13
CA THR H 55 -4.52 -28.07 8.93
C THR H 55 -3.71 -28.14 7.63
N ARG H 56 -3.70 -27.08 6.82
CA ARG H 56 -3.03 -27.12 5.54
C ARG H 56 -2.32 -25.81 5.26
N ASP H 57 -1.86 -25.13 6.30
CA ASP H 57 -1.19 -23.84 6.17
C ASP H 57 0.31 -24.02 6.36
N GLY H 58 1.06 -23.93 5.26
CA GLY H 58 2.50 -24.11 5.34
C GLY H 58 3.21 -22.98 6.05
N ARG H 59 2.76 -21.74 5.82
CA ARG H 59 3.51 -20.57 6.29
C ARG H 59 3.57 -20.54 7.82
N ARG H 60 2.48 -20.88 8.50
CA ARG H 60 2.47 -20.83 9.95
C ARG H 60 3.24 -21.96 10.59
N GLU H 61 3.68 -22.95 9.82
CA GLU H 61 4.55 -23.99 10.31
C GLU H 61 6.03 -23.62 10.21
N ALA H 62 6.35 -22.50 9.59
CA ALA H 62 7.71 -21.99 9.61
C ALA H 62 8.06 -21.50 11.01
N MET H 63 9.29 -21.76 11.42
CA MET H 63 9.74 -21.43 12.77
C MET H 63 11.10 -20.75 12.72
N PRO H 64 11.42 -19.94 13.72
CA PRO H 64 12.74 -19.32 13.76
C PRO H 64 13.82 -20.38 13.84
N PRO H 65 14.97 -20.13 13.24
CA PRO H 65 16.03 -21.17 13.18
C PRO H 65 16.47 -21.59 14.58
N SER H 66 16.75 -22.88 14.72
CA SER H 66 17.17 -23.43 16.00
C SER H 66 18.61 -23.05 16.29
N ILE H 67 18.84 -22.54 17.49
CA ILE H 67 20.17 -22.08 17.90
C ILE H 67 20.88 -23.22 18.62
N VAL H 68 22.14 -23.44 18.27
CA VAL H 68 23.01 -24.36 19.01
C VAL H 68 24.24 -23.59 19.45
N MET H 69 24.68 -23.84 20.69
CA MET H 69 25.75 -23.13 21.39
C MET H 69 25.62 -21.61 21.25
N SER H 70 24.53 -21.10 21.82
CA SER H 70 24.45 -19.66 22.06
C SER H 70 25.56 -19.32 23.05
N SER H 71 26.65 -18.73 22.56
CA SER H 71 27.84 -18.54 23.39
C SER H 71 27.56 -17.64 24.57
N GLN H 72 26.63 -16.70 24.44
CA GLN H 72 26.23 -15.89 25.58
C GLN H 72 25.59 -16.72 26.69
N LYS H 73 25.05 -17.89 26.35
CA LYS H 73 24.57 -18.82 27.36
C LYS H 73 25.33 -20.14 27.28
N THR H 89 34.11 -38.85 27.41
CA THR H 89 33.38 -38.88 26.16
C THR H 89 34.32 -39.06 24.97
N GLU H 90 34.02 -40.04 24.13
CA GLU H 90 34.85 -40.28 22.95
C GLU H 90 34.72 -39.13 21.95
N LYS H 91 33.48 -38.74 21.64
CA LYS H 91 33.20 -37.58 20.80
C LYS H 91 33.87 -37.72 19.43
N LYS H 92 33.37 -38.70 18.67
CA LYS H 92 33.88 -38.94 17.34
C LYS H 92 33.64 -37.74 16.42
N ALA H 93 34.60 -37.48 15.54
CA ALA H 93 34.50 -36.37 14.61
C ALA H 93 33.38 -36.61 13.60
N VAL H 94 32.82 -35.52 13.08
CA VAL H 94 31.70 -35.60 12.15
C VAL H 94 32.02 -34.80 10.90
N THR H 95 31.19 -34.97 9.89
CA THR H 95 31.26 -34.28 8.61
C THR H 95 29.92 -33.58 8.35
N PRO H 96 29.90 -32.54 7.51
CA PRO H 96 28.61 -31.89 7.21
C PRO H 96 27.58 -32.83 6.61
N ALA H 97 28.05 -33.80 5.82
CA ALA H 97 27.19 -34.83 5.23
C ALA H 97 28.07 -36.00 4.87
N PRO H 98 27.48 -37.18 4.68
CA PRO H 98 28.27 -38.33 4.20
C PRO H 98 28.93 -38.01 2.87
N PRO H 99 30.13 -38.53 2.64
CA PRO H 99 30.84 -38.20 1.39
C PRO H 99 30.05 -38.62 0.16
N ILE H 100 30.14 -37.81 -0.89
CA ILE H 100 29.40 -38.09 -2.11
C ILE H 100 30.00 -39.31 -2.80
N LYS H 101 29.14 -40.25 -3.18
CA LYS H 101 29.60 -41.49 -3.78
C LYS H 101 29.93 -41.25 -5.25
N ARG H 102 30.94 -41.99 -5.73
CA ARG H 102 31.49 -41.74 -7.06
C ARG H 102 30.46 -42.00 -8.16
N TRP H 103 30.52 -41.20 -9.20
CA TRP H 103 29.57 -41.30 -10.31
C TRP H 103 29.89 -42.51 -11.19
N GLU H 104 28.87 -42.98 -11.90
CA GLU H 104 29.00 -44.11 -12.81
C GLU H 104 29.19 -43.62 -14.24
N LEU H 105 29.80 -44.49 -15.05
CA LEU H 105 30.23 -44.11 -16.41
C LEU H 105 29.20 -44.48 -17.47
N SER H 106 27.95 -44.08 -17.27
CA SER H 106 26.97 -43.89 -18.36
C SER H 106 26.97 -45.04 -19.36
N LYS H 107 26.51 -46.20 -18.91
CA LYS H 107 26.48 -47.35 -19.81
C LYS H 107 25.36 -47.21 -20.83
N ASP H 108 25.32 -46.07 -21.52
CA ASP H 108 24.51 -45.78 -22.69
C ASP H 108 25.34 -45.24 -23.84
N GLN H 109 26.35 -44.41 -23.54
CA GLN H 109 27.39 -43.98 -24.47
C GLN H 109 28.54 -43.43 -23.65
N PRO H 110 29.36 -44.29 -23.05
CA PRO H 110 30.38 -43.79 -22.11
C PRO H 110 31.40 -42.85 -22.74
N TYR H 111 31.69 -43.00 -24.03
CA TYR H 111 32.70 -42.20 -24.70
C TYR H 111 32.16 -41.66 -26.02
N LEU H 112 32.64 -40.48 -26.39
CA LEU H 112 32.33 -39.91 -27.69
C LEU H 112 33.51 -40.07 -28.64
N LEU I 1 -2.62 36.20 -12.60
CA LEU I 1 -1.82 36.34 -13.80
C LEU I 1 -1.80 35.01 -14.55
N HIS I 2 -2.98 34.42 -14.74
CA HIS I 2 -3.09 33.13 -15.40
C HIS I 2 -2.27 32.07 -14.69
N HIS I 3 -2.72 31.65 -13.51
CA HIS I 3 -2.02 30.77 -12.57
C HIS I 3 -1.13 29.73 -13.24
N ALA I 4 -1.59 29.11 -14.32
CA ALA I 4 -0.74 28.19 -15.07
C ALA I 4 0.54 28.85 -15.58
N LEU I 5 0.65 30.17 -15.52
CA LEU I 5 1.85 30.89 -15.92
C LEU I 5 2.75 31.23 -14.73
N ILE I 6 2.45 30.72 -13.55
CA ILE I 6 3.26 30.96 -12.35
C ILE I 6 4.43 30.00 -12.33
N PRO I 7 5.65 30.46 -12.03
CA PRO I 7 6.79 29.55 -11.95
C PRO I 7 6.61 28.52 -10.85
N HIS I 8 7.11 27.31 -11.11
CA HIS I 8 7.07 26.23 -10.13
C HIS I 8 8.30 25.36 -10.30
N GLY I 9 8.64 24.63 -9.24
CA GLY I 9 9.80 23.77 -9.27
C GLY I 9 11.05 24.47 -8.79
N LYS I 10 12.19 23.92 -9.24
CA LYS I 10 13.50 24.45 -8.85
C LYS I 10 14.32 24.91 -10.05
N GLY I 11 13.66 25.29 -11.14
CA GLY I 11 14.37 25.79 -12.30
C GLY I 11 15.21 24.75 -13.02
N GLY I 12 14.71 23.51 -13.09
CA GLY I 12 15.38 22.45 -13.79
C GLY I 12 14.70 22.10 -15.10
N ARG I 13 15.00 20.90 -15.60
CA ARG I 13 14.44 20.47 -16.87
C ARG I 13 12.93 20.28 -16.78
N SER I 14 12.46 19.68 -15.69
CA SER I 14 11.04 19.34 -15.54
C SER I 14 10.27 20.39 -14.75
N SER I 15 10.89 21.52 -14.45
CA SER I 15 10.24 22.58 -13.71
C SER I 15 9.34 23.41 -14.63
N VAL I 16 8.71 24.43 -14.07
CA VAL I 16 7.84 25.35 -14.80
C VAL I 16 8.37 26.75 -14.54
N SER I 17 8.76 27.45 -15.60
CA SER I 17 9.27 28.81 -15.47
C SER I 17 8.22 29.87 -15.75
N GLY I 18 7.06 29.50 -16.27
CA GLY I 18 6.06 30.50 -16.62
C GLY I 18 6.33 31.25 -17.89
N ILE I 19 7.32 30.81 -18.67
CA ILE I 19 7.69 31.45 -19.92
C ILE I 19 7.20 30.57 -21.06
N VAL I 20 6.40 31.13 -21.95
CA VAL I 20 5.96 30.47 -23.17
C VAL I 20 6.53 31.30 -24.32
N ALA I 21 7.58 30.80 -24.94
CA ALA I 21 8.35 31.56 -25.91
C ALA I 21 8.17 31.01 -27.31
N THR I 22 7.92 31.91 -28.25
CA THR I 22 7.95 31.59 -29.68
C THR I 22 9.22 32.18 -30.25
N VAL I 23 10.13 31.34 -30.69
CA VAL I 23 11.47 31.76 -31.12
C VAL I 23 11.52 31.62 -32.63
N PHE I 24 11.32 32.73 -33.34
CA PHE I 24 11.41 32.71 -34.79
C PHE I 24 12.87 32.60 -35.21
N GLY I 25 13.11 31.82 -36.26
CA GLY I 25 14.47 31.57 -36.69
C GLY I 25 15.28 30.83 -35.65
N ALA I 26 14.72 29.76 -35.07
CA ALA I 26 15.38 29.00 -34.02
C ALA I 26 16.34 27.95 -34.57
N THR I 27 16.36 27.74 -35.89
CA THR I 27 17.27 26.78 -36.49
C THR I 27 18.59 27.41 -36.91
N GLY I 28 18.99 28.50 -36.27
CA GLY I 28 20.20 29.21 -36.60
C GLY I 28 21.28 29.07 -35.55
N PHE I 29 22.27 29.95 -35.63
CA PHE I 29 23.40 29.91 -34.71
C PHE I 29 22.99 30.37 -33.31
N LEU I 30 22.28 31.49 -33.22
CA LEU I 30 21.78 31.99 -31.95
C LEU I 30 20.51 31.30 -31.49
N GLY I 31 19.72 30.79 -32.43
CA GLY I 31 18.48 30.14 -32.07
C GLY I 31 18.68 28.91 -31.22
N ARG I 32 19.69 28.11 -31.55
CA ARG I 32 19.94 26.88 -30.79
C ARG I 32 20.30 27.20 -29.34
N TYR I 33 21.14 28.22 -29.13
CA TYR I 33 21.52 28.58 -27.77
C TYR I 33 20.35 29.18 -27.00
N VAL I 34 19.52 30.00 -27.67
CA VAL I 34 18.36 30.56 -27.02
C VAL I 34 17.39 29.46 -26.59
N VAL I 35 17.14 28.51 -27.50
CA VAL I 35 16.24 27.41 -27.18
C VAL I 35 16.81 26.53 -26.07
N ASN I 36 18.13 26.32 -26.08
CA ASN I 36 18.76 25.55 -25.00
C ASN I 36 18.57 26.22 -23.65
N HIS I 37 18.83 27.53 -23.58
CA HIS I 37 18.69 28.24 -22.32
C HIS I 37 17.24 28.29 -21.87
N LEU I 38 16.30 28.40 -22.82
CA LEU I 38 14.89 28.44 -22.45
C LEU I 38 14.40 27.07 -21.99
N GLY I 39 14.91 25.99 -22.58
CA GLY I 39 14.43 24.67 -22.24
C GLY I 39 15.06 24.09 -21.01
N ARG I 40 16.31 24.46 -20.70
CA ARG I 40 16.95 23.91 -19.51
C ARG I 40 16.34 24.45 -18.22
N MET I 41 15.60 25.55 -18.28
CA MET I 41 14.92 26.11 -17.11
C MET I 41 13.48 25.65 -17.01
N GLY I 42 12.99 24.87 -17.96
CA GLY I 42 11.65 24.32 -17.91
C GLY I 42 10.59 25.10 -18.65
N SER I 43 10.96 26.10 -19.44
CA SER I 43 9.98 26.87 -20.17
C SER I 43 9.48 26.09 -21.38
N GLN I 44 8.29 26.45 -21.84
CA GLN I 44 7.75 25.87 -23.07
C GLN I 44 8.17 26.70 -24.27
N VAL I 45 8.70 26.03 -25.28
CA VAL I 45 9.20 26.66 -26.49
C VAL I 45 8.37 26.20 -27.67
N ILE I 46 7.91 27.15 -28.48
CA ILE I 46 7.36 26.89 -29.80
C ILE I 46 8.43 27.27 -30.80
N VAL I 47 8.84 26.32 -31.63
CA VAL I 47 9.88 26.50 -32.63
C VAL I 47 9.20 26.55 -33.99
N PRO I 48 9.05 27.70 -34.57
CA PRO I 48 8.53 27.77 -35.94
C PRO I 48 9.64 27.60 -36.96
N TYR I 49 9.54 26.59 -37.81
CA TYR I 49 10.63 26.19 -38.71
C TYR I 49 10.16 26.25 -40.16
N ARG I 50 11.03 26.76 -41.03
CA ARG I 50 10.74 26.79 -42.45
C ARG I 50 11.33 25.59 -43.19
N CYS I 51 12.44 25.07 -42.70
CA CYS I 51 13.21 24.04 -43.37
C CYS I 51 12.58 22.67 -43.14
N GLU I 52 13.31 21.62 -43.52
CA GLU I 52 12.87 20.27 -43.27
C GLU I 52 13.04 19.93 -41.78
N PRO I 53 12.21 19.04 -41.24
CA PRO I 53 12.35 18.69 -39.81
C PRO I 53 13.71 18.09 -39.46
N TYR I 54 14.37 17.47 -40.43
CA TYR I 54 15.69 16.91 -40.21
C TYR I 54 16.67 17.96 -39.72
N ASP I 55 16.50 19.20 -40.19
CA ASP I 55 17.38 20.27 -39.77
C ASP I 55 17.01 20.82 -38.40
N THR I 56 15.79 20.53 -37.95
CA THR I 56 15.36 20.88 -36.59
C THR I 56 15.54 19.73 -35.61
N MET I 57 16.05 18.59 -36.08
CA MET I 57 16.19 17.41 -35.23
C MET I 57 17.05 17.65 -33.99
N HIS I 58 17.98 18.60 -34.04
CA HIS I 58 18.91 18.75 -32.92
C HIS I 58 18.30 19.53 -31.77
N LEU I 59 17.18 20.23 -31.99
CA LEU I 59 16.56 21.00 -30.92
C LEU I 59 15.78 20.15 -29.94
N ARG I 60 15.41 18.93 -30.33
CA ARG I 60 14.53 18.12 -29.50
C ARG I 60 15.09 17.77 -28.12
N PRO I 61 16.35 17.35 -27.97
CA PRO I 61 16.83 17.02 -26.61
C PRO I 61 16.88 18.21 -25.67
N MET I 62 16.75 19.43 -26.17
CA MET I 62 16.98 20.61 -25.35
C MET I 62 15.88 20.80 -24.31
N GLY I 63 14.73 20.20 -24.52
CA GLY I 63 13.62 20.34 -23.59
C GLY I 63 13.03 19.03 -23.13
N ASP I 64 12.21 19.07 -22.07
CA ASP I 64 11.57 17.87 -21.58
C ASP I 64 10.39 17.48 -22.47
N LEU I 65 9.65 16.47 -22.03
CA LEU I 65 8.55 15.95 -22.82
C LEU I 65 7.44 16.98 -22.97
N GLY I 66 7.15 17.37 -24.21
CA GLY I 66 6.11 18.33 -24.50
C GLY I 66 6.51 19.77 -24.37
N GLN I 67 7.76 20.06 -24.01
CA GLN I 67 8.15 21.44 -23.76
C GLN I 67 8.53 22.17 -25.04
N ILE I 68 8.83 21.43 -26.11
CA ILE I 68 9.18 22.00 -27.40
C ILE I 68 8.19 21.50 -28.44
N ILE I 69 7.53 22.43 -29.13
CA ILE I 69 6.57 22.11 -30.17
C ILE I 69 7.03 22.78 -31.47
N PHE I 70 7.20 21.98 -32.52
CA PHE I 70 7.69 22.45 -33.81
C PHE I 70 6.51 22.70 -34.74
N MET I 71 6.54 23.83 -35.44
CA MET I 71 5.42 24.27 -36.28
C MET I 71 5.92 24.88 -37.58
N GLU I 72 5.25 24.58 -38.69
CA GLU I 72 5.59 25.17 -39.97
C GLU I 72 5.00 26.57 -40.10
N TRP I 73 5.70 27.45 -40.82
CA TRP I 73 5.19 28.80 -41.05
C TRP I 73 5.79 29.32 -42.34
N ASN I 74 5.24 30.41 -42.84
CA ASN I 74 5.78 31.10 -44.01
C ASN I 74 5.90 32.57 -43.66
N GLY I 75 7.02 33.18 -44.03
CA GLY I 75 7.20 34.60 -43.76
C GLY I 75 6.24 35.47 -44.55
N LYS I 76 5.91 35.05 -45.77
CA LYS I 76 4.99 35.78 -46.62
C LYS I 76 3.55 35.74 -46.12
N ASP I 77 3.23 34.81 -45.21
CA ASP I 77 1.86 34.60 -44.77
C ASP I 77 1.69 35.14 -43.36
N LYS I 78 0.52 35.71 -43.09
CA LYS I 78 0.19 36.22 -41.75
C LYS I 78 -0.56 35.20 -40.91
N ASP I 79 -1.31 34.29 -41.52
CA ASP I 79 -2.07 33.30 -40.75
C ASP I 79 -1.13 32.35 -40.00
N SER I 80 -0.05 31.92 -40.64
CA SER I 80 0.91 31.04 -39.98
C SER I 80 1.57 31.75 -38.80
N ILE I 81 2.01 32.99 -39.00
CA ILE I 81 2.56 33.76 -37.89
C ILE I 81 1.53 33.91 -36.78
N ARG I 82 0.27 34.14 -37.13
CA ARG I 82 -0.77 34.32 -36.12
C ARG I 82 -0.92 33.06 -35.28
N LYS I 83 -1.03 31.91 -35.95
CA LYS I 83 -1.23 30.64 -35.25
C LYS I 83 0.01 30.16 -34.50
N VAL I 84 1.20 30.67 -34.84
CA VAL I 84 2.39 30.28 -34.07
C VAL I 84 2.49 31.08 -32.77
N VAL I 85 2.04 32.33 -32.78
CA VAL I 85 2.17 33.19 -31.60
C VAL I 85 0.83 33.35 -30.87
N GLU I 86 -0.13 32.45 -31.12
CA GLU I 86 -1.45 32.60 -30.52
C GLU I 86 -1.38 32.54 -28.99
N HIS I 87 -0.60 31.61 -28.45
CA HIS I 87 -0.62 31.34 -27.02
C HIS I 87 0.68 31.69 -26.32
N SER I 88 1.64 32.29 -27.02
CA SER I 88 2.90 32.68 -26.41
C SER I 88 2.74 33.97 -25.62
N ASN I 89 3.48 34.06 -24.51
CA ASN I 89 3.61 35.30 -23.79
C ASN I 89 4.95 35.99 -24.02
N VAL I 90 5.87 35.32 -24.73
CA VAL I 90 7.14 35.90 -25.13
C VAL I 90 7.38 35.55 -26.59
N VAL I 91 7.78 36.52 -27.38
CA VAL I 91 8.17 36.30 -28.78
C VAL I 91 9.57 36.82 -28.96
N ILE I 92 10.44 36.01 -29.56
CA ILE I 92 11.82 36.36 -29.86
C ILE I 92 12.00 36.29 -31.36
N ASN I 93 12.57 37.33 -31.95
CA ASN I 93 12.81 37.38 -33.39
C ASN I 93 14.30 37.20 -33.65
N LEU I 94 14.66 36.08 -34.28
CA LEU I 94 16.04 35.80 -34.65
C LEU I 94 16.17 35.55 -36.15
N VAL I 95 15.20 36.00 -36.95
CA VAL I 95 15.24 35.78 -38.39
C VAL I 95 16.27 36.71 -39.01
N GLY I 96 17.24 36.14 -39.71
CA GLY I 96 18.26 36.92 -40.37
C GLY I 96 18.97 36.10 -41.42
N ARG I 97 19.41 36.77 -42.48
CA ARG I 97 20.19 36.16 -43.54
C ARG I 97 21.28 37.14 -43.95
N GLU I 98 22.50 36.62 -44.14
CA GLU I 98 23.63 37.46 -44.48
C GLU I 98 23.81 37.68 -45.97
N TRP I 99 23.00 37.05 -46.81
CA TRP I 99 23.17 37.23 -48.24
C TRP I 99 21.85 37.37 -48.98
N GLU I 100 21.93 37.54 -50.29
CA GLU I 100 20.78 37.74 -51.16
C GLU I 100 20.23 36.40 -51.62
N THR I 101 18.92 36.33 -51.82
CA THR I 101 18.25 35.16 -52.34
C THR I 101 17.14 35.63 -53.27
N LYS I 102 16.86 34.83 -54.31
CA LYS I 102 15.88 35.24 -55.31
C LYS I 102 14.46 35.31 -54.75
N ASN I 103 14.21 34.71 -53.58
CA ASN I 103 12.91 34.84 -52.92
C ASN I 103 12.91 35.88 -51.82
N PHE I 104 13.97 35.97 -51.04
CA PHE I 104 14.06 36.90 -49.91
C PHE I 104 15.29 37.78 -50.09
N ASP I 105 15.08 39.09 -50.24
CA ASP I 105 16.18 40.03 -50.18
C ASP I 105 16.27 40.59 -48.77
N PHE I 106 17.10 41.63 -48.59
CA PHE I 106 17.30 42.14 -47.24
C PHE I 106 16.05 42.82 -46.71
N GLU I 107 15.27 43.45 -47.58
CA GLU I 107 14.09 44.19 -47.10
C GLU I 107 13.05 43.24 -46.52
N ASP I 108 12.82 42.09 -47.16
CA ASP I 108 11.84 41.16 -46.60
C ASP I 108 12.36 40.51 -45.32
N VAL I 109 13.65 40.18 -45.28
CA VAL I 109 14.19 39.49 -44.11
C VAL I 109 14.24 40.41 -42.90
N PHE I 110 14.66 41.66 -43.10
CA PHE I 110 14.97 42.56 -42.00
C PHE I 110 13.93 43.65 -41.77
N VAL I 111 12.96 43.81 -42.68
CA VAL I 111 11.95 44.86 -42.51
C VAL I 111 10.56 44.24 -42.50
N LYS I 112 10.20 43.53 -43.58
CA LYS I 112 8.84 43.06 -43.73
C LYS I 112 8.49 41.98 -42.72
N ILE I 113 9.35 40.97 -42.57
CA ILE I 113 9.10 39.87 -41.64
C ILE I 113 9.06 40.37 -40.19
N PRO I 114 10.03 41.18 -39.73
CA PRO I 114 9.91 41.71 -38.35
C PRO I 114 8.68 42.56 -38.15
N HIS I 115 8.28 43.34 -39.15
CA HIS I 115 7.07 44.15 -39.03
C HIS I 115 5.84 43.27 -38.88
N ALA I 116 5.75 42.21 -39.70
CA ALA I 116 4.62 41.29 -39.58
C ALA I 116 4.61 40.60 -38.22
N ILE I 117 5.79 40.17 -37.75
CA ILE I 117 5.87 39.49 -36.47
C ILE I 117 5.42 40.42 -35.35
N ALA I 118 5.90 41.66 -35.35
CA ALA I 118 5.54 42.61 -34.31
C ALA I 118 4.06 42.94 -34.36
N GLN I 119 3.51 43.15 -35.55
CA GLN I 119 2.09 43.50 -35.67
C GLN I 119 1.21 42.35 -35.17
N VAL I 120 1.53 41.12 -35.58
CA VAL I 120 0.72 39.99 -35.15
C VAL I 120 0.90 39.73 -33.65
N SER I 121 2.10 39.92 -33.12
CA SER I 121 2.32 39.76 -31.69
C SER I 121 1.52 40.78 -30.89
N LYS I 122 1.44 42.02 -31.38
CA LYS I 122 0.63 43.03 -30.72
C LYS I 122 -0.85 42.68 -30.80
N GLU I 123 -1.33 42.26 -31.96
CA GLU I 123 -2.74 41.94 -32.10
C GLU I 123 -3.14 40.67 -31.35
N ALA I 124 -2.16 39.81 -31.04
CA ALA I 124 -2.44 38.56 -30.36
C ALA I 124 -2.40 38.68 -28.84
N GLY I 125 -1.98 39.82 -28.31
CA GLY I 125 -1.87 39.97 -26.88
C GLY I 125 -0.58 39.48 -26.27
N VAL I 126 0.49 39.35 -27.06
CA VAL I 126 1.77 38.94 -26.53
C VAL I 126 2.32 40.04 -25.60
N GLU I 127 2.83 39.63 -24.45
CA GLU I 127 3.33 40.60 -23.48
C GLU I 127 4.71 41.14 -23.84
N LYS I 128 5.66 40.27 -24.17
CA LYS I 128 7.03 40.66 -24.41
C LYS I 128 7.46 40.29 -25.82
N LEU I 129 8.09 41.23 -26.52
CA LEU I 129 8.70 40.98 -27.81
C LEU I 129 10.14 41.42 -27.77
N ILE I 130 11.03 40.56 -28.25
CA ILE I 130 12.47 40.83 -28.28
C ILE I 130 12.93 40.79 -29.72
N HIS I 131 13.63 41.83 -30.14
CA HIS I 131 14.08 41.98 -31.52
C HIS I 131 15.58 42.15 -31.55
N ILE I 132 16.23 41.53 -32.53
CA ILE I 132 17.68 41.51 -32.65
C ILE I 132 18.07 42.18 -33.95
N SER I 133 19.03 43.10 -33.89
CA SER I 133 19.55 43.80 -35.04
C SER I 133 21.02 44.12 -34.81
N HIS I 134 21.73 44.41 -35.89
CA HIS I 134 23.16 44.63 -35.79
C HIS I 134 23.47 45.90 -35.00
N LEU I 135 24.64 45.91 -34.36
CA LEU I 135 25.07 47.09 -33.62
C LEU I 135 25.32 48.27 -34.54
N ASN I 136 25.96 48.04 -35.69
CA ASN I 136 26.32 49.09 -36.62
C ASN I 136 25.16 49.47 -37.54
N ALA I 137 23.93 49.11 -37.19
CA ALA I 137 22.77 49.41 -38.01
C ALA I 137 22.45 50.89 -38.01
N ASP I 138 22.71 51.58 -39.11
CA ASP I 138 22.36 52.98 -39.27
C ASP I 138 21.69 53.20 -40.61
N ILE I 139 20.84 54.23 -40.68
CA ILE I 139 20.13 54.55 -41.91
C ILE I 139 21.12 55.00 -42.98
N LYS I 140 22.12 55.79 -42.61
CA LYS I 140 23.07 56.35 -43.55
C LYS I 140 24.18 55.37 -43.92
N SER I 141 24.01 54.09 -43.66
CA SER I 141 25.07 53.12 -43.93
C SER I 141 25.22 52.91 -45.44
N PRO I 142 26.45 52.65 -45.91
CA PRO I 142 26.62 52.23 -47.31
C PRO I 142 25.95 50.92 -47.64
N SER I 143 25.91 49.98 -46.69
CA SER I 143 25.44 48.64 -46.97
C SER I 143 23.93 48.55 -46.81
N ARG I 144 23.29 47.78 -47.70
CA ARG I 144 21.84 47.61 -47.61
C ARG I 144 21.46 46.73 -46.44
N TYR I 145 22.36 45.83 -46.03
CA TYR I 145 22.17 45.02 -44.82
C TYR I 145 21.80 45.89 -43.63
N LEU I 146 22.70 46.81 -43.26
CA LEU I 146 22.49 47.57 -42.03
C LEU I 146 21.44 48.66 -42.21
N ARG I 147 21.27 49.17 -43.42
CA ARG I 147 20.16 50.09 -43.67
C ARG I 147 18.82 49.41 -43.43
N SER I 148 18.67 48.19 -43.95
CA SER I 148 17.45 47.42 -43.71
C SER I 148 17.31 47.08 -42.24
N LYS I 149 18.42 46.81 -41.56
CA LYS I 149 18.38 46.58 -40.12
C LYS I 149 17.82 47.79 -39.38
N ALA I 150 18.29 48.99 -39.73
CA ALA I 150 17.81 50.20 -39.08
C ALA I 150 16.34 50.46 -39.37
N VAL I 151 15.92 50.25 -40.63
CA VAL I 151 14.52 50.42 -40.96
C VAL I 151 13.66 49.42 -40.18
N GLY I 152 14.14 48.19 -40.06
CA GLY I 152 13.42 47.20 -39.28
C GLY I 152 13.31 47.57 -37.81
N GLU I 153 14.39 48.11 -37.24
CA GLU I 153 14.33 48.60 -35.86
C GLU I 153 13.24 49.65 -35.71
N LYS I 154 13.25 50.65 -36.59
CA LYS I 154 12.26 51.71 -36.50
C LYS I 154 10.85 51.16 -36.64
N GLU I 155 10.64 50.24 -37.58
CA GLU I 155 9.30 49.75 -37.85
C GLU I 155 8.79 48.86 -36.73
N VAL I 156 9.66 48.01 -36.16
CA VAL I 156 9.22 47.17 -35.05
C VAL I 156 8.98 48.02 -33.82
N ARG I 157 9.75 49.09 -33.62
CA ARG I 157 9.45 50.02 -32.54
C ARG I 157 8.08 50.67 -32.74
N ALA I 158 7.75 51.03 -33.98
CA ALA I 158 6.45 51.62 -34.26
C ALA I 158 5.32 50.62 -34.01
N ALA I 159 5.49 49.38 -34.45
CA ALA I 159 4.41 48.40 -34.33
C ALA I 159 4.25 47.91 -32.91
N PHE I 160 5.36 47.64 -32.21
CA PHE I 160 5.34 47.13 -30.84
C PHE I 160 6.04 48.15 -29.96
N PRO I 161 5.31 49.06 -29.33
CA PRO I 161 5.96 50.09 -28.50
C PRO I 161 6.78 49.52 -27.37
N GLU I 162 6.37 48.41 -26.76
CA GLU I 162 7.09 47.80 -25.66
C GLU I 162 8.11 46.77 -26.12
N ALA I 163 8.56 46.84 -27.36
CA ALA I 163 9.55 45.90 -27.86
C ALA I 163 10.93 46.22 -27.31
N THR I 164 11.68 45.17 -27.00
CA THR I 164 13.06 45.30 -26.54
C THR I 164 13.99 45.00 -27.71
N ILE I 165 14.80 45.97 -28.08
CA ILE I 165 15.72 45.82 -29.19
C ILE I 165 17.12 45.53 -28.68
N ILE I 166 17.74 44.50 -29.24
CA ILE I 166 19.09 44.10 -28.85
C ILE I 166 19.99 44.29 -30.06
N LYS I 167 21.16 44.88 -29.86
CA LYS I 167 22.06 45.13 -30.96
C LYS I 167 23.44 44.56 -30.67
N PRO I 168 23.57 43.23 -30.83
CA PRO I 168 24.80 42.47 -30.63
C PRO I 168 25.79 42.78 -31.74
N SER I 169 27.08 42.79 -31.45
CA SER I 169 28.05 43.04 -32.49
C SER I 169 29.03 41.90 -32.70
N ASP I 170 29.06 41.35 -33.91
CA ASP I 170 30.01 40.31 -34.26
C ASP I 170 30.10 39.14 -33.28
N ILE I 171 28.98 38.50 -32.95
CA ILE I 171 29.02 37.39 -32.01
C ILE I 171 29.93 36.28 -32.54
N PHE I 172 30.78 35.75 -31.66
CA PHE I 172 31.70 34.68 -32.04
C PHE I 172 31.35 33.42 -31.26
N GLY I 173 31.14 32.33 -31.98
CA GLY I 173 30.77 31.07 -31.36
C GLY I 173 31.25 29.88 -32.16
N ARG I 174 31.25 28.73 -31.50
CA ARG I 174 31.69 27.48 -32.13
C ARG I 174 31.14 27.34 -33.55
N GLU I 175 29.87 27.66 -33.75
CA GLU I 175 29.22 27.56 -35.05
C GLU I 175 28.97 28.94 -35.66
N ASP I 176 29.85 29.89 -35.35
CA ASP I 176 29.67 31.25 -35.84
C ASP I 176 30.23 31.38 -37.26
N ARG I 177 30.14 32.60 -37.79
CA ARG I 177 30.73 32.94 -39.07
C ARG I 177 31.76 34.05 -38.94
N PHE I 178 32.38 34.20 -37.78
CA PHE I 178 33.42 35.21 -37.56
C PHE I 178 34.80 34.58 -37.42
N LEU I 179 34.97 33.67 -36.46
CA LEU I 179 36.25 32.99 -36.32
C LEU I 179 36.43 31.93 -37.40
N ASN I 180 35.37 31.21 -37.75
CA ASN I 180 35.45 30.23 -38.82
C ASN I 180 35.74 30.91 -40.15
N TYR I 181 35.09 32.05 -40.39
CA TYR I 181 35.30 32.78 -41.64
C TYR I 181 36.74 33.21 -41.81
N PHE I 182 37.35 33.75 -40.74
CA PHE I 182 38.75 34.14 -40.82
C PHE I 182 39.67 32.93 -40.91
N ALA I 183 39.35 31.85 -40.20
CA ALA I 183 40.17 30.65 -40.25
C ALA I 183 40.07 29.91 -41.58
N SER I 184 39.07 30.22 -42.40
CA SER I 184 38.92 29.59 -43.70
C SER I 184 39.60 30.35 -44.84
N MET I 185 40.18 31.52 -44.55
CA MET I 185 40.86 32.29 -45.59
C MET I 185 42.18 31.65 -46.00
N ARG I 186 42.65 30.64 -45.26
CA ARG I 186 43.92 30.00 -45.54
C ARG I 186 43.94 29.27 -46.87
N LEU I 196 44.13 42.73 -44.96
CA LEU I 196 43.67 44.11 -45.08
C LEU I 196 43.14 44.65 -43.76
N GLY I 197 43.85 45.63 -43.20
CA GLY I 197 43.43 46.23 -41.95
C GLY I 197 44.40 47.27 -41.42
N LYS I 198 44.57 47.28 -40.09
CA LYS I 198 45.40 48.18 -39.29
C LYS I 198 44.71 49.53 -39.03
N GLU I 199 43.50 49.76 -39.55
CA GLU I 199 42.73 50.94 -39.18
C GLU I 199 41.33 50.62 -38.69
N THR I 200 40.85 49.40 -38.85
CA THR I 200 39.49 49.01 -38.49
C THR I 200 39.51 48.35 -37.12
N VAL I 201 38.52 48.66 -36.29
CA VAL I 201 38.42 48.11 -34.95
C VAL I 201 37.19 47.22 -34.78
N LYS I 202 37.39 46.06 -34.16
CA LYS I 202 36.31 45.10 -33.94
C LYS I 202 36.07 44.84 -32.45
N GLN I 203 34.80 44.67 -32.09
CA GLN I 203 34.41 44.42 -30.71
C GLN I 203 33.48 43.20 -30.61
N PRO I 204 34.05 42.00 -30.75
CA PRO I 204 33.33 40.72 -30.72
C PRO I 204 32.70 40.39 -29.37
N VAL I 205 31.55 39.72 -29.41
CA VAL I 205 30.82 39.31 -28.19
C VAL I 205 30.54 37.80 -28.20
N TYR I 206 30.75 37.16 -27.05
CA TYR I 206 30.54 35.72 -26.90
C TYR I 206 29.08 35.30 -27.09
N ILE I 207 28.87 34.11 -27.65
CA ILE I 207 27.54 33.60 -27.93
C ILE I 207 26.74 33.38 -26.64
N VAL I 208 27.38 32.81 -25.63
CA VAL I 208 26.69 32.54 -24.37
C VAL I 208 26.29 33.83 -23.68
N ASP I 209 27.13 34.87 -23.80
CA ASP I 209 26.77 36.16 -23.23
C ASP I 209 25.49 36.71 -23.83
N VAL I 210 25.34 36.59 -25.16
CA VAL I 210 24.13 37.07 -25.81
C VAL I 210 22.93 36.22 -25.42
N SER I 211 23.13 34.90 -25.30
CA SER I 211 22.03 34.04 -24.87
C SER I 211 21.53 34.41 -23.48
N LYS I 212 22.47 34.58 -22.54
CA LYS I 212 22.09 34.96 -21.18
C LYS I 212 21.49 36.35 -21.15
N GLY I 213 21.96 37.25 -22.01
CA GLY I 213 21.36 38.58 -22.09
C GLY I 213 19.92 38.53 -22.54
N ILE I 214 19.63 37.72 -23.56
CA ILE I 214 18.24 37.57 -24.01
C ILE I 214 17.39 36.97 -22.91
N ILE I 215 17.91 35.96 -22.21
CA ILE I 215 17.13 35.33 -21.15
C ILE I 215 16.83 36.33 -20.03
N ASN I 216 17.84 37.10 -19.63
CA ASN I 216 17.64 38.09 -18.57
C ASN I 216 16.69 39.19 -19.02
N ALA I 217 16.78 39.60 -20.29
CA ALA I 217 15.84 40.61 -20.81
C ALA I 217 14.41 40.09 -20.77
N ILE I 218 14.22 38.80 -21.04
CA ILE I 218 12.90 38.21 -20.83
C ILE I 218 12.51 38.30 -19.37
N LYS I 219 13.45 37.97 -18.47
CA LYS I 219 13.16 38.00 -17.04
C LYS I 219 13.05 39.42 -16.50
N ASP I 220 13.85 40.36 -17.02
CA ASP I 220 13.93 41.70 -16.46
C ASP I 220 12.61 42.44 -16.63
N PRO I 221 12.03 43.00 -15.57
CA PRO I 221 10.70 43.61 -15.69
C PRO I 221 10.71 44.99 -16.31
N ASP I 222 11.77 45.77 -16.08
CA ASP I 222 11.82 47.14 -16.58
C ASP I 222 12.57 47.26 -17.91
N ALA I 223 12.92 46.15 -18.54
CA ALA I 223 13.54 46.18 -19.87
C ALA I 223 12.50 46.07 -20.98
N LYS I 224 11.46 46.90 -20.91
CA LYS I 224 10.36 46.78 -21.87
C LYS I 224 10.66 47.48 -23.18
N GLY I 225 10.82 48.80 -23.15
CA GLY I 225 11.10 49.57 -24.34
C GLY I 225 12.54 49.96 -24.52
N LYS I 226 13.45 49.39 -23.73
CA LYS I 226 14.85 49.77 -23.78
C LYS I 226 15.51 49.19 -25.02
N THR I 227 16.68 49.74 -25.35
CA THR I 227 17.51 49.27 -26.44
C THR I 227 18.89 48.98 -25.90
N PHE I 228 19.39 47.78 -26.15
CA PHE I 228 20.67 47.33 -25.61
C PHE I 228 21.69 47.16 -26.72
N ALA I 229 22.96 47.25 -26.35
CA ALA I 229 24.07 47.01 -27.27
C ALA I 229 25.00 46.00 -26.60
N PHE I 230 24.94 44.75 -27.06
CA PHE I 230 25.73 43.67 -26.48
C PHE I 230 27.09 43.66 -27.16
N VAL I 231 28.13 44.04 -26.41
CA VAL I 231 29.49 44.12 -26.94
C VAL I 231 30.43 43.41 -25.98
N GLY I 232 31.61 43.06 -26.50
CA GLY I 232 32.58 42.34 -25.71
C GLY I 232 33.37 43.25 -24.81
N PRO I 233 34.37 42.66 -24.14
CA PRO I 233 35.14 43.41 -23.15
C PRO I 233 36.19 44.32 -23.76
N ASN I 234 36.65 44.00 -24.97
CA ASN I 234 37.83 44.62 -25.54
C ASN I 234 37.58 45.01 -26.99
N ARG I 235 38.29 46.03 -27.46
CA ARG I 235 38.22 46.46 -28.85
C ARG I 235 39.47 45.96 -29.53
N TYR I 236 39.31 45.28 -30.66
CA TYR I 236 40.44 44.70 -31.38
C TYR I 236 40.67 45.25 -32.78
N LEU I 237 41.92 45.55 -33.09
CA LEU I 237 42.26 45.97 -34.45
C LEU I 237 42.11 44.70 -35.27
N LEU I 238 41.59 44.81 -36.48
CA LEU I 238 41.35 43.63 -37.29
C LEU I 238 42.60 42.82 -37.63
N PHE I 239 43.71 43.50 -37.91
CA PHE I 239 44.93 42.83 -38.31
C PHE I 239 45.47 41.92 -37.21
N ASP I 240 45.64 42.46 -36.00
CA ASP I 240 46.16 41.63 -34.92
C ASP I 240 45.16 40.57 -34.48
N LEU I 241 43.87 40.85 -34.63
CA LEU I 241 42.87 39.83 -34.33
C LEU I 241 42.98 38.64 -35.27
N VAL I 242 43.15 38.90 -36.57
CA VAL I 242 43.33 37.81 -37.52
C VAL I 242 44.66 37.11 -37.27
N GLN I 243 45.68 37.87 -36.88
CA GLN I 243 46.96 37.26 -36.52
C GLN I 243 46.79 36.28 -35.36
N TYR I 244 46.07 36.70 -34.33
CA TYR I 244 45.82 35.84 -33.18
C TYR I 244 44.99 34.62 -33.57
N ILE I 245 44.01 34.81 -34.45
CA ILE I 245 43.20 33.70 -34.92
C ILE I 245 44.07 32.66 -35.63
N PHE I 246 44.98 33.13 -36.49
CA PHE I 246 45.86 32.22 -37.21
C PHE I 246 46.89 31.58 -36.29
N ALA I 247 47.30 32.28 -35.23
CA ALA I 247 48.27 31.73 -34.29
C ALA I 247 47.65 30.66 -33.40
N VAL I 248 46.40 30.87 -32.95
CA VAL I 248 45.74 29.88 -32.11
C VAL I 248 45.53 28.59 -32.88
N ALA I 249 45.15 28.69 -34.15
CA ALA I 249 45.00 27.50 -34.99
C ALA I 249 46.33 26.93 -35.47
N TYR I 250 47.45 27.48 -35.01
CA TYR I 250 48.79 27.05 -35.44
C TYR I 250 48.92 27.11 -36.96
N ARG I 251 48.45 28.21 -37.54
CA ARG I 251 48.44 28.38 -38.98
C ARG I 251 49.24 29.61 -39.40
N PRO I 252 50.11 29.48 -40.39
CA PRO I 252 50.93 30.63 -40.81
C PRO I 252 50.08 31.75 -41.39
N PHE I 253 50.53 32.98 -41.15
CA PHE I 253 49.86 34.16 -41.67
C PHE I 253 50.73 34.87 -42.70
N THR I 279 28.31 36.75 -48.77
CA THR I 279 29.72 36.41 -48.92
C THR I 279 30.31 37.01 -50.18
N THR I 280 29.43 37.57 -51.02
CA THR I 280 29.89 38.11 -52.30
C THR I 280 30.47 39.52 -52.12
N ARG I 281 29.64 40.46 -51.71
CA ARG I 281 30.08 41.84 -51.59
C ARG I 281 29.74 42.46 -50.25
N ASP I 282 28.59 42.12 -49.67
CA ASP I 282 28.14 42.76 -48.44
C ASP I 282 29.01 42.39 -47.25
N LYS I 283 29.45 41.13 -47.17
CA LYS I 283 30.18 40.68 -46.00
C LYS I 283 31.55 41.35 -45.89
N VAL I 284 32.24 41.52 -47.01
CA VAL I 284 33.56 42.15 -46.95
C VAL I 284 33.43 43.63 -46.59
N GLU I 285 32.38 44.29 -47.10
CA GLU I 285 32.13 45.67 -46.71
C GLU I 285 31.80 45.77 -45.23
N ARG I 286 31.03 44.83 -44.71
CA ARG I 286 30.67 44.84 -43.30
C ARG I 286 31.89 44.61 -42.42
N VAL I 287 32.75 43.66 -42.79
CA VAL I 287 33.93 43.36 -41.98
C VAL I 287 35.00 44.42 -42.13
N HIS I 288 34.96 45.22 -43.19
CA HIS I 288 35.87 46.35 -43.30
C HIS I 288 35.39 47.56 -42.49
N MET I 289 34.10 47.62 -42.16
CA MET I 289 33.60 48.71 -41.34
C MET I 289 34.04 48.54 -39.89
N SER I 290 34.31 49.66 -39.23
CA SER I 290 34.62 49.64 -37.81
C SER I 290 33.35 49.45 -36.98
N ASP I 291 33.50 48.83 -35.82
CA ASP I 291 32.38 48.65 -34.92
C ASP I 291 32.08 49.95 -34.20
N MET I 292 30.80 50.33 -34.18
CA MET I 292 30.41 51.58 -33.55
C MET I 292 30.54 51.49 -32.04
N THR I 293 30.54 52.67 -31.40
CA THR I 293 30.55 52.78 -29.95
C THR I 293 29.34 53.60 -29.54
N LEU I 294 28.49 53.01 -28.69
CA LEU I 294 27.25 53.65 -28.25
C LEU I 294 27.23 53.63 -26.73
N PRO I 295 27.99 54.52 -26.08
CA PRO I 295 28.07 54.49 -24.62
C PRO I 295 26.77 54.84 -23.92
N HIS I 296 25.83 55.51 -24.60
CA HIS I 296 24.59 55.91 -23.94
C HIS I 296 23.65 54.72 -23.77
N LEU I 297 23.71 53.73 -24.65
CA LEU I 297 22.83 52.57 -24.55
C LEU I 297 23.32 51.64 -23.46
N PRO I 298 22.42 51.00 -22.72
CA PRO I 298 22.85 49.98 -21.76
C PRO I 298 23.43 48.77 -22.47
N GLY I 299 24.30 48.05 -21.76
CA GLY I 299 24.93 46.88 -22.33
C GLY I 299 24.67 45.63 -21.52
N LEU I 300 25.57 44.64 -21.62
CA LEU I 300 25.41 43.41 -20.87
C LEU I 300 25.52 43.65 -19.37
N GLU I 301 26.29 44.66 -18.96
CA GLU I 301 26.45 44.95 -17.54
C GLU I 301 25.11 45.30 -16.90
N ASP I 302 24.20 45.90 -17.67
CA ASP I 302 22.90 46.27 -17.13
C ASP I 302 22.07 45.02 -16.83
N LEU I 303 22.38 43.91 -17.48
CA LEU I 303 21.67 42.66 -17.27
C LEU I 303 22.41 41.72 -16.32
N GLY I 304 23.44 42.22 -15.63
CA GLY I 304 24.18 41.42 -14.67
C GLY I 304 24.98 40.30 -15.28
N ILE I 305 25.67 40.56 -16.39
CA ILE I 305 26.46 39.55 -17.09
C ILE I 305 27.86 40.10 -17.30
N GLN I 306 28.86 39.33 -16.90
CA GLN I 306 30.26 39.68 -17.12
C GLN I 306 30.69 39.12 -18.47
N ALA I 307 31.01 40.01 -19.41
CA ALA I 307 31.36 39.58 -20.76
C ALA I 307 32.63 38.75 -20.74
N THR I 308 32.63 37.67 -21.51
CA THR I 308 33.76 36.75 -21.60
C THR I 308 34.75 37.24 -22.64
N PRO I 309 36.02 37.41 -22.28
CA PRO I 309 37.02 37.81 -23.27
C PRO I 309 37.23 36.74 -24.33
N LEU I 310 37.64 37.18 -25.52
CA LEU I 310 37.83 36.32 -26.67
C LEU I 310 38.89 35.23 -26.53
N GLU I 311 39.96 35.55 -25.81
CA GLU I 311 41.07 34.62 -25.63
C GLU I 311 40.66 33.31 -24.96
N LEU I 312 39.77 33.38 -23.98
CA LEU I 312 39.29 32.20 -23.28
C LEU I 312 38.55 31.18 -24.17
N LYS I 313 37.74 31.69 -25.09
CA LYS I 313 36.92 30.87 -25.97
C LYS I 313 37.52 30.69 -27.36
N ALA I 314 38.60 31.40 -27.67
CA ALA I 314 39.22 31.24 -28.99
C ALA I 314 39.73 29.82 -29.18
N ILE I 315 40.33 29.25 -28.13
CA ILE I 315 40.81 27.87 -28.21
C ILE I 315 39.63 26.92 -28.42
N GLU I 316 38.53 27.14 -27.71
CA GLU I 316 37.37 26.28 -27.84
C GLU I 316 36.83 26.31 -29.26
N VAL I 317 36.76 27.50 -29.86
CA VAL I 317 36.23 27.62 -31.22
C VAL I 317 37.20 27.02 -32.24
N LEU I 318 38.49 27.30 -32.10
CA LEU I 318 39.46 27.03 -33.16
C LEU I 318 40.27 25.76 -32.94
N ARG I 319 39.94 24.95 -31.95
CA ARG I 319 40.65 23.69 -31.77
C ARG I 319 40.44 22.74 -32.94
N ARG I 320 39.37 22.91 -33.71
CA ARG I 320 39.05 22.03 -34.83
C ARG I 320 39.67 22.48 -36.15
N HIS I 321 40.47 23.54 -36.16
CA HIS I 321 41.11 24.02 -37.36
C HIS I 321 42.61 23.72 -37.39
N ARG I 322 43.10 22.87 -36.47
CA ARG I 322 44.51 22.55 -36.38
C ARG I 322 44.84 21.32 -37.20
N THR I 323 46.07 20.82 -37.02
CA THR I 323 46.53 19.61 -37.69
C THR I 323 46.75 18.48 -36.69
N VAL I 334 48.01 31.91 -25.88
CA VAL I 334 49.36 32.18 -26.32
C VAL I 334 49.40 33.48 -27.14
N LYS I 335 50.24 34.42 -26.69
CA LYS I 335 50.45 35.76 -27.24
C LYS I 335 49.13 36.40 -27.68
N PRO I 336 48.26 36.79 -26.76
CA PRO I 336 47.00 37.43 -27.14
C PRO I 336 47.23 38.75 -27.85
N ALA I 337 46.31 39.08 -28.76
CA ALA I 337 46.42 40.31 -29.53
C ALA I 337 46.23 41.52 -28.63
N LYS I 338 46.96 42.59 -28.92
CA LYS I 338 46.87 43.81 -28.13
C LYS I 338 45.55 44.52 -28.38
N THR I 339 45.01 45.14 -27.33
CA THR I 339 43.71 45.79 -27.37
C THR I 339 43.86 47.30 -27.31
N VAL I 340 42.79 47.98 -27.69
CA VAL I 340 42.69 49.44 -27.60
C VAL I 340 41.41 49.80 -26.85
N ASN I 341 41.54 50.70 -25.88
CA ASN I 341 40.39 51.06 -25.05
C ASN I 341 40.27 52.58 -24.92
N ASP J 1 -68.62 -34.88 39.53
CA ASP J 1 -67.26 -35.19 39.94
C ASP J 1 -66.26 -34.85 38.84
N ASN J 2 -65.47 -35.86 38.42
CA ASN J 2 -64.49 -35.64 37.37
C ASN J 2 -65.10 -35.68 35.98
N SER J 3 -66.37 -36.08 35.85
CA SER J 3 -67.00 -36.09 34.54
C SER J 3 -67.30 -34.68 34.05
N THR J 4 -67.67 -33.79 34.96
CA THR J 4 -68.08 -32.44 34.60
C THR J 4 -66.88 -31.53 34.44
N TYR J 5 -66.86 -30.76 33.34
CA TYR J 5 -65.84 -29.74 33.15
C TYR J 5 -66.21 -28.52 33.97
N ARG J 6 -65.25 -27.99 34.73
CA ARG J 6 -65.48 -26.84 35.60
C ARG J 6 -64.66 -25.62 35.17
N ASN J 7 -64.41 -25.48 33.87
CA ASN J 7 -63.65 -24.35 33.33
C ASN J 7 -64.33 -23.78 32.11
N LEU J 8 -65.64 -23.56 32.20
CA LEU J 8 -66.39 -22.91 31.14
C LEU J 8 -66.33 -21.38 31.22
N GLN J 9 -65.63 -20.84 32.22
CA GLN J 9 -65.69 -19.41 32.50
C GLN J 9 -64.83 -18.58 31.55
N HIS J 10 -63.69 -19.11 31.10
CA HIS J 10 -62.84 -18.34 30.19
C HIS J 10 -63.54 -18.01 28.89
N HIS J 11 -64.75 -18.51 28.67
CA HIS J 11 -65.58 -18.13 27.54
C HIS J 11 -66.07 -16.69 27.63
N GLU J 12 -65.95 -16.03 28.78
CA GLU J 12 -66.54 -14.72 29.01
C GLU J 12 -65.49 -13.72 29.46
N TYR J 13 -64.36 -13.68 28.75
CA TYR J 13 -63.31 -12.71 29.01
C TYR J 13 -63.29 -11.64 27.93
N SER J 14 -63.16 -10.39 28.36
CA SER J 14 -63.16 -9.25 27.45
C SER J 14 -61.73 -8.92 27.00
N THR J 15 -61.61 -7.88 26.19
CA THR J 15 -60.32 -7.46 25.69
C THR J 15 -59.53 -6.64 26.70
N TYR J 16 -60.17 -6.17 27.76
CA TYR J 16 -59.53 -5.34 28.77
C TYR J 16 -59.50 -6.01 30.14
N THR J 17 -59.84 -7.29 30.21
CA THR J 17 -59.96 -7.98 31.49
C THR J 17 -58.62 -8.00 32.23
N PHE J 18 -57.54 -8.30 31.52
CA PHE J 18 -56.23 -8.36 32.14
C PHE J 18 -55.84 -7.01 32.74
N LEU J 19 -56.02 -5.94 31.96
CA LEU J 19 -55.64 -4.62 32.43
C LEU J 19 -56.58 -4.12 33.52
N ASP J 20 -57.86 -4.46 33.44
CA ASP J 20 -58.80 -4.10 34.49
C ASP J 20 -58.42 -4.77 35.80
N LEU J 21 -58.05 -6.05 35.75
CA LEU J 21 -57.61 -6.74 36.96
C LEU J 21 -56.30 -6.17 37.48
N ASN J 22 -55.39 -5.79 36.59
CA ASN J 22 -54.16 -5.12 37.03
C ASN J 22 -54.49 -3.82 37.77
N VAL J 23 -55.42 -3.04 37.24
CA VAL J 23 -55.84 -1.80 37.90
C VAL J 23 -56.42 -2.10 39.27
N GLU J 24 -57.25 -3.15 39.36
CA GLU J 24 -57.84 -3.51 40.64
C GLU J 24 -56.77 -3.92 41.65
N LEU J 25 -55.79 -4.72 41.22
CA LEU J 25 -54.72 -5.15 42.11
C LEU J 25 -53.74 -4.04 42.47
N SER J 26 -53.73 -2.94 41.69
CA SER J 26 -52.73 -1.89 41.91
C SER J 26 -52.73 -1.38 43.35
N LYS J 27 -53.87 -1.42 44.02
CA LYS J 27 -53.99 -0.88 45.37
C LYS J 27 -53.91 -1.94 46.47
N PHE J 28 -53.52 -3.16 46.13
CA PHE J 28 -53.17 -4.19 47.11
C PHE J 28 -51.68 -4.39 47.25
N ARG J 29 -50.86 -3.57 46.59
CA ARG J 29 -49.44 -3.83 46.45
C ARG J 29 -48.60 -2.78 47.16
N MET J 30 -47.43 -3.21 47.62
CA MET J 30 -46.55 -2.36 48.41
C MET J 30 -45.78 -1.40 47.51
N PRO J 31 -45.27 -0.30 48.08
CA PRO J 31 -44.51 0.66 47.27
C PRO J 31 -43.27 0.01 46.65
N GLN J 32 -42.96 0.44 45.43
CA GLN J 32 -41.83 -0.10 44.72
C GLN J 32 -40.52 0.51 45.26
N PRO J 33 -39.41 -0.22 45.16
CA PRO J 33 -38.12 0.35 45.53
C PRO J 33 -37.68 1.37 44.48
N SER J 34 -36.67 2.15 44.83
CA SER J 34 -36.22 3.23 43.95
C SER J 34 -34.71 3.16 43.79
N SER J 35 -34.25 3.54 42.61
CA SER J 35 -32.82 3.68 42.32
C SER J 35 -32.29 5.07 42.63
N GLY J 36 -33.14 5.97 43.12
CA GLY J 36 -32.75 7.30 43.50
C GLY J 36 -32.87 8.33 42.41
N ARG J 37 -33.18 7.92 41.18
CA ARG J 37 -33.20 8.82 40.03
C ARG J 37 -34.29 8.39 39.07
N GLN J 38 -34.78 9.36 38.28
CA GLN J 38 -35.94 9.14 37.43
C GLN J 38 -35.64 8.16 36.29
N SER J 39 -34.41 8.15 35.79
CA SER J 39 -34.03 7.28 34.69
C SER J 39 -32.51 7.25 34.61
N PRO J 40 -31.93 6.25 33.93
CA PRO J 40 -30.49 6.30 33.68
C PRO J 40 -30.08 7.46 32.80
N ARG J 41 -31.01 8.05 32.05
CA ARG J 41 -30.73 9.23 31.25
C ARG J 41 -30.84 10.52 32.06
N HIS J 42 -31.30 10.45 33.30
CA HIS J 42 -31.33 11.61 34.19
C HIS J 42 -30.00 11.76 34.92
N GLN K 1 47.45 -0.62 19.29
CA GLN K 1 46.47 -1.25 18.42
C GLN K 1 45.16 -0.48 18.40
N LEU K 2 44.89 0.27 19.46
CA LEU K 2 43.62 0.97 19.64
C LEU K 2 43.90 2.46 19.73
N ILE K 3 43.16 3.25 18.93
CA ILE K 3 43.35 4.69 18.96
C ILE K 3 42.89 5.27 20.29
N ALA K 4 41.77 4.77 20.83
CA ALA K 4 41.15 5.31 22.03
C ALA K 4 40.83 6.79 21.87
N VAL K 5 40.36 7.16 20.69
CA VAL K 5 39.99 8.53 20.41
C VAL K 5 38.69 8.88 21.14
N ASP K 6 38.53 10.15 21.48
CA ASP K 6 37.34 10.63 22.20
C ASP K 6 36.73 11.75 21.38
N GLU K 7 35.82 11.38 20.47
CA GLU K 7 35.09 12.36 19.69
C GLU K 7 33.79 11.74 19.20
N LYS K 8 32.77 12.58 19.05
CA LYS K 8 31.48 12.13 18.56
C LYS K 8 31.58 11.68 17.11
N LEU K 9 30.91 10.57 16.80
CA LEU K 9 30.96 10.01 15.45
C LEU K 9 30.26 10.93 14.46
N ASP K 10 30.84 11.05 13.27
CA ASP K 10 30.27 11.89 12.22
C ASP K 10 30.79 11.38 10.88
N ILE K 11 29.92 10.70 10.13
CA ILE K 11 30.29 10.12 8.84
C ILE K 11 29.77 10.98 7.69
N THR K 12 29.49 12.26 7.95
CA THR K 12 28.84 13.12 6.96
C THR K 12 29.66 13.21 5.68
N THR K 13 30.98 13.33 5.80
CA THR K 13 31.84 13.53 4.64
C THR K 13 31.96 12.29 3.76
N LEU K 14 31.49 11.13 4.21
CA LEU K 14 31.70 9.89 3.49
C LEU K 14 30.45 9.34 2.82
N THR K 15 29.29 9.95 3.03
CA THR K 15 28.05 9.42 2.51
C THR K 15 27.74 9.88 1.09
N GLY K 16 28.38 10.93 0.61
CA GLY K 16 28.11 11.42 -0.73
C GLY K 16 26.86 12.26 -0.87
N VAL K 17 26.25 12.67 0.24
CA VAL K 17 25.06 13.52 0.17
C VAL K 17 25.48 14.94 -0.21
N PRO K 18 24.72 15.63 -1.05
CA PRO K 18 25.01 17.05 -1.30
C PRO K 18 24.86 17.88 -0.03
N GLU K 19 25.61 18.98 0.02
CA GLU K 19 25.69 19.78 1.24
C GLU K 19 24.35 20.39 1.61
N GLU K 20 23.55 20.78 0.63
CA GLU K 20 22.26 21.40 0.92
C GLU K 20 21.26 20.44 1.53
N HIS K 21 21.38 19.13 1.28
CA HIS K 21 20.44 18.14 1.78
C HIS K 21 20.85 17.61 3.16
N ILE K 22 21.68 18.35 3.89
CA ILE K 22 22.17 17.88 5.18
C ILE K 22 21.79 18.89 6.26
N LYS K 23 22.23 20.13 6.10
CA LYS K 23 22.00 21.16 7.10
C LYS K 23 20.64 21.84 6.96
N THR K 24 19.88 21.53 5.92
CA THR K 24 18.57 22.13 5.71
C THR K 24 17.42 21.17 5.97
N ARG K 25 17.61 19.88 5.76
CA ARG K 25 16.55 18.91 6.01
C ARG K 25 16.37 18.68 7.51
N LYS K 26 15.15 18.26 7.86
CA LYS K 26 14.76 18.05 9.26
C LYS K 26 14.07 16.68 9.34
N VAL K 27 14.76 15.70 9.92
CA VAL K 27 14.16 14.39 10.07
C VAL K 27 13.26 14.37 11.30
N ARG K 28 12.25 13.51 11.24
CA ARG K 28 11.28 13.31 12.31
C ARG K 28 11.35 11.84 12.71
N ILE K 29 11.51 11.60 14.01
CA ILE K 29 11.62 10.26 14.57
C ILE K 29 10.37 10.03 15.41
N PHE K 30 9.61 9.00 15.06
CA PHE K 30 8.28 8.86 15.65
C PHE K 30 7.80 7.43 15.49
N VAL K 31 6.81 7.06 16.30
CA VAL K 31 6.05 5.83 16.11
C VAL K 31 4.78 6.19 15.35
N PRO K 32 4.56 5.65 14.15
CA PRO K 32 3.39 6.05 13.37
C PRO K 32 2.09 5.78 14.11
N ALA K 33 1.14 6.69 13.98
CA ALA K 33 -0.13 6.56 14.66
C ALA K 33 -0.95 5.43 14.04
N ARG K 34 -1.80 4.83 14.85
CA ARG K 34 -2.69 3.79 14.37
C ARG K 34 -3.71 4.38 13.40
N ASN K 35 -3.94 3.69 12.29
CA ASN K 35 -4.98 4.06 11.35
C ASN K 35 -6.34 3.82 12.00
N ASN K 36 -7.10 4.88 12.26
CA ASN K 36 -8.39 4.71 12.93
C ASN K 36 -9.39 3.94 12.10
N MET K 37 -9.15 3.74 10.81
CA MET K 37 -10.03 2.91 10.01
C MET K 37 -9.93 1.43 10.37
N GLN K 38 -8.89 1.03 11.11
CA GLN K 38 -8.70 -0.36 11.49
C GLN K 38 -8.30 -0.43 12.96
N SER K 39 -8.60 -1.57 13.58
CA SER K 39 -8.30 -1.78 14.98
C SER K 39 -7.00 -2.53 15.22
N GLY K 40 -6.30 -2.92 14.16
CA GLY K 40 -5.04 -3.62 14.33
C GLY K 40 -3.92 -2.68 14.72
N VAL K 41 -2.95 -3.21 15.47
CA VAL K 41 -1.93 -2.39 16.09
C VAL K 41 -0.53 -2.90 15.77
N ASN K 42 -0.39 -3.64 14.67
CA ASN K 42 0.91 -4.20 14.32
C ASN K 42 1.80 -3.23 13.58
N ASN K 43 1.27 -2.10 13.14
CA ASN K 43 2.08 -1.10 12.45
C ASN K 43 2.56 0.01 13.37
N THR K 44 2.35 -0.13 14.68
CA THR K 44 2.77 0.86 15.67
C THR K 44 3.83 0.29 16.61
N LYS K 45 4.65 -0.63 16.12
CA LYS K 45 5.64 -1.31 16.94
C LYS K 45 7.04 -0.74 16.82
N LYS K 46 7.43 -0.27 15.65
CA LYS K 46 8.79 0.20 15.38
C LYS K 46 8.82 1.71 15.28
N TRP K 47 10.04 2.26 15.28
CA TRP K 47 10.25 3.69 15.14
C TRP K 47 10.59 3.99 13.69
N LYS K 48 10.18 5.16 13.23
CA LYS K 48 10.40 5.58 11.85
C LYS K 48 11.10 6.92 11.82
N MET K 49 12.02 7.05 10.88
CA MET K 49 12.68 8.32 10.56
C MET K 49 12.23 8.73 9.18
N GLU K 50 11.70 9.95 9.07
CA GLU K 50 11.21 10.46 7.79
C GLU K 50 11.58 11.92 7.63
N PHE K 51 11.76 12.34 6.38
CA PHE K 51 12.16 13.71 6.10
C PHE K 51 10.95 14.62 5.91
N ASP K 52 11.22 15.93 5.89
CA ASP K 52 10.16 16.92 5.77
C ASP K 52 9.68 17.04 4.33
N THR K 53 8.42 17.44 4.19
CA THR K 53 7.81 17.55 2.87
C THR K 53 8.33 18.76 2.11
N ARG K 54 8.69 18.54 0.85
CA ARG K 54 9.15 19.59 -0.04
C ARG K 54 8.11 19.83 -1.13
N GLU K 55 8.45 20.69 -2.08
CA GLU K 55 7.48 21.14 -3.08
C GLU K 55 7.20 20.06 -4.12
N ARG K 56 5.92 19.86 -4.39
CA ARG K 56 5.46 19.03 -5.49
C ARG K 56 4.59 19.90 -6.38
N TRP K 57 4.75 19.76 -7.70
CA TRP K 57 4.01 20.58 -8.65
C TRP K 57 3.44 19.72 -9.76
N GLU K 58 2.56 20.29 -10.56
CA GLU K 58 1.90 19.55 -11.62
C GLU K 58 2.67 19.64 -12.92
N ASN K 59 2.91 18.49 -13.54
CA ASN K 59 3.60 18.45 -14.82
C ASN K 59 2.75 19.12 -15.90
N PRO K 60 3.33 20.02 -16.70
CA PRO K 60 2.55 20.64 -17.78
C PRO K 60 1.99 19.64 -18.77
N LEU K 61 2.71 18.55 -19.03
CA LEU K 61 2.23 17.46 -19.87
C LEU K 61 1.77 16.32 -18.98
N MET K 62 0.56 15.80 -19.26
CA MET K 62 -0.01 14.65 -18.57
C MET K 62 -0.45 14.96 -17.15
N GLY K 63 -0.12 16.14 -16.65
CA GLY K 63 -0.60 16.56 -15.35
C GLY K 63 -0.15 15.72 -14.17
N TRP K 64 0.99 15.03 -14.30
CA TRP K 64 1.51 14.21 -13.21
C TRP K 64 2.13 15.09 -12.12
N SER K 65 2.50 14.44 -11.02
CA SER K 65 3.06 15.14 -9.86
C SER K 65 4.58 15.02 -9.90
N SER K 66 5.26 16.14 -10.10
CA SER K 66 6.70 16.23 -10.19
C SER K 66 7.29 16.77 -8.90
N THR K 67 8.47 16.27 -8.56
CA THR K 67 9.16 16.66 -7.35
C THR K 67 10.62 16.95 -7.68
N ALA K 68 11.33 17.55 -6.72
CA ALA K 68 12.74 17.85 -6.88
C ALA K 68 13.59 17.35 -5.73
N ASP K 69 13.00 16.81 -4.66
CA ASP K 69 14.02 16.34 -3.73
C ASP K 69 14.18 14.83 -3.80
N PRO K 70 15.39 14.32 -3.52
CA PRO K 70 15.60 12.87 -3.56
C PRO K 70 15.07 12.14 -2.35
N LEU K 71 14.87 12.81 -1.22
CA LEU K 71 14.54 12.15 0.04
C LEU K 71 13.05 12.19 0.34
N SER K 72 12.21 12.25 -0.70
CA SER K 72 10.77 12.33 -0.48
C SER K 72 10.18 10.99 -0.05
N ASN K 73 10.66 9.89 -0.64
CA ASN K 73 10.13 8.57 -0.37
C ASN K 73 10.98 7.77 0.60
N LEU K 74 11.97 8.41 1.23
CA LEU K 74 12.92 7.73 2.11
C LEU K 74 12.35 7.67 3.52
N VAL K 75 12.04 6.46 3.98
CA VAL K 75 11.59 6.21 5.35
C VAL K 75 12.43 5.09 5.93
N LEU K 76 13.02 5.32 7.10
CA LEU K 76 13.89 4.34 7.72
C LEU K 76 13.24 3.77 8.97
N THR K 77 13.52 2.50 9.25
CA THR K 77 12.93 1.77 10.36
C THR K 77 13.99 1.48 11.41
N PHE K 78 13.62 1.67 12.68
CA PHE K 78 14.54 1.48 13.79
C PHE K 78 13.84 0.75 14.92
N SER K 79 14.63 -0.03 15.67
CA SER K 79 14.08 -0.84 16.74
C SER K 79 13.69 0.01 17.94
N THR K 80 14.55 0.95 18.33
CA THR K 80 14.31 1.81 19.48
C THR K 80 14.55 3.26 19.10
N LYS K 81 14.11 4.15 19.98
CA LYS K 81 14.30 5.59 19.77
C LYS K 81 15.78 5.95 19.78
N GLU K 82 16.55 5.35 20.69
CA GLU K 82 17.96 5.70 20.81
C GLU K 82 18.73 5.33 19.56
N ASP K 83 18.39 4.19 18.95
CA ASP K 83 19.06 3.79 17.71
C ASP K 83 18.80 4.80 16.60
N ALA K 84 17.55 5.25 16.48
CA ALA K 84 17.21 6.23 15.45
C ALA K 84 17.91 7.56 15.70
N VAL K 85 17.96 8.00 16.96
CA VAL K 85 18.63 9.26 17.26
C VAL K 85 20.12 9.16 16.98
N ALA K 86 20.73 8.02 17.33
CA ALA K 86 22.14 7.83 17.05
C ALA K 86 22.41 7.85 15.56
N PHE K 87 21.56 7.19 14.77
CA PHE K 87 21.70 7.22 13.32
C PHE K 87 21.60 8.65 12.78
N ALA K 88 20.61 9.41 13.25
CA ALA K 88 20.42 10.77 12.77
C ALA K 88 21.62 11.65 13.11
N GLU K 89 22.14 11.54 14.34
CA GLU K 89 23.30 12.33 14.71
C GLU K 89 24.53 11.92 13.91
N LYS K 90 24.73 10.62 13.71
CA LYS K 90 25.89 10.16 12.95
C LYS K 90 25.85 10.66 11.52
N ASN K 91 24.66 10.69 10.91
CA ASN K 91 24.54 11.16 9.54
C ASN K 91 24.44 12.68 9.44
N GLY K 92 24.45 13.39 10.55
CA GLY K 92 24.47 14.84 10.52
C GLY K 92 23.15 15.50 10.16
N TRP K 93 22.04 14.91 10.58
CA TRP K 93 20.72 15.45 10.30
C TRP K 93 20.11 16.00 11.59
N SER K 94 19.55 17.20 11.51
CA SER K 94 18.77 17.73 12.62
C SER K 94 17.45 16.99 12.72
N PHE K 95 17.08 16.60 13.94
CA PHE K 95 15.94 15.72 14.15
C PHE K 95 14.98 16.30 15.18
N ASP K 96 13.73 15.90 15.06
CA ASP K 96 12.70 16.13 16.06
C ASP K 96 12.15 14.80 16.52
N VAL K 97 12.13 14.60 17.84
CA VAL K 97 11.64 13.37 18.44
C VAL K 97 10.43 13.70 19.31
N GLU K 98 9.35 12.95 19.13
CA GLU K 98 8.21 12.99 20.04
C GLU K 98 7.96 11.59 20.57
N GLU K 99 7.60 11.52 21.85
CA GLU K 99 7.63 10.26 22.58
C GLU K 99 6.48 9.35 22.14
N ARG K 100 6.67 8.06 22.39
CA ARG K 100 5.68 7.07 22.00
C ARG K 100 4.40 7.25 22.79
N LYS K 101 3.26 7.14 22.11
CA LYS K 101 1.95 7.24 22.72
C LYS K 101 1.34 5.84 22.84
N VAL K 102 1.08 5.41 24.06
CA VAL K 102 0.47 4.10 24.30
C VAL K 102 -0.93 4.31 24.84
N PRO K 103 -1.93 3.56 24.36
CA PRO K 103 -3.28 3.67 24.92
C PRO K 103 -3.30 3.21 26.37
N LYS K 104 -3.78 4.07 27.24
CA LYS K 104 -3.84 3.74 28.66
C LYS K 104 -4.84 2.61 28.88
N PRO K 105 -4.59 1.74 29.87
CA PRO K 105 -5.54 0.66 30.14
C PRO K 105 -6.87 1.19 30.62
N LYS K 106 -7.92 0.42 30.37
CA LYS K 106 -9.28 0.82 30.70
C LYS K 106 -9.99 -0.31 31.44
N SER K 107 -10.90 0.07 32.32
CA SER K 107 -11.67 -0.90 33.11
C SER K 107 -12.95 -1.22 32.34
N LYS K 108 -12.92 -2.32 31.60
CA LYS K 108 -14.09 -2.80 30.87
C LYS K 108 -14.80 -3.85 31.72
N SER K 109 -16.12 -3.78 31.76
CA SER K 109 -16.92 -4.78 32.45
C SER K 109 -18.28 -4.88 31.76
N TYR K 110 -18.64 -6.09 31.35
CA TYR K 110 -19.93 -6.31 30.71
C TYR K 110 -21.08 -6.04 31.68
N GLY K 111 -20.94 -6.47 32.93
CA GLY K 111 -22.00 -6.29 33.91
C GLY K 111 -22.34 -4.84 34.22
N ALA K 112 -21.44 -3.91 33.90
CA ALA K 112 -21.75 -2.50 34.07
C ALA K 112 -22.85 -2.03 33.13
N ASN K 113 -23.12 -2.78 32.06
CA ASN K 113 -24.20 -2.41 31.16
C ASN K 113 -25.55 -2.43 31.86
N PHE K 114 -25.76 -3.42 32.72
CA PHE K 114 -27.08 -3.66 33.31
C PHE K 114 -27.11 -3.14 34.74
N SER K 115 -26.95 -1.83 34.88
CA SER K 115 -26.75 -1.22 36.18
C SER K 115 -28.07 -0.91 36.85
N TRP K 116 -28.12 -1.11 38.17
CA TRP K 116 -29.35 -0.88 38.93
C TRP K 116 -29.60 0.60 39.13
N ASN K 117 -28.57 1.38 39.45
CA ASN K 117 -28.73 2.79 39.74
C ASN K 117 -27.72 3.70 39.04
N LYS K 118 -26.66 3.17 38.46
CA LYS K 118 -25.71 4.03 37.77
C LYS K 118 -26.20 4.38 36.37
N ARG K 119 -25.46 5.25 35.71
CA ARG K 119 -25.81 5.73 34.38
C ARG K 119 -25.20 4.92 33.26
N THR K 120 -24.39 3.91 33.58
CA THR K 120 -23.82 3.04 32.57
C THR K 120 -24.87 2.08 31.99
N ARG K 121 -26.12 2.17 32.43
CA ARG K 121 -27.19 1.34 31.91
C ARG K 121 -27.43 1.63 30.44
N VAL K 122 -27.18 0.63 29.60
CA VAL K 122 -27.29 0.81 28.15
C VAL K 122 -28.76 0.78 27.75
N SER K 123 -29.12 1.59 26.76
CA SER K 123 -30.51 1.66 26.32
C SER K 123 -30.91 0.43 25.52
N THR K 124 -30.04 -0.04 24.63
CA THR K 124 -30.25 -1.29 23.89
C THR K 124 -28.92 -2.02 23.79
N LYS K 125 -28.92 -3.08 22.98
CA LYS K 125 -27.71 -3.83 22.69
C LYS K 125 -27.88 -4.64 21.41
N SER L 1 0.41 -6.35 45.41
CA SER L 1 -0.92 -5.81 45.63
C SER L 1 -1.98 -6.90 45.47
N ASN L 2 -3.16 -6.51 45.01
CA ASN L 2 -4.26 -7.44 44.77
C ASN L 2 -4.23 -8.03 43.37
N LEU L 3 -3.09 -7.95 42.69
CA LEU L 3 -2.99 -8.49 41.33
C LEU L 3 -3.07 -10.00 41.34
N ILE L 4 -3.73 -10.55 40.33
CA ILE L 4 -3.85 -11.99 40.16
C ILE L 4 -2.93 -12.42 39.01
N GLU L 5 -2.35 -13.60 39.16
CA GLU L 5 -1.42 -14.14 38.18
C GLU L 5 -2.18 -15.05 37.22
N VAL L 6 -2.13 -14.74 35.92
CA VAL L 6 -2.69 -15.60 34.90
C VAL L 6 -1.59 -15.93 33.91
N PHE L 7 -1.89 -16.85 33.01
CA PHE L 7 -0.93 -17.30 32.01
C PHE L 7 -1.55 -17.16 30.63
N VAL L 8 -0.76 -16.64 29.69
CA VAL L 8 -1.11 -16.58 28.29
C VAL L 8 -0.11 -17.44 27.54
N ASP L 9 -0.58 -18.54 26.96
CA ASP L 9 0.28 -19.50 26.27
C ASP L 9 1.43 -19.94 27.16
N GLY L 10 1.14 -20.07 28.46
CA GLY L 10 2.13 -20.50 29.42
C GLY L 10 3.07 -19.43 29.92
N GLN L 11 2.84 -18.16 29.59
CA GLN L 11 3.68 -17.06 30.05
C GLN L 11 2.92 -16.27 31.09
N SER L 12 3.54 -16.06 32.25
CA SER L 12 2.85 -15.45 33.38
C SER L 12 2.70 -13.94 33.19
N VAL L 13 1.60 -13.40 33.69
CA VAL L 13 1.36 -11.96 33.70
C VAL L 13 0.48 -11.65 34.90
N MET L 14 0.76 -10.51 35.55
CA MET L 14 0.02 -10.05 36.70
C MET L 14 -0.99 -9.00 36.25
N VAL L 15 -2.27 -9.25 36.50
CA VAL L 15 -3.33 -8.39 36.02
C VAL L 15 -4.24 -8.01 37.17
N GLU L 16 -4.88 -6.85 37.05
CA GLU L 16 -5.83 -6.43 38.07
C GLU L 16 -7.08 -7.28 38.03
N PRO L 17 -7.78 -7.42 39.16
CA PRO L 17 -9.08 -8.10 39.13
C PRO L 17 -10.06 -7.34 38.26
N GLY L 18 -10.92 -8.09 37.55
CA GLY L 18 -11.84 -7.52 36.60
C GLY L 18 -11.29 -7.37 35.20
N THR L 19 -10.00 -7.62 35.00
CA THR L 19 -9.41 -7.58 33.66
C THR L 19 -9.94 -8.72 32.82
N THR L 20 -10.24 -8.44 31.56
CA THR L 20 -10.74 -9.48 30.68
C THR L 20 -9.58 -10.27 30.08
N VAL L 21 -9.94 -11.35 29.36
CA VAL L 21 -8.93 -12.16 28.70
C VAL L 21 -8.24 -11.36 27.60
N LEU L 22 -9.01 -10.57 26.85
CA LEU L 22 -8.44 -9.80 25.75
C LEU L 22 -7.38 -8.82 26.26
N GLN L 23 -7.65 -8.16 27.38
CA GLN L 23 -6.69 -7.21 27.92
C GLN L 23 -5.42 -7.90 28.43
N ALA L 24 -5.55 -9.07 29.05
CA ALA L 24 -4.37 -9.82 29.47
C ALA L 24 -3.53 -10.23 28.27
N CYS L 25 -4.20 -10.66 27.19
CA CYS L 25 -3.47 -10.99 25.96
C CYS L 25 -2.79 -9.76 25.38
N GLU L 26 -3.43 -8.59 25.47
CA GLU L 26 -2.77 -7.35 25.08
C GLU L 26 -1.52 -7.11 25.92
N LYS L 27 -1.62 -7.35 27.23
CA LYS L 27 -0.47 -7.12 28.11
C LYS L 27 0.70 -8.02 27.76
N VAL L 28 0.42 -9.29 27.45
CA VAL L 28 1.51 -10.17 27.02
C VAL L 28 2.05 -9.73 25.67
N GLY L 29 1.18 -9.24 24.78
CA GLY L 29 1.63 -8.71 23.51
C GLY L 29 0.86 -9.20 22.31
N MET L 30 -0.24 -9.92 22.54
CA MET L 30 -1.08 -10.43 21.47
C MET L 30 -2.37 -9.63 21.35
N GLN L 31 -2.79 -9.41 20.11
CA GLN L 31 -4.06 -8.75 19.79
C GLN L 31 -5.05 -9.82 19.37
N ILE L 32 -6.08 -10.03 20.18
CA ILE L 32 -7.13 -10.99 19.85
C ILE L 32 -7.96 -10.43 18.69
N PRO L 33 -8.36 -11.24 17.71
CA PRO L 33 -9.23 -10.73 16.65
C PRO L 33 -10.56 -10.24 17.22
N ARG L 34 -11.10 -9.21 16.60
CA ARG L 34 -12.30 -8.57 17.13
C ARG L 34 -13.04 -7.86 16.00
N PHE L 35 -14.35 -7.78 16.15
CA PHE L 35 -15.17 -6.96 15.27
C PHE L 35 -16.09 -6.02 16.03
N CYS L 36 -16.64 -6.46 17.16
CA CYS L 36 -17.60 -5.65 17.90
C CYS L 36 -17.01 -4.98 19.13
N TYR L 37 -15.83 -5.40 19.57
CA TYR L 37 -15.22 -4.81 20.75
C TYR L 37 -14.48 -3.54 20.39
N HIS L 38 -14.78 -2.46 21.13
CA HIS L 38 -14.05 -1.22 21.03
C HIS L 38 -13.68 -0.79 22.45
N GLU L 39 -12.41 -0.43 22.65
CA GLU L 39 -11.95 -0.08 23.98
C GLU L 39 -12.63 1.19 24.49
N ARG L 40 -13.14 2.02 23.60
CA ARG L 40 -13.82 3.26 23.99
C ARG L 40 -15.31 3.09 24.13
N LEU L 41 -15.87 1.93 23.78
CA LEU L 41 -17.30 1.66 23.88
C LEU L 41 -17.54 0.53 24.87
N SER L 42 -18.81 0.34 25.22
CA SER L 42 -19.18 -0.74 26.11
C SER L 42 -19.07 -2.09 25.40
N VAL L 43 -18.96 -3.15 26.19
CA VAL L 43 -18.79 -4.49 25.64
C VAL L 43 -20.13 -4.98 25.12
N ALA L 44 -20.12 -5.62 23.95
CA ALA L 44 -21.31 -6.15 23.30
C ALA L 44 -21.31 -7.67 23.22
N GLY L 45 -20.19 -8.26 22.82
CA GLY L 45 -20.12 -9.71 22.70
C GLY L 45 -20.98 -10.30 21.60
N ASN L 46 -21.06 -9.63 20.45
CA ASN L 46 -21.95 -10.04 19.36
C ASN L 46 -21.24 -10.91 18.33
N CYS L 47 -20.17 -10.38 17.73
CA CYS L 47 -19.55 -11.02 16.58
C CYS L 47 -18.99 -12.40 16.89
N ARG L 48 -18.64 -12.67 18.15
CA ARG L 48 -18.05 -13.94 18.57
C ARG L 48 -16.73 -14.23 17.88
N MET L 49 -16.04 -13.19 17.39
CA MET L 49 -14.74 -13.42 16.76
C MET L 49 -13.63 -13.65 17.78
N CYS L 50 -13.76 -13.08 18.98
CA CYS L 50 -12.71 -13.14 19.98
C CYS L 50 -12.75 -14.43 20.80
N LEU L 51 -13.40 -15.48 20.32
CA LEU L 51 -13.49 -16.72 21.07
C LEU L 51 -12.10 -17.33 21.23
N VAL L 52 -11.70 -17.60 22.46
CA VAL L 52 -10.39 -18.14 22.76
C VAL L 52 -10.58 -19.30 23.74
N GLU L 53 -9.62 -20.21 23.75
CA GLU L 53 -9.70 -21.41 24.58
C GLU L 53 -8.95 -21.20 25.88
N ILE L 54 -9.59 -21.54 27.00
CA ILE L 54 -8.94 -21.66 28.29
C ILE L 54 -8.55 -23.10 28.49
N GLU L 55 -7.35 -23.33 29.02
CA GLU L 55 -6.89 -24.70 29.24
C GLU L 55 -7.78 -25.41 30.24
N LYS L 56 -8.02 -26.70 30.01
CA LYS L 56 -8.85 -27.55 30.87
C LYS L 56 -10.28 -27.04 30.97
N ALA L 57 -10.72 -26.25 30.00
CA ALA L 57 -12.09 -25.74 29.94
C ALA L 57 -12.69 -26.21 28.62
N PRO L 58 -13.78 -26.97 28.64
CA PRO L 58 -14.29 -27.56 27.39
C PRO L 58 -14.92 -26.57 26.42
N LYS L 59 -15.27 -25.36 26.87
CA LYS L 59 -15.95 -24.39 26.03
C LYS L 59 -15.08 -23.16 25.85
N VAL L 60 -15.09 -22.61 24.64
CA VAL L 60 -14.38 -21.37 24.35
C VAL L 60 -15.15 -20.20 24.96
N VAL L 61 -14.41 -19.20 25.44
CA VAL L 61 -15.01 -18.02 26.03
C VAL L 61 -14.75 -16.82 25.14
N ALA L 62 -15.58 -15.80 25.29
CA ALA L 62 -15.42 -14.56 24.54
C ALA L 62 -14.40 -13.69 25.26
N ALA L 63 -13.26 -13.44 24.61
CA ALA L 63 -12.18 -12.74 25.27
C ALA L 63 -12.55 -11.31 25.64
N CYS L 64 -13.31 -10.64 24.78
CA CYS L 64 -13.65 -9.24 25.01
C CYS L 64 -14.59 -9.03 26.18
N ALA L 65 -15.29 -10.07 26.63
CA ALA L 65 -16.27 -9.93 27.69
C ALA L 65 -15.98 -10.79 28.91
N MET L 66 -15.08 -11.76 28.83
CA MET L 66 -14.88 -12.71 29.91
C MET L 66 -13.81 -12.19 30.85
N PRO L 67 -14.14 -11.83 32.09
CA PRO L 67 -13.09 -11.48 33.05
C PRO L 67 -12.23 -12.69 33.35
N VAL L 68 -10.96 -12.45 33.59
CA VAL L 68 -10.00 -13.51 33.81
C VAL L 68 -9.86 -13.72 35.32
N MET L 69 -9.63 -14.96 35.72
CA MET L 69 -9.44 -15.29 37.13
C MET L 69 -8.09 -15.96 37.33
N LYS L 70 -7.69 -16.04 38.59
CA LYS L 70 -6.35 -16.52 38.94
C LYS L 70 -6.15 -17.95 38.49
N GLY L 71 -5.02 -18.19 37.84
CA GLY L 71 -4.61 -19.54 37.48
C GLY L 71 -4.96 -19.98 36.08
N TRP L 72 -5.78 -19.23 35.35
CA TRP L 72 -6.10 -19.61 33.98
C TRP L 72 -4.87 -19.55 33.07
N ASN L 73 -4.84 -20.46 32.11
CA ASN L 73 -3.89 -20.45 31.00
C ASN L 73 -4.68 -20.20 29.72
N ILE L 74 -4.47 -19.05 29.10
CA ILE L 74 -5.16 -18.68 27.87
C ILE L 74 -4.40 -19.24 26.70
N LEU L 75 -5.06 -20.07 25.89
CA LEU L 75 -4.46 -20.76 24.76
C LEU L 75 -4.97 -20.11 23.48
N THR L 76 -4.27 -19.07 23.04
CA THR L 76 -4.75 -18.27 21.90
C THR L 76 -4.51 -18.97 20.57
N ASN L 77 -3.46 -19.79 20.47
CA ASN L 77 -3.11 -20.44 19.21
C ASN L 77 -3.48 -21.92 19.20
N SER L 78 -4.37 -22.35 20.08
CA SER L 78 -4.80 -23.73 20.08
C SER L 78 -5.67 -24.02 18.86
N GLU L 79 -5.77 -25.30 18.50
CA GLU L 79 -6.55 -25.68 17.33
C GLU L 79 -8.02 -25.34 17.51
N LYS L 80 -8.51 -25.42 18.75
CA LYS L 80 -9.91 -25.09 19.02
C LYS L 80 -10.21 -23.63 18.71
N SER L 81 -9.35 -22.71 19.18
CA SER L 81 -9.60 -21.29 18.95
C SER L 81 -9.41 -20.92 17.49
N LYS L 82 -8.44 -21.54 16.82
CA LYS L 82 -8.27 -21.31 15.39
C LYS L 82 -9.48 -21.77 14.61
N LYS L 83 -10.03 -22.94 14.95
CA LYS L 83 -11.23 -23.41 14.26
C LYS L 83 -12.42 -22.51 14.56
N ALA L 84 -12.50 -21.99 15.79
CA ALA L 84 -13.56 -21.05 16.12
C ALA L 84 -13.46 -19.79 15.26
N ARG L 85 -12.25 -19.25 15.12
CA ARG L 85 -12.07 -18.08 14.27
C ARG L 85 -12.47 -18.37 12.83
N GLU L 86 -12.06 -19.53 12.31
CA GLU L 86 -12.38 -19.85 10.93
C GLU L 86 -13.88 -19.98 10.72
N GLY L 87 -14.58 -20.64 11.64
CA GLY L 87 -16.02 -20.76 11.52
C GLY L 87 -16.73 -19.42 11.62
N VAL L 88 -16.29 -18.56 12.55
CA VAL L 88 -16.93 -17.26 12.72
C VAL L 88 -16.72 -16.42 11.47
N MET L 89 -15.51 -16.43 10.90
CA MET L 89 -15.28 -15.67 9.68
C MET L 89 -16.08 -16.24 8.51
N GLU L 90 -16.24 -17.56 8.45
CA GLU L 90 -17.08 -18.15 7.42
C GLU L 90 -18.52 -17.65 7.52
N PHE L 91 -19.05 -17.62 8.74
CA PHE L 91 -20.41 -17.11 8.94
C PHE L 91 -20.50 -15.63 8.61
N LEU L 92 -19.48 -14.86 8.96
CA LEU L 92 -19.48 -13.43 8.64
C LEU L 92 -19.48 -13.19 7.15
N LEU L 93 -18.71 -13.99 6.40
CA LEU L 93 -18.55 -13.80 4.97
C LEU L 93 -19.63 -14.51 4.15
N ALA L 94 -20.50 -15.30 4.78
CA ALA L 94 -21.52 -16.02 4.02
C ALA L 94 -22.45 -15.07 3.28
N ASN L 95 -22.89 -14.00 3.95
CA ASN L 95 -23.86 -13.08 3.38
C ASN L 95 -23.26 -11.74 2.96
N HIS L 96 -21.94 -11.60 3.06
CA HIS L 96 -21.30 -10.35 2.68
C HIS L 96 -21.29 -10.20 1.17
N PRO L 97 -21.45 -8.98 0.65
CA PRO L 97 -21.49 -8.78 -0.79
C PRO L 97 -20.11 -8.70 -1.42
N LEU L 98 -20.02 -9.14 -2.67
CA LEU L 98 -18.79 -9.06 -3.44
C LEU L 98 -18.61 -7.65 -3.99
N ASP L 99 -18.33 -6.73 -3.07
CA ASP L 99 -18.25 -5.31 -3.38
C ASP L 99 -16.86 -4.74 -3.13
N CYS L 100 -15.85 -5.59 -2.94
CA CYS L 100 -14.53 -5.09 -2.57
C CYS L 100 -13.96 -4.10 -3.59
N PRO L 101 -13.98 -4.35 -4.90
CA PRO L 101 -13.47 -3.34 -5.83
C PRO L 101 -14.20 -2.01 -5.78
N ILE L 102 -15.51 -2.01 -5.54
CA ILE L 102 -16.29 -0.77 -5.50
C ILE L 102 -16.45 -0.24 -4.08
N CYS L 103 -15.86 -0.88 -3.09
CA CYS L 103 -15.96 -0.45 -1.70
C CYS L 103 -14.85 0.56 -1.40
N ASP L 104 -15.21 1.64 -0.72
CA ASP L 104 -14.23 2.65 -0.31
C ASP L 104 -13.28 2.14 0.75
N GLN L 105 -13.53 0.97 1.33
CA GLN L 105 -12.67 0.46 2.40
C GLN L 105 -11.89 -0.74 1.91
N GLY L 106 -11.38 -0.67 0.68
CA GLY L 106 -10.66 -1.77 0.09
C GLY L 106 -9.43 -2.19 0.86
N GLY L 107 -8.40 -1.35 0.87
CA GLY L 107 -7.16 -1.76 1.50
C GLY L 107 -7.05 -1.49 2.98
N GLU L 108 -8.13 -1.07 3.61
CA GLU L 108 -8.15 -0.77 5.03
C GLU L 108 -9.39 -1.35 5.68
N CYS L 109 -9.72 -2.59 5.34
CA CYS L 109 -10.89 -3.27 5.89
C CYS L 109 -10.45 -4.30 6.92
N ASP L 110 -11.06 -4.26 8.10
CA ASP L 110 -10.79 -5.29 9.10
C ASP L 110 -11.33 -6.65 8.67
N LEU L 111 -12.46 -6.68 7.96
CA LEU L 111 -13.00 -7.95 7.48
C LEU L 111 -12.00 -8.63 6.56
N GLN L 112 -11.42 -7.87 5.63
CA GLN L 112 -10.45 -8.43 4.70
C GLN L 112 -9.19 -8.91 5.41
N ASP L 113 -8.62 -8.06 6.27
CA ASP L 113 -7.37 -8.40 6.93
C ASP L 113 -7.54 -9.59 7.86
N GLN L 114 -8.62 -9.62 8.62
CA GLN L 114 -8.85 -10.74 9.52
C GLN L 114 -9.28 -12.00 8.78
N SER L 115 -9.85 -11.87 7.58
CA SER L 115 -10.10 -13.05 6.77
C SER L 115 -8.80 -13.61 6.20
N MET L 116 -7.86 -12.73 5.85
CA MET L 116 -6.57 -13.19 5.35
C MET L 116 -5.75 -13.84 6.45
N MET L 117 -5.83 -13.32 7.67
CA MET L 117 -4.99 -13.87 8.74
C MET L 117 -5.66 -15.02 9.49
N PHE L 118 -6.91 -14.84 9.93
CA PHE L 118 -7.53 -15.79 10.84
C PHE L 118 -8.64 -16.62 10.22
N GLY L 119 -8.90 -16.47 8.91
CA GLY L 119 -9.93 -17.23 8.25
C GLY L 119 -9.38 -18.20 7.22
N SER L 120 -10.28 -18.89 6.55
CA SER L 120 -9.93 -19.76 5.44
C SER L 120 -9.78 -18.97 4.16
N ASP L 121 -9.52 -19.66 3.07
CA ASP L 121 -9.26 -19.02 1.78
C ASP L 121 -10.30 -19.36 0.72
N ARG L 122 -11.34 -20.12 1.06
CA ARG L 122 -12.34 -20.51 0.09
C ARG L 122 -13.68 -20.61 0.79
N SER L 123 -14.76 -20.64 0.01
CA SER L 123 -16.12 -20.70 0.52
C SER L 123 -16.78 -22.01 0.14
N ARG L 124 -17.66 -22.47 1.03
CA ARG L 124 -18.55 -23.59 0.75
C ARG L 124 -20.00 -23.15 0.88
N PHE L 125 -20.27 -21.88 0.63
CA PHE L 125 -21.62 -21.31 0.67
C PHE L 125 -22.20 -21.39 -0.73
N LEU L 126 -23.21 -22.21 -0.90
CA LEU L 126 -23.81 -22.46 -2.21
C LEU L 126 -25.20 -21.85 -2.34
N GLU L 127 -25.56 -20.91 -1.49
CA GLU L 127 -26.89 -20.32 -1.50
C GLU L 127 -26.84 -18.93 -2.13
N GLY L 128 -27.98 -18.24 -2.15
CA GLY L 128 -28.05 -16.86 -2.57
C GLY L 128 -27.91 -15.94 -1.37
N LYS L 129 -27.15 -14.87 -1.56
CA LYS L 129 -26.93 -13.92 -0.48
C LYS L 129 -28.14 -13.03 -0.28
N ARG L 130 -28.16 -12.32 0.83
CA ARG L 130 -29.23 -11.37 1.11
C ARG L 130 -28.84 -9.98 0.65
N ALA L 131 -29.85 -9.12 0.52
CA ALA L 131 -29.64 -7.74 0.13
C ALA L 131 -30.65 -6.87 0.85
N VAL L 132 -30.18 -5.77 1.43
CA VAL L 132 -31.04 -4.85 2.16
C VAL L 132 -30.98 -3.50 1.49
N GLU L 133 -32.01 -2.69 1.72
CA GLU L 133 -32.09 -1.38 1.11
C GLU L 133 -31.27 -0.37 1.89
N ASP L 134 -30.60 0.53 1.17
CA ASP L 134 -29.73 1.50 1.80
C ASP L 134 -30.56 2.57 2.50
N LYS L 135 -30.05 3.04 3.63
CA LYS L 135 -30.65 4.13 4.38
C LYS L 135 -30.08 5.46 3.92
N ASN L 136 -30.60 6.54 4.48
CA ASN L 136 -30.15 7.88 4.14
C ASN L 136 -30.19 8.72 5.41
N ILE L 137 -29.04 8.86 6.06
CA ILE L 137 -28.94 9.51 7.36
C ILE L 137 -28.24 10.86 7.27
N GLY L 138 -28.17 11.43 6.07
CA GLY L 138 -27.57 12.74 5.90
C GLY L 138 -26.59 12.77 4.74
N PRO L 139 -26.08 13.96 4.43
CA PRO L 139 -25.12 14.10 3.32
C PRO L 139 -23.68 13.83 3.70
N LEU L 140 -23.38 13.55 4.96
CA LEU L 140 -22.00 13.34 5.39
C LEU L 140 -21.59 11.87 5.37
N VAL L 141 -22.49 10.98 5.77
CA VAL L 141 -22.20 9.55 5.86
C VAL L 141 -22.95 8.84 4.75
N LYS L 142 -22.21 8.13 3.90
CA LYS L 142 -22.79 7.31 2.86
C LYS L 142 -23.06 5.92 3.43
N THR L 143 -24.28 5.44 3.22
CA THR L 143 -24.82 4.25 3.87
C THR L 143 -25.02 3.15 2.84
N ILE L 144 -24.34 2.03 3.03
CA ILE L 144 -24.57 0.81 2.24
C ILE L 144 -24.69 -0.34 3.24
N MET L 145 -25.91 -0.59 3.71
CA MET L 145 -26.17 -1.58 4.75
C MET L 145 -26.04 -3.01 4.30
N THR L 146 -25.90 -3.26 2.99
CA THR L 146 -25.63 -4.63 2.55
C THR L 146 -24.27 -5.12 3.02
N ARG L 147 -23.34 -4.20 3.27
CA ARG L 147 -22.04 -4.52 3.81
C ARG L 147 -22.00 -4.56 5.33
N CYS L 148 -23.10 -4.23 5.99
CA CYS L 148 -23.12 -4.22 7.45
C CYS L 148 -23.01 -5.63 8.00
N ILE L 149 -22.20 -5.79 9.04
CA ILE L 149 -22.03 -7.06 9.72
C ILE L 149 -22.70 -7.08 11.10
N GLN L 150 -23.53 -6.08 11.38
CA GLN L 150 -24.37 -6.03 12.58
C GLN L 150 -23.55 -6.14 13.86
N CYS L 151 -22.42 -5.46 13.90
CA CYS L 151 -21.62 -5.42 15.13
C CYS L 151 -22.17 -4.42 16.15
N THR L 152 -23.16 -3.61 15.76
CA THR L 152 -23.83 -2.66 16.65
C THR L 152 -22.81 -1.74 17.34
N ARG L 153 -21.79 -1.33 16.60
CA ARG L 153 -20.78 -0.43 17.12
C ARG L 153 -21.18 1.02 16.94
N CYS L 154 -21.78 1.33 15.79
CA CYS L 154 -22.31 2.67 15.54
C CYS L 154 -23.42 3.00 16.53
N ILE L 155 -24.27 2.02 16.84
CA ILE L 155 -25.34 2.22 17.81
C ILE L 155 -24.77 2.60 19.17
N ARG L 156 -23.76 1.86 19.61
CA ARG L 156 -23.16 2.14 20.92
C ARG L 156 -22.47 3.49 20.93
N PHE L 157 -21.74 3.83 19.86
CA PHE L 157 -21.09 5.14 19.82
C PHE L 157 -22.11 6.25 19.87
N ALA L 158 -23.19 6.14 19.09
CA ALA L 158 -24.20 7.18 19.07
C ALA L 158 -24.88 7.30 20.43
N SER L 159 -25.20 6.18 21.05
CA SER L 159 -25.95 6.22 22.31
C SER L 159 -25.09 6.73 23.45
N GLU L 160 -23.82 6.36 23.50
CA GLU L 160 -22.96 6.68 24.64
C GLU L 160 -22.06 7.88 24.38
N ILE L 161 -21.22 7.81 23.35
CA ILE L 161 -20.25 8.87 23.13
C ILE L 161 -20.93 10.14 22.63
N ALA L 162 -21.84 10.01 21.66
CA ALA L 162 -22.50 11.19 21.09
C ALA L 162 -23.79 11.56 21.81
N GLY L 163 -24.30 10.70 22.68
CA GLY L 163 -25.53 11.02 23.38
C GLY L 163 -26.75 11.14 22.49
N VAL L 164 -26.75 10.49 21.33
CA VAL L 164 -27.82 10.60 20.36
C VAL L 164 -28.37 9.21 20.11
N ASP L 165 -29.67 9.03 20.29
CA ASP L 165 -30.28 7.70 20.34
C ASP L 165 -31.18 7.42 19.14
N ASP L 166 -30.78 7.82 17.93
CA ASP L 166 -31.64 7.54 16.79
C ASP L 166 -31.28 6.25 16.08
N LEU L 167 -30.05 5.76 16.25
CA LEU L 167 -29.68 4.50 15.64
C LEU L 167 -30.20 3.33 16.48
N GLY L 168 -30.47 2.22 15.81
CA GLY L 168 -30.98 1.04 16.51
C GLY L 168 -31.12 -0.11 15.54
N THR L 169 -31.61 -1.23 16.07
CA THR L 169 -31.83 -2.42 15.29
C THR L 169 -33.32 -2.68 15.17
N THR L 170 -33.79 -2.88 13.93
CA THR L 170 -35.16 -3.23 13.65
C THR L 170 -35.20 -4.60 12.98
N GLY L 171 -36.06 -5.47 13.49
CA GLY L 171 -36.19 -6.81 12.94
C GLY L 171 -35.58 -7.85 13.86
N ARG L 172 -35.70 -9.10 13.42
CA ARG L 172 -35.27 -10.25 14.20
C ARG L 172 -34.59 -11.26 13.29
N GLY L 173 -33.46 -11.79 13.75
CA GLY L 173 -32.82 -12.85 13.00
C GLY L 173 -31.94 -12.35 11.88
N ASN L 174 -31.91 -13.12 10.79
CA ASN L 174 -31.04 -12.80 9.67
C ASN L 174 -31.43 -11.52 8.97
N ASP L 175 -32.71 -11.16 8.94
CA ASP L 175 -33.16 -9.92 8.32
C ASP L 175 -33.24 -8.77 9.32
N MET L 176 -32.45 -8.82 10.38
CA MET L 176 -32.31 -7.68 11.29
C MET L 176 -31.46 -6.61 10.64
N GLN L 177 -31.92 -5.36 10.73
CA GLN L 177 -31.26 -4.25 10.07
C GLN L 177 -30.92 -3.15 11.06
N VAL L 178 -29.92 -2.36 10.72
CA VAL L 178 -29.47 -1.24 11.55
C VAL L 178 -29.91 0.05 10.87
N GLY L 179 -30.51 0.96 11.64
CA GLY L 179 -30.93 2.23 11.07
C GLY L 179 -31.78 3.01 12.03
N THR L 180 -32.58 3.93 11.47
CA THR L 180 -33.46 4.78 12.24
C THR L 180 -34.92 4.37 12.17
N TYR L 181 -35.28 3.48 11.23
CA TYR L 181 -36.64 3.00 11.02
C TYR L 181 -37.53 4.08 10.41
N ILE L 182 -37.02 5.30 10.33
CA ILE L 182 -37.73 6.42 9.72
C ILE L 182 -36.74 7.24 8.91
N GLU L 183 -37.27 8.08 8.02
CA GLU L 183 -36.43 8.96 7.23
C GLU L 183 -35.88 10.05 8.13
N LYS L 184 -34.74 9.80 8.77
CA LYS L 184 -34.17 10.72 9.73
C LYS L 184 -32.68 10.83 9.48
N MET L 185 -32.15 12.02 9.71
CA MET L 185 -30.74 12.33 9.49
C MET L 185 -30.00 12.33 10.82
N PHE L 186 -28.97 11.48 10.92
CA PHE L 186 -28.18 11.38 12.13
C PHE L 186 -27.25 12.59 12.19
N MET L 187 -27.69 13.65 12.84
CA MET L 187 -26.98 14.92 12.85
C MET L 187 -26.39 15.17 14.24
N SER L 188 -25.07 15.31 14.29
CA SER L 188 -24.36 15.70 15.50
C SER L 188 -22.97 16.16 15.11
N GLU L 189 -22.33 16.89 16.01
CA GLU L 189 -20.97 17.35 15.77
C GLU L 189 -19.96 16.22 15.75
N LEU L 190 -20.33 15.04 16.25
CA LEU L 190 -19.45 13.87 16.25
C LEU L 190 -19.95 12.79 15.30
N SER L 191 -20.75 13.16 14.29
CA SER L 191 -21.41 12.17 13.46
C SER L 191 -20.45 11.46 12.51
N GLY L 192 -19.33 12.09 12.16
CA GLY L 192 -18.42 11.46 11.23
C GLY L 192 -17.66 10.28 11.78
N ASN L 193 -17.54 10.17 13.11
CA ASN L 193 -16.75 9.11 13.71
C ASN L 193 -17.36 7.73 13.54
N ILE L 194 -18.66 7.63 13.24
CA ILE L 194 -19.23 6.34 12.91
C ILE L 194 -18.59 5.78 11.64
N ILE L 195 -18.02 6.64 10.80
CA ILE L 195 -17.25 6.16 9.66
C ILE L 195 -16.01 5.41 10.14
N ASP L 196 -15.35 5.92 11.18
CA ASP L 196 -14.10 5.33 11.63
C ASP L 196 -14.34 4.02 12.37
N ILE L 197 -15.33 3.99 13.26
CA ILE L 197 -15.54 2.80 14.09
C ILE L 197 -16.06 1.63 13.27
N CYS L 198 -16.81 1.90 12.22
CA CYS L 198 -17.38 0.81 11.43
C CYS L 198 -16.25 0.02 10.77
N PRO L 199 -16.11 -1.28 11.07
CA PRO L 199 -15.00 -2.03 10.47
C PRO L 199 -15.18 -2.30 9.00
N VAL L 200 -16.40 -2.18 8.47
CA VAL L 200 -16.69 -2.50 7.08
C VAL L 200 -17.09 -1.22 6.36
N GLY L 201 -17.36 -1.33 5.06
CA GLY L 201 -17.68 -0.17 4.26
C GLY L 201 -19.14 0.19 4.27
N ALA L 202 -19.87 -0.33 5.26
CA ALA L 202 -21.29 -0.01 5.38
C ALA L 202 -21.50 1.48 5.60
N LEU L 203 -20.67 2.10 6.41
CA LEU L 203 -20.67 3.54 6.61
C LEU L 203 -19.37 4.10 6.08
N THR L 204 -19.44 5.03 5.13
CA THR L 204 -18.24 5.63 4.55
C THR L 204 -18.43 7.13 4.45
N SER L 205 -17.36 7.82 4.05
CA SER L 205 -17.39 9.27 3.95
C SER L 205 -17.87 9.68 2.56
N LYS L 206 -19.02 10.34 2.50
CA LYS L 206 -19.58 10.75 1.22
C LYS L 206 -18.70 11.75 0.47
N PRO L 207 -18.16 12.80 1.11
CA PRO L 207 -17.23 13.68 0.36
C PRO L 207 -15.95 12.99 -0.09
N TYR L 208 -15.58 11.88 0.54
CA TYR L 208 -14.38 11.13 0.18
C TYR L 208 -14.67 10.02 -0.83
N ALA L 209 -15.92 9.88 -1.25
CA ALA L 209 -16.33 8.70 -2.01
C ALA L 209 -15.51 8.54 -3.28
N PHE L 210 -14.96 7.34 -3.46
CA PHE L 210 -14.29 6.89 -4.67
C PHE L 210 -13.00 7.66 -4.98
N THR L 211 -12.59 8.57 -4.09
CA THR L 211 -11.52 9.49 -4.41
C THR L 211 -10.15 8.81 -4.43
N ALA L 212 -9.86 7.98 -3.43
CA ALA L 212 -8.52 7.41 -3.30
C ALA L 212 -8.60 6.04 -2.66
N ARG L 213 -7.44 5.39 -2.56
CA ARG L 213 -7.22 4.11 -1.91
C ARG L 213 -6.18 4.28 -0.81
N PRO L 214 -6.26 3.49 0.26
CA PRO L 214 -5.40 3.75 1.43
C PRO L 214 -3.91 3.64 1.13
N TRP L 215 -3.50 2.74 0.24
CA TRP L 215 -2.07 2.54 0.02
C TRP L 215 -1.45 3.70 -0.74
N GLU L 216 -2.22 4.38 -1.58
CA GLU L 216 -1.69 5.55 -2.28
C GLU L 216 -1.33 6.66 -1.32
N THR L 217 -2.17 6.90 -0.32
CA THR L 217 -2.09 8.11 0.48
C THR L 217 -0.83 8.14 1.35
N ARG L 218 -0.32 9.35 1.54
CA ARG L 218 0.75 9.63 2.48
C ARG L 218 0.14 10.29 3.72
N LYS L 219 0.58 9.85 4.89
CA LYS L 219 0.01 10.29 6.16
C LYS L 219 0.95 11.30 6.80
N THR L 220 0.43 12.49 7.10
CA THR L 220 1.18 13.54 7.78
C THR L 220 0.49 13.84 9.10
N GLU L 221 1.22 13.70 10.20
CA GLU L 221 0.64 13.91 11.52
C GLU L 221 0.69 15.39 11.87
N SER L 222 -0.49 15.99 12.04
CA SER L 222 -0.58 17.44 12.26
C SER L 222 -1.65 17.77 13.30
N ILE L 223 -2.02 19.04 13.39
CA ILE L 223 -2.87 19.54 14.46
C ILE L 223 -4.09 20.22 13.85
N ASP L 224 -5.25 20.04 14.49
CA ASP L 224 -6.44 20.76 14.10
C ASP L 224 -6.42 22.19 14.64
N VAL L 225 -6.92 23.13 13.84
CA VAL L 225 -6.95 24.53 14.23
C VAL L 225 -8.35 25.10 14.03
N MET L 226 -9.33 24.22 13.84
CA MET L 226 -10.71 24.68 13.69
C MET L 226 -11.29 25.21 14.99
N ASP L 227 -10.68 24.88 16.12
CA ASP L 227 -11.12 25.38 17.42
C ASP L 227 -9.92 25.39 18.36
N ALA L 228 -10.17 25.73 19.62
CA ALA L 228 -9.11 25.85 20.61
C ALA L 228 -8.80 24.53 21.32
N VAL L 229 -9.47 23.44 20.95
CA VAL L 229 -9.15 22.14 21.54
C VAL L 229 -7.78 21.68 21.07
N GLY L 230 -7.44 21.95 19.82
CA GLY L 230 -6.17 21.50 19.27
C GLY L 230 -6.05 20.00 19.14
N SER L 231 -7.09 19.35 18.64
CA SER L 231 -7.08 17.90 18.51
C SER L 231 -6.06 17.45 17.45
N ASN L 232 -5.37 16.35 17.74
CA ASN L 232 -4.41 15.81 16.79
C ASN L 232 -5.14 15.18 15.62
N ILE L 233 -4.59 15.35 14.42
CA ILE L 233 -5.17 14.79 13.21
C ILE L 233 -4.07 14.17 12.36
N VAL L 234 -4.48 13.36 11.41
CA VAL L 234 -3.62 12.84 10.35
C VAL L 234 -4.20 13.34 9.03
N VAL L 235 -3.41 14.07 8.27
CA VAL L 235 -3.79 14.52 6.95
C VAL L 235 -3.33 13.47 5.94
N SER L 236 -4.27 12.89 5.21
CA SER L 236 -3.95 11.95 4.16
C SER L 236 -3.94 12.70 2.85
N THR L 237 -2.79 12.69 2.17
CA THR L 237 -2.59 13.37 0.91
C THR L 237 -2.25 12.36 -0.17
N ARG L 238 -2.25 12.82 -1.43
CA ARG L 238 -1.96 11.94 -2.56
C ARG L 238 -1.52 12.82 -3.71
N THR L 239 -0.26 12.69 -4.12
CA THR L 239 0.34 13.47 -5.20
C THR L 239 0.16 14.98 -4.94
N GLY L 240 0.56 15.39 -3.75
CA GLY L 240 0.54 16.80 -3.40
C GLY L 240 -0.84 17.41 -3.33
N GLU L 241 -1.82 16.66 -2.84
CA GLU L 241 -3.18 17.16 -2.72
C GLU L 241 -3.81 16.52 -1.49
N VAL L 242 -4.46 17.35 -0.66
CA VAL L 242 -5.07 16.85 0.56
C VAL L 242 -6.26 15.97 0.20
N MET L 243 -6.21 14.71 0.61
CA MET L 243 -7.28 13.76 0.35
C MET L 243 -8.33 13.76 1.46
N ARG L 244 -7.90 13.66 2.71
CA ARG L 244 -8.87 13.56 3.81
C ARG L 244 -8.18 13.87 5.13
N ILE L 245 -9.00 13.97 6.18
CA ILE L 245 -8.56 14.21 7.54
C ILE L 245 -9.07 13.07 8.41
N LEU L 246 -8.18 12.49 9.22
CA LEU L 246 -8.52 11.42 10.14
C LEU L 246 -8.09 11.80 11.55
N PRO L 247 -8.70 11.22 12.58
CA PRO L 247 -8.25 11.51 13.94
C PRO L 247 -6.90 10.89 14.23
N ARG L 248 -6.32 11.30 15.36
CA ARG L 248 -5.09 10.74 15.89
C ARG L 248 -5.25 10.56 17.39
N MET L 249 -4.82 9.42 17.91
CA MET L 249 -5.11 9.08 19.29
C MET L 249 -4.24 9.91 20.23
N HIS L 250 -4.88 10.77 21.02
CA HIS L 250 -4.25 11.46 22.14
C HIS L 250 -5.19 11.31 23.32
N GLU L 251 -4.74 10.61 24.36
CA GLU L 251 -5.61 10.32 25.49
C GLU L 251 -5.95 11.56 26.30
N ASP L 252 -5.25 12.67 26.08
CA ASP L 252 -5.43 13.84 26.93
C ASP L 252 -6.17 14.99 26.24
N ILE L 253 -6.25 14.98 24.91
CA ILE L 253 -6.89 16.07 24.17
C ILE L 253 -8.17 15.61 23.48
N ASN L 254 -8.06 14.70 22.52
CA ASN L 254 -9.21 14.32 21.72
C ASN L 254 -9.56 12.85 21.84
N GLU L 255 -9.02 12.14 22.82
CA GLU L 255 -9.35 10.73 23.03
C GLU L 255 -9.02 9.95 21.77
N GLU L 256 -10.01 9.75 20.91
CA GLU L 256 -9.80 9.06 19.63
C GLU L 256 -10.55 9.68 18.47
N TRP L 257 -11.27 10.79 18.67
CA TRP L 257 -12.20 11.28 17.66
C TRP L 257 -11.95 12.75 17.37
N ILE L 258 -12.61 13.23 16.32
CA ILE L 258 -12.59 14.63 15.92
C ILE L 258 -14.02 15.04 15.60
N SER L 259 -14.23 16.35 15.57
CA SER L 259 -15.56 16.89 15.27
C SER L 259 -15.80 16.88 13.76
N ASP L 260 -17.07 17.09 13.39
CA ASP L 260 -17.44 17.07 11.98
C ASP L 260 -16.78 18.20 11.21
N LYS L 261 -16.69 19.39 11.82
CA LYS L 261 -16.04 20.50 11.14
C LYS L 261 -14.58 20.18 10.84
N THR L 262 -13.86 19.66 11.83
CA THR L 262 -12.47 19.28 11.62
C THR L 262 -12.32 18.23 10.53
N ARG L 263 -13.22 17.25 10.50
CA ARG L 263 -13.11 16.15 9.55
C ARG L 263 -13.44 16.59 8.13
N PHE L 264 -14.45 17.45 7.97
CA PHE L 264 -15.01 17.71 6.64
C PHE L 264 -14.84 19.15 6.16
N ALA L 265 -14.05 19.98 6.83
CA ALA L 265 -13.85 21.34 6.36
C ALA L 265 -12.62 21.51 5.49
N TYR L 266 -11.87 20.44 5.24
CA TYR L 266 -10.72 20.53 4.35
C TYR L 266 -11.12 20.84 2.91
N ASP L 267 -12.42 20.68 2.58
CA ASP L 267 -12.90 21.05 1.25
C ASP L 267 -12.74 22.55 1.01
N GLY L 268 -12.73 23.35 2.09
CA GLY L 268 -12.60 24.78 1.94
C GLY L 268 -11.20 25.26 1.62
N LEU L 269 -10.21 24.39 1.72
CA LEU L 269 -8.84 24.76 1.38
C LEU L 269 -8.61 24.83 -0.12
N LYS L 270 -9.59 24.43 -0.93
CA LYS L 270 -9.46 24.41 -2.37
C LYS L 270 -10.27 25.50 -3.06
N ARG L 271 -10.88 26.40 -2.31
CA ARG L 271 -11.75 27.42 -2.88
C ARG L 271 -11.44 28.79 -2.28
N GLN L 272 -11.69 29.82 -3.09
CA GLN L 272 -11.53 31.22 -2.67
C GLN L 272 -10.13 31.47 -2.13
N ARG L 273 -9.13 30.88 -2.77
CA ARG L 273 -7.76 30.92 -2.28
C ARG L 273 -7.04 32.16 -2.80
N LEU L 274 -6.18 32.71 -1.94
CA LEU L 274 -5.26 33.77 -2.30
C LEU L 274 -3.97 33.13 -2.80
N THR L 275 -3.58 33.45 -4.03
CA THR L 275 -2.42 32.83 -4.65
C THR L 275 -1.34 33.82 -5.08
N GLN L 276 -1.68 35.07 -5.33
CA GLN L 276 -0.71 36.06 -5.78
C GLN L 276 -0.91 37.36 -5.03
N PRO L 277 0.14 38.18 -4.89
CA PRO L 277 -0.05 39.50 -4.31
C PRO L 277 -0.90 40.39 -5.22
N MET L 278 -1.67 41.28 -4.61
CA MET L 278 -2.54 42.19 -5.34
C MET L 278 -2.41 43.59 -4.79
N ILE L 279 -2.47 44.57 -5.68
CA ILE L 279 -2.48 45.99 -5.33
C ILE L 279 -3.61 46.67 -6.09
N ARG L 280 -4.06 47.80 -5.56
CA ARG L 280 -5.11 48.58 -6.20
C ARG L 280 -4.56 49.29 -7.43
N ASN L 281 -5.28 49.19 -8.54
CA ASN L 281 -4.89 49.88 -9.77
C ASN L 281 -5.52 51.27 -9.78
N GLU L 282 -5.35 52.00 -10.88
CA GLU L 282 -5.82 53.38 -10.95
C GLU L 282 -7.35 53.45 -10.89
N LYS L 283 -8.03 52.42 -11.38
CA LYS L 283 -9.49 52.39 -11.28
C LYS L 283 -9.97 52.07 -9.87
N GLY L 284 -9.06 51.75 -8.95
CA GLY L 284 -9.44 51.37 -7.61
C GLY L 284 -9.75 49.90 -7.44
N LEU L 285 -9.52 49.08 -8.46
CA LEU L 285 -9.73 47.64 -8.36
C LEU L 285 -8.40 46.95 -8.05
N LEU L 286 -8.51 45.71 -7.56
CA LEU L 286 -7.36 44.91 -7.20
C LEU L 286 -6.83 44.16 -8.41
N THR L 287 -5.52 44.23 -8.64
CA THR L 287 -4.87 43.54 -9.73
C THR L 287 -3.63 42.83 -9.21
N TYR L 288 -3.29 41.71 -9.86
CA TYR L 288 -2.14 40.92 -9.47
C TYR L 288 -0.85 41.69 -9.72
N THR L 289 0.17 41.35 -8.95
CA THR L 289 1.48 41.98 -9.07
C THR L 289 2.53 41.02 -8.56
N THR L 290 3.79 41.41 -8.70
CA THR L 290 4.90 40.60 -8.22
C THR L 290 5.10 40.82 -6.73
N TRP L 291 5.93 39.95 -6.13
CA TRP L 291 6.20 40.07 -4.70
C TRP L 291 6.99 41.35 -4.39
N GLU L 292 7.94 41.70 -5.26
CA GLU L 292 8.74 42.90 -5.03
C GLU L 292 7.87 44.16 -4.99
N ASP L 293 6.94 44.29 -5.94
CA ASP L 293 6.11 45.49 -6.01
C ASP L 293 5.25 45.65 -4.77
N ALA L 294 4.56 44.57 -4.37
CA ALA L 294 3.70 44.64 -3.19
C ALA L 294 4.51 44.88 -1.93
N LEU L 295 5.66 44.21 -1.79
CA LEU L 295 6.47 44.40 -0.60
C LEU L 295 6.99 45.83 -0.52
N SER L 296 7.40 46.41 -1.65
CA SER L 296 7.86 47.80 -1.65
C SER L 296 6.72 48.75 -1.32
N ARG L 297 5.51 48.47 -1.84
CA ARG L 297 4.37 49.33 -1.55
C ARG L 297 4.03 49.32 -0.07
N VAL L 298 4.12 48.16 0.57
CA VAL L 298 3.87 48.10 2.01
C VAL L 298 5.01 48.76 2.78
N ALA L 299 6.25 48.55 2.35
CA ALA L 299 7.39 49.10 3.08
C ALA L 299 7.45 50.62 3.02
N GLY L 300 7.00 51.21 1.91
CA GLY L 300 6.97 52.66 1.84
C GLY L 300 6.08 53.26 2.92
N MET L 301 4.87 52.72 3.06
CA MET L 301 3.96 53.19 4.10
C MET L 301 4.48 52.85 5.49
N LEU L 302 5.15 51.70 5.64
CA LEU L 302 5.71 51.35 6.95
C LEU L 302 6.81 52.34 7.36
N GLN L 303 7.65 52.75 6.41
CA GLN L 303 8.71 53.69 6.73
C GLN L 303 8.16 55.09 6.96
N SER L 304 7.12 55.47 6.20
CA SER L 304 6.58 56.82 6.32
C SER L 304 5.89 57.03 7.67
N PHE L 305 5.19 56.01 8.17
CA PHE L 305 4.46 56.16 9.42
C PHE L 305 5.23 55.54 10.58
N GLN L 306 4.74 55.81 11.79
CA GLN L 306 5.45 55.45 13.01
C GLN L 306 4.48 55.66 14.18
N GLY L 307 4.69 54.89 15.24
CA GLY L 307 3.92 55.10 16.46
C GLY L 307 2.59 54.38 16.40
N ASN L 308 1.57 54.98 17.04
CA ASN L 308 0.24 54.40 17.05
C ASN L 308 -0.46 54.50 15.70
N ASP L 309 0.10 55.25 14.74
CA ASP L 309 -0.47 55.28 13.40
C ASP L 309 -0.32 53.95 12.68
N VAL L 310 0.46 53.04 13.24
CA VAL L 310 0.65 51.71 12.68
C VAL L 310 0.02 50.70 13.63
N ALA L 311 -0.76 49.77 13.09
CA ALA L 311 -1.50 48.83 13.93
C ALA L 311 -1.69 47.52 13.19
N ALA L 312 -2.06 46.48 13.95
CA ALA L 312 -2.31 45.17 13.39
C ALA L 312 -3.39 44.46 14.19
N ILE L 313 -4.11 43.56 13.53
CA ILE L 313 -5.10 42.70 14.17
C ILE L 313 -4.81 41.27 13.76
N ALA L 314 -4.86 40.35 14.71
CA ALA L 314 -4.54 38.95 14.48
C ALA L 314 -5.84 38.14 14.42
N GLY L 315 -5.95 37.30 13.39
CA GLY L 315 -7.14 36.48 13.21
C GLY L 315 -7.12 35.22 14.06
N GLY L 316 -8.11 34.38 13.84
CA GLY L 316 -8.29 33.16 14.60
C GLY L 316 -7.63 31.92 14.04
N LEU L 317 -6.86 32.03 12.96
CA LEU L 317 -6.19 30.90 12.35
C LEU L 317 -4.70 31.16 12.18
N VAL L 318 -4.13 32.00 13.03
CA VAL L 318 -2.75 32.45 12.90
C VAL L 318 -1.88 31.66 13.85
N ASP L 319 -0.63 31.45 13.46
CA ASP L 319 0.33 30.69 14.25
C ASP L 319 1.21 31.61 15.09
N ALA L 320 1.94 31.00 16.04
CA ALA L 320 2.80 31.77 16.93
C ALA L 320 3.96 32.40 16.19
N GLU L 321 4.45 31.75 15.13
CA GLU L 321 5.59 32.28 14.38
C GLU L 321 5.26 33.63 13.77
N ALA L 322 4.14 33.72 13.05
CA ALA L 322 3.74 34.99 12.46
C ALA L 322 3.37 36.00 13.52
N LEU L 323 2.79 35.55 14.64
CA LEU L 323 2.43 36.47 15.70
C LEU L 323 3.67 37.16 16.27
N VAL L 324 4.70 36.39 16.60
CA VAL L 324 5.91 37.00 17.14
C VAL L 324 6.64 37.80 16.06
N ALA L 325 6.57 37.35 14.81
CA ALA L 325 7.20 38.11 13.72
C ALA L 325 6.58 39.50 13.59
N LEU L 326 5.25 39.56 13.55
CA LEU L 326 4.56 40.85 13.44
C LEU L 326 4.75 41.69 14.69
N LYS L 327 4.79 41.06 15.87
CA LYS L 327 5.10 41.80 17.08
C LYS L 327 6.44 42.51 16.96
N ASP L 328 7.48 41.77 16.58
CA ASP L 328 8.80 42.37 16.44
C ASP L 328 8.81 43.44 15.36
N LEU L 329 8.15 43.18 14.23
CA LEU L 329 8.14 44.15 13.13
C LEU L 329 7.53 45.46 13.58
N LEU L 330 6.37 45.42 14.24
CA LEU L 330 5.74 46.66 14.65
C LEU L 330 6.44 47.28 15.85
N ASN L 331 7.16 46.49 16.65
CA ASN L 331 7.97 47.08 17.71
C ASN L 331 9.12 47.87 17.14
N ARG L 332 9.74 47.38 16.05
CA ARG L 332 10.85 48.10 15.44
C ARG L 332 10.42 49.46 14.91
N VAL L 333 9.14 49.68 14.65
CA VAL L 333 8.61 50.98 14.28
C VAL L 333 7.91 51.64 15.46
N ASP L 334 8.09 51.10 16.66
CA ASP L 334 7.54 51.65 17.90
C ASP L 334 6.01 51.70 17.87
N SER L 335 5.41 50.52 17.78
CA SER L 335 3.96 50.38 17.87
C SER L 335 3.63 49.27 18.87
N ASP L 336 2.53 49.48 19.60
CA ASP L 336 2.03 48.49 20.53
C ASP L 336 0.59 48.08 20.26
N SER L 337 0.02 48.49 19.12
CA SER L 337 -1.34 48.14 18.76
C SER L 337 -1.35 46.75 18.12
N LEU L 338 -1.16 45.75 18.96
CA LEU L 338 -1.21 44.35 18.56
C LEU L 338 -2.43 43.72 19.21
N CYS L 339 -3.47 43.49 18.41
CA CYS L 339 -4.78 43.15 18.93
C CYS L 339 -5.31 41.87 18.31
N THR L 340 -6.35 41.33 18.93
CA THR L 340 -7.06 40.15 18.45
C THR L 340 -8.55 40.47 18.40
N GLU L 341 -9.27 39.72 17.58
CA GLU L 341 -10.71 39.95 17.45
C GLU L 341 -11.45 39.63 18.75
N GLU L 342 -11.14 38.50 19.37
CA GLU L 342 -11.80 38.16 20.62
C GLU L 342 -11.29 39.03 21.76
N VAL L 343 -12.19 39.35 22.68
CA VAL L 343 -11.91 40.26 23.79
C VAL L 343 -11.73 39.44 25.05
N PHE L 344 -10.60 39.65 25.72
CA PHE L 344 -10.39 39.17 27.08
C PHE L 344 -10.17 40.36 28.00
N PRO L 345 -10.86 40.41 29.13
CA PRO L 345 -10.76 41.57 30.03
C PRO L 345 -9.32 41.79 30.49
N THR L 346 -8.79 42.97 30.18
CA THR L 346 -7.44 43.36 30.56
C THR L 346 -7.36 43.98 31.94
N ALA L 347 -8.50 44.23 32.59
CA ALA L 347 -8.51 44.80 33.92
C ALA L 347 -7.93 43.81 34.93
N GLY L 348 -7.34 44.35 35.99
CA GLY L 348 -6.71 43.50 36.98
C GLY L 348 -5.41 42.92 36.45
N ALA L 349 -5.24 41.60 36.62
CA ALA L 349 -4.04 40.94 36.15
C ALA L 349 -3.96 40.92 34.63
N GLY L 350 -5.10 40.71 33.96
CA GLY L 350 -5.08 40.65 32.51
C GLY L 350 -4.37 39.40 32.03
N THR L 351 -3.66 39.53 30.91
CA THR L 351 -2.88 38.43 30.35
C THR L 351 -1.47 38.36 30.93
N ASP L 352 -1.24 39.00 32.08
CA ASP L 352 0.08 38.95 32.70
C ASP L 352 0.33 37.60 33.36
N LEU L 353 -0.68 37.04 34.01
CA LEU L 353 -0.58 35.72 34.61
C LEU L 353 -1.17 34.70 33.65
N ARG L 354 -0.40 33.63 33.38
CA ARG L 354 -0.84 32.62 32.42
C ARG L 354 -2.10 31.92 32.89
N SER L 355 -2.21 31.65 34.19
CA SER L 355 -3.38 30.96 34.71
C SER L 355 -4.65 31.79 34.66
N ASN L 356 -4.54 33.08 34.35
CA ASN L 356 -5.71 33.94 34.30
C ASN L 356 -6.62 33.67 33.11
N TYR L 357 -6.14 32.96 32.09
CA TYR L 357 -6.95 32.75 30.89
C TYR L 357 -6.85 31.33 30.32
N LEU L 358 -6.45 30.35 31.12
CA LEU L 358 -6.30 28.99 30.63
C LEU L 358 -7.34 28.07 31.24
N LEU L 359 -7.48 26.90 30.61
CA LEU L 359 -8.26 25.80 31.18
C LEU L 359 -7.34 25.02 32.11
N ASN L 360 -7.28 25.49 33.36
CA ASN L 360 -6.29 24.97 34.31
C ASN L 360 -6.58 23.54 34.70
N THR L 361 -7.86 23.16 34.80
CA THR L 361 -8.21 21.79 35.16
C THR L 361 -7.83 20.80 34.08
N THR L 362 -7.73 21.24 32.82
CA THR L 362 -7.36 20.44 31.66
C THR L 362 -8.41 19.41 31.29
N ILE L 363 -8.42 19.01 30.01
CA ILE L 363 -9.44 18.10 29.49
C ILE L 363 -9.33 16.75 30.19
N ALA L 364 -8.12 16.23 30.33
CA ALA L 364 -7.93 14.98 31.06
C ALA L 364 -8.28 15.14 32.54
N GLY L 365 -8.20 16.37 33.07
CA GLY L 365 -8.60 16.61 34.45
C GLY L 365 -10.09 16.76 34.66
N VAL L 366 -10.85 16.97 33.59
CA VAL L 366 -12.31 16.97 33.71
C VAL L 366 -12.81 15.64 34.27
N GLU L 367 -12.08 14.55 34.02
CA GLU L 367 -12.50 13.22 34.45
C GLU L 367 -12.37 13.01 35.94
N GLU L 368 -11.77 13.94 36.68
CA GLU L 368 -11.63 13.80 38.12
C GLU L 368 -12.62 14.65 38.90
N ALA L 369 -13.34 15.56 38.25
CA ALA L 369 -14.25 16.45 38.95
C ALA L 369 -15.50 15.70 39.41
N ASP L 370 -16.16 16.25 40.43
CA ASP L 370 -17.43 15.72 40.90
C ASP L 370 -18.61 16.66 40.65
N VAL L 371 -18.38 17.97 40.63
CA VAL L 371 -19.37 18.93 40.13
C VAL L 371 -18.66 19.86 39.14
N ILE L 372 -19.46 20.43 38.25
CA ILE L 372 -18.93 21.34 37.24
C ILE L 372 -20.01 22.37 36.91
N LEU L 373 -19.60 23.62 36.80
CA LEU L 373 -20.50 24.73 36.49
C LEU L 373 -20.03 25.37 35.20
N LEU L 374 -20.95 25.50 34.24
CA LEU L 374 -20.68 26.10 32.95
C LEU L 374 -21.46 27.41 32.84
N VAL L 375 -20.76 28.51 32.59
CA VAL L 375 -21.38 29.83 32.54
C VAL L 375 -21.14 30.43 31.17
N GLY L 376 -22.22 30.86 30.51
CA GLY L 376 -22.13 31.60 29.27
C GLY L 376 -21.41 30.88 28.15
N THR L 377 -21.66 29.58 27.99
CA THR L 377 -20.99 28.82 26.95
C THR L 377 -21.90 27.68 26.51
N ASN L 378 -21.67 27.22 25.28
CA ASN L 378 -22.32 26.05 24.72
C ASN L 378 -21.21 25.12 24.23
N PRO L 379 -20.69 24.26 25.12
CA PRO L 379 -19.54 23.43 24.73
C PRO L 379 -19.84 22.48 23.58
N ARG L 380 -21.11 22.22 23.28
CA ARG L 380 -21.44 21.25 22.25
C ARG L 380 -20.98 21.73 20.87
N PHE L 381 -21.10 23.03 20.61
CA PHE L 381 -20.62 23.62 19.38
C PHE L 381 -19.38 24.49 19.54
N GLU L 382 -19.04 24.87 20.77
CA GLU L 382 -17.88 25.71 21.01
C GLU L 382 -16.61 24.89 21.21
N ALA L 383 -16.73 23.69 21.78
CA ALA L 383 -15.59 22.79 21.95
C ALA L 383 -16.13 21.38 22.01
N PRO L 384 -16.40 20.77 20.85
CA PRO L 384 -17.10 19.47 20.83
C PRO L 384 -16.37 18.37 21.59
N LEU L 385 -15.04 18.34 21.55
CA LEU L 385 -14.32 17.29 22.26
C LEU L 385 -14.32 17.54 23.76
N PHE L 386 -14.32 18.80 24.18
CA PHE L 386 -14.48 19.11 25.59
C PHE L 386 -15.84 18.65 26.10
N ASN L 387 -16.89 18.90 25.31
CA ASN L 387 -18.21 18.43 25.70
C ASN L 387 -18.29 16.91 25.70
N ALA L 388 -17.58 16.26 24.76
CA ALA L 388 -17.53 14.81 24.76
C ALA L 388 -16.86 14.27 26.02
N ARG L 389 -15.78 14.92 26.46
CA ARG L 389 -15.13 14.52 27.70
C ARG L 389 -16.05 14.73 28.90
N ILE L 390 -16.78 15.84 28.92
CA ILE L 390 -17.75 16.08 29.99
C ILE L 390 -18.82 14.99 29.98
N ARG L 391 -19.28 14.61 28.79
CA ARG L 391 -20.30 13.57 28.67
C ARG L 391 -19.76 12.24 29.16
N LYS L 392 -18.52 11.92 28.83
CA LYS L 392 -17.91 10.68 29.31
C LYS L 392 -17.79 10.66 30.82
N SER L 393 -17.35 11.77 31.42
CA SER L 393 -17.25 11.84 32.87
C SER L 393 -18.62 11.80 33.53
N TRP L 394 -19.63 12.38 32.87
CA TRP L 394 -20.99 12.33 33.37
C TRP L 394 -21.53 10.90 33.36
N LEU L 395 -21.23 10.15 32.31
CA LEU L 395 -21.73 8.79 32.19
C LEU L 395 -21.01 7.83 33.13
N HIS L 396 -19.70 8.01 33.29
CA HIS L 396 -18.88 7.05 34.01
C HIS L 396 -18.59 7.43 35.45
N ASN L 397 -18.32 8.70 35.73
CA ASN L 397 -17.95 9.15 37.07
C ASN L 397 -19.12 9.77 37.81
N ASP L 398 -20.33 9.71 37.26
CA ASP L 398 -21.52 10.30 37.86
C ASP L 398 -21.30 11.79 38.14
N LEU L 399 -20.72 12.48 37.16
CA LEU L 399 -20.45 13.91 37.29
C LEU L 399 -21.75 14.69 37.34
N LYS L 400 -21.78 15.72 38.17
CA LYS L 400 -22.94 16.61 38.28
C LYS L 400 -22.65 17.89 37.54
N VAL L 401 -23.50 18.23 36.58
CA VAL L 401 -23.28 19.36 35.67
C VAL L 401 -24.38 20.37 35.89
N ALA L 402 -24.00 21.64 36.02
CA ALA L 402 -24.92 22.75 36.13
C ALA L 402 -24.52 23.85 35.17
N LEU L 403 -25.50 24.62 34.70
CA LEU L 403 -25.26 25.61 33.66
C LEU L 403 -25.92 26.93 34.00
N ILE L 404 -25.24 28.03 33.67
CA ILE L 404 -25.82 29.37 33.71
C ILE L 404 -25.77 29.94 32.31
N GLY L 405 -26.94 30.22 31.74
CA GLY L 405 -27.02 30.71 30.38
C GLY L 405 -28.30 30.21 29.73
N SER L 406 -28.31 30.27 28.40
CA SER L 406 -29.47 29.80 27.66
C SER L 406 -29.60 28.28 27.80
N PRO L 407 -30.83 27.76 27.81
CA PRO L 407 -31.02 26.33 28.02
C PRO L 407 -30.83 25.52 26.74
N VAL L 408 -29.59 25.38 26.30
CA VAL L 408 -29.25 24.61 25.12
C VAL L 408 -29.19 23.13 25.48
N ASP L 409 -29.16 22.27 24.46
CA ASP L 409 -29.06 20.82 24.65
C ASP L 409 -27.59 20.42 24.57
N LEU L 410 -27.13 19.64 25.53
CA LEU L 410 -25.71 19.29 25.65
C LEU L 410 -25.46 17.80 25.52
N THR L 411 -26.43 17.04 24.99
CA THR L 411 -26.43 15.58 24.87
C THR L 411 -26.47 14.87 26.22
N TYR L 412 -26.48 15.60 27.33
CA TYR L 412 -26.67 15.01 28.64
C TYR L 412 -27.51 15.97 29.48
N ARG L 413 -28.19 15.42 30.48
CA ARG L 413 -29.04 16.25 31.32
C ARG L 413 -28.21 17.02 32.34
N TYR L 414 -28.59 18.26 32.58
CA TYR L 414 -27.89 19.14 33.53
C TYR L 414 -28.92 19.90 34.35
N ASP L 415 -28.42 20.69 35.30
CA ASP L 415 -29.25 21.52 36.15
C ASP L 415 -29.15 22.95 35.67
N HIS L 416 -30.27 23.54 35.29
CA HIS L 416 -30.30 24.89 34.73
C HIS L 416 -30.60 25.88 35.85
N LEU L 417 -29.57 26.63 36.25
CA LEU L 417 -29.75 27.64 37.30
C LEU L 417 -30.55 28.83 36.77
N GLY L 418 -30.20 29.32 35.60
CA GLY L 418 -30.86 30.49 35.05
C GLY L 418 -30.06 31.06 33.90
N ASP L 419 -30.53 32.21 33.42
CA ASP L 419 -29.92 32.88 32.27
C ASP L 419 -29.27 34.21 32.63
N SER L 420 -29.71 34.86 33.71
CA SER L 420 -29.19 36.16 34.06
C SER L 420 -27.84 36.05 34.77
N PRO L 421 -26.92 36.99 34.52
CA PRO L 421 -25.64 36.98 35.24
C PRO L 421 -25.78 37.24 36.73
N LYS L 422 -26.88 37.84 37.18
CA LYS L 422 -27.10 38.04 38.61
C LYS L 422 -27.02 36.74 39.40
N ILE L 423 -27.39 35.62 38.79
CA ILE L 423 -27.29 34.32 39.45
C ILE L 423 -25.87 34.09 39.93
N LEU L 424 -24.88 34.45 39.11
CA LEU L 424 -23.49 34.32 39.52
C LEU L 424 -23.25 34.99 40.87
N GLN L 425 -23.74 36.22 41.03
CA GLN L 425 -23.57 36.93 42.30
C GLN L 425 -24.18 36.15 43.45
N ASP L 426 -25.36 35.58 43.25
CA ASP L 426 -25.98 34.78 44.29
C ASP L 426 -25.08 33.63 44.70
N ILE L 427 -24.42 32.98 43.73
CA ILE L 427 -23.53 31.89 44.07
C ILE L 427 -22.41 32.37 44.97
N ALA L 428 -21.93 33.60 44.75
CA ALA L 428 -20.94 34.17 45.65
C ALA L 428 -21.53 34.49 47.01
N SER L 429 -22.79 34.96 47.05
CA SER L 429 -23.39 35.38 48.30
C SER L 429 -23.72 34.18 49.18
N GLY L 430 -24.12 33.06 48.58
CA GLY L 430 -24.52 31.89 49.32
C GLY L 430 -26.02 31.69 49.45
N ASN L 431 -26.84 32.64 48.99
CA ASN L 431 -28.29 32.47 49.06
C ASN L 431 -28.77 31.37 48.13
N HIS L 432 -28.17 31.27 46.95
CA HIS L 432 -28.62 30.28 45.98
C HIS L 432 -28.14 28.90 46.42
N PRO L 433 -29.02 27.90 46.52
CA PRO L 433 -28.62 26.60 47.07
C PRO L 433 -27.54 25.89 46.30
N PHE L 434 -27.31 26.22 45.02
CA PHE L 434 -26.23 25.57 44.30
C PHE L 434 -24.87 25.92 44.92
N SER L 435 -24.78 27.05 45.62
CA SER L 435 -23.58 27.36 46.37
C SER L 435 -23.33 26.30 47.45
N GLN L 436 -24.38 25.92 48.17
CA GLN L 436 -24.24 24.87 49.18
C GLN L 436 -23.93 23.52 48.52
N ILE L 437 -24.59 23.23 47.40
CA ILE L 437 -24.34 21.95 46.72
C ILE L 437 -22.89 21.86 46.28
N LEU L 438 -22.34 22.95 45.75
CA LEU L 438 -20.94 22.98 45.34
C LEU L 438 -19.99 23.04 46.52
N LYS L 439 -20.46 23.49 47.69
CA LYS L 439 -19.60 23.59 48.87
C LYS L 439 -19.06 22.22 49.26
N GLU L 440 -19.92 21.20 49.26
CA GLU L 440 -19.52 19.85 49.68
C GLU L 440 -18.68 19.12 48.64
N ALA L 441 -18.55 19.67 47.44
CA ALA L 441 -17.80 18.99 46.39
C ALA L 441 -16.32 18.91 46.75
N LYS L 442 -15.78 17.71 46.70
CA LYS L 442 -14.36 17.49 46.99
C LYS L 442 -13.48 18.16 45.95
N LYS L 443 -13.85 18.02 44.68
CA LYS L 443 -13.10 18.60 43.58
C LYS L 443 -13.99 19.34 42.58
N PRO L 444 -14.48 20.53 42.96
CA PRO L 444 -15.35 21.39 42.15
C PRO L 444 -14.62 22.02 40.97
N MET L 445 -15.33 22.19 39.86
CA MET L 445 -14.75 22.81 38.68
C MET L 445 -15.66 23.91 38.13
N VAL L 446 -15.10 25.08 37.83
CA VAL L 446 -15.89 26.18 37.28
C VAL L 446 -15.34 26.57 35.91
N VAL L 447 -16.18 26.57 34.89
CA VAL L 447 -15.73 26.92 33.55
C VAL L 447 -16.46 28.12 32.96
N LEU L 448 -15.71 29.09 32.46
CA LEU L 448 -16.29 30.30 31.89
C LEU L 448 -15.82 30.41 30.44
N GLY L 449 -16.77 30.57 29.53
CA GLY L 449 -16.46 30.62 28.12
C GLY L 449 -16.19 32.02 27.60
N SER L 450 -15.41 32.08 26.52
CA SER L 450 -15.06 33.37 25.93
C SER L 450 -16.27 34.07 25.31
N SER L 451 -17.32 33.32 24.96
CA SER L 451 -18.53 33.95 24.45
C SER L 451 -19.13 34.88 25.49
N ALA L 452 -19.11 34.48 26.75
CA ALA L 452 -19.59 35.36 27.81
C ALA L 452 -18.65 36.55 28.00
N LEU L 453 -17.39 36.41 27.58
CA LEU L 453 -16.45 37.50 27.74
C LEU L 453 -16.50 38.48 26.58
N GLN L 454 -17.12 38.07 25.46
CA GLN L 454 -17.18 38.95 24.30
C GLN L 454 -18.14 40.12 24.52
N ARG L 455 -19.14 39.93 25.38
CA ARG L 455 -20.11 40.96 25.67
C ARG L 455 -19.46 42.09 26.48
N SER L 456 -20.16 43.22 26.54
CA SER L 456 -19.57 44.44 27.08
C SER L 456 -19.30 44.33 28.57
N ASP L 457 -20.04 43.47 29.28
CA ASP L 457 -19.86 43.29 30.71
C ASP L 457 -18.97 42.11 31.04
N GLY L 458 -18.00 41.77 30.17
CA GLY L 458 -17.20 40.58 30.38
C GLY L 458 -16.32 40.66 31.61
N THR L 459 -15.76 41.83 31.91
CA THR L 459 -14.87 41.97 33.05
C THR L 459 -15.62 41.75 34.36
N ALA L 460 -16.86 42.23 34.45
CA ALA L 460 -17.67 41.98 35.64
C ALA L 460 -17.99 40.50 35.79
N ILE L 461 -18.26 39.82 34.68
CA ILE L 461 -18.54 38.38 34.73
C ILE L 461 -17.31 37.62 35.21
N LEU L 462 -16.13 37.97 34.69
CA LEU L 462 -14.92 37.31 35.14
C LEU L 462 -14.66 37.57 36.62
N ALA L 463 -14.93 38.80 37.08
CA ALA L 463 -14.78 39.10 38.50
C ALA L 463 -15.72 38.26 39.34
N ALA L 464 -16.97 38.10 38.90
CA ALA L 464 -17.93 37.29 39.65
C ALA L 464 -17.50 35.83 39.73
N VAL L 465 -17.03 35.27 38.60
CA VAL L 465 -16.62 33.87 38.59
C VAL L 465 -15.38 33.68 39.45
N SER L 466 -14.46 34.64 39.41
CA SER L 466 -13.28 34.57 40.27
C SER L 466 -13.68 34.65 41.74
N ASN L 467 -14.67 35.47 42.07
CA ASN L 467 -15.17 35.52 43.44
C ASN L 467 -15.76 34.18 43.85
N ILE L 468 -16.50 33.53 42.96
CA ILE L 468 -17.04 32.21 43.26
C ILE L 468 -15.90 31.24 43.58
N ALA L 469 -14.86 31.23 42.75
CA ALA L 469 -13.74 30.31 42.98
C ALA L 469 -13.01 30.64 44.28
N GLN L 470 -12.89 31.93 44.61
CA GLN L 470 -12.29 32.31 45.89
C GLN L 470 -13.09 31.75 47.06
N ASN L 471 -14.42 31.88 46.99
CA ASN L 471 -15.26 31.32 48.04
C ASN L 471 -15.08 29.81 48.12
N ILE L 472 -14.98 29.15 46.96
CA ILE L 472 -14.78 27.71 46.93
C ILE L 472 -13.51 27.35 47.70
N ARG L 473 -12.42 28.04 47.42
CA ARG L 473 -11.15 27.69 48.05
C ARG L 473 -11.15 28.02 49.54
N LEU L 474 -11.61 29.21 49.92
CA LEU L 474 -11.47 29.63 51.31
C LEU L 474 -12.45 28.89 52.21
N SER L 475 -13.69 28.69 51.75
CA SER L 475 -14.71 28.10 52.60
C SER L 475 -14.59 26.58 52.65
N SER L 476 -14.73 25.93 51.50
CA SER L 476 -14.64 24.46 51.45
C SER L 476 -13.25 23.94 51.75
N GLY L 477 -12.24 24.81 51.78
CA GLY L 477 -10.88 24.39 52.03
C GLY L 477 -10.12 24.11 50.74
N VAL L 478 -8.79 24.30 50.83
CA VAL L 478 -7.91 24.10 49.68
C VAL L 478 -7.65 22.60 49.56
N THR L 479 -8.30 21.96 48.58
CA THR L 479 -8.08 20.54 48.35
C THR L 479 -6.65 20.26 47.93
N GLY L 480 -5.95 21.27 47.43
CA GLY L 480 -4.55 21.12 47.04
C GLY L 480 -4.26 21.81 45.73
N ASP L 481 -3.82 21.02 44.76
CA ASP L 481 -3.46 21.52 43.43
C ASP L 481 -4.58 21.30 42.42
N TRP L 482 -5.82 21.31 42.92
CA TRP L 482 -7.01 21.09 42.09
C TRP L 482 -7.24 22.11 40.96
N LYS L 483 -6.91 23.38 41.17
CA LYS L 483 -7.10 24.41 40.13
C LYS L 483 -8.52 24.55 39.58
N VAL L 484 -9.43 25.01 40.43
CA VAL L 484 -10.84 25.19 40.09
C VAL L 484 -11.15 26.15 38.94
N MET L 485 -10.47 27.28 38.87
CA MET L 485 -10.73 28.28 37.83
C MET L 485 -10.34 27.78 36.45
N ASN L 486 -11.22 27.98 35.47
CA ASN L 486 -10.98 27.55 34.09
C ASN L 486 -11.64 28.50 33.11
N ILE L 487 -10.99 28.69 31.97
CA ILE L 487 -11.51 29.50 30.86
C ILE L 487 -11.43 28.66 29.59
N LEU L 488 -12.53 28.60 28.84
CA LEU L 488 -12.59 27.84 27.60
C LEU L 488 -12.63 28.79 26.42
N HIS L 489 -11.72 28.58 25.47
CA HIS L 489 -11.57 29.46 24.32
C HIS L 489 -12.29 28.90 23.10
N ARG L 490 -12.34 29.71 22.04
CA ARG L 490 -13.07 29.36 20.84
C ARG L 490 -12.20 29.30 19.59
N ILE L 491 -11.11 30.06 19.52
CA ILE L 491 -10.24 30.09 18.36
C ILE L 491 -8.87 29.56 18.74
N ALA L 492 -8.18 28.99 17.75
CA ALA L 492 -6.89 28.35 18.00
C ALA L 492 -5.75 29.35 18.15
N SER L 493 -5.96 30.60 17.77
CA SER L 493 -4.89 31.59 17.78
C SER L 493 -4.93 32.52 18.97
N GLN L 494 -5.82 32.29 19.94
CA GLN L 494 -5.99 33.25 21.03
C GLN L 494 -4.94 33.07 22.11
N VAL L 495 -4.72 31.83 22.55
CA VAL L 495 -3.84 31.60 23.69
C VAL L 495 -2.40 32.00 23.35
N ALA L 496 -1.94 31.67 22.14
CA ALA L 496 -0.60 32.05 21.75
C ALA L 496 -0.43 33.56 21.70
N ALA L 497 -1.44 34.28 21.18
CA ALA L 497 -1.37 35.72 21.13
C ALA L 497 -1.34 36.33 22.53
N LEU L 498 -2.18 35.81 23.43
CA LEU L 498 -2.17 36.30 24.81
C LEU L 498 -0.82 36.05 25.47
N ASP L 499 -0.24 34.87 25.23
CA ASP L 499 1.09 34.56 25.75
C ASP L 499 2.15 35.46 25.16
N LEU L 500 1.97 35.92 23.93
CA LEU L 500 2.96 36.75 23.26
C LEU L 500 2.78 38.24 23.52
N GLY L 501 1.92 38.60 24.47
CA GLY L 501 1.74 39.99 24.83
C GLY L 501 0.77 40.77 23.99
N TYR L 502 0.06 40.12 23.07
CA TYR L 502 -0.95 40.82 22.29
C TYR L 502 -2.08 41.30 23.19
N LYS L 503 -2.61 42.47 22.88
CA LYS L 503 -3.71 43.04 23.65
C LYS L 503 -5.01 42.44 23.16
N PRO L 504 -5.76 41.71 23.98
CA PRO L 504 -7.03 41.15 23.52
C PRO L 504 -8.05 42.24 23.25
N GLY L 505 -8.87 42.01 22.23
CA GLY L 505 -9.87 42.97 21.83
C GLY L 505 -9.31 44.05 20.92
N VAL L 506 -10.23 44.78 20.29
CA VAL L 506 -9.89 45.79 19.29
C VAL L 506 -10.13 47.19 19.84
N GLU L 507 -10.24 47.33 21.17
CA GLU L 507 -10.49 48.63 21.76
C GLU L 507 -9.31 49.57 21.57
N ALA L 508 -8.09 49.04 21.54
CA ALA L 508 -6.91 49.88 21.31
C ALA L 508 -6.97 50.53 19.94
N ILE L 509 -7.42 49.79 18.93
CA ILE L 509 -7.56 50.35 17.59
C ILE L 509 -8.65 51.42 17.56
N ARG L 510 -9.75 51.19 18.29
CA ARG L 510 -10.84 52.16 18.28
C ARG L 510 -10.44 53.46 18.97
N LYS L 511 -9.70 53.38 20.08
CA LYS L 511 -9.36 54.61 20.80
C LYS L 511 -8.36 55.46 20.03
N ASN L 512 -7.42 54.84 19.31
CA ASN L 512 -6.40 55.54 18.54
C ASN L 512 -6.38 54.96 17.13
N PRO L 513 -7.29 55.41 16.25
CA PRO L 513 -7.34 54.87 14.89
C PRO L 513 -6.00 55.02 14.18
N PRO L 514 -5.54 53.96 13.54
CA PRO L 514 -4.28 54.02 12.78
C PRO L 514 -4.52 54.45 11.34
N LYS L 515 -3.43 54.82 10.69
CA LYS L 515 -3.48 55.18 9.27
C LYS L 515 -2.91 54.10 8.36
N VAL L 516 -2.23 53.10 8.94
CA VAL L 516 -1.88 51.87 8.24
C VAL L 516 -2.18 50.70 9.17
N LEU L 517 -2.85 49.68 8.64
CA LEU L 517 -3.36 48.58 9.46
C LEU L 517 -3.03 47.24 8.80
N PHE L 518 -2.54 46.31 9.61
CA PHE L 518 -2.23 44.96 9.17
C PHE L 518 -3.36 44.02 9.60
N LEU L 519 -3.90 43.28 8.64
CA LEU L 519 -4.95 42.30 8.92
C LEU L 519 -4.33 40.91 8.72
N LEU L 520 -3.73 40.39 9.80
CA LEU L 520 -3.09 39.08 9.77
C LEU L 520 -4.17 38.01 9.86
N GLY L 521 -4.80 37.74 8.71
CA GLY L 521 -5.89 36.80 8.67
C GLY L 521 -7.12 37.24 9.45
N ALA L 522 -7.37 38.53 9.52
CA ALA L 522 -8.48 39.06 10.31
C ALA L 522 -9.75 39.06 9.46
N ASP L 523 -10.68 38.15 9.78
CA ASP L 523 -11.92 38.00 9.03
C ASP L 523 -13.14 38.04 9.92
N GLY L 524 -13.01 38.59 11.13
CA GLY L 524 -14.15 38.70 12.01
C GLY L 524 -15.12 39.81 11.67
N GLY L 525 -14.71 40.74 10.82
CA GLY L 525 -15.56 41.86 10.47
C GLY L 525 -15.69 42.92 11.54
N CYS L 526 -14.86 42.85 12.59
CA CYS L 526 -14.97 43.81 13.68
C CYS L 526 -14.65 45.23 13.22
N ILE L 527 -13.63 45.40 12.41
CA ILE L 527 -13.21 46.72 11.93
C ILE L 527 -13.54 46.82 10.46
N THR L 528 -14.35 47.82 10.10
CA THR L 528 -14.66 48.13 8.72
C THR L 528 -13.94 49.43 8.33
N ARG L 529 -14.18 49.89 7.11
CA ARG L 529 -13.62 51.16 6.68
C ARG L 529 -14.39 52.34 7.25
N GLN L 530 -15.59 52.11 7.79
CA GLN L 530 -16.38 53.20 8.35
C GLN L 530 -15.72 53.79 9.59
N ASP L 531 -15.16 52.94 10.44
CA ASP L 531 -14.52 53.39 11.68
C ASP L 531 -12.99 53.46 11.55
N LEU L 532 -12.48 53.82 10.38
CA LEU L 532 -11.08 54.11 10.16
C LEU L 532 -10.96 55.45 9.44
N PRO L 533 -9.83 56.14 9.59
CA PRO L 533 -9.67 57.42 8.89
C PRO L 533 -9.66 57.24 7.39
N LYS L 534 -10.00 58.32 6.69
CA LYS L 534 -10.02 58.33 5.24
C LYS L 534 -8.64 58.00 4.68
N ASP L 535 -8.64 57.43 3.48
CA ASP L 535 -7.43 56.98 2.77
C ASP L 535 -6.47 56.21 3.69
N CYS L 536 -7.05 55.38 4.54
CA CYS L 536 -6.26 54.48 5.37
C CYS L 536 -5.67 53.36 4.51
N PHE L 537 -4.55 52.81 4.97
CA PHE L 537 -3.85 51.74 4.28
C PHE L 537 -4.10 50.43 5.00
N ILE L 538 -4.72 49.48 4.31
CA ILE L 538 -5.10 48.19 4.88
C ILE L 538 -4.31 47.10 4.17
N ILE L 539 -3.65 46.24 4.93
CA ILE L 539 -2.90 45.12 4.40
C ILE L 539 -3.54 43.84 4.92
N TYR L 540 -3.94 42.96 4.02
CA TYR L 540 -4.48 41.66 4.39
C TYR L 540 -3.48 40.58 3.99
N GLN L 541 -3.11 39.74 4.95
CA GLN L 541 -2.24 38.60 4.70
C GLN L 541 -2.95 37.35 5.21
N GLY L 542 -3.38 36.52 4.28
CA GLY L 542 -4.08 35.30 4.65
C GLY L 542 -4.09 34.33 3.50
N HIS L 543 -4.91 33.29 3.64
CA HIS L 543 -5.03 32.27 2.61
C HIS L 543 -6.36 32.26 1.89
N HIS L 544 -7.41 32.83 2.46
CA HIS L 544 -8.74 32.76 1.89
C HIS L 544 -9.28 34.14 1.59
N GLY L 545 -10.08 34.23 0.53
CA GLY L 545 -10.83 35.44 0.24
C GLY L 545 -12.13 35.48 1.00
N ASP L 546 -12.21 36.37 1.98
CA ASP L 546 -13.34 36.42 2.90
C ASP L 546 -13.70 37.88 3.11
N VAL L 547 -14.43 38.18 4.18
CA VAL L 547 -14.89 39.55 4.41
C VAL L 547 -13.75 40.52 4.59
N GLY L 548 -12.54 40.04 4.91
CA GLY L 548 -11.43 40.94 5.17
C GLY L 548 -10.54 41.25 4.00
N ALA L 549 -10.61 40.49 2.92
CA ALA L 549 -9.72 40.68 1.77
C ALA L 549 -10.13 41.86 0.87
N PRO L 550 -11.37 41.94 0.39
CA PRO L 550 -11.69 42.98 -0.59
C PRO L 550 -11.60 44.39 -0.05
N MET L 551 -11.63 44.57 1.27
CA MET L 551 -11.52 45.89 1.88
C MET L 551 -10.09 46.28 2.18
N ALA L 552 -9.11 45.60 1.57
CA ALA L 552 -7.70 45.87 1.78
C ALA L 552 -7.12 46.60 0.59
N ASP L 553 -5.96 47.22 0.81
CA ASP L 553 -5.22 47.94 -0.22
C ASP L 553 -4.13 47.09 -0.84
N VAL L 554 -3.42 46.29 -0.04
CA VAL L 554 -2.41 45.37 -0.53
C VAL L 554 -2.69 44.01 0.08
N ILE L 555 -2.72 42.97 -0.75
CA ILE L 555 -3.07 41.63 -0.32
C ILE L 555 -1.86 40.72 -0.52
N LEU L 556 -1.42 40.08 0.58
CA LEU L 556 -0.29 39.17 0.56
C LEU L 556 -0.77 37.75 0.79
N PRO L 557 -0.61 36.83 -0.16
CA PRO L 557 -1.14 35.48 0.02
C PRO L 557 -0.25 34.64 0.94
N GLY L 558 -0.86 34.05 1.95
CA GLY L 558 -0.15 33.25 2.92
C GLY L 558 -0.46 31.76 2.82
N ALA L 559 0.03 31.02 3.81
CA ALA L 559 -0.11 29.58 3.85
C ALA L 559 -1.17 29.18 4.85
N ALA L 560 -1.74 27.99 4.66
CA ALA L 560 -2.71 27.43 5.58
C ALA L 560 -2.00 26.50 6.57
N TYR L 561 -2.77 25.97 7.52
CA TYR L 561 -2.19 25.07 8.52
C TYR L 561 -1.75 23.74 7.94
N THR L 562 -2.28 23.37 6.77
CA THR L 562 -1.85 22.16 6.08
C THR L 562 -0.63 22.40 5.22
N GLU L 563 -0.10 23.61 5.21
CA GLU L 563 0.96 23.99 4.30
C GLU L 563 2.20 24.53 5.00
N LYS L 564 2.22 24.56 6.33
CA LYS L 564 3.35 25.11 7.06
C LYS L 564 3.52 24.37 8.38
N SER L 565 4.76 24.34 8.87
CA SER L 565 5.06 23.83 10.20
C SER L 565 4.91 24.99 11.17
N ALA L 566 3.83 24.98 11.94
CA ALA L 566 3.42 26.13 12.73
C ALA L 566 2.98 25.69 14.12
N THR L 567 3.08 26.61 15.07
CA THR L 567 2.82 26.33 16.48
C THR L 567 1.48 26.93 16.89
N TYR L 568 0.65 26.11 17.52
CA TYR L 568 -0.64 26.55 18.05
C TYR L 568 -0.77 26.05 19.48
N VAL L 569 -1.32 26.91 20.34
CA VAL L 569 -1.50 26.57 21.74
C VAL L 569 -2.99 26.46 22.01
N ASN L 570 -3.41 25.32 22.56
CA ASN L 570 -4.81 25.04 22.77
C ASN L 570 -5.32 25.72 24.03
N THR L 571 -6.61 25.53 24.33
CA THR L 571 -7.20 26.18 25.48
C THR L 571 -6.64 25.68 26.80
N GLU L 572 -6.03 24.49 26.82
CA GLU L 572 -5.34 24.00 28.01
C GLU L 572 -4.04 24.73 28.28
N GLY L 573 -3.50 25.45 27.31
CA GLY L 573 -2.17 25.98 27.39
C GLY L 573 -1.09 25.07 26.83
N ARG L 574 -1.47 23.98 26.18
CA ARG L 574 -0.52 23.04 25.59
C ARG L 574 -0.18 23.48 24.17
N ALA L 575 1.10 23.54 23.88
CA ALA L 575 1.59 23.96 22.56
C ALA L 575 1.85 22.73 21.71
N GLN L 576 1.41 22.76 20.45
CA GLN L 576 1.61 21.69 19.50
C GLN L 576 1.94 22.29 18.14
N GLN L 577 2.78 21.59 17.38
CA GLN L 577 3.23 22.07 16.08
C GLN L 577 2.61 21.23 14.97
N THR L 578 2.16 21.90 13.92
CA THR L 578 1.66 21.23 12.73
C THR L 578 2.84 20.86 11.83
N LYS L 579 2.56 20.09 10.80
CA LYS L 579 3.58 19.66 9.84
C LYS L 579 3.11 20.01 8.44
N VAL L 580 4.07 20.14 7.53
CA VAL L 580 3.77 20.48 6.14
C VAL L 580 3.22 19.23 5.46
N ALA L 581 1.96 19.31 5.02
CA ALA L 581 1.35 18.24 4.24
C ALA L 581 1.45 18.50 2.74
N VAL L 582 1.15 19.73 2.32
CA VAL L 582 1.26 20.15 0.94
C VAL L 582 1.94 21.51 0.91
N THR L 583 2.13 22.04 -0.29
CA THR L 583 2.78 23.34 -0.38
C THR L 583 1.76 24.42 -0.76
N PRO L 584 1.99 25.66 -0.33
CA PRO L 584 1.03 26.73 -0.62
C PRO L 584 0.85 26.93 -2.11
N PRO L 585 -0.35 27.27 -2.56
CA PRO L 585 -0.61 27.34 -4.00
C PRO L 585 -0.10 28.63 -4.61
N GLY L 586 0.37 28.50 -5.85
CA GLY L 586 0.83 29.67 -6.59
C GLY L 586 2.01 30.33 -5.94
N LEU L 587 1.88 31.64 -5.73
CA LEU L 587 2.95 32.46 -5.16
C LEU L 587 2.83 32.62 -3.65
N ALA L 588 1.93 31.88 -3.00
CA ALA L 588 1.75 32.01 -1.56
C ALA L 588 2.99 31.52 -0.83
N ARG L 589 3.29 32.18 0.29
CA ARG L 589 4.47 31.88 1.10
C ARG L 589 4.05 31.71 2.55
N GLU L 590 5.03 31.37 3.40
CA GLU L 590 4.79 31.27 4.83
C GLU L 590 4.63 32.66 5.43
N ASP L 591 3.83 32.75 6.49
CA ASP L 591 3.47 34.04 7.05
C ASP L 591 4.67 34.75 7.67
N TRP L 592 5.41 34.04 8.53
CA TRP L 592 6.58 34.66 9.15
C TRP L 592 7.64 35.00 8.12
N LYS L 593 7.74 34.20 7.05
CA LYS L 593 8.67 34.55 5.97
C LYS L 593 8.24 35.82 5.26
N ILE L 594 6.92 36.01 5.07
CA ILE L 594 6.42 37.24 4.47
C ILE L 594 6.78 38.44 5.35
N ILE L 595 6.57 38.31 6.65
CA ILE L 595 6.86 39.44 7.55
C ILE L 595 8.35 39.71 7.59
N ARG L 596 9.19 38.67 7.60
CA ARG L 596 10.62 38.87 7.61
C ARG L 596 11.12 39.53 6.34
N ALA L 597 10.58 39.12 5.18
CA ALA L 597 10.93 39.78 3.93
C ALA L 597 10.49 41.24 3.94
N LEU L 598 9.30 41.52 4.47
CA LEU L 598 8.84 42.90 4.59
C LEU L 598 9.78 43.71 5.47
N SER L 599 10.26 43.12 6.57
CA SER L 599 11.22 43.80 7.43
C SER L 599 12.51 44.09 6.69
N GLU L 600 12.98 43.14 5.89
CA GLU L 600 14.22 43.35 5.13
C GLU L 600 14.05 44.46 4.11
N ILE L 601 12.90 44.51 3.43
CA ILE L 601 12.68 45.56 2.43
C ILE L 601 12.57 46.92 3.10
N ALA L 602 11.93 46.99 4.25
CA ALA L 602 11.74 48.26 4.96
C ALA L 602 12.99 48.74 5.68
N GLY L 603 14.03 47.93 5.75
CA GLY L 603 15.25 48.30 6.43
C GLY L 603 15.29 47.98 7.91
N MET L 604 14.18 47.54 8.49
CA MET L 604 14.14 47.13 9.89
C MET L 604 14.29 45.61 10.01
N THR L 605 15.39 45.10 9.46
CA THR L 605 15.58 43.67 9.33
C THR L 605 15.64 42.98 10.68
N LEU L 606 14.88 41.89 10.83
CA LEU L 606 14.76 41.07 12.02
C LEU L 606 15.86 40.02 12.07
N PRO L 607 16.27 39.60 13.27
CA PRO L 607 17.47 38.74 13.37
C PRO L 607 17.27 37.34 12.81
N TYR L 608 16.13 36.73 13.09
CA TYR L 608 15.87 35.36 12.68
C TYR L 608 15.77 35.22 11.16
N ASP L 609 16.25 34.07 10.66
CA ASP L 609 16.22 33.75 9.24
C ASP L 609 15.56 32.41 8.92
N THR L 610 15.68 31.42 9.79
CA THR L 610 15.10 30.10 9.58
C THR L 610 14.05 29.83 10.65
N LEU L 611 13.39 28.68 10.51
CA LEU L 611 12.32 28.32 11.44
C LEU L 611 12.86 28.09 12.84
N ASP L 612 14.03 27.46 12.96
CA ASP L 612 14.63 27.24 14.27
C ASP L 612 14.97 28.57 14.94
N GLN L 613 15.41 29.56 14.17
CA GLN L 613 15.69 30.88 14.75
C GLN L 613 14.41 31.56 15.21
N VAL L 614 13.32 31.39 14.45
CA VAL L 614 12.03 31.92 14.89
C VAL L 614 11.62 31.28 16.20
N ARG L 615 11.85 29.98 16.34
CA ARG L 615 11.46 29.29 17.56
C ARG L 615 12.38 29.64 18.72
N SER L 616 13.65 29.97 18.44
CA SER L 616 14.51 30.54 19.47
C SER L 616 13.98 31.88 19.95
N ARG L 617 13.52 32.72 19.01
CA ARG L 617 12.89 33.98 19.40
C ARG L 617 11.64 33.73 20.23
N LEU L 618 10.85 32.72 19.86
CA LEU L 618 9.66 32.37 20.63
C LEU L 618 10.03 31.95 22.04
N GLU L 619 11.11 31.17 22.18
CA GLU L 619 11.59 30.79 23.51
C GLU L 619 12.03 32.01 24.29
N GLU L 620 12.63 32.99 23.63
CA GLU L 620 13.00 34.24 24.29
C GLU L 620 11.77 34.96 24.83
N VAL L 621 10.74 35.12 23.99
CA VAL L 621 9.55 35.87 24.41
C VAL L 621 8.75 35.06 25.44
N SER L 622 8.52 33.79 25.17
CA SER L 622 7.78 32.94 26.09
C SER L 622 8.30 31.52 25.99
N PRO L 623 9.12 31.07 26.96
CA PRO L 623 9.85 29.82 26.78
C PRO L 623 8.97 28.57 26.77
N ASN L 624 7.70 28.68 27.13
CA ASN L 624 6.82 27.52 27.12
C ASN L 624 6.18 27.26 25.77
N LEU L 625 6.44 28.10 24.78
CA LEU L 625 5.93 27.88 23.43
C LEU L 625 6.80 26.90 22.63
N VAL L 626 7.91 26.43 23.19
CA VAL L 626 8.76 25.46 22.53
C VAL L 626 8.71 24.09 23.19
N ARG L 627 7.99 23.94 24.30
CA ARG L 627 7.72 22.64 24.90
C ARG L 627 6.41 22.13 24.32
N TYR L 628 6.49 21.08 23.51
CA TYR L 628 5.40 20.73 22.60
C TYR L 628 4.44 19.69 23.16
N ASP L 629 4.59 19.26 24.41
CA ASP L 629 3.59 18.36 24.98
C ASP L 629 3.27 18.66 26.44
N ASP L 630 3.84 19.70 27.02
CA ASP L 630 3.58 20.01 28.42
C ASP L 630 2.33 20.88 28.56
N VAL L 631 1.59 20.62 29.63
CA VAL L 631 0.35 21.34 29.92
C VAL L 631 0.44 21.96 31.31
N GLU L 632 1.40 21.49 32.11
CA GLU L 632 1.49 21.93 33.49
C GLU L 632 1.96 23.38 33.58
N GLY L 633 1.54 24.05 34.65
CA GLY L 633 1.92 25.43 34.89
C GLY L 633 1.65 25.82 36.32
N ALA L 634 2.29 26.90 36.75
CA ALA L 634 2.13 27.37 38.11
C ALA L 634 0.77 28.02 38.32
N ASN L 635 0.31 28.01 39.56
CA ASN L 635 -1.00 28.53 39.91
C ASN L 635 -0.85 29.92 40.52
N TYR L 636 -1.46 30.91 39.89
CA TYR L 636 -1.39 32.30 40.34
C TYR L 636 -2.78 32.87 40.53
N PHE L 637 -3.72 32.04 40.99
CA PHE L 637 -5.11 32.46 41.09
C PHE L 637 -5.29 33.55 42.16
N GLN L 638 -4.54 33.45 43.25
CA GLN L 638 -4.71 34.40 44.35
C GLN L 638 -4.34 35.81 43.93
N GLN L 639 -3.23 35.96 43.21
CA GLN L 639 -2.78 37.28 42.77
C GLN L 639 -3.77 37.91 41.81
N ALA L 640 -4.15 37.19 40.75
CA ALA L 640 -5.12 37.71 39.79
C ALA L 640 -6.46 37.98 40.45
N ASN L 641 -6.84 37.15 41.42
CA ASN L 641 -8.09 37.34 42.13
C ASN L 641 -8.10 38.64 42.90
N GLU L 642 -7.05 38.90 43.69
CA GLU L 642 -7.05 40.14 44.45
C GLU L 642 -6.76 41.36 43.57
N LEU L 643 -6.21 41.15 42.37
CA LEU L 643 -6.14 42.23 41.40
C LEU L 643 -7.46 42.49 40.72
N SER L 644 -8.37 41.52 40.71
CA SER L 644 -9.67 41.69 40.06
C SER L 644 -10.70 42.36 40.97
N LYS L 645 -10.41 42.54 42.25
CA LYS L 645 -11.36 43.08 43.19
C LYS L 645 -11.33 44.60 43.29
N LEU L 646 -10.47 45.26 42.51
CA LEU L 646 -10.37 46.70 42.55
C LEU L 646 -11.52 47.36 41.80
N VAL L 647 -11.63 47.08 40.51
CA VAL L 647 -12.65 47.69 39.67
C VAL L 647 -13.95 46.92 39.81
N ASN L 648 -15.05 47.65 40.00
CA ASN L 648 -16.37 47.06 40.20
C ASN L 648 -17.32 47.57 39.12
N GLN L 649 -17.34 46.89 37.98
CA GLN L 649 -18.36 47.17 36.98
C GLN L 649 -19.61 46.38 37.28
N GLN L 650 -20.76 47.01 37.09
CA GLN L 650 -22.02 46.33 37.33
C GLN L 650 -22.38 45.41 36.17
N LEU L 651 -23.00 44.28 36.48
CA LEU L 651 -23.46 43.35 35.47
C LEU L 651 -24.63 43.94 34.70
N LEU L 652 -24.66 43.68 33.39
CA LEU L 652 -25.81 44.07 32.59
C LEU L 652 -26.99 43.14 32.83
N ALA L 653 -28.19 43.64 32.57
CA ALA L 653 -29.41 42.84 32.73
C ALA L 653 -29.81 42.24 31.37
N ASP L 654 -28.89 41.45 30.82
CA ASP L 654 -29.14 40.73 29.58
C ASP L 654 -28.81 39.26 29.78
N PRO L 655 -29.64 38.34 29.31
CA PRO L 655 -29.34 36.91 29.46
C PRO L 655 -28.10 36.51 28.69
N LEU L 656 -27.37 35.55 29.22
CA LEU L 656 -26.17 35.06 28.55
C LEU L 656 -26.55 34.14 27.40
N VAL L 657 -26.61 34.72 26.20
CA VAL L 657 -27.04 33.97 25.01
C VAL L 657 -25.82 33.72 24.13
N PRO L 658 -25.40 32.47 23.97
CA PRO L 658 -24.22 32.18 23.15
C PRO L 658 -24.58 32.16 21.68
N PRO L 659 -23.63 32.49 20.80
CA PRO L 659 -23.91 32.43 19.36
C PRO L 659 -24.26 31.04 18.86
N GLN L 660 -23.77 30.00 19.53
CA GLN L 660 -23.97 28.62 19.09
C GLN L 660 -25.21 28.03 19.78
N LEU L 661 -26.37 28.56 19.39
CA LEU L 661 -27.63 28.07 19.95
C LEU L 661 -28.01 26.72 19.37
N THR L 662 -27.85 26.54 18.06
CA THR L 662 -28.35 25.35 17.38
C THR L 662 -27.22 24.81 16.50
N ILE L 663 -27.37 23.57 16.05
CA ILE L 663 -26.34 22.90 15.26
C ILE L 663 -26.05 23.66 13.97
N LYS L 664 -27.05 24.36 13.43
CA LYS L 664 -26.86 25.07 12.16
C LYS L 664 -25.84 26.19 12.27
N ASP L 665 -25.56 26.68 13.47
CA ASP L 665 -24.61 27.76 13.67
C ASP L 665 -23.18 27.27 13.85
N PHE L 666 -22.96 25.96 13.78
CA PHE L 666 -21.66 25.36 14.08
C PHE L 666 -20.83 25.08 12.84
N TYR L 667 -21.47 24.94 11.68
CA TYR L 667 -20.77 24.45 10.51
C TYR L 667 -19.87 25.52 9.88
N MET L 668 -20.31 26.77 9.89
CA MET L 668 -19.52 27.87 9.33
C MET L 668 -19.13 28.83 10.45
N THR L 669 -17.86 28.86 10.79
CA THR L 669 -17.35 29.75 11.83
C THR L 669 -16.11 30.53 11.41
N ASP L 670 -15.36 30.05 10.44
CA ASP L 670 -14.16 30.73 9.98
C ASP L 670 -14.11 30.71 8.46
N SER L 671 -13.03 31.27 7.91
CA SER L 671 -12.93 31.41 6.46
C SER L 671 -12.86 30.06 5.76
N ILE L 672 -12.14 29.10 6.34
CA ILE L 672 -12.03 27.78 5.74
C ILE L 672 -13.39 27.09 5.68
N SER L 673 -14.18 27.23 6.74
CA SER L 673 -15.50 26.60 6.76
C SER L 673 -16.46 27.26 5.77
N ARG L 674 -16.42 28.58 5.67
CA ARG L 674 -17.36 29.28 4.79
C ARG L 674 -17.09 29.04 3.32
N ALA L 675 -15.91 28.51 2.98
CA ALA L 675 -15.53 28.29 1.59
C ALA L 675 -15.84 26.88 1.10
N SER L 676 -16.48 26.05 1.92
CA SER L 676 -16.65 24.63 1.63
C SER L 676 -18.07 24.32 1.19
N GLN L 677 -18.18 23.51 0.12
CA GLN L 677 -19.51 22.99 -0.24
C GLN L 677 -20.02 21.99 0.79
N THR L 678 -19.14 21.27 1.46
CA THR L 678 -19.61 20.29 2.44
C THR L 678 -20.36 20.95 3.58
N MET L 679 -19.84 22.07 4.10
CA MET L 679 -20.53 22.75 5.19
C MET L 679 -21.81 23.43 4.69
N ALA L 680 -21.80 23.93 3.46
CA ALA L 680 -23.04 24.46 2.87
C ALA L 680 -24.10 23.37 2.76
N LYS L 681 -23.70 22.18 2.32
CA LYS L 681 -24.63 21.06 2.26
C LYS L 681 -25.15 20.68 3.64
N CYS L 682 -24.27 20.71 4.64
CA CYS L 682 -24.68 20.40 6.01
C CYS L 682 -25.72 21.41 6.50
N VAL L 683 -25.48 22.70 6.23
CA VAL L 683 -26.43 23.73 6.65
C VAL L 683 -27.76 23.57 5.94
N LYS L 684 -27.71 23.30 4.63
CA LYS L 684 -28.93 23.12 3.86
C LYS L 684 -29.72 21.91 4.32
N ALA L 685 -29.02 20.83 4.68
CA ALA L 685 -29.69 19.63 5.18
C ALA L 685 -30.28 19.87 6.57
N VAL L 686 -29.59 20.65 7.41
CA VAL L 686 -30.11 20.92 8.74
C VAL L 686 -31.34 21.80 8.67
N THR L 687 -31.30 22.86 7.86
CA THR L 687 -32.44 23.76 7.78
C THR L 687 -33.66 23.07 7.20
N GLU L 688 -33.48 22.28 6.14
CA GLU L 688 -34.56 21.48 5.58
C GLU L 688 -34.03 20.08 5.28
N GLY L 689 -34.78 19.08 5.68
CA GLY L 689 -34.36 17.69 5.49
C GLY L 689 -35.41 16.87 4.78
N ILE L 690 -34.96 15.88 4.01
CA ILE L 690 -35.86 14.99 3.31
C ILE L 690 -35.93 13.65 4.05
N GLU M 1 9.55 -32.74 -63.79
CA GLU M 1 10.93 -32.29 -63.90
C GLU M 1 10.98 -30.79 -64.23
N LEU M 2 11.96 -30.42 -65.06
CA LEU M 2 12.08 -29.01 -65.46
C LEU M 2 10.88 -28.54 -66.27
N VAL M 3 10.36 -29.39 -67.16
CA VAL M 3 9.18 -29.00 -67.92
C VAL M 3 8.01 -28.76 -66.99
N GLN M 4 7.90 -29.54 -65.92
CA GLN M 4 6.79 -29.36 -64.98
C GLN M 4 6.92 -28.06 -64.20
N VAL M 5 8.14 -27.72 -63.76
CA VAL M 5 8.29 -26.48 -63.01
C VAL M 5 8.07 -25.27 -63.91
N LEU M 6 8.51 -25.34 -65.17
CA LEU M 6 8.20 -24.25 -66.09
C LEU M 6 6.70 -24.19 -66.39
N ARG M 7 6.04 -25.33 -66.48
CA ARG M 7 4.60 -25.33 -66.68
C ARG M 7 3.89 -24.67 -65.51
N ARG M 8 4.30 -24.97 -64.27
CA ARG M 8 3.70 -24.32 -63.12
C ARG M 8 4.03 -22.83 -63.09
N GLY M 9 5.20 -22.43 -63.60
CA GLY M 9 5.48 -21.01 -63.75
C GLY M 9 4.53 -20.33 -64.71
N LEU M 10 4.26 -20.96 -65.85
CA LEU M 10 3.29 -20.40 -66.80
C LEU M 10 1.89 -20.33 -66.21
N GLN M 11 1.46 -21.38 -65.51
CA GLN M 11 0.15 -21.34 -64.85
C GLN M 11 0.11 -20.25 -63.78
N GLN M 12 1.24 -20.04 -63.10
CA GLN M 12 1.32 -19.01 -62.08
C GLN M 12 1.17 -17.62 -62.70
N VAL M 13 1.80 -17.41 -63.87
CA VAL M 13 1.64 -16.14 -64.58
C VAL M 13 0.19 -15.97 -65.03
N SER M 14 -0.42 -17.04 -65.53
CA SER M 14 -1.79 -16.95 -66.04
C SER M 14 -2.81 -16.75 -64.92
N GLY M 15 -2.51 -17.22 -63.72
CA GLY M 15 -3.43 -17.11 -62.61
C GLY M 15 -3.47 -15.76 -61.94
N HIS M 16 -2.69 -14.80 -62.42
CA HIS M 16 -2.72 -13.44 -61.91
C HIS M 16 -3.41 -12.46 -62.86
N GLY M 17 -4.24 -12.97 -63.77
CA GLY M 17 -4.91 -12.12 -64.73
C GLY M 17 -4.08 -11.72 -65.92
N GLY M 18 -3.08 -12.53 -66.28
CA GLY M 18 -2.26 -12.22 -67.43
C GLY M 18 -0.89 -11.70 -67.06
N LEU M 19 -0.31 -10.86 -67.93
CA LEU M 19 1.00 -10.28 -67.66
C LEU M 19 0.92 -9.00 -66.85
N ARG M 20 -0.10 -8.18 -67.08
CA ARG M 20 -0.23 -6.92 -66.35
C ARG M 20 -0.42 -7.17 -64.86
N GLY M 21 -1.34 -8.07 -64.51
CA GLY M 21 -1.56 -8.39 -63.10
C GLY M 21 -0.38 -9.09 -62.48
N TYR M 22 0.29 -9.96 -63.23
CA TYR M 22 1.49 -10.63 -62.72
C TYR M 22 2.57 -9.61 -62.39
N LEU M 23 2.81 -8.66 -63.29
CA LEU M 23 3.83 -7.63 -63.03
C LEU M 23 3.40 -6.72 -61.89
N ARG M 24 2.10 -6.42 -61.80
CA ARG M 24 1.59 -5.59 -60.72
C ARG M 24 1.84 -6.24 -59.36
N VAL M 25 1.49 -7.52 -59.23
CA VAL M 25 1.71 -8.20 -57.96
C VAL M 25 3.20 -8.39 -57.69
N LEU M 26 4.00 -8.59 -58.75
CA LEU M 26 5.44 -8.74 -58.55
C LEU M 26 6.07 -7.45 -58.03
N PHE M 27 5.62 -6.30 -58.54
CA PHE M 27 6.20 -5.03 -58.11
C PHE M 27 5.56 -4.48 -56.83
N ARG M 28 4.37 -4.95 -56.45
CA ARG M 28 3.73 -4.49 -55.22
C ARG M 28 4.00 -5.38 -54.03
N ALA M 29 4.08 -6.70 -54.22
CA ALA M 29 4.24 -7.63 -53.11
C ALA M 29 5.54 -8.41 -53.16
N ASN M 30 6.34 -8.26 -54.21
CA ASN M 30 7.60 -8.98 -54.37
C ASN M 30 7.39 -10.49 -54.27
N ASP M 31 6.22 -10.94 -54.73
CA ASP M 31 5.82 -12.34 -54.61
C ASP M 31 4.69 -12.57 -55.60
N VAL M 32 4.75 -13.68 -56.32
CA VAL M 32 3.81 -13.94 -57.39
C VAL M 32 3.08 -15.28 -57.20
N ARG M 33 2.93 -15.72 -55.96
CA ARG M 33 2.20 -16.96 -55.72
C ARG M 33 0.70 -16.74 -55.85
N VAL M 34 -0.01 -17.81 -56.20
CA VAL M 34 -1.46 -17.78 -56.38
C VAL M 34 -2.09 -18.74 -55.38
N GLY M 35 -3.11 -18.27 -54.67
CA GLY M 35 -3.81 -19.08 -53.71
C GLY M 35 -5.30 -18.77 -53.75
N THR M 36 -6.08 -19.67 -53.15
CA THR M 36 -7.52 -19.50 -53.14
C THR M 36 -7.92 -18.28 -52.32
N LEU M 37 -8.83 -17.48 -52.87
CA LEU M 37 -9.31 -16.29 -52.19
C LEU M 37 -10.15 -16.68 -50.98
N VAL M 38 -9.79 -16.14 -49.82
CA VAL M 38 -10.51 -16.44 -48.60
C VAL M 38 -11.65 -15.46 -48.39
N GLY M 39 -11.45 -14.20 -48.71
CA GLY M 39 -12.51 -13.23 -48.55
C GLY M 39 -12.07 -11.86 -49.04
N GLU M 40 -13.00 -10.93 -48.98
CA GLU M 40 -12.80 -9.55 -49.40
C GLU M 40 -13.01 -8.62 -48.21
N ASP M 41 -12.27 -7.53 -48.18
CA ASP M 41 -12.34 -6.55 -47.11
C ASP M 41 -13.12 -5.33 -47.57
N LYS M 42 -13.70 -4.61 -46.61
CA LYS M 42 -14.47 -3.43 -46.96
C LYS M 42 -13.58 -2.28 -47.41
N TYR M 43 -12.27 -2.35 -47.15
CA TYR M 43 -11.33 -1.33 -47.60
C TYR M 43 -10.59 -1.74 -48.85
N GLY M 44 -10.87 -2.91 -49.41
CA GLY M 44 -10.22 -3.36 -50.63
C GLY M 44 -9.14 -4.40 -50.47
N ASN M 45 -8.76 -4.73 -49.23
CA ASN M 45 -7.76 -5.77 -49.00
C ASN M 45 -8.30 -7.13 -49.44
N LYS M 46 -7.41 -7.93 -50.03
CA LYS M 46 -7.74 -9.30 -50.41
C LYS M 46 -6.90 -10.26 -49.59
N TYR M 47 -7.46 -11.42 -49.26
CA TYR M 47 -6.80 -12.38 -48.39
C TYR M 47 -6.75 -13.74 -49.08
N TYR M 48 -5.56 -14.34 -49.10
CA TYR M 48 -5.33 -15.58 -49.84
C TYR M 48 -4.71 -16.62 -48.92
N GLU M 49 -4.95 -17.88 -49.24
CA GLU M 49 -4.47 -19.02 -48.47
C GLU M 49 -3.89 -20.06 -49.42
N ASP M 50 -2.88 -20.79 -48.95
CA ASP M 50 -2.30 -21.92 -49.68
C ASP M 50 -1.73 -22.89 -48.64
N ASN M 51 -2.52 -23.92 -48.31
CA ASN M 51 -2.12 -24.86 -47.27
C ASN M 51 -0.95 -25.75 -47.68
N LYS M 52 -0.58 -25.77 -48.96
CA LYS M 52 0.60 -26.53 -49.37
C LYS M 52 1.90 -25.87 -48.95
N GLN M 53 1.89 -24.57 -48.66
CA GLN M 53 3.09 -23.89 -48.21
C GLN M 53 3.33 -24.17 -46.73
N PHE M 54 4.56 -23.91 -46.28
CA PHE M 54 4.88 -24.17 -44.90
C PHE M 54 4.26 -23.10 -44.00
N PHE M 55 4.25 -23.38 -42.70
CA PHE M 55 3.61 -22.49 -41.73
C PHE M 55 4.22 -21.10 -41.79
N GLY M 56 3.37 -20.09 -41.87
CA GLY M 56 3.83 -18.72 -41.98
C GLY M 56 3.55 -18.13 -43.35
N ARG M 57 3.78 -18.92 -44.40
CA ARG M 57 3.49 -18.51 -45.77
C ARG M 57 2.18 -19.06 -46.29
N HIS M 58 1.43 -19.80 -45.47
CA HIS M 58 0.18 -20.39 -45.91
C HIS M 58 -0.99 -19.41 -45.89
N ARG M 59 -0.80 -18.21 -45.35
CA ARG M 59 -1.81 -17.17 -45.36
C ARG M 59 -1.14 -15.85 -45.68
N TRP M 60 -1.79 -15.02 -46.51
CA TRP M 60 -1.22 -13.72 -46.81
C TRP M 60 -2.33 -12.77 -47.26
N VAL M 61 -1.95 -11.49 -47.38
CA VAL M 61 -2.87 -10.42 -47.72
C VAL M 61 -2.24 -9.57 -48.83
N ILE M 62 -3.06 -9.19 -49.81
CA ILE M 62 -2.71 -8.20 -50.80
C ILE M 62 -3.43 -6.92 -50.41
N TYR M 63 -2.67 -5.88 -50.12
CA TYR M 63 -3.23 -4.64 -49.59
C TYR M 63 -3.92 -3.85 -50.69
N THR M 64 -4.88 -3.03 -50.28
CA THR M 64 -5.66 -2.24 -51.21
C THR M 64 -4.80 -1.13 -51.84
N THR M 65 -5.30 -0.61 -52.96
CA THR M 65 -4.60 0.46 -53.64
C THR M 65 -4.80 1.81 -52.95
N GLU M 66 -5.99 2.03 -52.38
CA GLU M 66 -6.32 3.32 -51.76
C GLU M 66 -7.08 3.05 -50.47
N MET M 67 -6.47 3.43 -49.35
CA MET M 67 -7.10 3.28 -48.04
C MET M 67 -7.84 4.59 -47.74
N ASN M 68 -8.22 4.82 -46.48
CA ASN M 68 -9.07 5.93 -46.08
C ASN M 68 -8.76 7.24 -46.80
N GLY M 69 -7.51 7.70 -46.74
CA GLY M 69 -7.22 9.02 -47.27
C GLY M 69 -5.96 9.19 -48.08
N ARG M 70 -5.13 8.16 -48.22
CA ARG M 70 -3.96 8.28 -49.07
C ARG M 70 -3.95 7.19 -50.12
N ASP M 71 -3.07 7.34 -51.09
CA ASP M 71 -2.79 6.32 -52.08
C ASP M 71 -1.78 5.34 -51.50
N THR M 72 -2.21 4.11 -51.24
CA THR M 72 -1.33 3.08 -50.71
C THR M 72 -0.92 2.06 -51.76
N PHE M 73 -0.74 2.51 -53.01
CA PHE M 73 -0.22 1.62 -54.03
C PHE M 73 1.20 1.16 -53.69
N TRP M 74 2.02 2.07 -53.17
CA TRP M 74 3.37 1.75 -52.74
C TRP M 74 3.56 1.82 -51.23
N ASP M 75 2.82 2.69 -50.54
CA ASP M 75 2.99 2.90 -49.10
C ASP M 75 2.02 2.01 -48.35
N VAL M 76 2.44 0.79 -48.06
CA VAL M 76 1.63 -0.18 -47.32
C VAL M 76 2.30 -0.49 -46.00
N ASP M 77 1.49 -0.90 -45.02
CA ASP M 77 2.01 -1.31 -43.73
C ASP M 77 1.02 -2.26 -43.06
N GLY M 78 1.51 -2.95 -42.03
CA GLY M 78 0.73 -3.99 -41.37
C GLY M 78 -0.39 -3.46 -40.50
N SER M 79 -0.53 -2.16 -40.37
CA SER M 79 -1.59 -1.56 -39.56
C SER M 79 -2.87 -1.33 -40.35
N MET M 80 -2.92 -1.72 -41.62
CA MET M 80 -4.10 -1.55 -42.45
C MET M 80 -5.05 -2.74 -42.40
N VAL M 81 -4.70 -3.79 -41.66
CA VAL M 81 -5.56 -4.97 -41.58
C VAL M 81 -6.59 -4.76 -40.48
N PRO M 82 -7.87 -4.89 -40.77
CA PRO M 82 -8.90 -4.73 -39.72
C PRO M 82 -8.81 -5.84 -38.70
N PRO M 83 -9.34 -5.61 -37.48
CA PRO M 83 -9.09 -6.56 -36.38
C PRO M 83 -9.51 -7.99 -36.64
N GLU M 84 -10.64 -8.24 -37.30
CA GLU M 84 -11.04 -9.62 -37.57
C GLU M 84 -10.07 -10.31 -38.51
N TRP M 85 -9.72 -9.64 -39.60
CA TRP M 85 -8.70 -10.17 -40.49
C TRP M 85 -7.32 -10.14 -39.85
N HIS M 86 -7.10 -9.27 -38.87
CA HIS M 86 -5.86 -9.32 -38.10
C HIS M 86 -5.78 -10.62 -37.32
N ARG M 87 -6.89 -11.02 -36.69
CA ARG M 87 -6.89 -12.27 -35.94
C ARG M 87 -6.73 -13.47 -36.85
N TRP M 88 -7.39 -13.46 -38.01
CA TRP M 88 -7.22 -14.58 -38.92
C TRP M 88 -5.82 -14.64 -39.51
N LEU M 89 -5.24 -13.47 -39.83
CA LEU M 89 -3.99 -13.44 -40.57
C LEU M 89 -2.81 -13.87 -39.70
N HIS M 90 -2.82 -13.52 -38.42
CA HIS M 90 -1.73 -13.84 -37.52
C HIS M 90 -1.86 -15.23 -36.93
N CYS M 91 -2.74 -16.05 -37.49
CA CYS M 91 -2.90 -17.45 -37.09
C CYS M 91 -3.29 -17.59 -35.62
N MET M 92 -4.01 -16.61 -35.09
CA MET M 92 -4.63 -16.77 -33.78
C MET M 92 -5.88 -17.63 -33.84
N THR M 93 -6.36 -17.95 -35.03
CA THR M 93 -7.53 -18.79 -35.22
C THR M 93 -7.48 -19.37 -36.62
N ASP M 94 -8.26 -20.43 -36.82
CA ASP M 94 -8.37 -21.07 -38.12
C ASP M 94 -9.58 -20.60 -38.91
N ASP M 95 -10.41 -19.74 -38.33
CA ASP M 95 -11.70 -19.39 -38.92
C ASP M 95 -11.71 -17.95 -39.40
N PRO M 96 -11.78 -17.70 -40.71
CA PRO M 96 -11.84 -16.33 -41.19
C PRO M 96 -13.17 -15.69 -40.84
N PRO M 97 -13.24 -14.35 -40.81
CA PRO M 97 -14.51 -13.69 -40.47
C PRO M 97 -15.64 -13.99 -41.45
N THR M 98 -15.33 -14.46 -42.66
CA THR M 98 -16.38 -14.79 -43.61
C THR M 98 -17.23 -15.97 -43.12
N THR M 99 -16.58 -17.03 -42.63
CA THR M 99 -17.33 -18.20 -42.17
C THR M 99 -18.15 -17.89 -40.93
N LYS M 100 -17.51 -17.28 -39.93
CA LYS M 100 -18.23 -16.77 -38.77
C LYS M 100 -17.73 -15.37 -38.43
N PRO M 101 -18.61 -14.38 -38.44
CA PRO M 101 -18.18 -13.01 -38.20
C PRO M 101 -18.17 -12.69 -36.72
N PRO M 102 -17.40 -11.68 -36.31
CA PRO M 102 -17.39 -11.31 -34.89
C PRO M 102 -18.71 -10.67 -34.47
N THR M 103 -18.93 -10.67 -33.15
CA THR M 103 -20.13 -10.08 -32.60
C THR M 103 -20.18 -8.58 -32.90
N ALA M 104 -21.38 -8.07 -33.14
CA ALA M 104 -21.58 -6.67 -33.49
C ALA M 104 -22.03 -5.89 -32.26
N ARG M 105 -21.37 -4.77 -32.00
CA ARG M 105 -21.71 -3.90 -30.89
C ARG M 105 -21.84 -2.47 -31.39
N LYS M 106 -22.69 -1.69 -30.72
CA LYS M 106 -22.99 -0.34 -31.15
C LYS M 106 -21.81 0.61 -30.97
N TYR M 107 -20.82 0.25 -30.16
CA TYR M 107 -19.68 1.12 -29.90
C TYR M 107 -18.45 0.75 -30.73
N ILE M 108 -18.44 -0.42 -31.36
CA ILE M 108 -17.29 -0.85 -32.14
C ILE M 108 -17.16 0.04 -33.37
N TRP M 109 -15.92 0.39 -33.71
CA TRP M 109 -15.66 1.23 -34.87
C TRP M 109 -16.17 0.56 -36.15
N THR M 110 -16.89 1.34 -36.96
CA THR M 110 -17.32 0.87 -38.27
C THR M 110 -16.25 1.07 -39.35
N ASN M 111 -15.21 1.84 -39.05
CA ASN M 111 -14.19 2.18 -40.03
C ASN M 111 -12.83 2.12 -39.36
N HIS M 112 -12.07 1.08 -39.66
CA HIS M 112 -10.75 0.90 -39.05
C HIS M 112 -9.78 1.95 -39.57
N LYS M 113 -8.91 2.42 -38.68
CA LYS M 113 -7.90 3.42 -39.00
C LYS M 113 -6.51 2.85 -38.81
N PHE M 114 -5.56 3.36 -39.57
CA PHE M 114 -4.18 2.90 -39.52
C PHE M 114 -3.40 3.69 -38.47
N ASN M 115 -2.11 3.40 -38.34
CA ASN M 115 -1.23 4.14 -37.44
C ASN M 115 -0.95 5.53 -38.02
N VAL M 116 -1.39 6.56 -37.29
CA VAL M 116 -1.42 7.92 -37.84
C VAL M 116 -0.30 8.77 -37.27
N SER M 117 0.79 8.14 -36.87
CA SER M 117 1.96 8.89 -36.42
C SER M 117 2.57 9.69 -37.57
N GLY M 118 3.05 10.88 -37.27
CA GLY M 118 3.55 11.77 -38.31
C GLY M 118 2.47 12.27 -39.25
N THR M 119 1.31 12.62 -38.70
CA THR M 119 0.12 13.01 -39.44
C THR M 119 -0.67 13.97 -38.58
N PRO M 120 -1.30 14.98 -39.18
CA PRO M 120 -2.15 15.90 -38.37
C PRO M 120 -3.21 15.19 -37.55
N GLN M 121 -3.46 13.90 -37.82
CA GLN M 121 -4.42 13.11 -37.07
C GLN M 121 -3.80 12.36 -35.89
N GLN M 122 -2.51 12.60 -35.62
CA GLN M 122 -1.81 11.84 -34.60
C GLN M 122 -2.30 12.21 -33.19
N TYR M 123 -2.18 11.26 -32.29
CA TYR M 123 -2.64 11.45 -30.92
C TYR M 123 -1.70 12.38 -30.15
N VAL M 124 -2.28 13.38 -29.49
CA VAL M 124 -1.55 14.34 -28.67
C VAL M 124 -2.00 14.17 -27.23
N PRO M 125 -1.11 13.77 -26.31
CA PRO M 125 -1.53 13.56 -24.93
C PRO M 125 -1.89 14.87 -24.22
N TYR M 126 -2.77 14.75 -23.23
CA TYR M 126 -3.17 15.90 -22.43
C TYR M 126 -3.72 15.41 -21.10
N SER M 127 -3.88 16.35 -20.18
CA SER M 127 -4.47 16.04 -18.88
C SER M 127 -5.99 16.03 -18.99
N THR M 128 -6.61 15.02 -18.38
CA THR M 128 -8.06 14.87 -18.46
C THR M 128 -8.80 15.33 -17.21
N THR M 129 -8.11 15.55 -16.10
CA THR M 129 -8.76 16.04 -14.90
C THR M 129 -9.01 17.55 -14.98
N ARG M 130 -9.90 18.02 -14.11
CA ARG M 130 -10.24 19.43 -14.08
C ARG M 130 -9.35 20.18 -13.10
N LYS M 131 -9.62 21.47 -12.97
CA LYS M 131 -8.81 22.34 -12.13
C LYS M 131 -9.05 22.05 -10.66
N LYS M 132 -7.98 21.95 -9.87
CA LYS M 132 -8.10 21.51 -8.48
C LYS M 132 -8.39 22.67 -7.54
N ILE M 133 -7.54 23.69 -7.53
CA ILE M 133 -7.64 24.79 -6.58
C ILE M 133 -8.21 26.01 -7.30
N GLN M 134 -9.29 26.56 -6.77
CA GLN M 134 -9.96 27.72 -7.37
C GLN M 134 -9.45 28.99 -6.71
N GLU M 135 -9.08 29.96 -7.53
CA GLU M 135 -8.60 31.24 -7.03
C GLU M 135 -9.77 32.13 -6.63
N TRP M 136 -9.45 33.13 -5.81
CA TRP M 136 -10.41 34.14 -5.41
C TRP M 136 -10.54 35.19 -6.50
N VAL M 137 -11.76 35.64 -6.76
CA VAL M 137 -12.04 36.67 -7.76
C VAL M 137 -12.36 37.96 -7.03
N PRO M 138 -11.54 39.01 -7.16
CA PRO M 138 -11.82 40.24 -6.44
C PRO M 138 -13.08 40.90 -6.97
N PRO M 139 -13.78 41.66 -6.14
CA PRO M 139 -14.99 42.36 -6.61
C PRO M 139 -14.64 43.46 -7.60
N SER M 140 -15.60 43.73 -8.50
CA SER M 140 -15.41 44.77 -9.49
C SER M 140 -15.87 46.14 -9.01
N THR M 141 -16.55 46.21 -7.87
CA THR M 141 -16.97 47.49 -7.32
C THR M 141 -15.85 48.07 -6.46
N PRO M 142 -15.51 49.35 -6.65
CA PRO M 142 -14.44 49.96 -5.86
C PRO M 142 -14.74 49.96 -4.37
N TYR M 143 -13.68 49.77 -3.58
CA TYR M 143 -13.80 49.59 -2.14
C TYR M 143 -14.10 50.88 -1.42
N LYS M 144 -13.64 52.01 -1.94
CA LYS M 144 -13.89 53.30 -1.30
C LYS M 144 -14.55 54.27 -2.27
N GLY N 1 -39.42 -19.98 5.30
CA GLY N 1 -39.55 -19.07 4.17
C GLY N 1 -39.32 -17.62 4.56
N ALA N 2 -39.16 -16.77 3.55
CA ALA N 2 -38.94 -15.35 3.80
C ALA N 2 -40.19 -14.71 4.40
N GLY N 3 -39.98 -13.81 5.34
CA GLY N 3 -41.08 -13.16 6.03
C GLY N 3 -41.93 -12.29 5.14
N GLY N 4 -41.33 -11.27 4.53
CA GLY N 4 -42.01 -10.37 3.64
C GLY N 4 -42.46 -9.06 4.26
N ALA N 5 -42.40 -8.93 5.58
CA ALA N 5 -42.80 -7.71 6.26
C ALA N 5 -41.59 -6.77 6.34
N LEU N 6 -41.77 -5.54 5.85
CA LEU N 6 -40.69 -4.58 5.83
C LEU N 6 -40.40 -4.06 7.24
N PHE N 7 -39.12 -3.82 7.51
CA PHE N 7 -38.69 -3.29 8.80
C PHE N 7 -38.24 -1.84 8.70
N VAL N 8 -38.68 -1.13 7.66
CA VAL N 8 -38.49 0.29 7.51
C VAL N 8 -39.85 0.92 7.31
N HIS N 9 -39.97 2.20 7.67
CA HIS N 9 -41.25 2.89 7.62
C HIS N 9 -41.15 4.08 6.68
N ARG N 10 -42.11 4.16 5.75
CA ARG N 10 -42.24 5.29 4.85
C ARG N 10 -43.56 5.98 5.12
N ASP N 11 -43.55 7.31 5.11
CA ASP N 11 -44.75 8.07 5.43
C ASP N 11 -45.87 7.75 4.45
N THR N 12 -47.07 7.59 4.98
CA THR N 12 -48.29 7.30 4.26
C THR N 12 -49.38 8.23 4.76
N PRO N 13 -50.33 8.64 3.90
CA PRO N 13 -51.46 9.40 4.41
C PRO N 13 -52.19 8.71 5.55
N GLU N 14 -52.29 7.37 5.50
CA GLU N 14 -52.86 6.61 6.60
C GLU N 14 -51.92 6.48 7.79
N ASN N 15 -50.61 6.42 7.54
CA ASN N 15 -49.61 6.16 8.59
C ASN N 15 -48.52 7.23 8.48
N ASN N 16 -48.74 8.35 9.17
CA ASN N 16 -47.77 9.45 9.20
C ASN N 16 -47.74 10.01 10.61
N PRO N 17 -46.68 10.75 10.96
CA PRO N 17 -46.59 11.29 12.33
C PRO N 17 -47.74 12.22 12.71
N ASP N 18 -48.43 12.81 11.72
CA ASP N 18 -49.56 13.68 12.01
C ASP N 18 -50.86 12.91 12.22
N THR N 19 -50.84 11.59 12.09
CA THR N 19 -52.05 10.81 12.27
C THR N 19 -52.55 10.94 13.72
N PRO N 20 -53.81 11.32 13.93
CA PRO N 20 -54.30 11.48 15.30
C PRO N 20 -54.44 10.14 16.01
N PHE N 21 -53.73 10.01 17.13
CA PHE N 21 -53.89 8.90 18.05
C PHE N 21 -53.66 9.40 19.46
N ASP N 22 -54.50 8.94 20.38
CA ASP N 22 -54.37 9.32 21.78
C ASP N 22 -55.03 8.24 22.61
N PHE N 23 -54.73 8.22 23.91
CA PHE N 23 -55.27 7.24 24.84
C PHE N 23 -56.52 7.81 25.50
N THR N 24 -57.55 6.98 25.62
CA THR N 24 -58.72 7.35 26.38
C THR N 24 -58.38 7.41 27.87
N PRO N 25 -59.16 8.16 28.66
CA PRO N 25 -58.83 8.27 30.10
C PRO N 25 -58.75 6.94 30.83
N GLU N 26 -59.59 5.98 30.45
CA GLU N 26 -59.49 4.65 31.03
C GLU N 26 -58.16 4.00 30.70
N ASN N 27 -57.69 4.19 29.47
CA ASN N 27 -56.36 3.72 29.11
C ASN N 27 -55.28 4.46 29.87
N TYR N 28 -55.52 5.73 30.22
CA TYR N 28 -54.60 6.45 31.10
C TYR N 28 -54.54 5.80 32.49
N LYS N 29 -55.69 5.41 33.03
CA LYS N 29 -55.67 4.71 34.32
C LYS N 29 -54.91 3.40 34.21
N ARG N 30 -55.13 2.65 33.13
CA ARG N 30 -54.41 1.40 32.94
C ARG N 30 -52.92 1.63 32.81
N ILE N 31 -52.51 2.67 32.09
CA ILE N 31 -51.10 3.01 31.96
C ILE N 31 -50.51 3.35 33.32
N GLU N 32 -51.26 4.10 34.14
CA GLU N 32 -50.78 4.46 35.46
C GLU N 32 -50.54 3.22 36.31
N ALA N 33 -51.47 2.26 36.29
CA ALA N 33 -51.26 1.02 37.03
C ALA N 33 -50.07 0.24 36.49
N ILE N 34 -49.94 0.17 35.16
CA ILE N 34 -48.85 -0.57 34.55
C ILE N 34 -47.51 0.00 34.98
N VAL N 35 -47.39 1.33 34.98
CA VAL N 35 -46.15 1.95 35.43
C VAL N 35 -45.95 1.73 36.93
N LYS N 36 -47.05 1.72 37.69
CA LYS N 36 -46.96 1.47 39.12
C LYS N 36 -46.43 0.07 39.43
N ASN N 37 -46.56 -0.87 38.48
CA ASN N 37 -46.02 -2.21 38.71
C ASN N 37 -44.49 -2.18 38.88
N TYR N 38 -43.79 -1.37 38.10
CA TYR N 38 -42.34 -1.48 38.03
C TYR N 38 -41.66 -0.52 39.00
N PRO N 39 -40.43 -0.84 39.42
CA PRO N 39 -39.74 0.01 40.40
C PRO N 39 -39.48 1.42 39.89
N GLU N 40 -39.40 2.36 40.83
CA GLU N 40 -39.15 3.76 40.49
C GLU N 40 -37.83 3.90 39.76
N GLY N 41 -37.83 4.74 38.72
CA GLY N 41 -36.65 4.95 37.92
C GLY N 41 -36.46 4.01 36.76
N HIS N 42 -37.37 3.05 36.58
CA HIS N 42 -37.30 2.06 35.51
C HIS N 42 -38.63 1.98 34.78
N LYS N 43 -39.17 3.14 34.40
CA LYS N 43 -40.45 3.17 33.71
C LYS N 43 -40.38 2.55 32.33
N ALA N 44 -39.20 2.53 31.70
CA ALA N 44 -39.06 1.93 30.38
C ALA N 44 -39.48 0.47 30.36
N ALA N 45 -39.41 -0.21 31.50
CA ALA N 45 -39.86 -1.60 31.60
C ALA N 45 -41.34 -1.75 31.28
N ALA N 46 -42.07 -0.66 31.08
CA ALA N 46 -43.48 -0.70 30.73
C ALA N 46 -43.71 -0.46 29.24
N VAL N 47 -42.65 -0.56 28.42
CA VAL N 47 -42.82 -0.31 26.99
C VAL N 47 -43.70 -1.38 26.37
N LEU N 48 -43.40 -2.65 26.64
CA LEU N 48 -44.19 -3.74 26.05
C LEU N 48 -45.65 -3.72 26.44
N PRO N 49 -46.03 -3.61 27.72
CA PRO N 49 -47.47 -3.61 28.03
C PRO N 49 -48.21 -2.41 27.46
N VAL N 50 -47.71 -1.20 27.70
CA VAL N 50 -48.41 0.01 27.26
C VAL N 50 -48.60 -0.01 25.75
N LEU N 51 -47.55 -0.33 25.00
CA LEU N 51 -47.69 -0.47 23.54
C LEU N 51 -48.81 -1.43 23.20
N ASP N 52 -48.84 -2.60 23.85
CA ASP N 52 -49.93 -3.54 23.62
C ASP N 52 -51.28 -2.87 23.84
N LEU N 53 -51.42 -2.14 24.94
CA LEU N 53 -52.67 -1.44 25.21
C LEU N 53 -53.04 -0.53 24.05
N ALA N 54 -52.06 0.21 23.52
CA ALA N 54 -52.33 1.06 22.37
C ALA N 54 -52.93 0.25 21.23
N GLN N 55 -52.33 -0.90 20.93
CA GLN N 55 -52.88 -1.77 19.90
C GLN N 55 -54.31 -2.17 20.24
N ARG N 56 -54.55 -2.55 21.49
CA ARG N 56 -55.89 -2.99 21.87
C ARG N 56 -56.89 -1.86 21.80
N GLN N 57 -56.41 -0.61 21.76
CA GLN N 57 -57.32 0.51 21.59
C GLN N 57 -57.55 0.82 20.11
N ASN N 58 -56.54 0.55 19.27
CA ASN N 58 -56.60 0.97 17.88
C ASN N 58 -56.75 -0.19 16.90
N GLY N 59 -56.31 -1.38 17.27
CA GLY N 59 -56.33 -2.53 16.40
C GLY N 59 -55.04 -2.77 15.65
N TRP N 60 -54.21 -1.74 15.55
CA TRP N 60 -52.88 -1.86 14.94
C TRP N 60 -52.03 -0.72 15.49
N LEU N 61 -50.78 -0.67 15.05
CA LEU N 61 -49.80 0.28 15.59
C LEU N 61 -49.29 1.20 14.50
N PRO N 62 -49.84 2.40 14.36
CA PRO N 62 -49.23 3.40 13.49
C PRO N 62 -47.97 3.98 14.13
N ILE N 63 -47.26 4.80 13.36
CA ILE N 63 -46.08 5.47 13.89
C ILE N 63 -46.48 6.46 14.98
N SER N 64 -47.69 7.03 14.87
CA SER N 64 -48.16 7.96 15.90
C SER N 64 -48.31 7.28 17.24
N ALA N 65 -48.80 6.04 17.25
CA ALA N 65 -48.94 5.31 18.51
C ALA N 65 -47.58 5.07 19.15
N MET N 66 -46.58 4.69 18.34
CA MET N 66 -45.23 4.49 18.87
C MET N 66 -44.69 5.77 19.47
N ASN N 67 -44.86 6.90 18.75
CA ASN N 67 -44.38 8.18 19.25
C ASN N 67 -45.09 8.57 20.53
N LYS N 68 -46.41 8.34 20.60
CA LYS N 68 -47.17 8.68 21.80
C LYS N 68 -46.71 7.86 23.01
N VAL N 69 -46.48 6.56 22.81
CA VAL N 69 -46.01 5.72 23.92
C VAL N 69 -44.63 6.17 24.37
N ALA N 70 -43.74 6.48 23.41
CA ALA N 70 -42.41 6.97 23.77
C ALA N 70 -42.49 8.27 24.56
N GLU N 71 -43.37 9.18 24.13
CA GLU N 71 -43.54 10.44 24.85
C GLU N 71 -44.07 10.21 26.26
N ILE N 72 -45.05 9.32 26.40
CA ILE N 72 -45.63 9.06 27.71
C ILE N 72 -44.60 8.47 28.66
N LEU N 73 -43.79 7.53 28.16
CA LEU N 73 -42.81 6.84 29.01
C LEU N 73 -41.46 7.54 29.07
N GLN N 74 -41.32 8.71 28.44
CA GLN N 74 -40.05 9.46 28.42
C GLN N 74 -38.88 8.60 27.97
N VAL N 75 -39.06 7.90 26.85
CA VAL N 75 -37.99 7.10 26.26
C VAL N 75 -37.82 7.55 24.81
N PRO N 76 -36.62 7.37 24.25
CA PRO N 76 -36.41 7.72 22.85
C PRO N 76 -37.35 6.93 21.95
N PRO N 77 -37.90 7.56 20.91
CA PRO N 77 -38.83 6.83 20.04
C PRO N 77 -38.21 5.62 19.36
N MET N 78 -36.90 5.66 19.11
CA MET N 78 -36.24 4.53 18.45
C MET N 78 -36.34 3.27 19.29
N ARG N 79 -36.32 3.39 20.61
CA ARG N 79 -36.47 2.22 21.46
C ARG N 79 -37.82 1.55 21.27
N VAL N 80 -38.88 2.36 21.18
CA VAL N 80 -40.20 1.83 20.89
C VAL N 80 -40.23 1.21 19.49
N TYR N 81 -39.51 1.81 18.55
CA TYR N 81 -39.46 1.25 17.20
C TYR N 81 -38.82 -0.14 17.21
N GLU N 82 -37.70 -0.29 17.93
CA GLU N 82 -37.08 -1.62 18.03
C GLU N 82 -38.01 -2.61 18.71
N VAL N 83 -38.67 -2.20 19.79
CA VAL N 83 -39.57 -3.11 20.49
C VAL N 83 -40.71 -3.55 19.57
N ALA N 84 -41.27 -2.60 18.82
CA ALA N 84 -42.38 -2.92 17.93
C ALA N 84 -41.95 -3.84 16.80
N THR N 85 -40.77 -3.61 16.22
CA THR N 85 -40.32 -4.43 15.10
C THR N 85 -39.72 -5.75 15.54
N PHE N 86 -39.42 -5.93 16.82
CA PHE N 86 -38.86 -7.20 17.27
C PHE N 86 -39.95 -8.23 17.55
N TYR N 87 -40.99 -7.83 18.28
CA TYR N 87 -42.02 -8.75 18.73
C TYR N 87 -43.11 -8.91 17.68
N THR N 88 -43.53 -10.16 17.45
CA THR N 88 -44.37 -10.46 16.30
C THR N 88 -45.84 -10.13 16.56
N MET N 89 -46.27 -10.09 17.82
CA MET N 89 -47.68 -9.84 18.09
C MET N 89 -48.09 -8.39 17.84
N TYR N 90 -47.14 -7.50 17.57
CA TYR N 90 -47.46 -6.11 17.29
C TYR N 90 -47.76 -5.96 15.80
N ASN N 91 -48.93 -5.42 15.49
CA ASN N 91 -49.38 -5.25 14.11
C ASN N 91 -49.01 -3.84 13.65
N ARG N 92 -48.03 -3.74 12.77
CA ARG N 92 -47.62 -2.45 12.22
C ARG N 92 -48.39 -2.09 10.96
N LYS N 93 -49.30 -2.94 10.51
CA LYS N 93 -50.18 -2.69 9.39
C LYS N 93 -51.62 -3.05 9.79
N PRO N 94 -52.61 -2.38 9.21
CA PRO N 94 -54.01 -2.69 9.55
C PRO N 94 -54.34 -4.14 9.22
N VAL N 95 -55.15 -4.75 10.08
CA VAL N 95 -55.61 -6.12 9.91
C VAL N 95 -57.12 -6.15 10.11
N GLY N 96 -57.74 -7.24 9.65
CA GLY N 96 -59.15 -7.41 9.82
C GLY N 96 -59.53 -7.60 11.28
N LYS N 97 -60.81 -7.37 11.56
CA LYS N 97 -61.28 -7.46 12.94
C LYS N 97 -61.13 -8.87 13.52
N TYR N 98 -61.05 -9.88 12.66
CA TYR N 98 -60.83 -11.26 13.08
C TYR N 98 -59.51 -11.73 12.51
N HIS N 99 -58.51 -11.86 13.38
CA HIS N 99 -57.15 -12.21 12.96
C HIS N 99 -56.95 -13.71 13.15
N ILE N 100 -56.87 -14.43 12.03
CA ILE N 100 -56.74 -15.88 12.04
C ILE N 100 -55.27 -16.23 11.99
N GLN N 101 -54.81 -17.04 12.94
CA GLN N 101 -53.42 -17.48 13.00
C GLN N 101 -53.40 -18.99 13.09
N VAL N 102 -52.74 -19.63 12.13
CA VAL N 102 -52.69 -21.09 12.02
C VAL N 102 -51.28 -21.54 12.35
N CYS N 103 -51.17 -22.57 13.19
CA CYS N 103 -49.88 -23.12 13.57
C CYS N 103 -49.52 -24.26 12.63
N THR N 104 -48.35 -24.17 12.00
CA THR N 104 -47.91 -25.17 11.04
C THR N 104 -46.54 -25.73 11.39
N THR N 105 -46.20 -25.72 12.68
CA THR N 105 -44.96 -26.32 13.11
C THR N 105 -45.11 -27.85 13.08
N THR N 106 -43.98 -28.56 13.27
CA THR N 106 -43.96 -30.00 13.08
C THR N 106 -45.01 -30.74 13.90
N PRO N 107 -45.20 -30.47 15.20
CA PRO N 107 -46.27 -31.19 15.92
C PRO N 107 -47.65 -30.96 15.35
N CYS N 108 -47.95 -29.77 14.82
CA CYS N 108 -49.24 -29.57 14.17
C CYS N 108 -49.23 -30.06 12.73
N MET N 109 -48.11 -29.87 12.02
CA MET N 109 -48.02 -30.35 10.64
C MET N 109 -48.19 -31.86 10.57
N LEU N 110 -47.76 -32.59 11.59
CA LEU N 110 -47.88 -34.04 11.59
C LEU N 110 -49.34 -34.46 11.56
N ARG N 111 -50.20 -33.78 12.33
CA ARG N 111 -51.62 -34.11 12.33
C ARG N 111 -52.38 -33.27 11.31
N ASN N 112 -51.84 -33.24 10.09
CA ASN N 112 -52.49 -32.66 8.90
C ASN N 112 -53.08 -31.29 9.20
N SER N 113 -52.20 -30.36 9.57
CA SER N 113 -52.59 -28.97 9.73
C SER N 113 -52.63 -28.21 8.42
N ASP N 114 -52.09 -28.78 7.35
CA ASP N 114 -52.18 -28.14 6.04
C ASP N 114 -53.61 -28.18 5.49
N SER N 115 -54.36 -29.23 5.84
CA SER N 115 -55.74 -29.32 5.39
C SER N 115 -56.59 -28.19 5.94
N ILE N 116 -56.39 -27.82 7.19
CA ILE N 116 -57.15 -26.73 7.78
C ILE N 116 -56.80 -25.40 7.12
N LEU N 117 -55.52 -25.17 6.87
CA LEU N 117 -55.11 -23.96 6.16
C LEU N 117 -55.71 -23.91 4.76
N GLU N 118 -55.74 -25.04 4.06
CA GLU N 118 -56.33 -25.07 2.73
C GLU N 118 -57.84 -24.87 2.79
N ALA N 119 -58.49 -25.39 3.83
CA ALA N 119 -59.92 -25.15 4.02
C ALA N 119 -60.20 -23.67 4.23
N ILE N 120 -59.35 -23.00 5.01
CA ILE N 120 -59.48 -21.56 5.17
C ILE N 120 -59.26 -20.85 3.85
N GLN N 121 -58.26 -21.29 3.08
CA GLN N 121 -58.04 -20.76 1.73
C GLN N 121 -59.31 -20.82 0.91
N LYS N 122 -59.94 -21.99 0.86
CA LYS N 122 -61.12 -22.18 0.02
C LYS N 122 -62.32 -21.39 0.53
N LYS N 123 -62.54 -21.39 1.84
CA LYS N 123 -63.70 -20.68 2.39
C LYS N 123 -63.56 -19.17 2.20
N LEU N 124 -62.34 -18.64 2.36
CA LEU N 124 -62.15 -17.20 2.32
C LEU N 124 -61.74 -16.68 0.95
N GLY N 125 -61.21 -17.54 0.08
CA GLY N 125 -60.79 -17.10 -1.23
C GLY N 125 -59.61 -16.16 -1.24
N ILE N 126 -58.81 -16.17 -0.16
CA ILE N 126 -57.61 -15.34 -0.07
C ILE N 126 -56.42 -16.25 0.18
N LYS N 127 -55.24 -15.74 -0.12
CA LYS N 127 -54.01 -16.52 -0.02
C LYS N 127 -53.53 -16.55 1.43
N VAL N 128 -52.30 -17.02 1.64
CA VAL N 128 -51.83 -17.32 2.99
C VAL N 128 -51.76 -16.06 3.85
N GLY N 129 -51.20 -14.98 3.29
CA GLY N 129 -50.98 -13.77 4.05
C GLY N 129 -51.82 -12.57 3.69
N GLU N 130 -52.88 -12.75 2.90
CA GLU N 130 -53.66 -11.62 2.40
C GLU N 130 -54.81 -11.30 3.35
N THR N 131 -55.65 -10.34 2.96
CA THR N 131 -56.79 -9.91 3.75
C THR N 131 -58.02 -9.89 2.86
N THR N 132 -59.16 -10.30 3.43
CA THR N 132 -60.39 -10.32 2.65
C THR N 132 -60.80 -8.90 2.28
N PRO N 133 -61.47 -8.71 1.14
CA PRO N 133 -61.79 -7.34 0.71
C PRO N 133 -62.69 -6.58 1.66
N ASP N 134 -63.52 -7.27 2.44
CA ASP N 134 -64.44 -6.61 3.36
C ASP N 134 -63.79 -6.25 4.69
N LYS N 135 -62.52 -6.59 4.88
CA LYS N 135 -61.77 -6.28 6.10
C LYS N 135 -62.37 -6.98 7.32
N LEU N 136 -62.78 -8.23 7.13
CA LEU N 136 -63.28 -9.07 8.21
C LEU N 136 -62.25 -10.06 8.73
N PHE N 137 -61.45 -10.64 7.85
CA PHE N 137 -60.52 -11.70 8.22
C PHE N 137 -59.13 -11.42 7.67
N THR N 138 -58.12 -11.79 8.45
CA THR N 138 -56.72 -11.70 8.03
C THR N 138 -56.04 -13.01 8.39
N LEU N 139 -55.51 -13.70 7.39
CA LEU N 139 -54.92 -15.01 7.58
C LEU N 139 -53.41 -14.88 7.68
N ILE N 140 -52.84 -15.52 8.70
CA ILE N 140 -51.39 -15.52 8.92
C ILE N 140 -50.98 -16.89 9.44
N GLU N 141 -49.88 -17.41 8.93
CA GLU N 141 -49.31 -18.69 9.34
C GLU N 141 -48.20 -18.45 10.35
N VAL N 142 -48.34 -19.04 11.54
CA VAL N 142 -47.47 -18.73 12.67
C VAL N 142 -46.74 -20.00 13.09
N GLU N 143 -45.88 -19.85 14.10
CA GLU N 143 -45.11 -20.94 14.66
C GLU N 143 -45.89 -21.58 15.81
N CYS N 144 -45.22 -22.40 16.63
CA CYS N 144 -45.88 -23.11 17.71
C CYS N 144 -46.63 -22.15 18.61
N LEU N 145 -47.79 -22.59 19.11
CA LEU N 145 -48.68 -21.77 19.93
C LEU N 145 -48.95 -22.37 21.29
N GLY N 146 -48.17 -23.36 21.72
CA GLY N 146 -48.35 -23.92 23.04
C GLY N 146 -49.49 -24.90 23.18
N ALA N 147 -50.11 -25.30 22.07
CA ALA N 147 -51.21 -26.26 22.08
C ALA N 147 -50.88 -27.45 21.18
N CYS N 148 -49.61 -27.89 21.22
CA CYS N 148 -49.17 -28.96 20.34
C CYS N 148 -49.88 -30.27 20.65
N VAL N 149 -50.10 -30.56 21.93
CA VAL N 149 -50.64 -31.86 22.31
C VAL N 149 -52.07 -32.01 21.82
N ASN N 150 -52.76 -30.90 21.57
CA ASN N 150 -54.15 -30.92 21.13
C ASN N 150 -54.30 -30.36 19.72
N ALA N 151 -53.35 -30.66 18.84
CA ALA N 151 -53.30 -30.15 17.49
C ALA N 151 -54.33 -30.86 16.60
N PRO N 152 -54.72 -30.24 15.48
CA PRO N 152 -54.35 -28.90 15.00
C PRO N 152 -55.19 -27.80 15.62
N MET N 153 -54.68 -26.58 15.62
CA MET N 153 -55.31 -25.50 16.35
C MET N 153 -55.10 -24.18 15.63
N VAL N 154 -55.98 -23.22 15.92
CA VAL N 154 -55.90 -21.87 15.40
C VAL N 154 -56.16 -20.89 16.53
N GLN N 155 -55.72 -19.64 16.31
CA GLN N 155 -55.93 -18.55 17.26
C GLN N 155 -56.67 -17.43 16.53
N ILE N 156 -57.78 -16.97 17.09
CA ILE N 156 -58.57 -15.88 16.52
C ILE N 156 -58.87 -14.90 17.65
N ASN N 157 -58.07 -13.84 17.75
CA ASN N 157 -58.30 -12.73 18.67
C ASN N 157 -58.39 -13.22 20.11
N ASP N 158 -57.25 -13.71 20.60
CA ASP N 158 -57.06 -14.14 21.97
C ASP N 158 -57.89 -15.37 22.33
N ASN N 159 -58.31 -16.14 21.33
CA ASN N 159 -59.10 -17.34 21.56
C ASN N 159 -58.46 -18.50 20.81
N TYR N 160 -58.53 -19.68 21.43
CA TYR N 160 -57.93 -20.90 20.91
C TYR N 160 -59.03 -21.84 20.46
N TYR N 161 -58.98 -22.23 19.19
CA TYR N 161 -59.89 -23.24 18.64
C TYR N 161 -59.06 -24.44 18.22
N GLU N 162 -59.24 -25.56 18.92
CA GLU N 162 -58.28 -26.65 18.89
C GLU N 162 -58.97 -27.92 18.43
N ASP N 163 -58.14 -28.94 18.13
CA ASP N 163 -58.61 -30.24 17.64
C ASP N 163 -59.48 -30.07 16.39
N LEU N 164 -59.04 -29.21 15.48
CA LEU N 164 -59.87 -28.82 14.36
C LEU N 164 -59.80 -29.82 13.22
N THR N 165 -60.88 -29.87 12.45
CA THR N 165 -60.99 -30.55 11.17
C THR N 165 -61.42 -29.51 10.15
N PRO N 166 -61.31 -29.82 8.84
CA PRO N 166 -61.78 -28.87 7.84
C PRO N 166 -63.24 -28.44 8.07
N LYS N 167 -64.08 -29.41 8.44
CA LYS N 167 -65.47 -29.07 8.74
C LYS N 167 -65.56 -28.13 9.94
N ASP N 168 -64.77 -28.38 10.97
CA ASP N 168 -64.82 -27.56 12.18
C ASP N 168 -64.41 -26.12 11.88
N ILE N 169 -63.34 -25.93 11.13
CA ILE N 169 -62.91 -24.57 10.81
C ILE N 169 -63.89 -23.90 9.87
N GLU N 170 -64.49 -24.65 8.93
CA GLU N 170 -65.56 -24.07 8.10
C GLU N 170 -66.70 -23.56 8.97
N GLU N 171 -67.13 -24.37 9.94
CA GLU N 171 -68.22 -23.95 10.82
C GLU N 171 -67.82 -22.72 11.64
N ILE N 172 -66.59 -22.69 12.14
CA ILE N 172 -66.14 -21.54 12.94
C ILE N 172 -66.15 -20.28 12.09
N ILE N 173 -65.65 -20.38 10.85
CA ILE N 173 -65.61 -19.20 9.99
C ILE N 173 -67.01 -18.72 9.65
N ASP N 174 -67.92 -19.63 9.31
CA ASP N 174 -69.26 -19.17 8.97
C ASP N 174 -69.99 -18.60 10.18
N GLU N 175 -69.78 -19.17 11.37
CA GLU N 175 -70.38 -18.64 12.58
C GLU N 175 -69.82 -17.27 12.93
N LEU N 176 -68.52 -17.05 12.70
CA LEU N 176 -67.95 -15.72 12.92
C LEU N 176 -68.49 -14.72 11.91
N LYS N 177 -68.71 -15.17 10.66
CA LYS N 177 -69.31 -14.31 9.66
C LYS N 177 -70.72 -13.90 10.06
N ALA N 178 -71.49 -14.84 10.62
CA ALA N 178 -72.87 -14.54 10.98
C ALA N 178 -72.96 -13.42 12.01
N GLY N 179 -72.07 -13.44 13.01
CA GLY N 179 -72.03 -12.37 13.98
C GLY N 179 -71.84 -12.82 15.41
N LYS N 180 -72.36 -13.99 15.75
CA LYS N 180 -72.21 -14.49 17.11
C LYS N 180 -70.81 -15.03 17.33
N ILE N 181 -70.42 -15.15 18.59
CA ILE N 181 -69.09 -15.60 18.98
C ILE N 181 -69.13 -17.11 19.19
N PRO N 182 -68.21 -17.87 18.60
CA PRO N 182 -68.16 -19.31 18.88
C PRO N 182 -67.49 -19.59 20.22
N LYS N 183 -67.73 -20.80 20.72
CA LYS N 183 -67.15 -21.20 22.00
C LYS N 183 -65.70 -21.65 21.78
N PRO N 184 -64.73 -21.11 22.51
CA PRO N 184 -63.35 -21.54 22.35
C PRO N 184 -63.10 -22.90 22.99
N GLY N 185 -61.99 -23.51 22.59
CA GLY N 185 -61.59 -24.77 23.17
C GLY N 185 -61.54 -25.88 22.12
N PRO N 186 -61.08 -27.06 22.54
CA PRO N 186 -61.01 -28.19 21.62
C PRO N 186 -62.40 -28.64 21.18
N ARG N 187 -62.47 -29.17 19.96
CA ARG N 187 -63.69 -29.74 19.43
C ARG N 187 -63.73 -31.24 19.72
N SER N 188 -64.67 -31.93 19.07
CA SER N 188 -64.75 -33.39 19.09
C SER N 188 -64.97 -33.92 20.51
N GLY N 189 -65.78 -33.21 21.29
CA GLY N 189 -66.16 -33.68 22.61
C GLY N 189 -65.01 -33.91 23.56
N ARG N 190 -63.99 -33.06 23.51
CA ARG N 190 -62.83 -33.17 24.37
C ARG N 190 -62.70 -31.91 25.19
N PHE N 191 -62.32 -32.05 26.45
CA PHE N 191 -62.13 -30.92 27.35
C PHE N 191 -60.73 -30.98 27.93
N SER N 192 -59.95 -29.91 27.70
CA SER N 192 -58.67 -29.70 28.38
C SER N 192 -57.67 -30.81 28.11
N CYS N 193 -57.44 -31.09 26.83
CA CYS N 193 -56.40 -32.02 26.35
C CYS N 193 -56.33 -33.30 27.19
N GLU N 194 -57.47 -33.83 27.55
CA GLU N 194 -57.53 -35.14 28.17
C GLU N 194 -57.47 -36.22 27.10
N PRO N 195 -57.05 -37.44 27.45
CA PRO N 195 -57.10 -38.53 26.48
C PRO N 195 -58.52 -38.77 25.99
N ALA N 196 -58.64 -39.12 24.71
CA ALA N 196 -59.95 -39.25 24.09
C ALA N 196 -60.77 -40.37 24.74
N GLY N 197 -60.14 -41.50 25.04
CA GLY N 197 -60.84 -42.61 25.66
C GLY N 197 -60.02 -43.32 26.72
N GLY N 198 -58.83 -42.79 27.00
CA GLY N 198 -57.94 -43.42 27.96
C GLY N 198 -58.32 -43.15 29.40
N LEU N 199 -58.25 -41.88 29.81
CA LEU N 199 -58.46 -41.50 31.20
C LEU N 199 -57.57 -42.30 32.14
N THR N 200 -56.29 -42.39 31.78
CA THR N 200 -55.34 -43.23 32.50
C THR N 200 -54.82 -42.57 33.77
N SER N 201 -55.14 -41.32 34.02
CA SER N 201 -54.66 -40.61 35.20
C SER N 201 -55.75 -39.69 35.73
N LEU N 202 -55.64 -39.35 37.01
CA LEU N 202 -56.58 -38.45 37.69
C LEU N 202 -58.01 -38.97 37.57
N THR N 203 -58.22 -40.17 38.11
CA THR N 203 -59.53 -40.80 38.14
C THR N 203 -60.15 -40.84 39.52
N GLU N 204 -59.34 -41.07 40.55
CA GLU N 204 -59.83 -41.09 41.92
C GLU N 204 -60.12 -39.66 42.38
N PRO N 205 -61.06 -39.49 43.31
CA PRO N 205 -61.24 -38.18 43.92
C PRO N 205 -59.97 -37.72 44.59
N PRO N 206 -59.61 -36.44 44.44
CA PRO N 206 -58.36 -35.95 45.01
C PRO N 206 -58.40 -35.97 46.54
N LYS N 207 -57.24 -36.21 47.14
CA LYS N 207 -57.15 -36.26 48.59
C LYS N 207 -57.21 -34.86 49.18
N GLY N 208 -57.68 -34.79 50.43
CA GLY N 208 -57.90 -33.53 51.08
C GLY N 208 -56.63 -32.91 51.60
N PRO N 209 -56.78 -31.80 52.34
CA PRO N 209 -55.61 -31.07 52.83
C PRO N 209 -54.76 -31.90 53.79
N GLY N 210 -53.46 -31.71 53.72
CA GLY N 210 -52.54 -32.36 54.63
C GLY N 210 -52.51 -33.87 54.55
N PHE N 211 -52.52 -34.42 53.34
CA PHE N 211 -52.54 -35.87 53.20
C PHE N 211 -51.23 -36.50 53.65
N GLY N 212 -50.11 -35.92 53.25
CA GLY N 212 -48.82 -36.52 53.54
C GLY N 212 -47.81 -35.57 54.16
N VAL N 213 -48.27 -34.67 55.02
CA VAL N 213 -47.35 -33.75 55.68
C VAL N 213 -46.41 -34.53 56.59
N GLN N 214 -45.11 -34.22 56.49
CA GLN N 214 -44.14 -34.93 57.30
C GLN N 214 -44.20 -34.46 58.75
N ALA N 215 -43.56 -35.24 59.62
CA ALA N 215 -43.56 -34.93 61.05
C ALA N 215 -42.76 -33.66 61.33
N GLY N 216 -43.12 -33.00 62.43
CA GLY N 216 -42.46 -31.77 62.82
C GLY N 216 -42.97 -30.53 62.12
N LEU N 217 -44.01 -30.64 61.30
CA LEU N 217 -44.56 -29.49 60.60
C LEU N 217 -46.06 -29.39 60.83
N THR O 1 0.24 -32.92 7.24
CA THR O 1 1.03 -32.33 6.16
C THR O 1 0.50 -32.80 4.80
N ARG O 2 -0.20 -31.89 4.13
CA ARG O 2 -0.84 -32.18 2.86
C ARG O 2 0.09 -31.80 1.72
N PRO O 3 -0.30 -32.06 0.44
CA PRO O 3 0.62 -31.74 -0.66
C PRO O 3 0.89 -30.25 -0.85
N THR O 4 0.24 -29.41 -0.06
CA THR O 4 0.44 -27.97 -0.13
C THR O 4 1.53 -27.47 0.81
N ILE O 5 2.19 -28.36 1.55
CA ILE O 5 3.18 -28.00 2.54
C ILE O 5 4.51 -28.63 2.14
N ARG O 6 5.58 -27.84 2.20
CA ARG O 6 6.90 -28.34 1.85
C ARG O 6 7.37 -29.34 2.91
N PRO O 7 7.74 -30.56 2.51
CA PRO O 7 8.11 -31.57 3.51
C PRO O 7 9.42 -31.24 4.21
N ARG O 8 9.54 -31.74 5.43
CA ARG O 8 10.72 -31.54 6.26
C ARG O 8 11.68 -32.71 6.12
N ASN O 9 12.97 -32.41 6.18
CA ASN O 9 14.03 -33.42 6.21
C ASN O 9 14.70 -33.35 7.58
N ASP O 10 14.70 -34.47 8.30
CA ASP O 10 15.26 -34.50 9.64
C ASP O 10 16.68 -35.01 9.68
N VAL O 11 17.05 -35.91 8.76
CA VAL O 11 18.41 -36.43 8.71
C VAL O 11 19.40 -35.31 8.47
N VAL O 12 19.13 -34.48 7.46
CA VAL O 12 20.01 -33.36 7.15
C VAL O 12 20.01 -32.33 8.27
N HIS O 13 18.87 -32.13 8.92
CA HIS O 13 18.82 -31.21 10.05
C HIS O 13 19.77 -31.66 11.16
N LYS O 14 19.70 -32.93 11.53
CA LYS O 14 20.58 -33.45 12.58
C LYS O 14 22.05 -33.40 12.14
N GLN O 15 22.33 -33.75 10.89
CA GLN O 15 23.71 -33.72 10.41
C GLN O 15 24.27 -32.31 10.45
N LEU O 16 23.49 -31.32 10.01
CA LEU O 16 23.97 -29.94 10.02
C LEU O 16 24.15 -29.43 11.44
N SER O 17 23.25 -29.81 12.35
CA SER O 17 23.42 -29.40 13.74
C SER O 17 24.70 -30.00 14.33
N ALA O 18 24.95 -31.27 14.07
CA ALA O 18 26.16 -31.91 14.59
C ALA O 18 27.41 -31.26 14.02
N PHE O 19 27.42 -30.97 12.72
CA PHE O 19 28.60 -30.33 12.13
C PHE O 19 28.79 -28.91 12.65
N GLY O 20 27.69 -28.17 12.87
CA GLY O 20 27.83 -26.86 13.43
C GLY O 20 28.41 -26.88 14.83
N GLN O 21 27.97 -27.85 15.65
CA GLN O 21 28.55 -28.01 16.97
C GLN O 21 30.02 -28.40 16.87
N TYR O 22 30.37 -29.21 15.88
CA TYR O 22 31.77 -29.59 15.66
C TYR O 22 32.63 -28.38 15.35
N VAL O 23 32.19 -27.54 14.41
CA VAL O 23 32.93 -26.33 14.06
C VAL O 23 33.02 -25.39 15.25
N ALA O 24 31.95 -25.32 16.05
CA ALA O 24 31.97 -24.49 17.24
C ALA O 24 33.00 -24.99 18.24
N GLU O 25 33.09 -26.30 18.43
CA GLU O 25 34.07 -26.86 19.34
C GLU O 25 35.49 -26.61 18.88
N ILE O 26 35.75 -26.73 17.57
CA ILE O 26 37.11 -26.59 17.08
C ILE O 26 37.60 -25.15 17.20
N LEU O 27 36.71 -24.17 16.98
CA LEU O 27 37.08 -22.76 16.89
C LEU O 27 36.30 -21.94 17.91
N PRO O 28 36.55 -22.12 19.21
CA PRO O 28 35.83 -21.33 20.21
C PRO O 28 36.30 -19.89 20.31
N LYS O 29 37.41 -19.53 19.68
CA LYS O 29 37.93 -18.17 19.81
C LYS O 29 37.11 -17.18 19.00
N TYR O 30 36.51 -17.61 17.90
CA TYR O 30 35.83 -16.73 16.97
C TYR O 30 34.34 -16.98 16.86
N VAL O 31 33.91 -18.24 16.92
CA VAL O 31 32.50 -18.56 16.69
C VAL O 31 31.66 -18.01 17.84
N GLN O 32 30.68 -17.18 17.50
CA GLN O 32 29.76 -16.62 18.49
C GLN O 32 28.42 -17.32 18.52
N GLN O 33 27.95 -17.87 17.42
CA GLN O 33 26.65 -18.52 17.40
C GLN O 33 26.57 -19.45 16.20
N VAL O 34 25.74 -20.48 16.31
CA VAL O 34 25.49 -21.40 15.21
C VAL O 34 23.99 -21.66 15.15
N GLN O 35 23.42 -21.59 13.94
CA GLN O 35 21.99 -21.80 13.73
C GLN O 35 21.76 -22.75 12.56
N VAL O 36 20.67 -23.49 12.64
CA VAL O 36 20.21 -24.34 11.55
C VAL O 36 18.78 -23.93 11.22
N SER O 37 18.51 -23.64 9.95
CA SER O 37 17.19 -23.22 9.53
C SER O 37 16.23 -24.39 9.52
N CYS O 38 14.93 -24.07 9.50
CA CYS O 38 13.92 -25.11 9.42
C CYS O 38 13.96 -25.82 8.08
N PHE O 39 14.55 -25.20 7.06
CA PHE O 39 14.75 -25.82 5.76
C PHE O 39 16.19 -26.29 5.56
N ASN O 40 16.87 -26.66 6.65
CA ASN O 40 18.19 -27.29 6.62
C ASN O 40 19.23 -26.40 5.96
N GLU O 41 19.46 -25.24 6.57
CA GLU O 41 20.54 -24.34 6.17
C GLU O 41 21.33 -23.96 7.41
N LEU O 42 22.63 -24.20 7.36
CA LEU O 42 23.50 -23.99 8.52
C LEU O 42 24.25 -22.67 8.38
N GLU O 43 24.14 -21.81 9.38
CA GLU O 43 24.80 -20.52 9.37
C GLU O 43 25.57 -20.30 10.66
N ILE O 44 26.75 -19.70 10.53
CA ILE O 44 27.68 -19.52 11.64
C ILE O 44 27.97 -18.03 11.78
N PHE O 45 27.81 -17.51 13.00
CA PHE O 45 28.08 -16.11 13.31
C PHE O 45 29.37 -16.03 14.10
N ILE O 46 30.34 -15.27 13.60
CA ILE O 46 31.69 -15.22 14.14
C ILE O 46 32.09 -13.77 14.37
N HIS O 47 33.14 -13.60 15.17
CA HIS O 47 33.74 -12.30 15.37
C HIS O 47 34.46 -11.85 14.10
N PRO O 48 34.47 -10.55 13.81
CA PRO O 48 35.11 -10.07 12.57
C PRO O 48 36.59 -10.41 12.47
N ASP O 49 37.29 -10.51 13.60
CA ASP O 49 38.73 -10.80 13.56
C ASP O 49 39.04 -12.23 13.13
N GLY O 50 38.03 -13.09 13.02
CA GLY O 50 38.26 -14.47 12.66
C GLY O 50 37.86 -14.85 11.26
N VAL O 51 37.78 -13.87 10.35
CA VAL O 51 37.41 -14.17 8.98
C VAL O 51 38.48 -15.03 8.31
N ILE O 52 39.74 -14.60 8.40
CA ILE O 52 40.82 -15.35 7.75
C ILE O 52 41.00 -16.73 8.35
N PRO O 53 41.06 -16.91 9.68
CA PRO O 53 41.20 -18.27 10.20
C PRO O 53 40.02 -19.18 9.86
N VAL O 54 38.81 -18.79 10.24
CA VAL O 54 37.65 -19.68 10.12
C VAL O 54 37.47 -20.12 8.68
N LEU O 55 37.41 -19.16 7.76
CA LEU O 55 37.31 -19.50 6.34
C LEU O 55 38.40 -20.49 5.94
N THR O 56 39.65 -20.19 6.30
CA THR O 56 40.74 -21.09 5.96
C THR O 56 40.47 -22.49 6.49
N PHE O 57 40.05 -22.59 7.75
CA PHE O 57 39.71 -23.88 8.30
C PHE O 57 38.66 -24.56 7.44
N LEU O 58 37.57 -23.86 7.14
CA LEU O 58 36.50 -24.46 6.36
C LEU O 58 36.98 -24.83 4.97
N ARG O 59 37.97 -24.11 4.44
CA ARG O 59 38.49 -24.45 3.13
C ARG O 59 39.43 -25.64 3.19
N ASP O 60 40.15 -25.79 4.31
CA ASP O 60 41.30 -26.69 4.33
C ASP O 60 41.12 -27.93 5.18
N HIS O 61 40.19 -27.93 6.12
CA HIS O 61 40.02 -29.09 6.98
C HIS O 61 39.51 -30.29 6.19
N THR O 62 39.94 -31.48 6.61
CA THR O 62 39.55 -32.69 5.90
C THR O 62 38.06 -32.99 6.08
N ASN O 63 37.51 -32.75 7.26
CA ASN O 63 36.08 -32.97 7.44
C ASN O 63 35.23 -31.92 6.73
N ALA O 64 35.73 -30.70 6.57
CA ALA O 64 34.96 -29.64 5.93
C ALA O 64 35.26 -29.50 4.44
N GLN O 65 36.48 -29.12 4.11
CA GLN O 65 36.95 -28.83 2.74
C GLN O 65 35.86 -28.20 1.88
N PHE O 66 35.37 -27.04 2.34
CA PHE O 66 34.45 -26.20 1.57
C PHE O 66 35.29 -25.46 0.55
N LYS O 67 35.50 -26.08 -0.61
CA LYS O 67 36.43 -25.55 -1.59
C LYS O 67 35.89 -24.40 -2.42
N SER O 68 34.57 -24.23 -2.50
CA SER O 68 33.99 -23.24 -3.40
C SER O 68 33.38 -22.09 -2.63
N LEU O 69 33.58 -20.87 -3.11
CA LEU O 69 32.92 -19.68 -2.60
C LEU O 69 31.77 -19.34 -3.54
N ALA O 70 30.55 -19.68 -3.14
CA ALA O 70 29.40 -19.42 -3.99
C ALA O 70 29.13 -17.93 -4.14
N ASP O 71 29.16 -17.20 -3.04
CA ASP O 71 28.77 -15.79 -3.08
C ASP O 71 29.29 -15.09 -1.83
N LEU O 72 29.53 -13.79 -1.95
CA LEU O 72 29.90 -12.95 -0.83
C LEU O 72 29.15 -11.64 -0.97
N THR O 73 28.34 -11.30 0.05
CA THR O 73 27.45 -10.14 -0.03
C THR O 73 27.42 -9.44 1.31
N ALA O 74 26.77 -8.30 1.35
CA ALA O 74 26.58 -7.52 2.57
C ALA O 74 25.12 -7.11 2.70
N VAL O 75 24.65 -7.04 3.93
CA VAL O 75 23.28 -6.67 4.24
C VAL O 75 23.31 -5.47 5.17
N ASP O 76 22.50 -4.46 4.84
CA ASP O 76 22.49 -3.19 5.57
C ASP O 76 21.31 -3.16 6.53
N VAL O 77 21.59 -3.04 7.81
CA VAL O 77 20.57 -2.89 8.85
C VAL O 77 20.90 -1.64 9.65
N PRO O 78 20.30 -0.50 9.31
CA PRO O 78 20.68 0.77 9.97
C PRO O 78 20.43 0.81 11.46
N THR O 79 19.52 -0.01 11.98
CA THR O 79 19.19 0.06 13.40
C THR O 79 20.25 -0.58 14.29
N ARG O 80 21.21 -1.29 13.71
CA ARG O 80 22.27 -1.91 14.50
C ARG O 80 23.45 -0.96 14.64
N GLN O 81 24.15 -1.09 15.76
CA GLN O 81 25.36 -0.29 15.97
C GLN O 81 26.41 -0.63 14.91
N ASN O 82 26.62 -1.92 14.65
CA ASN O 82 27.46 -2.36 13.55
C ASN O 82 26.56 -2.52 12.34
N ARG O 83 26.58 -1.52 11.47
CA ARG O 83 25.57 -1.37 10.44
C ARG O 83 25.56 -2.53 9.46
N PHE O 84 26.73 -2.95 9.00
CA PHE O 84 26.82 -3.86 7.87
C PHE O 84 27.05 -5.29 8.31
N GLU O 85 26.49 -6.21 7.54
CA GLU O 85 26.50 -7.64 7.81
C GLU O 85 27.08 -8.36 6.61
N ILE O 86 28.27 -8.91 6.78
CA ILE O 86 29.02 -9.55 5.71
C ILE O 86 28.71 -11.04 5.72
N VAL O 87 28.30 -11.58 4.57
CA VAL O 87 27.83 -12.95 4.46
C VAL O 87 28.70 -13.70 3.46
N TYR O 88 29.25 -14.83 3.87
CA TYR O 88 30.03 -15.71 3.02
C TYR O 88 29.27 -17.01 2.83
N ASN O 89 29.03 -17.38 1.58
CA ASN O 89 28.35 -18.62 1.25
C ASN O 89 29.36 -19.58 0.64
N LEU O 90 29.52 -20.75 1.26
CA LEU O 90 30.52 -21.71 0.83
C LEU O 90 29.86 -23.02 0.43
N LEU O 91 30.44 -23.67 -0.57
CA LEU O 91 29.95 -24.94 -1.08
C LEU O 91 31.08 -25.98 -1.00
N SER O 92 30.73 -27.16 -0.47
CA SER O 92 31.63 -28.31 -0.36
C SER O 92 31.18 -29.36 -1.36
N LEU O 93 32.04 -29.67 -2.32
CA LEU O 93 31.76 -30.67 -3.33
C LEU O 93 32.05 -32.08 -2.82
N ARG O 94 32.99 -32.22 -1.90
CA ARG O 94 33.34 -33.54 -1.38
C ARG O 94 32.22 -34.11 -0.53
N PHE O 95 31.53 -33.27 0.23
CA PHE O 95 30.45 -33.69 1.09
C PHE O 95 29.09 -33.21 0.61
N ASN O 96 29.04 -32.48 -0.50
CA ASN O 96 27.79 -32.05 -1.13
C ASN O 96 26.95 -31.22 -0.13
N SER O 97 27.59 -30.17 0.38
CA SER O 97 26.98 -29.40 1.45
C SER O 97 27.21 -27.91 1.22
N ARG O 98 26.47 -27.10 1.97
CA ARG O 98 26.59 -25.66 1.90
C ARG O 98 26.64 -25.09 3.31
N ILE O 99 27.40 -24.02 3.48
CA ILE O 99 27.51 -23.34 4.77
C ILE O 99 27.45 -21.83 4.55
N ARG O 100 27.11 -21.12 5.62
CA ARG O 100 27.05 -19.67 5.62
C ARG O 100 27.79 -19.15 6.84
N VAL O 101 28.63 -18.15 6.64
CA VAL O 101 29.38 -17.49 7.70
C VAL O 101 28.96 -16.03 7.71
N LYS O 102 28.69 -15.50 8.90
CA LYS O 102 28.15 -14.15 9.05
C LYS O 102 29.02 -13.34 10.00
N THR O 103 29.23 -12.07 9.63
CA THR O 103 30.14 -11.19 10.32
C THR O 103 29.52 -9.79 10.33
N TYR O 104 29.98 -8.94 11.24
CA TYR O 104 29.44 -7.59 11.35
C TYR O 104 30.57 -6.56 11.26
N THR O 105 30.21 -5.37 10.78
CA THR O 105 31.15 -4.26 10.69
C THR O 105 30.36 -2.97 10.63
N ASP O 106 31.08 -1.85 10.63
CA ASP O 106 30.45 -0.53 10.51
C ASP O 106 31.15 0.31 9.45
N GLU O 107 30.84 1.60 9.40
CA GLU O 107 31.32 2.45 8.32
C GLU O 107 32.84 2.61 8.36
N LEU O 108 33.43 2.58 9.55
CA LEU O 108 34.84 2.92 9.70
C LEU O 108 35.74 1.74 10.00
N THR O 109 35.22 0.66 10.55
CA THR O 109 36.04 -0.51 10.84
C THR O 109 36.22 -1.35 9.58
N PRO O 110 37.44 -1.63 9.14
CA PRO O 110 37.63 -2.45 7.95
C PRO O 110 37.53 -3.94 8.23
N ILE O 111 37.44 -4.71 7.16
CA ILE O 111 37.38 -6.17 7.19
C ILE O 111 38.57 -6.71 6.42
N GLU O 112 39.20 -7.74 6.95
CA GLU O 112 40.30 -8.39 6.23
C GLU O 112 39.77 -9.05 4.97
N SER O 113 40.47 -8.87 3.85
CA SER O 113 40.03 -9.44 2.59
C SER O 113 40.43 -10.91 2.50
N SER O 114 39.49 -11.74 2.02
CA SER O 114 39.70 -13.17 1.91
C SER O 114 40.17 -13.58 0.53
N VAL O 115 40.89 -12.69 -0.17
CA VAL O 115 41.48 -13.06 -1.45
C VAL O 115 42.54 -14.13 -1.27
N THR O 116 43.28 -14.08 -0.16
CA THR O 116 44.29 -15.10 0.10
C THR O 116 43.66 -16.47 0.31
N VAL O 117 42.39 -16.51 0.71
CA VAL O 117 41.70 -17.78 0.88
C VAL O 117 40.98 -18.18 -0.40
N TYR O 118 40.07 -17.35 -0.87
CA TYR O 118 39.35 -17.56 -2.11
C TYR O 118 39.66 -16.43 -3.06
N LYS O 119 40.10 -16.77 -4.28
CA LYS O 119 40.29 -15.75 -5.30
C LYS O 119 38.96 -15.15 -5.75
N ALA O 120 37.90 -15.95 -5.77
CA ALA O 120 36.58 -15.48 -6.18
C ALA O 120 36.12 -14.27 -5.39
N ALA O 121 36.53 -14.15 -4.12
CA ALA O 121 36.13 -13.03 -3.30
C ALA O 121 36.60 -11.69 -3.85
N ASN O 122 37.70 -11.67 -4.60
CA ASN O 122 38.30 -10.41 -5.06
C ASN O 122 37.24 -9.47 -5.61
N TRP O 123 36.63 -9.84 -6.75
CA TRP O 123 35.62 -8.98 -7.35
C TRP O 123 34.47 -8.76 -6.40
N TYR O 124 34.02 -9.82 -5.72
CA TYR O 124 32.92 -9.68 -4.77
C TYR O 124 33.23 -8.59 -3.76
N GLU O 125 34.44 -8.61 -3.19
CA GLU O 125 34.76 -7.59 -2.19
C GLU O 125 34.70 -6.20 -2.80
N ARG O 126 35.22 -6.05 -4.01
CA ARG O 126 35.14 -4.77 -4.69
C ARG O 126 33.70 -4.30 -4.75
N GLU O 127 32.78 -5.20 -5.14
CA GLU O 127 31.38 -4.83 -5.24
C GLU O 127 30.86 -4.32 -3.91
N ILE O 128 31.23 -4.98 -2.81
CA ILE O 128 30.75 -4.53 -1.51
C ILE O 128 31.24 -3.11 -1.24
N TRP O 129 32.53 -2.85 -1.50
CA TRP O 129 33.05 -1.50 -1.31
C TRP O 129 32.29 -0.52 -2.18
N ASP O 130 31.91 -0.95 -3.38
CA ASP O 130 31.19 -0.06 -4.29
C ASP O 130 29.77 0.20 -3.79
N MET O 131 29.14 -0.81 -3.19
CA MET O 131 27.71 -0.73 -2.97
C MET O 131 27.34 -0.40 -1.53
N PHE O 132 28.21 -0.72 -0.58
CA PHE O 132 27.94 -0.42 0.82
C PHE O 132 29.00 0.43 1.49
N GLY O 133 30.17 0.60 0.89
CA GLY O 133 31.22 1.39 1.48
C GLY O 133 32.05 0.68 2.50
N VAL O 134 31.91 -0.64 2.64
CA VAL O 134 32.72 -1.42 3.57
C VAL O 134 34.12 -1.54 2.99
N PHE O 135 35.11 -1.15 3.77
CA PHE O 135 36.50 -1.21 3.33
C PHE O 135 37.09 -2.57 3.66
N PHE O 136 37.79 -3.15 2.69
CA PHE O 136 38.46 -4.44 2.86
C PHE O 136 39.96 -4.21 2.83
N ALA O 137 40.63 -4.61 3.91
CA ALA O 137 42.06 -4.38 4.05
C ALA O 137 42.86 -5.43 3.29
N ASN O 138 44.06 -5.04 2.88
CA ASN O 138 44.99 -5.93 2.17
C ASN O 138 44.37 -6.52 0.91
N HIS O 139 43.74 -5.66 0.11
CA HIS O 139 43.12 -6.06 -1.15
C HIS O 139 44.04 -5.72 -2.30
N PRO O 140 44.19 -6.61 -3.30
CA PRO O 140 45.10 -6.31 -4.41
C PRO O 140 44.76 -5.05 -5.17
N ASP O 141 43.47 -4.77 -5.41
CA ASP O 141 43.07 -3.53 -6.07
C ASP O 141 41.61 -3.27 -5.70
N LEU O 142 41.39 -2.35 -4.76
CA LEU O 142 40.05 -2.00 -4.31
C LEU O 142 39.63 -0.70 -4.99
N ARG O 143 38.59 -0.80 -5.83
CA ARG O 143 38.04 0.37 -6.52
C ARG O 143 36.63 0.02 -6.96
N ARG O 144 35.92 1.04 -7.43
CA ARG O 144 34.54 0.84 -7.85
C ARG O 144 34.46 -0.12 -9.04
N ILE O 145 33.39 -0.90 -9.09
CA ILE O 145 33.26 -1.94 -10.09
C ILE O 145 31.95 -1.79 -10.87
N LEU O 146 30.95 -1.18 -10.25
CA LEU O 146 29.61 -1.11 -10.85
C LEU O 146 29.15 0.31 -11.13
N THR O 147 29.39 1.24 -10.23
CA THR O 147 28.88 2.59 -10.38
C THR O 147 29.72 3.37 -11.40
N ASP O 148 29.19 4.52 -11.80
CA ASP O 148 29.89 5.39 -12.73
C ASP O 148 31.12 5.99 -12.06
N TYR O 149 32.09 6.37 -12.90
CA TYR O 149 33.31 6.99 -12.40
C TYR O 149 32.98 8.33 -11.74
N GLY O 150 33.50 8.54 -10.54
CA GLY O 150 33.21 9.75 -9.80
C GLY O 150 31.88 9.77 -9.11
N PHE O 151 31.15 8.65 -9.09
CA PHE O 151 29.86 8.59 -8.42
C PHE O 151 30.04 8.75 -6.92
N GLU O 152 29.28 9.67 -6.33
CA GLU O 152 29.37 9.96 -4.91
C GLU O 152 28.26 9.22 -4.17
N GLY O 153 28.64 8.47 -3.15
CA GLY O 153 27.70 7.72 -2.34
C GLY O 153 27.65 6.25 -2.71
N HIS O 154 27.13 5.46 -1.78
CA HIS O 154 27.03 4.02 -1.94
C HIS O 154 25.57 3.62 -2.04
N PRO O 155 25.10 3.19 -3.21
CA PRO O 155 23.66 3.15 -3.46
C PRO O 155 22.90 2.07 -2.70
N PHE O 156 23.55 1.00 -2.28
CA PHE O 156 22.81 -0.09 -1.65
C PHE O 156 22.62 0.10 -0.16
N ARG O 157 23.12 1.19 0.41
CA ARG O 157 22.77 1.54 1.78
C ARG O 157 21.30 1.91 1.87
N LYS O 158 20.69 1.56 3.00
CA LYS O 158 19.25 1.73 3.15
C LYS O 158 18.81 3.19 3.17
N ASP O 159 19.73 4.13 3.40
CA ASP O 159 19.38 5.54 3.44
C ASP O 159 19.73 6.28 2.16
N PHE O 160 20.25 5.60 1.15
CA PHE O 160 20.47 6.20 -0.15
C PHE O 160 19.15 6.30 -0.89
N PRO O 161 18.84 7.45 -1.51
CA PRO O 161 17.59 7.56 -2.26
C PRO O 161 17.56 6.63 -3.46
N LEU O 162 16.35 6.17 -3.79
CA LEU O 162 16.22 5.21 -4.87
C LEU O 162 16.63 5.80 -6.22
N SER O 163 16.28 7.04 -6.48
CA SER O 163 16.57 7.69 -7.75
C SER O 163 17.90 8.44 -7.74
N GLY O 164 18.65 8.37 -6.65
CA GLY O 164 19.92 9.05 -6.59
C GLY O 164 19.78 10.54 -6.37
N TYR O 165 20.89 11.24 -6.54
CA TYR O 165 20.96 12.68 -6.36
C TYR O 165 21.16 13.46 -7.64
N VAL O 166 21.79 12.85 -8.65
CA VAL O 166 22.07 13.52 -9.91
C VAL O 166 21.57 12.67 -11.06
N GLU O 167 21.33 13.33 -12.19
CA GLU O 167 20.91 12.68 -13.42
C GLU O 167 21.68 13.28 -14.58
N LEU O 168 21.81 12.48 -15.64
CA LEU O 168 22.66 12.82 -16.78
C LEU O 168 21.82 13.23 -17.98
N ARG O 169 22.26 14.28 -18.67
CA ARG O 169 21.65 14.68 -19.93
C ARG O 169 22.76 15.17 -20.85
N TYR O 170 22.39 15.62 -22.03
CA TYR O 170 23.33 16.19 -22.98
C TYR O 170 23.06 17.69 -23.12
N ASP O 171 24.13 18.48 -23.10
CA ASP O 171 24.05 19.93 -23.24
C ASP O 171 24.77 20.33 -24.51
N ASP O 172 24.06 21.06 -25.38
CA ASP O 172 24.66 21.56 -26.62
C ASP O 172 25.46 22.83 -26.40
N GLU O 173 25.22 23.55 -25.31
CA GLU O 173 26.06 24.69 -24.98
C GLU O 173 27.50 24.27 -24.75
N VAL O 174 27.71 23.25 -23.92
CA VAL O 174 29.04 22.72 -23.68
C VAL O 174 29.35 21.52 -24.55
N LYS O 175 28.40 21.08 -25.37
CA LYS O 175 28.61 19.99 -26.32
C LYS O 175 29.08 18.72 -25.63
N ARG O 176 28.45 18.37 -24.51
CA ARG O 176 28.86 17.17 -23.80
C ARG O 176 27.75 16.72 -22.86
N VAL O 177 27.90 15.51 -22.33
CA VAL O 177 26.99 14.98 -21.34
C VAL O 177 27.33 15.57 -19.98
N VAL O 178 26.33 16.12 -19.30
CA VAL O 178 26.50 16.79 -18.02
C VAL O 178 25.58 16.13 -16.99
N ALA O 179 25.88 16.39 -15.73
CA ALA O 179 25.12 15.88 -14.60
C ALA O 179 24.49 17.04 -13.83
N GLU O 180 23.22 16.92 -13.51
CA GLU O 180 22.43 17.96 -12.87
C GLU O 180 21.66 17.36 -11.72
N PRO O 181 21.18 18.18 -10.78
CA PRO O 181 20.33 17.66 -9.71
C PRO O 181 19.09 16.99 -10.28
N VAL O 182 18.69 15.88 -9.66
CA VAL O 182 17.63 15.05 -10.22
C VAL O 182 16.28 15.73 -10.05
N GLU O 183 15.48 15.69 -11.11
CA GLU O 183 14.10 16.17 -11.09
C GLU O 183 13.26 15.19 -11.88
N LEU O 184 12.23 14.66 -11.25
CA LEU O 184 11.38 13.64 -11.84
C LEU O 184 10.08 14.27 -12.31
N ALA O 185 9.70 13.98 -13.56
CA ALA O 185 8.40 14.43 -14.06
C ALA O 185 7.26 13.78 -13.28
N GLN O 186 7.38 12.50 -12.95
CA GLN O 186 6.46 11.82 -12.05
C GLN O 186 7.27 11.26 -10.88
N GLU O 187 7.01 11.77 -9.69
CA GLU O 187 7.66 11.25 -8.49
C GLU O 187 7.23 9.81 -8.23
N PHE O 188 8.14 9.03 -7.66
CA PHE O 188 7.86 7.63 -7.34
C PHE O 188 6.77 7.55 -6.28
N ARG O 189 5.67 6.87 -6.61
CA ARG O 189 4.56 6.72 -5.68
C ARG O 189 4.95 5.73 -4.59
N LYS O 190 4.86 6.17 -3.34
CA LYS O 190 5.21 5.34 -2.20
C LYS O 190 3.94 4.70 -1.65
N PHE O 191 3.90 3.36 -1.64
CA PHE O 191 2.72 2.62 -1.24
C PHE O 191 2.95 2.04 0.16
N ASP O 192 1.99 2.26 1.05
CA ASP O 192 2.03 1.70 2.40
C ASP O 192 1.26 0.38 2.37
N LEU O 193 2.01 -0.72 2.25
CA LEU O 193 1.41 -2.03 2.10
C LEU O 193 1.37 -2.83 3.38
N ASN O 194 2.19 -2.50 4.36
CA ASN O 194 2.17 -3.23 5.62
C ASN O 194 0.79 -3.14 6.24
N SER O 195 0.27 -4.27 6.67
CA SER O 195 -1.03 -4.32 7.28
C SER O 195 -0.92 -4.54 8.78
N PRO O 196 -1.89 -4.10 9.54
CA PRO O 196 -1.97 -4.53 10.95
C PRO O 196 -2.38 -6.00 11.02
N TRP O 197 -2.69 -6.52 12.21
CA TRP O 197 -3.09 -7.92 12.34
C TRP O 197 -1.96 -8.84 11.86
N GLU O 198 -0.91 -8.88 12.67
CA GLU O 198 0.29 -9.66 12.38
C GLU O 198 -0.06 -11.06 11.87
N ALA O 199 0.81 -11.58 11.01
CA ALA O 199 0.55 -12.83 10.29
C ALA O 199 1.09 -14.05 11.01
N PHE O 200 2.26 -13.95 11.62
CA PHE O 200 2.96 -15.12 12.13
C PHE O 200 3.18 -15.02 13.64
N PRO O 201 2.40 -15.73 14.46
CA PRO O 201 2.65 -15.70 15.91
C PRO O 201 3.98 -16.29 16.31
N ALA O 202 4.58 -17.13 15.45
CA ALA O 202 5.83 -17.79 15.80
C ALA O 202 7.00 -16.80 15.95
N TYR O 203 6.88 -15.62 15.36
CA TYR O 203 7.95 -14.62 15.39
C TYR O 203 7.63 -13.43 16.26
N ARG O 204 6.65 -13.55 17.15
CA ARG O 204 6.25 -12.43 17.99
C ARG O 204 7.38 -12.05 18.95
N GLN O 205 7.51 -10.75 19.20
CA GLN O 205 8.55 -10.21 20.05
C GLN O 205 7.97 -9.75 21.39
N PRO O 206 8.76 -9.80 22.45
CA PRO O 206 8.27 -9.34 23.75
C PRO O 206 7.95 -7.86 23.70
N PRO O 207 6.97 -7.42 24.50
CA PRO O 207 6.53 -6.02 24.45
C PRO O 207 7.36 -5.05 25.28
N GLU O 208 8.56 -5.46 25.71
CA GLU O 208 9.48 -4.66 26.54
C GLU O 208 8.77 -3.74 27.54
N ASN P 1 55.20 -3.13 -24.85
CA ASN P 1 54.10 -3.15 -23.91
C ASN P 1 53.27 -1.87 -24.00
N LEU P 2 52.21 -1.91 -24.79
CA LEU P 2 51.30 -0.79 -24.92
C LEU P 2 49.95 -1.12 -24.31
N THR P 3 49.34 -0.10 -23.70
CA THR P 3 48.03 -0.22 -23.08
C THR P 3 46.98 0.31 -24.04
N LEU P 4 46.03 -0.55 -24.43
CA LEU P 4 44.98 -0.17 -25.35
C LEU P 4 43.62 -0.51 -24.77
N ASN P 5 42.62 0.26 -25.16
CA ASN P 5 41.28 0.23 -24.57
C ASN P 5 40.28 -0.20 -25.64
N PHE P 6 39.82 -1.45 -25.54
CA PHE P 6 38.69 -1.89 -26.36
C PHE P 6 37.38 -1.50 -25.67
N GLY P 7 36.89 -0.33 -26.04
CA GLY P 7 35.68 0.21 -25.48
C GLY P 7 34.46 -0.12 -26.32
N PRO P 8 33.34 0.55 -26.02
CA PRO P 8 32.09 0.42 -26.79
C PRO P 8 32.17 1.08 -28.16
N GLY P 15 26.72 -8.50 -25.14
CA GLY P 15 26.48 -7.24 -24.44
C GLY P 15 27.48 -6.17 -24.83
N VAL P 16 27.76 -5.25 -23.90
CA VAL P 16 28.71 -4.17 -24.10
C VAL P 16 29.77 -4.25 -23.02
N LEU P 17 31.04 -4.20 -23.44
CA LEU P 17 32.16 -4.42 -22.53
C LEU P 17 33.28 -3.46 -22.86
N ARG P 18 33.94 -2.96 -21.82
CA ARG P 18 35.19 -2.20 -21.94
C ARG P 18 36.31 -3.07 -21.40
N LEU P 19 37.40 -3.15 -22.13
CA LEU P 19 38.49 -4.08 -21.81
C LEU P 19 39.81 -3.34 -21.93
N VAL P 20 40.56 -3.25 -20.83
CA VAL P 20 41.83 -2.54 -20.77
C VAL P 20 42.94 -3.59 -20.78
N MET P 21 43.75 -3.61 -21.83
CA MET P 21 44.75 -4.66 -21.94
C MET P 21 46.11 -4.08 -22.30
N GLU P 22 47.13 -4.67 -21.72
CA GLU P 22 48.52 -4.38 -22.02
C GLU P 22 49.12 -5.49 -22.88
N LEU P 23 49.75 -5.11 -23.98
CA LEU P 23 50.30 -6.06 -24.95
C LEU P 23 51.82 -5.91 -24.97
N SER P 24 52.52 -7.05 -24.95
CA SER P 24 53.94 -7.10 -25.30
C SER P 24 54.02 -7.77 -26.66
N GLY P 25 53.83 -6.97 -27.72
CA GLY P 25 53.76 -7.53 -29.06
C GLY P 25 52.41 -8.16 -29.30
N GLU P 26 52.41 -9.42 -29.73
CA GLU P 26 51.16 -10.15 -29.91
C GLU P 26 50.56 -10.62 -28.59
N MET P 27 51.40 -10.87 -27.59
CA MET P 27 50.95 -11.45 -26.34
C MET P 27 50.09 -10.47 -25.55
N VAL P 28 49.34 -11.01 -24.60
CA VAL P 28 48.60 -10.22 -23.63
C VAL P 28 49.24 -10.40 -22.26
N ARG P 29 49.56 -9.29 -21.61
CA ARG P 29 50.21 -9.32 -20.30
C ARG P 29 49.24 -9.11 -19.15
N LYS P 30 48.38 -8.10 -19.24
CA LYS P 30 47.34 -7.89 -18.26
C LYS P 30 46.04 -7.53 -18.95
N CYS P 31 44.96 -8.16 -18.50
CA CYS P 31 43.60 -7.96 -19.02
C CYS P 31 42.73 -7.49 -17.87
N ASP P 32 42.00 -6.39 -18.07
CA ASP P 32 41.21 -5.76 -17.03
C ASP P 32 39.83 -5.44 -17.60
N PRO P 33 38.81 -6.22 -17.27
CA PRO P 33 37.45 -5.85 -17.71
C PRO P 33 36.86 -4.79 -16.82
N HIS P 34 36.34 -3.73 -17.44
CA HIS P 34 35.64 -2.67 -16.75
C HIS P 34 34.15 -2.85 -16.98
N ILE P 35 33.42 -3.17 -15.91
CA ILE P 35 32.00 -3.50 -16.01
C ILE P 35 31.19 -2.40 -15.32
N GLY P 36 29.87 -2.53 -15.34
CA GLY P 36 28.99 -1.51 -14.83
C GLY P 36 28.31 -0.68 -15.90
N LEU P 37 28.56 -0.97 -17.17
CA LEU P 37 27.86 -0.27 -18.24
C LEU P 37 26.41 -0.71 -18.37
N LEU P 38 26.03 -1.79 -17.69
CA LEU P 38 24.65 -2.24 -17.65
C LEU P 38 24.20 -2.49 -16.21
N HIS P 39 24.65 -1.64 -15.29
CA HIS P 39 24.20 -1.74 -13.91
C HIS P 39 23.00 -0.84 -13.70
N 2MR P 40 21.83 -1.45 -13.54
CA 2MR P 40 20.60 -0.72 -13.50
CB 2MR P 40 19.45 -1.40 -14.28
CG 2MR P 40 19.73 -1.46 -15.76
CD 2MR P 40 20.30 -2.83 -16.09
NE 2MR P 40 19.48 -3.61 -17.00
CZ 2MR P 40 19.24 -5.04 -17.10
NH1 2MR P 40 18.35 -5.43 -18.17
CQ1 2MR P 40 17.79 -4.43 -19.01
NH2 2MR P 40 19.69 -6.07 -16.39
CQ2 2MR P 40 20.57 -6.09 -15.28
C 2MR P 40 20.11 -0.51 -12.08
O 2MR P 40 19.20 0.27 -11.78
N GLY P 41 20.73 -1.23 -11.16
CA GLY P 41 20.36 -1.17 -9.76
C GLY P 41 19.15 -2.04 -9.46
N THR P 42 19.14 -3.23 -10.04
CA THR P 42 18.00 -4.14 -9.91
C THR P 42 17.79 -4.55 -8.46
N GLU P 43 18.87 -4.87 -7.74
CA GLU P 43 18.74 -5.38 -6.38
C GLU P 43 18.14 -4.33 -5.45
N LYS P 44 18.45 -3.06 -5.67
CA LYS P 44 17.83 -2.00 -4.88
C LYS P 44 16.38 -1.79 -5.28
N LEU P 45 16.07 -1.89 -6.57
CA LEU P 45 14.69 -1.71 -7.02
C LEU P 45 13.79 -2.82 -6.53
N ILE P 46 14.35 -4.02 -6.30
CA ILE P 46 13.55 -5.14 -5.81
C ILE P 46 13.04 -4.86 -4.39
N GLU P 47 13.83 -4.16 -3.58
CA GLU P 47 13.43 -3.86 -2.22
C GLU P 47 12.20 -2.97 -2.16
N TYR P 48 11.85 -2.31 -3.25
CA TYR P 48 10.70 -1.42 -3.30
C TYR P 48 9.49 -2.08 -3.95
N LYS P 49 9.54 -3.38 -4.20
CA LYS P 49 8.46 -4.12 -4.83
C LYS P 49 8.07 -5.31 -3.96
N THR P 50 6.86 -5.81 -4.19
CA THR P 50 6.46 -7.09 -3.62
C THR P 50 7.13 -8.22 -4.39
N TYR P 51 6.96 -9.44 -3.88
CA TYR P 51 7.61 -10.60 -4.50
C TYR P 51 7.09 -10.84 -5.92
N LEU P 52 5.77 -10.73 -6.10
CA LEU P 52 5.22 -10.88 -7.44
C LEU P 52 5.70 -9.76 -8.36
N GLN P 53 5.79 -8.54 -7.84
CA GLN P 53 6.32 -7.43 -8.63
C GLN P 53 7.80 -7.60 -8.91
N ALA P 54 8.53 -8.22 -7.99
CA ALA P 54 9.96 -8.43 -8.18
C ALA P 54 10.28 -9.62 -9.07
N LEU P 55 9.30 -10.48 -9.36
CA LEU P 55 9.55 -11.60 -10.26
C LEU P 55 10.01 -11.19 -11.65
N PRO P 56 9.39 -10.23 -12.34
CA PRO P 56 9.82 -9.94 -13.72
C PRO P 56 11.25 -9.42 -13.85
N TYR P 57 11.89 -8.98 -12.77
CA TYR P 57 13.29 -8.54 -12.87
C TYR P 57 14.20 -9.70 -13.27
N PHE P 58 13.84 -10.92 -12.89
CA PHE P 58 14.70 -12.07 -13.13
C PHE P 58 14.70 -12.51 -14.58
N ASP P 59 13.64 -12.22 -15.34
CA ASP P 59 13.71 -12.42 -16.78
C ASP P 59 14.80 -11.57 -17.38
N ARG P 60 14.91 -10.32 -16.94
CA ARG P 60 15.89 -9.39 -17.47
C ARG P 60 17.28 -9.60 -16.90
N LEU P 61 17.42 -10.34 -15.81
CA LEU P 61 18.75 -10.60 -15.26
C LEU P 61 19.62 -11.33 -16.29
N ASP P 62 19.28 -12.56 -16.61
CA ASP P 62 19.95 -13.34 -17.65
C ASP P 62 18.95 -13.48 -18.78
N TYR P 63 18.99 -12.53 -19.72
CA TYR P 63 17.95 -12.42 -20.72
C TYR P 63 18.13 -13.38 -21.88
N VAL P 64 18.99 -14.38 -21.73
CA VAL P 64 19.06 -15.48 -22.67
C VAL P 64 18.43 -16.73 -22.10
N SER P 65 18.40 -16.90 -20.78
CA SER P 65 17.78 -18.04 -20.11
C SER P 65 16.82 -17.49 -19.06
N MET P 66 15.61 -17.16 -19.49
CA MET P 66 14.67 -16.40 -18.65
C MET P 66 14.00 -17.29 -17.61
N MET P 67 13.40 -18.39 -18.06
CA MET P 67 12.62 -19.23 -17.17
C MET P 67 13.49 -19.89 -16.11
N CYS P 68 14.79 -20.03 -16.33
CA CYS P 68 15.66 -20.55 -15.30
C CYS P 68 15.79 -19.56 -14.15
N ASN P 69 15.93 -18.27 -14.45
CA ASN P 69 15.93 -17.26 -13.39
C ASN P 69 14.59 -17.24 -12.68
N GLU P 70 13.50 -17.33 -13.44
CA GLU P 70 12.18 -17.43 -12.82
C GLU P 70 12.12 -18.60 -11.84
N GLN P 71 12.64 -19.76 -12.26
CA GLN P 71 12.59 -20.95 -11.43
C GLN P 71 13.43 -20.78 -10.17
N ALA P 72 14.61 -20.19 -10.28
CA ALA P 72 15.45 -19.99 -9.10
C ALA P 72 14.76 -19.08 -8.10
N TYR P 73 14.21 -17.96 -8.57
CA TYR P 73 13.49 -17.06 -7.69
C TYR P 73 12.28 -17.74 -7.06
N SER P 74 11.53 -18.50 -7.85
CA SER P 74 10.36 -19.19 -7.32
C SER P 74 10.73 -20.23 -6.28
N LEU P 75 11.82 -20.96 -6.50
CA LEU P 75 12.27 -21.94 -5.52
C LEU P 75 12.69 -21.27 -4.21
N ALA P 76 13.38 -20.14 -4.30
CA ALA P 76 13.77 -19.42 -3.10
C ALA P 76 12.55 -18.94 -2.32
N VAL P 77 11.57 -18.36 -3.02
CA VAL P 77 10.38 -17.86 -2.35
C VAL P 77 9.56 -19.01 -1.78
N GLU P 78 9.52 -20.15 -2.48
CA GLU P 78 8.83 -21.33 -1.96
C GLU P 78 9.49 -21.83 -0.68
N LYS P 79 10.82 -21.88 -0.68
CA LYS P 79 11.53 -22.33 0.52
C LYS P 79 11.26 -21.41 1.69
N LEU P 80 11.23 -20.09 1.44
CA LEU P 80 10.94 -19.16 2.52
C LEU P 80 9.49 -19.24 2.97
N LEU P 81 8.56 -19.52 2.05
CA LEU P 81 7.14 -19.58 2.37
C LEU P 81 6.71 -20.92 2.95
N ASN P 82 7.54 -21.96 2.84
CA ASN P 82 7.23 -23.29 3.37
C ASN P 82 6.06 -23.94 2.64
N ILE P 83 6.02 -23.78 1.32
CA ILE P 83 5.02 -24.42 0.46
C ILE P 83 5.75 -25.16 -0.65
N GLN P 84 5.01 -26.04 -1.32
CA GLN P 84 5.58 -26.76 -2.45
C GLN P 84 4.60 -26.75 -3.62
N PRO P 85 5.10 -26.69 -4.85
CA PRO P 85 4.22 -26.63 -6.01
C PRO P 85 3.62 -27.99 -6.33
N PRO P 86 2.51 -28.04 -7.04
CA PRO P 86 1.91 -29.31 -7.43
C PRO P 86 2.79 -30.05 -8.44
N PRO P 87 2.62 -31.37 -8.57
CA PRO P 87 3.52 -32.15 -9.44
C PRO P 87 3.52 -31.71 -10.89
N ARG P 88 2.36 -31.37 -11.45
CA ARG P 88 2.29 -30.95 -12.84
C ARG P 88 3.05 -29.65 -13.04
N ALA P 89 2.98 -28.74 -12.07
CA ALA P 89 3.76 -27.51 -12.13
C ALA P 89 5.25 -27.81 -12.17
N GLN P 90 5.70 -28.76 -11.35
CA GLN P 90 7.13 -29.11 -11.34
C GLN P 90 7.56 -29.71 -12.66
N TRP P 91 6.74 -30.59 -13.23
CA TRP P 91 7.09 -31.19 -14.52
C TRP P 91 7.14 -30.14 -15.63
N ILE P 92 6.18 -29.21 -15.62
CA ILE P 92 6.21 -28.12 -16.60
C ILE P 92 7.45 -27.26 -16.40
N ARG P 93 7.81 -27.00 -15.14
CA ARG P 93 8.99 -26.20 -14.85
C ARG P 93 10.25 -26.86 -15.42
N VAL P 94 10.40 -28.17 -15.21
CA VAL P 94 11.59 -28.85 -15.71
C VAL P 94 11.59 -28.90 -17.23
N LEU P 95 10.42 -29.13 -17.83
CA LEU P 95 10.30 -29.11 -19.30
C LEU P 95 10.77 -27.78 -19.86
N PHE P 96 10.25 -26.67 -19.33
CA PHE P 96 10.59 -25.38 -19.88
C PHE P 96 12.01 -24.96 -19.49
N GLY P 97 12.53 -25.49 -18.38
CA GLY P 97 13.94 -25.28 -18.07
C GLY P 97 14.86 -25.94 -19.07
N GLU P 98 14.51 -27.16 -19.51
CA GLU P 98 15.32 -27.81 -20.54
C GLU P 98 15.19 -27.10 -21.89
N ILE P 99 13.99 -26.63 -22.22
CA ILE P 99 13.82 -25.82 -23.43
C ILE P 99 14.69 -24.56 -23.34
N THR P 100 14.71 -23.93 -22.17
CA THR P 100 15.53 -22.74 -21.95
C THR P 100 17.01 -23.06 -22.07
N ARG P 101 17.42 -24.23 -21.58
CA ARG P 101 18.81 -24.66 -21.73
C ARG P 101 19.17 -24.81 -23.20
N LEU P 102 18.29 -25.38 -24.00
CA LEU P 102 18.52 -25.48 -25.43
C LEU P 102 18.69 -24.09 -26.04
N LEU P 103 17.81 -23.16 -25.68
CA LEU P 103 17.90 -21.80 -26.21
C LEU P 103 19.24 -21.16 -25.83
N ASN P 104 19.63 -21.29 -24.57
CA ASN P 104 20.88 -20.67 -24.12
C ASN P 104 22.08 -21.28 -24.82
N HIS P 105 22.10 -22.60 -24.99
CA HIS P 105 23.27 -23.22 -25.61
C HIS P 105 23.36 -22.88 -27.09
N ILE P 106 22.22 -22.79 -27.78
CA ILE P 106 22.24 -22.29 -29.15
C ILE P 106 22.83 -20.90 -29.20
N MET P 107 22.34 -20.01 -28.33
CA MET P 107 22.90 -18.66 -28.26
C MET P 107 24.40 -18.68 -28.06
N ALA P 108 24.87 -19.45 -27.07
CA ALA P 108 26.28 -19.46 -26.72
C ALA P 108 27.14 -19.95 -27.88
N VAL P 109 26.80 -21.13 -28.43
CA VAL P 109 27.62 -21.72 -29.48
C VAL P 109 27.58 -20.88 -30.74
N THR P 110 26.38 -20.45 -31.16
CA THR P 110 26.28 -19.72 -32.41
C THR P 110 26.97 -18.36 -32.33
N THR P 111 26.83 -17.66 -31.20
CA THR P 111 27.50 -16.36 -31.09
C THR P 111 29.00 -16.52 -30.94
N HIS P 112 29.45 -17.57 -30.24
CA HIS P 112 30.89 -17.86 -30.19
C HIS P 112 31.45 -18.05 -31.59
N ALA P 113 30.79 -18.89 -32.39
CA ALA P 113 31.26 -19.13 -33.75
C ALA P 113 31.17 -17.87 -34.60
N LEU P 114 30.14 -17.05 -34.38
CA LEU P 114 30.00 -15.80 -35.12
C LEU P 114 31.14 -14.86 -34.83
N ASP P 115 31.54 -14.75 -33.56
CA ASP P 115 32.70 -13.94 -33.22
C ASP P 115 33.98 -14.52 -33.81
N ILE P 116 34.08 -15.84 -33.86
CA ILE P 116 35.20 -16.47 -34.54
C ILE P 116 35.16 -16.16 -36.04
N GLY P 117 33.97 -16.24 -36.64
CA GLY P 117 33.83 -15.87 -38.05
C GLY P 117 33.03 -16.84 -38.91
N ALA P 118 32.32 -17.79 -38.28
CA ALA P 118 31.60 -18.80 -39.04
C ALA P 118 30.29 -18.26 -39.60
N MET P 119 29.41 -17.78 -38.72
CA MET P 119 28.19 -16.98 -38.96
C MET P 119 27.07 -17.70 -39.71
N THR P 120 27.30 -18.92 -40.19
CA THR P 120 26.21 -19.66 -40.86
C THR P 120 25.35 -20.44 -39.85
N PRO P 121 25.95 -21.15 -38.89
CA PRO P 121 25.13 -21.80 -37.87
C PRO P 121 24.29 -20.84 -37.08
N PHE P 122 24.67 -19.55 -37.01
CA PHE P 122 23.86 -18.57 -36.33
C PHE P 122 22.44 -18.55 -36.88
N PHE P 123 22.31 -18.43 -38.19
CA PHE P 123 20.98 -18.46 -38.81
C PHE P 123 20.37 -19.85 -38.73
N TRP P 124 21.17 -20.87 -39.04
CA TRP P 124 20.65 -22.24 -39.01
C TRP P 124 19.94 -22.55 -37.70
N MET P 125 20.51 -22.09 -36.58
CA MET P 125 19.97 -22.40 -35.27
C MET P 125 19.05 -21.31 -34.73
N PHE P 126 19.14 -20.08 -35.23
CA PHE P 126 18.17 -19.08 -34.82
C PHE P 126 16.79 -19.34 -35.40
N GLU P 127 16.69 -20.12 -36.48
CA GLU P 127 15.37 -20.61 -36.87
C GLU P 127 14.73 -21.46 -35.75
N GLU P 128 15.50 -22.38 -35.18
CA GLU P 128 14.98 -23.17 -34.06
C GLU P 128 14.74 -22.32 -32.83
N ARG P 129 15.58 -21.31 -32.60
CA ARG P 129 15.33 -20.38 -31.52
C ARG P 129 13.99 -19.68 -31.69
N GLU P 130 13.67 -19.32 -32.94
CA GLU P 130 12.36 -18.71 -33.21
C GLU P 130 11.23 -19.68 -32.90
N LYS P 131 11.41 -20.96 -33.25
CA LYS P 131 10.38 -21.95 -32.93
C LYS P 131 10.15 -22.07 -31.42
N MET P 132 11.25 -22.14 -30.68
CA MET P 132 11.19 -22.27 -29.23
C MET P 132 10.53 -21.05 -28.64
N PHE P 133 10.72 -19.90 -29.31
CA PHE P 133 10.10 -18.65 -28.92
C PHE P 133 8.58 -18.75 -29.00
N GLU P 134 8.08 -19.44 -30.03
CA GLU P 134 6.65 -19.64 -30.23
C GLU P 134 6.04 -20.40 -29.05
N PHE P 135 6.75 -21.39 -28.53
CA PHE P 135 6.26 -22.15 -27.38
C PHE P 135 6.11 -21.21 -26.19
N TYR P 136 7.09 -20.34 -26.00
CA TYR P 136 7.04 -19.36 -24.91
C TYR P 136 5.86 -18.44 -25.13
N GLU P 137 5.68 -18.00 -26.37
CA GLU P 137 4.58 -17.12 -26.73
C GLU P 137 3.24 -17.81 -26.54
N ARG P 138 3.16 -19.07 -26.97
CA ARG P 138 1.91 -19.82 -26.82
C ARG P 138 1.62 -20.11 -25.36
N VAL P 139 2.64 -20.41 -24.56
CA VAL P 139 2.36 -20.81 -23.19
C VAL P 139 2.07 -19.61 -22.31
N SER P 140 2.68 -18.45 -22.61
CA SER P 140 2.58 -17.30 -21.72
C SER P 140 2.07 -16.02 -22.37
N GLY P 141 2.26 -15.83 -23.66
CA GLY P 141 1.88 -14.60 -24.31
C GLY P 141 3.01 -13.64 -24.57
N ALA P 142 4.24 -13.97 -24.18
CA ALA P 142 5.41 -13.16 -24.46
C ALA P 142 6.52 -14.06 -24.98
N ARG P 143 7.28 -13.56 -25.95
CA ARG P 143 8.34 -14.38 -26.54
C ARG P 143 9.51 -14.58 -25.58
N MET P 144 9.97 -13.52 -24.93
CA MET P 144 11.17 -13.59 -24.10
C MET P 144 10.89 -13.40 -22.62
N HIS P 145 10.42 -12.24 -22.21
CA HIS P 145 10.16 -12.04 -20.78
C HIS P 145 8.76 -12.48 -20.37
N ALA P 146 8.55 -13.79 -20.37
CA ALA P 146 7.28 -14.41 -20.04
C ALA P 146 6.74 -14.24 -18.61
N ALA P 147 7.60 -14.31 -17.61
CA ALA P 147 7.14 -14.26 -16.22
C ALA P 147 6.15 -15.38 -15.92
N TYR P 148 6.32 -16.52 -16.59
CA TYR P 148 5.37 -17.61 -16.50
C TYR P 148 5.49 -18.36 -15.19
N ILE P 149 6.71 -18.66 -14.77
CA ILE P 149 6.94 -19.45 -13.56
C ILE P 149 6.82 -18.53 -12.35
N ARG P 150 5.89 -18.85 -11.46
CA ARG P 150 5.57 -18.03 -10.31
C ARG P 150 5.98 -18.75 -9.03
N PRO P 151 6.16 -18.00 -7.93
CA PRO P 151 6.59 -18.62 -6.68
C PRO P 151 5.61 -19.64 -6.09
N GLY P 152 4.50 -19.93 -6.77
CA GLY P 152 3.61 -20.97 -6.30
C GLY P 152 3.44 -22.11 -7.28
N GLY P 153 4.10 -22.01 -8.42
CA GLY P 153 3.89 -22.94 -9.52
C GLY P 153 4.08 -22.25 -10.85
N VAL P 154 3.07 -22.31 -11.72
CA VAL P 154 3.09 -21.60 -12.99
C VAL P 154 1.81 -20.80 -13.12
N HIS P 155 1.86 -19.75 -13.92
CA HIS P 155 0.73 -18.82 -14.02
C HIS P 155 -0.49 -19.48 -14.66
N GLN P 156 -0.29 -20.23 -15.73
CA GLN P 156 -1.40 -20.79 -16.48
C GLN P 156 -1.05 -22.19 -16.96
N ASP P 157 -2.07 -22.92 -17.37
CA ASP P 157 -1.88 -24.27 -17.87
C ASP P 157 -1.57 -24.25 -19.37
N LEU P 158 -1.07 -25.38 -19.85
CA LEU P 158 -0.67 -25.48 -21.24
C LEU P 158 -1.90 -25.49 -22.15
N PRO P 159 -1.87 -24.78 -23.27
CA PRO P 159 -2.96 -24.88 -24.23
C PRO P 159 -3.00 -26.27 -24.86
N LEU P 160 -4.18 -26.67 -25.32
CA LEU P 160 -4.43 -28.08 -25.60
C LEU P 160 -3.52 -28.67 -26.67
N GLY P 161 -2.93 -27.85 -27.54
CA GLY P 161 -2.09 -28.37 -28.60
C GLY P 161 -0.59 -28.22 -28.40
N LEU P 162 -0.13 -27.82 -27.21
CA LEU P 162 1.26 -27.46 -27.05
C LEU P 162 2.18 -28.67 -27.03
N LEU P 163 1.77 -29.75 -26.36
CA LEU P 163 2.66 -30.90 -26.20
C LEU P 163 2.97 -31.57 -27.53
N ASP P 164 1.97 -31.66 -28.41
CA ASP P 164 2.20 -32.25 -29.73
C ASP P 164 3.21 -31.44 -30.52
N ASP P 165 3.11 -30.11 -30.48
CA ASP P 165 4.05 -29.27 -31.20
C ASP P 165 5.43 -29.33 -30.60
N ILE P 166 5.52 -29.44 -29.28
CA ILE P 166 6.83 -29.61 -28.63
C ILE P 166 7.47 -30.92 -29.06
N TYR P 167 6.69 -31.99 -29.11
CA TYR P 167 7.21 -33.27 -29.57
C TYR P 167 7.64 -33.21 -31.03
N GLU P 168 6.86 -32.53 -31.88
CA GLU P 168 7.22 -32.46 -33.29
C GLU P 168 8.47 -31.62 -33.51
N PHE P 169 8.65 -30.56 -32.71
CA PHE P 169 9.88 -29.78 -32.81
C PHE P 169 11.08 -30.57 -32.33
N SER P 170 10.94 -31.25 -31.18
CA SER P 170 12.06 -31.92 -30.54
C SER P 170 12.50 -33.18 -31.26
N LYS P 171 11.68 -33.74 -32.16
CA LYS P 171 12.07 -34.94 -32.87
C LYS P 171 12.93 -34.66 -34.09
N ASN P 172 13.05 -33.40 -34.51
CA ASN P 172 13.89 -33.02 -35.63
C ASN P 172 15.13 -32.22 -35.22
N PHE P 173 15.30 -31.93 -33.93
CA PHE P 173 16.39 -31.06 -33.48
C PHE P 173 17.76 -31.74 -33.53
N SER P 174 17.79 -33.07 -33.46
CA SER P 174 19.05 -33.78 -33.44
C SER P 174 19.86 -33.56 -34.71
N PHE P 175 19.20 -33.59 -35.87
CA PHE P 175 19.89 -33.28 -37.12
C PHE P 175 20.35 -31.82 -37.19
N ARG P 176 19.64 -30.90 -36.54
CA ARG P 176 20.15 -29.54 -36.45
C ARG P 176 21.46 -29.48 -35.67
N ILE P 177 21.52 -30.18 -34.53
CA ILE P 177 22.77 -30.26 -33.79
C ILE P 177 23.84 -30.94 -34.64
N ASP P 178 23.44 -31.92 -35.45
CA ASP P 178 24.38 -32.66 -36.28
C ASP P 178 24.95 -31.78 -37.39
N GLU P 179 24.12 -30.94 -38.00
CA GLU P 179 24.62 -29.99 -38.99
C GLU P 179 25.57 -28.99 -38.35
N LEU P 180 25.25 -28.54 -37.13
CA LEU P 180 26.18 -27.68 -36.39
C LEU P 180 27.52 -28.38 -36.18
N GLU P 181 27.48 -29.65 -35.78
CA GLU P 181 28.71 -30.39 -35.54
C GLU P 181 29.50 -30.61 -36.83
N GLU P 182 28.79 -30.83 -37.95
CA GLU P 182 29.47 -30.89 -39.23
C GLU P 182 30.19 -29.60 -39.55
N MET P 183 29.55 -28.47 -39.23
CA MET P 183 30.18 -27.18 -39.48
C MET P 183 31.40 -26.96 -38.61
N LEU P 184 31.34 -27.37 -37.34
CA LEU P 184 32.31 -26.91 -36.35
C LEU P 184 33.19 -27.99 -35.75
N THR P 185 32.66 -29.18 -35.46
CA THR P 185 33.35 -30.11 -34.57
C THR P 185 34.67 -30.59 -35.17
N ASN P 186 34.65 -31.08 -36.41
CA ASN P 186 35.83 -31.65 -37.03
C ASN P 186 36.60 -30.65 -37.89
N ASN P 187 36.15 -29.40 -37.95
CA ASN P 187 36.84 -28.40 -38.75
C ASN P 187 38.19 -28.07 -38.12
N ARG P 188 39.24 -28.04 -38.96
CA ARG P 188 40.57 -27.80 -38.43
C ARG P 188 40.77 -26.35 -38.00
N ILE P 189 40.14 -25.40 -38.70
CA ILE P 189 40.26 -24.00 -38.29
C ILE P 189 39.60 -23.77 -36.94
N TRP P 190 38.43 -24.36 -36.72
CA TRP P 190 37.75 -24.25 -35.44
C TRP P 190 38.60 -24.85 -34.32
N ARG P 191 39.22 -26.00 -34.58
CA ARG P 191 40.07 -26.62 -33.57
C ARG P 191 41.27 -25.75 -33.26
N ASN P 192 41.96 -25.24 -34.29
CA ASN P 192 43.10 -24.37 -34.03
C ASN P 192 42.69 -23.08 -33.33
N ARG P 193 41.45 -22.65 -33.51
CA ARG P 193 40.97 -21.49 -32.78
C ARG P 193 40.65 -21.80 -31.33
N THR P 194 40.19 -23.02 -31.04
CA THR P 194 39.70 -23.33 -29.70
C THR P 194 40.53 -24.35 -28.92
N VAL P 195 41.29 -25.22 -29.58
CA VAL P 195 42.02 -26.25 -28.86
C VAL P 195 43.19 -25.62 -28.12
N ASP P 196 43.36 -26.01 -26.85
CA ASP P 196 44.46 -25.57 -26.00
C ASP P 196 44.43 -24.07 -25.75
N ILE P 197 43.24 -23.47 -25.74
CA ILE P 197 43.05 -22.05 -25.49
C ILE P 197 42.24 -21.91 -24.20
N GLY P 198 42.69 -21.04 -23.31
CA GLY P 198 42.01 -20.80 -22.06
C GLY P 198 41.96 -22.03 -21.16
N VAL P 199 43.08 -22.73 -21.03
CA VAL P 199 43.14 -23.90 -20.17
C VAL P 199 43.16 -23.47 -18.72
N VAL P 200 42.25 -24.02 -17.92
CA VAL P 200 42.19 -23.76 -16.49
C VAL P 200 42.19 -25.08 -15.75
N THR P 201 43.03 -25.19 -14.73
CA THR P 201 43.14 -26.42 -13.95
C THR P 201 41.96 -26.54 -13.00
N ALA P 202 41.75 -27.76 -12.50
CA ALA P 202 40.59 -28.02 -11.65
C ALA P 202 40.68 -27.25 -10.33
N GLU P 203 41.85 -27.24 -9.70
CA GLU P 203 41.97 -26.52 -8.43
C GLU P 203 41.77 -25.02 -8.62
N ASP P 204 42.37 -24.45 -9.66
CA ASP P 204 42.21 -23.02 -9.91
C ASP P 204 40.78 -22.68 -10.32
N ALA P 205 40.14 -23.53 -11.13
CA ALA P 205 38.75 -23.29 -11.49
C ALA P 205 37.85 -23.34 -10.26
N LEU P 206 38.11 -24.28 -9.36
CA LEU P 206 37.29 -24.41 -8.16
C LEU P 206 37.51 -23.24 -7.21
N ASN P 207 38.76 -22.83 -7.02
CA ASN P 207 39.04 -21.72 -6.11
C ASN P 207 38.49 -20.40 -6.62
N TYR P 208 38.55 -20.16 -7.93
CA TYR P 208 38.11 -18.90 -8.51
C TYR P 208 36.60 -18.74 -8.55
N GLY P 209 35.84 -19.75 -8.12
CA GLY P 209 34.40 -19.63 -8.08
C GLY P 209 33.68 -20.04 -9.34
N PHE P 210 34.33 -20.80 -10.22
CA PHE P 210 33.68 -21.21 -11.47
C PHE P 210 32.59 -22.24 -11.19
N SER P 211 31.68 -22.37 -12.15
CA SER P 211 30.56 -23.28 -12.04
C SER P 211 30.09 -23.65 -13.44
N GLY P 212 29.32 -24.72 -13.52
CA GLY P 212 28.83 -25.16 -14.81
C GLY P 212 29.93 -25.78 -15.63
N VAL P 213 29.94 -25.48 -16.93
CA VAL P 213 30.91 -26.08 -17.85
C VAL P 213 32.34 -25.75 -17.44
N MET P 214 32.57 -24.54 -16.94
CA MET P 214 33.90 -24.17 -16.47
C MET P 214 34.42 -25.13 -15.42
N LEU P 215 33.54 -25.73 -14.63
CA LEU P 215 33.98 -26.85 -13.80
C LEU P 215 34.06 -28.13 -14.62
N ARG P 216 32.98 -28.47 -15.32
CA ARG P 216 32.89 -29.75 -16.02
C ARG P 216 33.95 -29.88 -17.10
N GLY P 217 34.34 -28.77 -17.73
CA GLY P 217 35.37 -28.82 -18.75
C GLY P 217 36.73 -29.19 -18.21
N SER P 218 36.97 -28.98 -16.92
CA SER P 218 38.26 -29.28 -16.32
C SER P 218 38.31 -30.67 -15.70
N GLY P 219 37.29 -31.49 -15.89
CA GLY P 219 37.25 -32.82 -15.37
C GLY P 219 36.52 -32.97 -14.05
N ILE P 220 36.08 -31.87 -13.45
CA ILE P 220 35.36 -31.94 -12.18
C ILE P 220 33.96 -32.46 -12.44
N GLN P 221 33.58 -33.52 -11.74
CA GLN P 221 32.29 -34.17 -11.93
C GLN P 221 31.30 -33.58 -10.95
N TRP P 222 30.74 -32.43 -11.32
CA TRP P 222 29.79 -31.72 -10.46
C TRP P 222 28.64 -31.20 -11.31
N ASP P 223 27.42 -31.35 -10.79
CA ASP P 223 26.22 -30.83 -11.43
C ASP P 223 25.16 -30.69 -10.36
N LEU P 224 24.50 -29.54 -10.30
CA LEU P 224 23.50 -29.32 -9.26
C LEU P 224 22.21 -30.08 -9.52
N ARG P 225 21.87 -30.35 -10.78
CA ARG P 225 20.67 -31.13 -11.06
C ARG P 225 20.80 -32.57 -10.59
N LYS P 226 22.02 -33.08 -10.55
CA LYS P 226 22.27 -34.44 -10.10
C LYS P 226 22.55 -34.49 -8.59
N THR P 227 23.45 -33.65 -8.12
CA THR P 227 23.87 -33.71 -6.72
C THR P 227 22.81 -33.14 -5.79
N GLN P 228 22.18 -32.04 -6.18
CA GLN P 228 21.19 -31.34 -5.34
C GLN P 228 19.93 -31.08 -6.16
N PRO P 229 19.21 -32.13 -6.54
CA PRO P 229 18.06 -31.94 -7.43
C PRO P 229 16.96 -31.16 -6.75
N TYR P 230 16.22 -30.38 -7.54
CA TYR P 230 15.22 -29.49 -6.98
C TYR P 230 13.79 -29.77 -7.43
N ASP P 231 13.47 -29.84 -8.71
CA ASP P 231 12.04 -29.98 -8.99
C ASP P 231 11.59 -31.42 -9.19
N VAL P 232 11.95 -32.04 -10.31
CA VAL P 232 11.70 -33.46 -10.51
C VAL P 232 12.94 -34.07 -11.16
N TYR P 233 14.06 -33.36 -11.09
CA TYR P 233 15.27 -33.78 -11.80
C TYR P 233 15.79 -35.12 -11.31
N ASP P 234 15.36 -35.56 -10.12
CA ASP P 234 15.69 -36.89 -9.65
C ASP P 234 14.79 -37.97 -10.23
N GLN P 235 13.76 -37.59 -10.98
CA GLN P 235 12.88 -38.55 -11.64
C GLN P 235 13.16 -38.65 -13.14
N VAL P 236 14.25 -38.05 -13.63
CA VAL P 236 14.62 -38.14 -15.04
C VAL P 236 16.06 -38.64 -15.11
N GLU P 237 16.39 -39.25 -16.24
CA GLU P 237 17.71 -39.84 -16.46
C GLU P 237 18.43 -39.09 -17.58
N PHE P 238 19.67 -38.70 -17.31
CA PHE P 238 20.51 -38.04 -18.30
C PHE P 238 21.95 -38.16 -17.87
N ASP P 239 22.85 -37.98 -18.83
CA ASP P 239 24.28 -38.03 -18.58
C ASP P 239 24.84 -36.61 -18.50
N VAL P 240 25.99 -36.50 -17.87
CA VAL P 240 26.66 -35.23 -17.64
C VAL P 240 28.01 -35.27 -18.33
N PRO P 241 28.15 -34.61 -19.48
CA PRO P 241 29.44 -34.63 -20.19
C PRO P 241 30.53 -33.99 -19.35
N ILE P 242 31.72 -34.60 -19.42
CA ILE P 242 32.88 -34.19 -18.62
C ILE P 242 34.06 -33.98 -19.55
N GLY P 243 34.71 -32.82 -19.43
CA GLY P 243 35.87 -32.52 -20.25
C GLY P 243 37.14 -33.18 -19.72
N SER P 244 38.21 -33.02 -20.50
CA SER P 244 39.46 -33.69 -20.16
C SER P 244 40.66 -32.74 -20.15
N ARG P 245 40.61 -31.69 -20.96
CA ARG P 245 41.73 -30.77 -21.09
C ARG P 245 41.48 -29.38 -20.54
N GLY P 246 40.24 -29.00 -20.29
CA GLY P 246 39.96 -27.68 -19.74
C GLY P 246 40.13 -26.54 -20.71
N ASP P 247 40.06 -26.80 -22.01
CA ASP P 247 40.23 -25.77 -23.03
C ASP P 247 38.87 -25.42 -23.62
N CYS P 248 38.88 -24.50 -24.59
CA CYS P 248 37.64 -24.04 -25.20
C CYS P 248 36.96 -25.15 -26.00
N TYR P 249 37.74 -26.00 -26.66
CA TYR P 249 37.16 -27.08 -27.45
C TYR P 249 36.38 -28.05 -26.58
N ASP P 250 36.92 -28.39 -25.41
CA ASP P 250 36.23 -29.30 -24.50
C ASP P 250 34.91 -28.69 -24.02
N ARG P 251 34.91 -27.38 -23.72
CA ARG P 251 33.68 -26.74 -23.28
C ARG P 251 32.65 -26.66 -24.41
N TYR P 252 33.11 -26.44 -25.64
CA TYR P 252 32.19 -26.48 -26.79
C TYR P 252 31.55 -27.86 -26.92
N LEU P 253 32.36 -28.91 -26.82
CA LEU P 253 31.81 -30.27 -26.87
C LEU P 253 30.83 -30.50 -25.72
N CYS P 254 31.17 -30.01 -24.53
CA CYS P 254 30.30 -30.18 -23.38
C CYS P 254 28.95 -29.50 -23.61
N ARG P 255 28.95 -28.31 -24.18
CA ARG P 255 27.70 -27.61 -24.42
C ARG P 255 26.85 -28.32 -25.47
N VAL P 256 27.49 -28.86 -26.53
CA VAL P 256 26.75 -29.62 -27.53
C VAL P 256 26.13 -30.87 -26.92
N GLU P 257 26.89 -31.58 -26.10
CA GLU P 257 26.36 -32.77 -25.45
C GLU P 257 25.27 -32.40 -24.44
N GLU P 258 25.36 -31.23 -23.82
CA GLU P 258 24.25 -30.75 -23.01
C GLU P 258 23.01 -30.52 -23.84
N MET P 259 23.15 -30.02 -25.07
CA MET P 259 21.98 -29.90 -25.93
C MET P 259 21.32 -31.27 -26.13
N ARG P 260 22.14 -32.28 -26.40
CA ARG P 260 21.58 -33.62 -26.62
C ARG P 260 20.91 -34.18 -25.37
N GLN P 261 21.55 -34.00 -24.20
CA GLN P 261 20.95 -34.47 -22.96
C GLN P 261 19.69 -33.70 -22.62
N SER P 262 19.62 -32.41 -22.96
CA SER P 262 18.39 -31.66 -22.78
C SER P 262 17.29 -32.20 -23.66
N LEU P 263 17.62 -32.62 -24.88
CA LEU P 263 16.62 -33.28 -25.72
C LEU P 263 16.11 -34.56 -25.07
N ARG P 264 17.02 -35.34 -24.50
CA ARG P 264 16.64 -36.56 -23.79
C ARG P 264 15.68 -36.26 -22.64
N ILE P 265 16.01 -35.26 -21.82
CA ILE P 265 15.16 -34.88 -20.70
C ILE P 265 13.83 -34.35 -21.20
N ILE P 266 13.82 -33.62 -22.32
CA ILE P 266 12.57 -33.11 -22.87
C ILE P 266 11.65 -34.25 -23.27
N SER P 267 12.21 -35.28 -23.91
CA SER P 267 11.40 -36.45 -24.26
C SER P 267 10.81 -37.09 -23.01
N GLN P 268 11.64 -37.29 -21.98
CA GLN P 268 11.14 -37.90 -20.75
C GLN P 268 10.04 -37.05 -20.11
N CYS P 269 10.22 -35.72 -20.12
CA CYS P 269 9.23 -34.83 -19.53
C CYS P 269 7.92 -34.84 -20.30
N LEU P 270 8.01 -34.92 -21.63
CA LEU P 270 6.79 -35.04 -22.43
C LEU P 270 6.05 -36.32 -22.09
N ASN P 271 6.77 -37.43 -21.92
CA ASN P 271 6.09 -38.70 -21.71
C ASN P 271 5.44 -38.80 -20.33
N LYS P 272 6.02 -38.17 -19.31
CA LYS P 272 5.61 -38.38 -17.93
C LYS P 272 4.86 -37.19 -17.34
N MET P 273 4.26 -36.36 -18.18
CA MET P 273 3.51 -35.21 -17.69
C MET P 273 2.27 -35.69 -16.93
N PRO P 274 2.09 -35.30 -15.67
CA PRO P 274 0.96 -35.79 -14.90
C PRO P 274 -0.21 -34.83 -14.98
N PRO P 275 -1.41 -35.29 -14.63
CA PRO P 275 -2.56 -34.38 -14.54
C PRO P 275 -2.58 -33.65 -13.20
N GLY P 276 -3.42 -32.63 -13.14
CA GLY P 276 -3.67 -31.91 -11.91
C GLY P 276 -3.64 -30.42 -12.12
N GLU P 277 -3.59 -29.69 -11.02
CA GLU P 277 -3.57 -28.24 -11.05
C GLU P 277 -2.16 -27.73 -11.30
N ILE P 278 -2.02 -26.41 -11.40
CA ILE P 278 -0.78 -25.79 -11.84
C ILE P 278 -0.14 -24.92 -10.77
N LYS P 279 -0.86 -24.55 -9.72
CA LYS P 279 -0.32 -23.73 -8.66
C LYS P 279 -0.79 -24.29 -7.33
N VAL P 280 -0.04 -23.94 -6.27
CA VAL P 280 -0.38 -24.43 -4.94
C VAL P 280 -1.80 -24.03 -4.61
N ASP P 281 -2.58 -25.01 -4.13
CA ASP P 281 -4.01 -24.77 -3.88
C ASP P 281 -4.20 -24.14 -2.51
N ASP P 282 -3.56 -22.98 -2.35
CA ASP P 282 -3.54 -22.22 -1.09
C ASP P 282 -3.73 -20.75 -1.49
N ALA P 283 -4.97 -20.28 -1.45
CA ALA P 283 -5.32 -18.98 -1.99
C ALA P 283 -4.76 -17.82 -1.18
N LYS P 284 -3.99 -18.07 -0.13
CA LYS P 284 -3.27 -17.02 0.55
C LYS P 284 -1.86 -16.82 -0.02
N VAL P 285 -1.47 -17.63 -0.99
CA VAL P 285 -0.21 -17.47 -1.70
C VAL P 285 -0.43 -17.35 -3.21
N SER P 286 -1.28 -18.21 -3.76
CA SER P 286 -1.59 -18.19 -5.18
C SER P 286 -3.00 -17.69 -5.40
N PRO P 287 -3.23 -16.80 -6.37
CA PRO P 287 -4.57 -16.23 -6.53
C PRO P 287 -5.56 -17.27 -6.99
N PRO P 288 -6.82 -17.13 -6.62
CA PRO P 288 -7.84 -18.06 -7.10
C PRO P 288 -8.17 -17.83 -8.56
N LYS P 289 -8.93 -18.76 -9.13
CA LYS P 289 -9.34 -18.65 -10.52
C LYS P 289 -10.31 -17.48 -10.69
N ARG P 290 -10.39 -16.97 -11.92
CA ARG P 290 -11.22 -15.80 -12.18
C ARG P 290 -12.68 -16.08 -11.87
N ALA P 291 -13.17 -17.27 -12.25
CA ALA P 291 -14.56 -17.61 -11.94
C ALA P 291 -14.80 -17.67 -10.45
N GLU P 292 -13.89 -18.31 -9.70
CA GLU P 292 -14.02 -18.38 -8.25
C GLU P 292 -13.99 -16.99 -7.63
N MET P 293 -13.11 -16.13 -8.13
CA MET P 293 -13.05 -14.76 -7.63
C MET P 293 -14.35 -14.02 -7.90
N LYS P 294 -14.95 -14.25 -9.06
CA LYS P 294 -16.16 -13.54 -9.45
C LYS P 294 -17.43 -14.14 -8.85
N THR P 295 -17.35 -15.31 -8.21
CA THR P 295 -18.54 -15.89 -7.59
C THR P 295 -18.45 -16.08 -6.08
N SER P 296 -17.26 -16.04 -5.49
CA SER P 296 -17.08 -16.32 -4.08
C SER P 296 -16.55 -15.08 -3.36
N MET P 297 -16.80 -15.02 -2.04
CA MET P 297 -16.40 -13.85 -1.27
C MET P 297 -14.97 -13.96 -0.75
N GLU P 298 -14.61 -15.10 -0.18
CA GLU P 298 -13.24 -15.33 0.23
C GLU P 298 -12.28 -15.21 -0.95
N SER P 299 -12.67 -15.75 -2.10
CA SER P 299 -11.82 -15.65 -3.28
C SER P 299 -11.62 -14.21 -3.72
N LEU P 300 -12.66 -13.40 -3.67
CA LEU P 300 -12.52 -11.99 -4.03
C LEU P 300 -11.64 -11.25 -3.04
N ILE P 301 -11.83 -11.49 -1.74
CA ILE P 301 -10.99 -10.85 -0.73
C ILE P 301 -9.53 -11.23 -0.95
N HIS P 302 -9.27 -12.50 -1.23
CA HIS P 302 -7.91 -12.97 -1.39
C HIS P 302 -7.28 -12.43 -2.67
N HIS P 303 -8.05 -12.37 -3.76
CA HIS P 303 -7.55 -11.77 -4.99
C HIS P 303 -7.19 -10.31 -4.78
N PHE P 304 -8.08 -9.55 -4.12
CA PHE P 304 -7.81 -8.16 -3.81
C PHE P 304 -6.52 -8.00 -3.01
N LYS P 305 -6.40 -8.76 -1.92
CA LYS P 305 -5.25 -8.59 -1.04
C LYS P 305 -3.95 -9.06 -1.70
N LEU P 306 -4.02 -10.08 -2.55
CA LEU P 306 -2.81 -10.59 -3.20
C LEU P 306 -2.34 -9.67 -4.30
N TYR P 307 -3.27 -9.01 -5.00
CA TYR P 307 -2.87 -8.12 -6.08
C TYR P 307 -2.70 -6.67 -5.64
N THR P 308 -2.99 -6.34 -4.39
CA THR P 308 -2.66 -5.02 -3.87
C THR P 308 -1.49 -5.04 -2.91
N GLU P 309 -1.53 -5.88 -1.88
CA GLU P 309 -0.48 -5.97 -0.88
C GLU P 309 0.47 -7.13 -1.11
N GLY P 310 -0.04 -8.27 -1.56
CA GLY P 310 0.77 -9.46 -1.72
C GLY P 310 0.75 -10.32 -0.47
N TYR P 311 1.42 -11.47 -0.57
CA TYR P 311 1.53 -12.40 0.53
C TYR P 311 2.71 -12.02 1.42
N GLN P 312 2.56 -12.23 2.72
CA GLN P 312 3.63 -11.98 3.66
C GLN P 312 4.46 -13.24 3.83
N VAL P 313 5.77 -13.12 3.67
CA VAL P 313 6.69 -14.24 3.76
C VAL P 313 7.27 -14.25 5.18
N PRO P 314 7.33 -15.40 5.85
CA PRO P 314 7.87 -15.43 7.20
C PRO P 314 9.33 -14.98 7.19
N PRO P 315 9.77 -14.32 8.27
CA PRO P 315 11.14 -13.80 8.30
C PRO P 315 12.18 -14.91 8.18
N GLY P 316 13.28 -14.58 7.53
CA GLY P 316 14.37 -15.53 7.38
C GLY P 316 15.18 -15.24 6.15
N ALA P 317 16.34 -15.88 6.08
CA ALA P 317 17.25 -15.72 4.96
C ALA P 317 17.55 -17.08 4.35
N THR P 318 17.59 -17.13 3.02
CA THR P 318 17.92 -18.36 2.32
C THR P 318 18.89 -18.03 1.20
N TYR P 319 19.67 -19.03 0.81
CA TYR P 319 20.46 -18.98 -0.42
C TYR P 319 20.04 -20.18 -1.25
N THR P 320 19.33 -19.93 -2.34
CA THR P 320 18.83 -20.98 -3.21
C THR P 320 19.53 -20.88 -4.55
N ALA P 321 20.15 -21.98 -4.98
CA ALA P 321 20.90 -22.03 -6.22
C ALA P 321 20.34 -23.13 -7.12
N ILE P 322 20.40 -22.89 -8.43
CA ILE P 322 20.01 -23.88 -9.42
C ILE P 322 21.11 -23.96 -10.47
N GLU P 323 21.07 -25.05 -11.24
CA GLU P 323 22.00 -25.27 -12.34
C GLU P 323 21.43 -24.62 -13.60
N ALA P 324 21.61 -23.30 -13.68
CA ALA P 324 21.24 -22.57 -14.86
C ALA P 324 22.16 -22.95 -16.01
N PRO P 325 21.76 -22.71 -17.25
CA PRO P 325 22.60 -23.12 -18.38
C PRO P 325 23.97 -22.47 -18.39
N LYS P 326 24.15 -21.35 -17.69
CA LYS P 326 25.45 -20.69 -17.60
C LYS P 326 26.27 -21.13 -16.40
N GLY P 327 25.70 -21.96 -15.52
CA GLY P 327 26.41 -22.36 -14.31
C GLY P 327 25.51 -22.32 -13.09
N GLU P 328 26.09 -22.19 -11.91
CA GLU P 328 25.27 -22.06 -10.69
C GLU P 328 24.72 -20.65 -10.62
N PHE P 329 23.41 -20.52 -10.71
CA PHE P 329 22.73 -19.24 -10.54
C PHE P 329 21.98 -19.29 -9.21
N GLY P 330 22.28 -18.35 -8.32
CA GLY P 330 21.70 -18.37 -6.99
C GLY P 330 21.11 -17.03 -6.62
N VAL P 331 20.26 -17.07 -5.60
CA VAL P 331 19.71 -15.86 -5.00
C VAL P 331 19.77 -16.00 -3.48
N TYR P 332 20.28 -14.97 -2.83
CA TYR P 332 20.28 -14.86 -1.38
C TYR P 332 19.16 -13.89 -1.01
N LEU P 333 18.06 -14.44 -0.49
CA LEU P 333 16.85 -13.69 -0.24
C LEU P 333 16.65 -13.56 1.27
N VAL P 334 16.47 -12.33 1.73
CA VAL P 334 16.27 -12.01 3.14
C VAL P 334 14.91 -11.35 3.29
N SER P 335 14.06 -11.93 4.12
CA SER P 335 12.71 -11.46 4.37
C SER P 335 12.56 -11.04 5.82
N ASP P 336 12.03 -9.84 6.04
CA ASP P 336 11.80 -9.30 7.36
C ASP P 336 10.40 -9.59 7.89
N GLY P 337 9.60 -10.34 7.14
CA GLY P 337 8.27 -10.70 7.56
C GLY P 337 7.15 -9.97 6.87
N SER P 338 7.45 -9.18 5.84
CA SER P 338 6.44 -8.42 5.11
C SER P 338 6.31 -8.96 3.69
N SER P 339 5.49 -8.29 2.88
CA SER P 339 5.30 -8.64 1.49
C SER P 339 6.37 -8.07 0.57
N ARG P 340 7.31 -7.31 1.12
CA ARG P 340 8.37 -6.67 0.38
C ARG P 340 9.71 -7.24 0.84
N PRO P 341 10.48 -7.88 -0.04
CA PRO P 341 11.73 -8.50 0.39
C PRO P 341 12.69 -7.47 0.97
N TYR P 342 13.34 -7.83 2.08
CA TYR P 342 14.29 -6.92 2.69
C TYR P 342 15.58 -6.85 1.90
N ARG P 343 16.08 -7.99 1.44
CA ARG P 343 17.30 -7.98 0.65
C ARG P 343 17.21 -9.08 -0.40
N CYS P 344 17.74 -8.80 -1.59
CA CYS P 344 17.82 -9.79 -2.65
C CYS P 344 19.18 -9.66 -3.32
N LYS P 345 20.14 -10.46 -2.88
CA LYS P 345 21.42 -10.57 -3.56
C LYS P 345 21.29 -11.61 -4.67
N ILE P 346 21.84 -11.30 -5.83
CA ILE P 346 21.74 -12.17 -7.00
C ILE P 346 23.15 -12.60 -7.37
N LYS P 347 23.40 -13.91 -7.34
CA LYS P 347 24.70 -14.46 -7.70
C LYS P 347 24.60 -15.10 -9.08
N ALA P 348 25.35 -14.54 -10.04
CA ALA P 348 25.39 -15.06 -11.38
C ALA P 348 26.77 -15.61 -11.69
N PRO P 349 26.86 -16.74 -12.40
CA PRO P 349 28.19 -17.30 -12.70
C PRO P 349 29.04 -16.40 -13.58
N GLY P 350 28.43 -15.50 -14.34
CA GLY P 350 29.19 -14.63 -15.22
C GLY P 350 30.13 -13.73 -14.46
N PHE P 351 29.75 -13.31 -13.25
CA PHE P 351 30.62 -12.47 -12.44
C PHE P 351 31.95 -13.17 -12.15
N ALA P 352 31.88 -14.40 -11.64
CA ALA P 352 33.09 -15.14 -11.32
C ALA P 352 33.87 -15.50 -12.59
N HIS P 353 33.17 -15.84 -13.67
CA HIS P 353 33.85 -16.18 -14.90
C HIS P 353 34.63 -14.98 -15.46
N LEU P 354 34.01 -13.80 -15.49
CA LEU P 354 34.72 -12.62 -15.96
C LEU P 354 35.80 -12.18 -14.99
N ALA P 355 35.65 -12.49 -13.71
CA ALA P 355 36.75 -12.27 -12.77
C ALA P 355 37.94 -13.16 -13.10
N GLY P 356 37.69 -14.41 -13.47
CA GLY P 356 38.75 -15.31 -13.86
C GLY P 356 39.30 -15.11 -15.24
N LEU P 357 38.65 -14.27 -16.05
CA LEU P 357 39.16 -13.94 -17.38
C LEU P 357 40.63 -13.53 -17.37
N ASP P 358 41.02 -12.72 -16.37
CA ASP P 358 42.39 -12.21 -16.34
C ASP P 358 43.40 -13.34 -16.26
N LYS P 359 43.14 -14.33 -15.41
CA LYS P 359 44.03 -15.48 -15.32
C LYS P 359 43.90 -16.37 -16.55
N MET P 360 42.69 -16.46 -17.11
CA MET P 360 42.44 -17.38 -18.22
C MET P 360 43.18 -16.98 -19.49
N SER P 361 43.59 -15.72 -19.61
CA SER P 361 44.19 -15.19 -20.83
C SER P 361 45.65 -14.79 -20.60
N LYS P 362 46.42 -15.64 -19.93
CA LYS P 362 47.83 -15.39 -19.72
C LYS P 362 48.63 -15.99 -20.86
N GLY P 363 49.42 -15.16 -21.54
CA GLY P 363 50.26 -15.62 -22.62
C GLY P 363 49.49 -16.13 -23.82
N HIS P 364 48.48 -15.40 -24.25
CA HIS P 364 47.68 -15.75 -25.42
C HIS P 364 47.69 -14.60 -26.41
N MET P 365 47.24 -14.89 -27.62
CA MET P 365 47.15 -13.86 -28.65
C MET P 365 46.02 -12.89 -28.34
N LEU P 366 45.99 -11.80 -29.08
CA LEU P 366 44.89 -10.85 -28.97
C LEU P 366 43.57 -11.46 -29.45
N ALA P 367 43.64 -12.30 -30.50
CA ALA P 367 42.43 -12.90 -31.03
C ALA P 367 41.89 -14.00 -30.12
N ASP P 368 42.74 -14.58 -29.26
CA ASP P 368 42.27 -15.61 -28.35
C ASP P 368 41.41 -15.05 -27.21
N VAL P 369 41.52 -13.76 -26.93
CA VAL P 369 40.71 -13.17 -25.87
C VAL P 369 39.23 -13.22 -26.26
N VAL P 370 38.94 -13.02 -27.54
CA VAL P 370 37.56 -13.14 -28.02
C VAL P 370 37.07 -14.57 -27.84
N ALA P 371 37.91 -15.56 -28.14
CA ALA P 371 37.52 -16.95 -27.95
C ALA P 371 37.26 -17.25 -26.48
N ILE P 372 38.09 -16.71 -25.59
CA ILE P 372 37.90 -16.97 -24.17
C ILE P 372 36.61 -16.34 -23.66
N ILE P 373 36.36 -15.08 -24.07
CA ILE P 373 35.12 -14.42 -23.67
C ILE P 373 33.92 -15.20 -24.20
N GLY P 374 34.01 -15.71 -25.43
CA GLY P 374 32.91 -16.51 -25.97
C GLY P 374 32.68 -17.80 -25.21
N THR P 375 33.76 -18.49 -24.85
CA THR P 375 33.60 -19.75 -24.14
C THR P 375 33.16 -19.57 -22.71
N GLN P 376 33.36 -18.38 -22.13
CA GLN P 376 32.77 -18.10 -20.83
C GLN P 376 31.28 -17.79 -20.92
N ASP P 377 30.80 -17.38 -22.09
CA ASP P 377 29.39 -17.08 -22.33
C ASP P 377 28.89 -16.02 -21.34
N ILE P 378 29.46 -14.83 -21.45
CA ILE P 378 29.20 -13.75 -20.52
C ILE P 378 28.08 -12.88 -21.07
N VAL P 379 26.95 -12.86 -20.37
CA VAL P 379 25.87 -11.93 -20.63
C VAL P 379 25.87 -10.90 -19.51
N PHE P 380 26.01 -9.64 -19.88
CA PHE P 380 26.33 -8.61 -18.89
C PHE P 380 25.12 -8.15 -18.09
N GLY P 381 23.91 -8.58 -18.44
CA GLY P 381 22.78 -8.33 -17.57
C GLY P 381 22.93 -9.02 -16.24
N GLU P 382 23.33 -10.29 -16.25
CA GLU P 382 23.56 -11.01 -15.01
C GLU P 382 24.86 -10.61 -14.35
N VAL P 383 25.84 -10.13 -15.12
CA VAL P 383 27.11 -9.71 -14.55
C VAL P 383 26.93 -8.42 -13.75
N ASP P 384 26.20 -7.46 -14.33
CA ASP P 384 26.08 -6.14 -13.71
C ASP P 384 24.88 -6.04 -12.79
N ARG P 385 23.76 -6.65 -13.17
CA ARG P 385 22.54 -6.65 -12.35
C ARG P 385 22.10 -5.24 -11.98
N GLY Q 1 -23.07 11.40 -27.00
CA GLY Q 1 -23.37 12.82 -26.96
C GLY Q 1 -22.16 13.68 -26.63
N VAL Q 2 -21.47 14.13 -27.68
CA VAL Q 2 -20.26 14.93 -27.53
C VAL Q 2 -20.61 16.40 -27.72
N ARG Q 3 -20.33 17.20 -26.69
CA ARG Q 3 -20.56 18.63 -26.74
C ARG Q 3 -19.32 19.35 -27.26
N THR Q 4 -19.49 20.62 -27.60
CA THR Q 4 -18.40 21.44 -28.10
C THR Q 4 -18.15 22.61 -27.15
N SER Q 5 -16.88 22.90 -26.92
CA SER Q 5 -16.50 23.96 -26.00
C SER Q 5 -16.80 25.33 -26.61
N PRO Q 6 -17.00 26.36 -25.77
CA PRO Q 6 -17.17 27.72 -26.32
C PRO Q 6 -16.04 28.15 -27.23
N THR Q 7 -14.80 27.78 -26.93
CA THR Q 7 -13.69 28.10 -27.83
C THR Q 7 -13.85 27.38 -29.16
N GLY Q 8 -14.30 26.14 -29.13
CA GLY Q 8 -14.45 25.35 -30.35
C GLY Q 8 -13.98 23.93 -30.15
N GLU Q 9 -13.38 23.66 -28.99
CA GLU Q 9 -12.86 22.35 -28.68
C GLU Q 9 -13.98 21.39 -28.33
N LYS Q 10 -13.64 20.11 -28.28
CA LYS Q 10 -14.56 19.06 -27.85
C LYS Q 10 -14.33 18.73 -26.39
N VAL Q 11 -15.41 18.65 -25.63
CA VAL Q 11 -15.36 18.36 -24.21
C VAL Q 11 -15.47 16.86 -24.02
N THR Q 12 -14.51 16.28 -23.30
CA THR Q 12 -14.49 14.84 -23.09
C THR Q 12 -15.61 14.43 -22.13
N HIS Q 13 -15.72 13.12 -21.90
CA HIS Q 13 -16.74 12.61 -21.02
C HIS Q 13 -16.50 12.99 -19.56
N THR Q 14 -15.29 13.41 -19.22
CA THR Q 14 -14.98 13.86 -17.87
C THR Q 14 -15.22 15.35 -17.68
N GLY Q 15 -15.61 16.06 -18.73
CA GLY Q 15 -15.79 17.50 -18.64
C GLY Q 15 -14.52 18.30 -18.76
N GLN Q 16 -13.52 17.81 -19.48
CA GLN Q 16 -12.25 18.48 -19.62
C GLN Q 16 -12.22 19.31 -20.90
N ALA Q 17 -11.83 20.57 -20.77
CA ALA Q 17 -11.66 21.46 -21.91
C ALA Q 17 -10.84 22.66 -21.48
N TYR Q 18 -9.77 22.95 -22.21
CA TYR Q 18 -8.98 24.14 -21.93
C TYR Q 18 -9.81 25.39 -22.16
N ASP Q 19 -9.75 26.33 -21.22
CA ASP Q 19 -10.49 27.56 -21.34
C ASP Q 19 -9.75 28.53 -22.27
N ASP Q 20 -10.32 29.73 -22.41
CA ASP Q 20 -9.84 30.68 -23.41
C ASP Q 20 -8.39 31.06 -23.16
N GLY Q 21 -8.03 31.32 -21.90
CA GLY Q 21 -6.71 31.81 -21.58
C GLY Q 21 -5.63 30.77 -21.38
N ASP Q 22 -5.94 29.49 -21.51
CA ASP Q 22 -4.94 28.45 -21.24
C ASP Q 22 -4.05 28.27 -22.46
N TYR Q 23 -2.74 28.39 -22.25
CA TYR Q 23 -1.78 28.31 -23.35
C TYR Q 23 -1.65 26.90 -23.90
N ARG Q 24 -1.92 25.87 -23.10
CA ARG Q 24 -1.64 24.49 -23.48
C ARG Q 24 -2.37 24.08 -24.75
N ARG Q 25 -3.43 24.80 -25.14
CA ARG Q 25 -4.10 24.56 -26.39
C ARG Q 25 -3.15 24.52 -27.58
N VAL Q 26 -1.97 25.16 -27.46
CA VAL Q 26 -1.04 25.19 -28.57
C VAL Q 26 -0.60 23.78 -28.95
N ARG Q 27 -0.70 22.82 -28.03
CA ARG Q 27 -0.30 21.46 -28.35
C ARG Q 27 -1.23 20.82 -29.38
N PHE Q 28 -2.45 21.34 -29.55
CA PHE Q 28 -3.40 20.77 -30.49
C PHE Q 28 -3.40 21.45 -31.85
N SER Q 29 -2.86 22.66 -31.95
CA SER Q 29 -2.84 23.36 -33.22
C SER Q 29 -1.96 22.61 -34.22
N ASP Q 30 -2.42 22.55 -35.47
CA ASP Q 30 -1.84 21.74 -36.54
C ASP Q 30 -1.89 20.24 -36.25
N ARG Q 31 -2.62 19.85 -35.21
CA ARG Q 31 -2.82 18.44 -34.86
C ARG Q 31 -4.26 18.28 -34.42
N GLN Q 32 -4.57 17.18 -33.77
CA GLN Q 32 -5.93 16.87 -33.35
C GLN Q 32 -5.97 16.57 -31.86
N LYS Q 33 -7.17 16.73 -31.29
CA LYS Q 33 -7.42 16.39 -29.89
C LYS Q 33 -8.19 15.08 -29.84
N GLU Q 34 -7.69 14.13 -29.06
CA GLU Q 34 -8.28 12.80 -28.98
C GLU Q 34 -9.44 12.82 -28.01
N VAL Q 35 -10.66 12.67 -28.52
CA VAL Q 35 -11.87 12.57 -27.70
C VAL Q 35 -12.64 11.33 -28.14
N ASN Q 36 -13.04 10.51 -27.17
CA ASN Q 36 -13.89 9.37 -27.47
C ASN Q 36 -15.32 9.83 -27.67
N GLU Q 37 -15.93 9.40 -28.78
CA GLU Q 37 -17.27 9.86 -29.11
C GLU Q 37 -18.34 9.16 -28.28
N ASN Q 38 -18.09 7.92 -27.85
CA ASN Q 38 -19.07 7.14 -27.12
C ASN Q 38 -19.00 7.46 -25.64
N PHE Q 39 -20.05 8.06 -25.11
CA PHE Q 39 -20.11 8.45 -23.70
C PHE Q 39 -20.84 7.37 -22.93
N ALA Q 40 -20.16 6.79 -21.94
CA ALA Q 40 -20.73 5.68 -21.19
C ALA Q 40 -21.97 6.10 -20.42
N ILE Q 41 -21.99 7.34 -19.91
CA ILE Q 41 -23.13 7.81 -19.14
C ILE Q 41 -24.39 7.88 -20.00
N ASP Q 42 -24.26 8.44 -21.21
CA ASP Q 42 -25.41 8.49 -22.11
C ASP Q 42 -25.83 7.09 -22.57
N LEU Q 43 -24.86 6.22 -22.85
CA LEU Q 43 -25.20 4.88 -23.33
C LEU Q 43 -25.89 4.06 -22.26
N ILE Q 44 -25.50 4.22 -20.99
CA ILE Q 44 -26.16 3.49 -19.92
C ILE Q 44 -27.47 4.16 -19.52
N ALA Q 45 -27.65 5.44 -19.85
CA ALA Q 45 -28.90 6.11 -19.53
C ALA Q 45 -30.07 5.55 -20.32
N GLU Q 46 -29.82 5.10 -21.56
CA GLU Q 46 -30.88 4.64 -22.45
C GLU Q 46 -31.24 3.16 -22.25
N GLN Q 47 -30.58 2.46 -21.34
CA GLN Q 47 -30.90 1.06 -21.12
C GLN Q 47 -32.29 0.91 -20.50
N PRO Q 48 -33.06 -0.08 -20.93
CA PRO Q 48 -34.36 -0.33 -20.29
C PRO Q 48 -34.19 -0.88 -18.88
N VAL Q 49 -35.16 -0.58 -18.03
CA VAL Q 49 -35.16 -1.05 -16.66
C VAL Q 49 -35.77 -2.44 -16.63
N SER Q 50 -35.00 -3.42 -16.16
CA SER Q 50 -35.47 -4.80 -16.17
C SER Q 50 -36.56 -5.00 -15.12
N GLU Q 51 -37.54 -5.82 -15.48
CA GLU Q 51 -38.69 -6.14 -14.65
C GLU Q 51 -38.54 -7.57 -14.16
N VAL Q 52 -38.40 -7.74 -12.85
CA VAL Q 52 -38.37 -9.06 -12.21
C VAL Q 52 -39.37 -9.06 -11.08
N GLY Q 53 -39.98 -10.21 -10.83
CA GLY Q 53 -40.98 -10.32 -9.78
C GLY Q 53 -40.45 -10.87 -8.48
N SER Q 54 -39.17 -10.68 -8.22
CA SER Q 54 -38.53 -11.17 -7.00
C SER Q 54 -38.04 -9.99 -6.18
N ARG Q 55 -38.07 -10.16 -4.85
CA ARG Q 55 -37.71 -9.08 -3.95
C ARG Q 55 -36.22 -8.77 -4.02
N VAL Q 56 -35.39 -9.79 -4.28
CA VAL Q 56 -33.95 -9.64 -4.43
C VAL Q 56 -33.56 -10.25 -5.75
N ILE Q 57 -32.79 -9.50 -6.55
CA ILE Q 57 -32.33 -9.98 -7.85
C ILE Q 57 -30.82 -10.13 -7.82
N SER Q 58 -30.29 -10.90 -8.75
CA SER Q 58 -28.85 -11.10 -8.89
C SER Q 58 -28.39 -10.53 -10.22
N CYS Q 59 -27.20 -9.94 -10.22
CA CYS Q 59 -26.59 -9.42 -11.43
C CYS Q 59 -25.12 -9.80 -11.46
N ASP Q 60 -24.70 -10.38 -12.58
CA ASP Q 60 -23.29 -10.70 -12.81
C ASP Q 60 -22.76 -10.01 -14.04
N GLY Q 61 -23.50 -9.07 -14.62
CA GLY Q 61 -23.05 -8.31 -15.76
C GLY Q 61 -23.24 -8.98 -17.10
N GLY Q 62 -23.79 -10.20 -17.14
CA GLY Q 62 -23.96 -10.91 -18.38
C GLY Q 62 -22.67 -11.58 -18.83
N GLY Q 63 -22.77 -12.83 -19.28
CA GLY Q 63 -21.62 -13.58 -19.74
C GLY Q 63 -21.04 -14.54 -18.72
N GLY Q 64 -21.57 -14.58 -17.51
CA GLY Q 64 -21.07 -15.48 -16.49
C GLY Q 64 -19.71 -15.05 -15.97
N ALA Q 65 -18.69 -15.87 -16.20
CA ALA Q 65 -17.34 -15.54 -15.75
C ALA Q 65 -16.72 -14.40 -16.55
N LEU Q 66 -17.34 -13.98 -17.65
CA LEU Q 66 -16.82 -12.89 -18.46
C LEU Q 66 -17.37 -11.54 -18.06
N GLY Q 67 -18.21 -11.48 -17.03
CA GLY Q 67 -18.77 -10.23 -16.52
C GLY Q 67 -18.02 -9.73 -15.31
N HIS Q 68 -18.77 -9.21 -14.35
CA HIS Q 68 -18.24 -8.70 -13.10
C HIS Q 68 -18.66 -9.60 -11.95
N PRO Q 69 -18.10 -9.39 -10.74
CA PRO Q 69 -18.50 -10.23 -9.60
C PRO Q 69 -20.00 -10.17 -9.35
N ARG Q 70 -20.58 -11.32 -9.02
CA ARG Q 70 -22.02 -11.42 -8.81
C ARG Q 70 -22.43 -10.62 -7.59
N VAL Q 71 -23.51 -9.84 -7.73
CA VAL Q 71 -24.04 -9.04 -6.63
C VAL Q 71 -25.54 -9.25 -6.56
N TYR Q 72 -26.10 -8.92 -5.39
CA TYR Q 72 -27.52 -9.03 -5.13
C TYR Q 72 -28.09 -7.66 -4.82
N ILE Q 73 -29.20 -7.32 -5.48
CA ILE Q 73 -29.80 -6.01 -5.42
C ILE Q 73 -31.19 -6.13 -4.82
N ASN Q 74 -31.48 -5.30 -3.82
CA ASN Q 74 -32.78 -5.24 -3.18
C ASN Q 74 -33.68 -4.28 -3.95
N LEU Q 75 -34.96 -4.64 -4.07
CA LEU Q 75 -35.92 -3.86 -4.84
C LEU Q 75 -37.09 -3.39 -3.98
N ASP Q 76 -36.91 -3.39 -2.65
CA ASP Q 76 -37.99 -2.99 -1.76
C ASP Q 76 -38.36 -1.53 -1.90
N LYS Q 77 -37.37 -0.66 -2.12
CA LYS Q 77 -37.64 0.77 -2.29
C LYS Q 77 -38.32 0.98 -3.63
N GLU Q 78 -39.65 1.10 -3.61
CA GLU Q 78 -40.39 1.31 -4.85
C GLU Q 78 -40.23 2.72 -5.40
N THR Q 79 -39.68 3.64 -4.59
CA THR Q 79 -39.49 5.01 -5.06
C THR Q 79 -38.53 5.06 -6.24
N LYS Q 80 -37.43 4.30 -6.17
CA LYS Q 80 -36.40 4.29 -7.20
C LYS Q 80 -36.19 2.86 -7.71
N THR Q 81 -35.16 2.69 -8.54
CA THR Q 81 -34.82 1.42 -9.13
C THR Q 81 -33.46 0.96 -8.61
N GLY Q 82 -33.33 -0.34 -8.34
CA GLY Q 82 -32.06 -0.89 -7.89
C GLY Q 82 -31.05 -0.89 -9.01
N THR Q 83 -29.85 -0.39 -8.72
CA THR Q 83 -28.79 -0.25 -9.71
C THR Q 83 -27.61 -1.14 -9.33
N CYS Q 84 -27.09 -1.86 -10.31
CA CYS Q 84 -25.89 -2.65 -10.08
C CYS Q 84 -24.69 -1.74 -9.88
N GLY Q 85 -23.90 -2.01 -8.84
CA GLY Q 85 -22.73 -1.20 -8.57
C GLY Q 85 -21.67 -1.30 -9.65
N TYR Q 86 -21.57 -2.46 -10.30
CA TYR Q 86 -20.58 -2.65 -11.36
C TYR Q 86 -21.13 -2.29 -12.73
N CYS Q 87 -22.19 -2.95 -13.16
CA CYS Q 87 -22.66 -2.83 -14.54
C CYS Q 87 -23.37 -1.51 -14.79
N GLY Q 88 -24.08 -0.99 -13.80
CA GLY Q 88 -24.92 0.16 -14.00
C GLY Q 88 -26.31 -0.13 -14.49
N LEU Q 89 -26.68 -1.40 -14.64
CA LEU Q 89 -28.02 -1.76 -15.06
C LEU Q 89 -29.02 -1.47 -13.93
N GLN Q 90 -30.29 -1.38 -14.31
CA GLN Q 90 -31.35 -1.04 -13.39
C GLN Q 90 -32.40 -2.14 -13.32
N PHE Q 91 -32.94 -2.35 -12.12
CA PHE Q 91 -33.96 -3.35 -11.89
C PHE Q 91 -35.05 -2.72 -11.05
N ARG Q 92 -36.28 -3.23 -11.20
CA ARG Q 92 -37.43 -2.62 -10.55
C ARG Q 92 -38.58 -3.62 -10.58
N GLN Q 93 -39.32 -3.70 -9.42
CA GLN Q 93 -40.42 -4.62 -9.20
C GLN Q 93 -41.69 -4.17 -9.90
N PRO Q 94 -42.51 -5.10 -10.40
CA PRO Q 94 -43.70 -4.73 -11.19
C PRO Q 94 -44.83 -4.12 -10.36
N HIS Q 95 -44.69 -2.83 -10.06
CA HIS Q 95 -45.76 -2.12 -9.38
C HIS Q 95 -46.97 -1.97 -10.29
N HIS Q 96 -48.14 -2.30 -9.76
CA HIS Q 96 -49.41 -2.25 -10.49
C HIS Q 96 -49.39 -3.09 -11.75
N ALA R 1 -21.40 -34.45 -15.55
CA ALA R 1 -21.44 -33.63 -16.75
C ALA R 1 -20.13 -33.73 -17.53
N SER R 2 -19.49 -32.59 -17.74
CA SER R 2 -18.23 -32.55 -18.48
C SER R 2 -17.12 -33.26 -17.73
N LYS R 3 -16.25 -33.92 -18.47
CA LYS R 3 -15.09 -34.61 -17.91
C LYS R 3 -13.84 -33.76 -18.14
N VAL R 4 -12.85 -33.96 -17.26
CA VAL R 4 -11.65 -33.14 -17.28
C VAL R 4 -10.92 -33.30 -18.61
N LYS R 5 -10.53 -32.18 -19.20
CA LYS R 5 -9.80 -32.16 -20.46
C LYS R 5 -8.70 -31.12 -20.35
N GLN R 6 -7.46 -31.56 -20.37
CA GLN R 6 -6.30 -30.66 -20.37
C GLN R 6 -5.21 -31.30 -21.22
N ASP R 7 -4.14 -30.53 -21.45
CA ASP R 7 -3.05 -30.99 -22.30
C ASP R 7 -2.34 -32.17 -21.64
N MET R 8 -2.43 -33.34 -22.27
CA MET R 8 -1.81 -34.56 -21.78
C MET R 8 -1.15 -35.29 -22.93
N PRO R 9 -0.13 -36.11 -22.66
CA PRO R 9 0.41 -36.96 -23.71
C PRO R 9 -0.62 -37.97 -24.17
N PRO R 10 -0.54 -38.43 -25.41
CA PRO R 10 -1.53 -39.37 -25.93
C PRO R 10 -1.38 -40.72 -25.25
N PRO R 11 -2.38 -41.60 -25.37
CA PRO R 11 -2.24 -42.95 -24.82
C PRO R 11 -1.03 -43.66 -25.40
N GLY R 12 -0.31 -44.37 -24.55
CA GLY R 12 0.91 -45.04 -24.94
C GLY R 12 2.12 -44.15 -25.06
N GLY R 13 1.99 -42.86 -24.74
CA GLY R 13 3.12 -41.96 -24.82
C GLY R 13 3.45 -41.55 -26.24
N TYR R 14 4.53 -40.80 -26.36
CA TYR R 14 5.01 -40.33 -27.65
C TYR R 14 6.05 -41.31 -28.21
N GLY R 15 6.40 -41.11 -29.47
CA GLY R 15 7.40 -41.91 -30.12
C GLY R 15 8.80 -41.60 -29.62
N PRO R 16 9.71 -42.56 -29.75
CA PRO R 16 11.11 -42.32 -29.38
C PRO R 16 11.70 -41.12 -30.12
N ILE R 17 12.57 -40.41 -29.43
CA ILE R 17 13.24 -39.22 -29.95
C ILE R 17 14.73 -39.50 -30.02
N ASP R 18 15.30 -39.33 -31.20
CA ASP R 18 16.74 -39.55 -31.40
C ASP R 18 17.51 -38.34 -30.87
N TYR R 19 18.56 -38.62 -30.10
CA TYR R 19 19.40 -37.57 -29.52
C TYR R 19 20.89 -37.82 -29.65
N LYS R 20 21.30 -39.04 -29.99
CA LYS R 20 22.73 -39.34 -30.12
C LYS R 20 23.32 -38.61 -31.32
N ARG R 21 24.63 -38.34 -31.23
CA ARG R 21 25.34 -37.73 -32.34
C ARG R 21 25.37 -38.68 -33.53
N ASN R 22 25.07 -38.15 -34.72
CA ASN R 22 25.04 -38.94 -35.94
C ASN R 22 25.94 -38.24 -36.96
N LEU R 23 27.20 -38.67 -37.01
CA LEU R 23 28.17 -38.16 -37.97
C LEU R 23 28.60 -39.31 -38.86
N PRO R 24 28.01 -39.45 -40.05
CA PRO R 24 28.33 -40.60 -40.90
C PRO R 24 29.71 -40.50 -41.51
N ARG R 25 30.21 -41.65 -41.96
CA ARG R 25 31.49 -41.74 -42.65
C ARG R 25 31.24 -41.97 -44.13
N ARG R 26 31.80 -41.11 -44.98
CA ARG R 26 31.60 -41.23 -46.42
C ARG R 26 32.32 -42.46 -46.97
N GLY R 27 33.59 -42.63 -46.60
CA GLY R 27 34.31 -43.86 -46.90
C GLY R 27 35.27 -43.79 -48.07
N LEU R 28 36.55 -43.58 -47.77
CA LEU R 28 37.62 -43.70 -48.75
C LEU R 28 38.96 -43.66 -48.01
N SER R 29 39.84 -44.62 -48.32
CA SER R 29 41.07 -44.78 -47.56
C SER R 29 42.12 -43.71 -47.90
FE1 SF4 S . -27.27 -15.75 19.54
FE2 SF4 S . -29.24 -16.86 21.08
FE3 SF4 S . -29.38 -17.02 18.35
FE4 SF4 S . -29.76 -14.63 19.61
S1 SF4 S . -31.07 -16.48 19.79
S2 SF4 S . -28.49 -15.01 17.76
S3 SF4 S . -28.29 -14.81 21.34
S4 SF4 S . -27.80 -17.96 19.70
N1 FMN T . -37.46 -22.54 29.98
C2 FMN T . -38.78 -22.54 30.37
O2 FMN T . -39.08 -22.91 31.50
N3 FMN T . -39.77 -22.15 29.48
C4 FMN T . -39.42 -21.73 28.21
O4 FMN T . -40.29 -21.38 27.42
C4A FMN T . -38.09 -21.73 27.82
N5 FMN T . -37.75 -21.32 26.55
C5A FMN T . -36.43 -21.32 26.17
C6 FMN T . -36.07 -20.90 24.89
C7 FMN T . -34.75 -20.90 24.51
C7M FMN T . -34.37 -20.45 23.13
C8 FMN T . -33.76 -21.31 25.40
C8M FMN T . -32.32 -21.31 24.99
C9 FMN T . -34.10 -21.71 26.68
C9A FMN T . -35.44 -21.72 27.05
N10 FMN T . -35.78 -22.12 28.33
C10 FMN T . -37.10 -22.14 28.71
C1' FMN T . -34.69 -22.56 29.26
C2' FMN T . -34.39 -21.49 30.30
O2' FMN T . -33.02 -21.21 30.28
C3' FMN T . -34.80 -21.99 31.68
O3' FMN T . -36.19 -21.82 31.85
C4' FMN T . -34.08 -21.26 32.79
O4' FMN T . -32.73 -21.66 32.79
C5' FMN T . -34.71 -21.61 34.12
O5' FMN T . -35.21 -22.92 34.02
P FMN T . -35.27 -23.90 35.31
O1P FMN T . -36.56 -23.66 36.04
O2P FMN T . -35.22 -25.31 34.81
O3P FMN T . -34.11 -23.62 36.21
FE1 SF4 U . -10.32 -0.15 -13.63
FE2 SF4 U . -9.80 -1.59 -11.37
FE3 SF4 U . -7.78 -1.01 -13.11
FE4 SF4 U . -9.71 -2.81 -13.81
S1 SF4 U . -8.19 -3.02 -12.12
S2 SF4 U . -8.88 -1.12 -15.09
S3 SF4 U . -11.54 -1.89 -12.81
S4 SF4 U . -9.00 0.48 -11.89
FE1 SF4 V . 1.99 -2.23 -15.70
FE2 SF4 V . 2.33 -2.67 -18.39
FE3 SF4 V . 0.09 -3.60 -17.12
FE4 SF4 V . 2.52 -4.75 -16.62
S1 SF4 V . 1.39 -4.73 -18.60
S2 SF4 V . 0.94 -4.15 -15.09
S3 SF4 V . 3.90 -2.94 -16.75
S4 SF4 V . 0.70 -1.41 -17.40
FE1 SF4 W . 12.30 -4.62 -22.19
FE2 SF4 W . 14.68 -4.58 -23.52
FE3 SF4 W . 14.40 -6.09 -21.23
FE4 SF4 W . 14.45 -3.33 -21.11
S1 SF4 W . 16.14 -4.71 -21.79
S2 SF4 W . 13.02 -4.73 -20.04
S3 SF4 W . 13.36 -2.80 -23.04
S4 SF4 W . 13.33 -6.38 -23.19
C23 PEE X . 26.40 14.43 -61.70
C22 PEE X . 26.37 15.33 -60.47
C21 PEE X . 25.35 16.47 -60.61
C20 PEE X . 23.95 15.95 -60.97
C19 PEE X . 22.87 17.02 -60.75
C18 PEE X . 22.78 17.43 -59.29
C17 PEE X . 21.47 18.16 -58.96
C16 PEE X . 21.49 19.62 -59.41
C15 PEE X . 20.98 20.57 -58.32
C14 PEE X . 21.56 20.24 -56.95
C13 PEE X . 22.09 21.49 -56.24
C12 PEE X . 22.53 21.20 -54.79
C11 PEE X . 21.37 21.40 -53.81
C10 PEE X . 21.83 21.50 -52.35
O4 PEE X . 22.98 21.52 -52.09
O2 PEE X . 20.88 21.58 -51.33
C2 PEE X . 21.02 20.62 -50.32
C1 PEE X . 20.38 21.15 -49.03
O3P PEE X . 21.13 22.24 -48.59
P PEE X . 20.37 23.44 -47.75
O2P PEE X . 20.53 24.75 -48.49
O1P PEE X . 18.90 23.12 -47.64
O4P PEE X . 21.04 23.57 -46.25
C4 PEE X . 20.70 22.63 -45.26
C5 PEE X . 21.90 22.40 -44.36
N PEE X . 22.10 23.55 -43.50
C3 PEE X . 20.32 19.34 -50.74
O3 PEE X . 21.28 18.34 -50.93
C30 PEE X . 20.76 17.09 -51.27
O5 PEE X . 19.58 16.93 -51.28
C31 PEE X . 21.69 15.92 -51.60
C32 PEE X . 22.16 15.92 -53.06
C33 PEE X . 20.98 15.83 -54.04
C34 PEE X . 21.45 15.83 -55.50
C35 PEE X . 22.25 14.58 -55.84
C36 PEE X . 22.41 14.39 -57.35
C37 PEE X . 22.56 12.92 -57.74
C38 PEE X . 23.88 12.32 -57.28
C39 PEE X . 24.29 11.12 -58.11
C40 PEE X . 25.11 10.10 -57.33
C41 PEE X . 25.78 9.09 -58.25
C42 PEE X . 26.17 7.79 -57.55
C43 PEE X . 26.72 6.77 -58.55
C44 PEE X . 25.64 6.19 -59.46
C45 PEE X . 25.33 4.72 -59.16
C46 PEE X . 24.98 3.94 -60.42
C47 PEE X . 25.16 2.43 -60.25
C23 PLX Y . 23.67 6.19 -66.57
C22 PLX Y . 23.36 7.64 -66.10
C21 PLX Y . 23.14 7.74 -64.56
C20 PLX Y . 22.86 9.20 -64.08
C19 PLX Y . 22.44 9.27 -62.57
C18 PLX Y . 21.26 8.29 -62.23
C17 PLX Y . 21.70 7.09 -61.29
C16 PLX Y . 21.40 5.70 -61.95
C15 PLX Y . 20.12 5.72 -62.86
C14 PLX Y . 19.05 4.65 -62.44
C13 PLX Y . 17.84 5.30 -61.66
C12 PLX Y . 17.05 4.25 -60.82
C11 PLX Y . 15.58 4.70 -60.54
C10 PLX Y . 14.60 3.48 -60.40
C9 PLX Y . 13.96 3.41 -58.97
C8 PLX Y . 12.43 3.05 -59.02
C7 PLX Y . 12.02 2.05 -57.86
C6 PLX Y . 10.48 1.82 -57.80
O7 PLX Y . 10.19 0.58 -58.31
O6 PLX Y . 10.03 1.91 -56.45
C4 PLX Y . 8.67 2.20 -56.34
C3 PLX Y . 8.21 2.10 -54.88
O4 PLX Y . 9.06 1.17 -54.18
P1 PLX Y . 9.35 1.51 -52.57
O1 PLX Y . 9.20 0.12 -51.64
C2 PLX Y . 7.91 -0.23 -51.17
C1 PLX Y . 7.95 -1.72 -50.69
N1 PLX Y . 6.89 -2.52 -51.37
C1C PLX Y . 7.20 -2.51 -52.81
C1B PLX Y . 6.97 -3.90 -50.82
C1A PLX Y . 5.47 -2.09 -51.25
O2 PLX Y . 8.36 2.55 -52.09
C5 PLX Y . 8.41 3.65 -56.82
O8 PLX Y . 8.65 4.53 -55.72
C24 PLX Y . 8.81 5.88 -56.08
O9 PLX Y . 7.58 6.40 -56.44
C25 PLX Y . 9.79 6.01 -57.26
C26 PLX Y . 10.96 7.00 -56.98
C27 PLX Y . 12.20 6.70 -57.88
C28 PLX Y . 12.69 7.96 -58.65
C29 PLX Y . 11.86 8.22 -59.96
C30 PLX Y . 12.79 8.45 -61.20
C31 PLX Y . 13.99 9.42 -60.88
C32 PLX Y . 15.19 9.24 -61.89
C33 PLX Y . 15.88 10.60 -62.28
C34 PLX Y . 17.29 10.38 -62.96
C35 PLX Y . 17.93 11.72 -63.51
C36 PLX Y . 19.44 11.88 -63.09
C37 PLX Y . 19.99 13.32 -63.41
C38 PLX Y . 21.44 13.54 -62.86
C39 PLX Y . 22.51 12.89 -63.78
O3 PLX Y . 10.76 2.06 -52.44
O4 8Q1 Z . 38.89 15.27 0.19
C16 8Q1 Z . 40.37 18.84 -12.14
O3 8Q1 Z . 47.00 22.59 8.86
C15 8Q1 Z . 39.31 18.46 -11.12
C14 8Q1 Z . 39.85 17.46 -10.10
C13 8Q1 Z . 38.87 17.15 -8.97
O2 8Q1 Z . 48.12 20.60 7.90
C12 8Q1 Z . 39.58 17.04 -7.63
C11 8Q1 Z . 38.96 16.01 -6.69
C10 8Q1 Z . 39.70 15.95 -5.36
C9 8Q1 Z . 39.23 14.79 -4.49
C8 8Q1 Z . 39.32 15.10 -3.00
C7 8Q1 Z . 40.45 14.33 -2.32
C6 8Q1 Z . 39.99 13.60 -1.06
C1 8Q1 Z . 39.82 14.54 0.13
C28 8Q1 Z . 45.65 20.61 6.40
C29 8Q1 Z . 44.18 20.91 6.16
C30 8Q1 Z . 44.06 22.34 5.62
C31 8Q1 Z . 43.61 19.94 5.12
C32 8Q1 Z . 43.38 20.82 7.45
C34 8Q1 Z . 43.27 19.39 7.98
C37 8Q1 Z . 41.95 17.34 8.42
C38 8Q1 Z . 40.96 16.51 7.60
C39 8Q1 Z . 40.90 16.78 6.11
C42 8Q1 Z . 40.59 15.96 3.76
C43 8Q1 Z . 40.18 14.68 3.04
N36 8Q1 Z . 42.01 18.69 7.91
N41 8Q1 Z . 40.65 15.70 5.19
O27 8Q1 Z . 46.33 21.83 6.50
O33 8Q1 Z . 42.08 21.30 7.21
O35 8Q1 Z . 44.21 18.86 8.45
O40 8Q1 Z . 41.06 17.88 5.71
P24 8Q1 Z . 47.55 21.97 7.60
S44 8Q1 Z . 41.05 14.55 1.46
O1 8Q1 Z . 48.63 22.86 7.04
PA NDP AA . 21.41 32.32 -39.03
O1A NDP AA . 22.03 32.41 -40.40
O2A NDP AA . 22.14 31.26 -38.23
O5B NDP AA . 19.81 31.89 -39.19
C5B NDP AA . 18.83 32.88 -38.86
C4B NDP AA . 17.45 32.22 -38.80
O4B NDP AA . 16.61 32.94 -39.41
C3B NDP AA . 17.50 30.73 -39.53
O3B NDP AA . 16.88 29.73 -38.66
C2B NDP AA . 16.86 30.82 -40.59
O2B NDP AA . 16.04 29.54 -40.79
C1B NDP AA . 15.88 32.02 -40.39
N9A NDP AA . 15.70 32.66 -41.55
C8A NDP AA . 16.65 33.27 -42.23
N7A NDP AA . 16.12 33.79 -43.34
C5A NDP AA . 14.83 33.49 -43.36
C6A NDP AA . 13.77 33.75 -44.26
N6A NDP AA . 14.03 34.53 -45.50
N1A NDP AA . 12.57 33.29 -43.98
C2A NDP AA . 12.35 32.60 -42.87
N3A NDP AA . 13.31 32.33 -42.00
C4A NDP AA . 14.55 32.76 -42.22
O3 NDP AA . 21.54 33.77 -38.27
PN NDP AA . 22.01 33.96 -36.69
O1N NDP AA . 21.35 32.90 -35.83
O2N NDP AA . 23.52 33.81 -36.61
O5D NDP AA . 21.58 35.45 -36.14
C5D NDP AA . 20.23 35.72 -35.82
C4D NDP AA . 20.00 37.20 -35.86
O4D NDP AA . 21.32 38.02 -35.20
C3D NDP AA . 19.88 37.59 -37.07
O3D NDP AA . 18.68 38.47 -37.19
C2D NDP AA . 21.19 38.42 -37.41
O2D NDP AA . 20.90 39.43 -38.22
C1D NDP AA . 21.63 38.97 -36.03
N1N NDP AA . 23.12 39.20 -36.04
C2N NDP AA . 23.82 37.88 -35.96
C3N NDP AA . 25.25 38.02 -35.39
C7N NDP AA . 26.15 36.94 -36.01
O7N NDP AA . 25.68 35.92 -36.41
N7N NDP AA . 27.58 37.15 -36.10
C4N NDP AA . 25.81 39.37 -35.65
C5N NDP AA . 25.02 40.45 -34.96
C6N NDP AA . 23.50 40.13 -34.94
P2B NDP AA . 16.42 28.54 -42.11
O1X NDP AA . 15.13 28.07 -42.76
O2X NDP AA . 17.23 29.31 -43.12
O3X NDP AA . 17.21 27.35 -41.61
FE1 SF4 BA . -16.05 -3.52 1.47
FE2 SF4 BA . -14.80 -5.86 0.83
FE3 SF4 BA . -16.94 -5.88 2.52
FE4 SF4 BA . -14.55 -4.82 3.34
S1 SF4 BA . -14.97 -6.99 2.80
S2 SF4 BA . -16.62 -3.92 3.64
S3 SF4 BA . -13.81 -3.89 1.40
S4 SF4 BA . -16.95 -5.28 0.33
FE1 SF4 CA . -21.25 -2.25 12.79
FE2 SF4 CA . -20.95 -0.63 10.61
FE3 SF4 CA . -22.86 -0.07 12.49
FE4 SF4 CA . -23.15 -2.22 10.84
S1 SF4 CA . -23.12 -0.03 10.22
S2 SF4 CA . -23.50 -2.16 13.09
S3 SF4 CA . -20.99 -2.91 10.63
S4 SF4 CA . -20.60 -0.06 12.79
FE1 FES DA . -15.67 -10.23 21.48
FE2 FES DA . -17.06 -9.46 19.31
S1 FES DA . -15.02 -8.84 19.90
S2 FES DA . -17.53 -11.10 20.69
MG MG EA . -15.93 2.36 7.57
C1 CDL FA . 9.69 -25.62 -56.97
O1 CDL FA . 9.48 -26.64 -57.90
CA2 CDL FA . 11.17 -25.68 -56.52
OA2 CDL FA . 11.76 -26.82 -57.11
PA1 CDL FA . 13.40 -26.97 -57.03
OA3 CDL FA . 13.99 -25.71 -56.46
OA4 CDL FA . 13.76 -28.14 -56.16
OA5 CDL FA . 13.98 -27.20 -58.56
CA3 CDL FA . 13.30 -26.57 -59.64
CA4 CDL FA . 14.21 -26.61 -60.85
OA6 CDL FA . 15.23 -27.54 -60.64
CA5 CDL FA . 15.59 -28.28 -61.79
OA7 CDL FA . 14.93 -28.21 -62.78
C11 CDL FA . 16.85 -29.21 -61.75
C12 CDL FA . 18.10 -28.52 -62.29
C13 CDL FA . 19.39 -29.11 -61.71
C14 CDL FA . 20.33 -28.02 -61.18
C15 CDL FA . 21.41 -28.59 -60.20
CA6 CDL FA . 14.80 -25.21 -61.09
OA8 CDL FA . 15.02 -25.03 -62.47
CA7 CDL FA . 16.15 -24.20 -62.78
OA9 CDL FA . 16.56 -23.45 -61.97
C31 CDL FA . 16.82 -24.29 -64.16
C32 CDL FA . 18.03 -23.36 -64.27
C33 CDL FA . 19.21 -24.01 -65.01
C34 CDL FA . 20.28 -24.56 -64.03
CB2 CDL FA . 9.34 -24.26 -57.66
OB2 CDL FA . 8.10 -24.40 -58.32
PB2 CDL FA . 7.08 -23.08 -58.36
OB3 CDL FA . 7.44 -22.13 -57.22
OB4 CDL FA . 5.65 -23.54 -58.21
OB5 CDL FA . 7.28 -22.28 -59.82
CB3 CDL FA . 7.98 -21.05 -59.80
CB4 CDL FA . 8.56 -20.80 -61.19
OB6 CDL FA . 9.92 -21.21 -61.22
CB5 CDL FA . 10.35 -21.65 -62.50
OB7 CDL FA . 9.67 -22.39 -63.13
C51 CDL FA . 11.69 -21.16 -63.08
C52 CDL FA . 12.89 -21.89 -62.46
C53 CDL FA . 14.23 -21.32 -62.95
C54 CDL FA . 14.37 -21.37 -64.48
C55 CDL FA . 14.85 -20.04 -65.08
CB6 CDL FA . 8.48 -19.30 -61.49
OB8 CDL FA . 9.10 -18.59 -60.42
CB7 CDL FA . 9.71 -17.39 -60.84
OB9 CDL FA . 9.04 -16.47 -61.18
C71 CDL FA . 11.25 -17.26 -60.84
C72 CDL FA . 11.86 -17.63 -62.20
C73 CDL FA . 12.71 -16.50 -62.80
C74 CDL FA . 14.08 -17.00 -63.28
C75 CDL FA . 14.89 -15.88 -64.00
FE1 FES GA . -48.66 -26.13 16.97
FE2 FES GA . -46.88 -25.77 18.93
S1 FES GA . -49.01 -25.23 18.95
S2 FES GA . -46.68 -27.04 17.15
ZN ZN HA . -24.38 -5.66 -13.16
#